data_1S64
#
_entry.id   1S64
#
_cell.length_a   271.153
_cell.length_b   268.681
_cell.length_c   184.622
_cell.angle_alpha   90.00
_cell.angle_beta   131.55
_cell.angle_gamma   90.00
#
_symmetry.space_group_name_H-M   'C 1 2 1'
#
loop_
_entity.id
_entity.type
_entity.pdbx_description
1 polymer 'Protein farnesyltransferase/geranylgeranyltransferase type I alpha subunit'
2 polymer 'Geranylgeranyl transferase type I beta subunit'
3 non-polymer 'ZINC ION'
4 non-polymer 'SULFATE ION'
5 non-polymer 4-[(5-{[4-(3-CHLOROPHENYL)-3-OXOPIPERAZIN-1-YL]METHYL}-1H-IMIDAZOL-1-YL)METHYL]BENZONITRILE
6 non-polymer '2-(N-MORPHOLINO)-ETHANESULFONIC ACID'
7 non-polymer 'CHLORIDE ION'
8 water water
#
loop_
_entity_poly.entity_id
_entity_poly.type
_entity_poly.pdbx_seq_one_letter_code
_entity_poly.pdbx_strand_id
1 'polypeptide(L)'
;MAATEGVGESAPGGEPGQPEQPPPPPPPPPAQQPQEEEMAAEAGEAAASPMDDGFLSLDSPTYVLYRDRAEWADIDPVPQ
NDGPSPVVQIIYSEKFRDVYDYFRAVLQRDERSERAFKLTRDAIELNAANYTVWHFRRVLLRSLQKDLQEEMNYIIAIIE
EQPKNYQVWHHRRVLVEWLKDPSQELEFIADILNQDAKNYHAWQHRQWVIQEFRLWDNELQYVDQLLKEDVRNNSVWNQR
HFVISNTTGYSDRAVLEREVQYTLEMIKLVPHNESAWNYLKGILQDRGLSRYPNLLNQLLDLQPSHSSPYLIAFLVDIYE
DMLENQCDNKEDILNKALELCEILAKEKDTIRKEYWRYIGRSLQSKHSRESDIPASV
;
A,C,E,G,I,K
2 'polypeptide(L)'
;MAATEDDRLAGSGEGERLDFLRDRHVRFFQRCLQVLPERYSSLETSRLTIAFFALSGLDMLDSLDVVNKDDIIEWIYSLQ
VLPTEDRSNLDRCGFRGSSYLGIPFNPSKNPGTAHPYDSGHIAMTYTGLSCLIILGDDLSRVDKEACLAGLRALQLEDGS
FCAVPEGSENDMRFVYCASCICYMLNNWSGMDMKKAISYIRRSMSYDNGLAQGAGLESHGGSTFCGIASLCLMGKLEEVF
SEKELNRIKRWCIMRQQNGYHGRPNKPVDTCYSFWVGATLKLLKIFQYTNFEKNRNYILSTQDRLVGGFAKWPDSHPDAL
HAYFGICGLSLMEESGICKVHPALNVSTRTSERLRDLHQSWKTKDSKQCSDNVHISS
;
B,D,F,H,J,L
#
loop_
_chem_comp.id
_chem_comp.type
_chem_comp.name
_chem_comp.formula
778 non-polymer 4-[(5-{[4-(3-CHLOROPHENYL)-3-OXOPIPERAZIN-1-YL]METHYL}-1H-IMIDAZOL-1-YL)METHYL]BENZONITRILE 'C22 H20 Cl N5 O'
CL non-polymer 'CHLORIDE ION' 'Cl -1'
MES non-polymer '2-(N-MORPHOLINO)-ETHANESULFONIC ACID' 'C6 H13 N O4 S'
SO4 non-polymer 'SULFATE ION' 'O4 S -2'
ZN non-polymer 'ZINC ION' 'Zn 2'
#
# COMPACT_ATOMS: atom_id res chain seq x y z
N PHE A 55 -9.62 -4.43 36.57
CA PHE A 55 -10.75 -3.45 36.53
C PHE A 55 -11.12 -2.96 35.12
N LEU A 56 -10.47 -1.88 34.68
CA LEU A 56 -10.73 -1.29 33.37
C LEU A 56 -10.00 -2.00 32.22
N SER A 57 -10.75 -2.82 31.50
CA SER A 57 -10.23 -3.60 30.37
C SER A 57 -9.57 -2.76 29.26
N LEU A 58 -8.57 -3.33 28.62
CA LEU A 58 -7.85 -2.63 27.54
C LEU A 58 -8.69 -2.41 26.29
N ASP A 59 -9.77 -3.16 26.12
CA ASP A 59 -10.60 -2.95 24.96
C ASP A 59 -12.02 -2.50 25.34
N SER A 60 -12.14 -1.92 26.53
CA SER A 60 -13.42 -1.41 26.99
C SER A 60 -13.67 -0.08 26.29
N PRO A 61 -14.93 0.20 25.92
CA PRO A 61 -15.30 1.45 25.25
C PRO A 61 -14.84 2.63 26.08
N THR A 62 -14.87 2.47 27.40
CA THR A 62 -14.49 3.53 28.32
C THR A 62 -13.06 3.49 28.85
N TYR A 63 -12.20 2.74 28.16
CA TYR A 63 -10.80 2.66 28.57
C TYR A 63 -10.15 4.03 28.50
N VAL A 64 -9.30 4.36 29.46
CA VAL A 64 -8.64 5.65 29.48
C VAL A 64 -7.13 5.48 29.62
N LEU A 65 -6.36 6.15 28.75
CA LEU A 65 -4.92 6.04 28.84
C LEU A 65 -4.50 6.42 30.25
N TYR A 66 -3.40 5.82 30.72
CA TYR A 66 -2.91 6.11 32.06
C TYR A 66 -2.53 7.58 32.19
N ARG A 67 -2.08 8.20 31.10
CA ARG A 67 -1.67 9.60 31.17
C ARG A 67 -2.88 10.52 31.39
N ASP A 68 -4.08 9.97 31.23
CA ASP A 68 -5.31 10.74 31.43
C ASP A 68 -6.03 10.34 32.71
N ARG A 69 -5.44 9.46 33.50
CA ARG A 69 -6.08 9.04 34.74
C ARG A 69 -5.60 9.88 35.91
N ALA A 70 -6.55 10.36 36.70
CA ALA A 70 -6.27 11.20 37.86
C ALA A 70 -5.43 10.49 38.91
N GLU A 71 -5.71 9.21 39.16
CA GLU A 71 -4.96 8.45 40.15
C GLU A 71 -3.48 8.29 39.77
N TRP A 72 -3.13 8.62 38.53
CA TRP A 72 -1.75 8.49 38.09
C TRP A 72 -1.08 9.84 37.82
N ALA A 73 -1.75 10.91 38.20
CA ALA A 73 -1.25 12.26 37.97
C ALA A 73 0.12 12.56 38.57
N ASP A 74 0.38 12.01 39.76
CA ASP A 74 1.65 12.26 40.45
C ASP A 74 2.87 11.56 39.85
N ILE A 75 2.64 10.56 39.01
CA ILE A 75 3.72 9.81 38.41
C ILE A 75 4.16 10.34 37.05
N ASP A 76 5.47 10.45 36.87
CA ASP A 76 6.02 10.91 35.59
C ASP A 76 6.39 9.66 34.82
N PRO A 77 5.76 9.45 33.65
CA PRO A 77 6.07 8.26 32.84
C PRO A 77 7.51 8.23 32.34
N VAL A 78 8.07 7.03 32.24
CA VAL A 78 9.44 6.85 31.77
C VAL A 78 9.46 6.15 30.41
N PRO A 79 9.90 6.87 29.37
CA PRO A 79 9.96 6.32 28.01
C PRO A 79 11.17 5.42 27.72
N GLN A 80 11.04 4.56 26.73
CA GLN A 80 12.12 3.69 26.33
C GLN A 80 12.91 4.41 25.25
N ASN A 81 14.23 4.31 25.30
CA ASN A 81 15.07 4.95 24.30
C ASN A 81 16.16 4.02 23.80
N ASP A 82 16.06 3.66 22.52
CA ASP A 82 16.99 2.75 21.87
C ASP A 82 18.20 3.49 21.31
N GLY A 83 18.35 4.77 21.66
CA GLY A 83 19.47 5.55 21.18
C GLY A 83 19.37 6.00 19.73
N PRO A 84 20.46 6.56 19.19
CA PRO A 84 20.55 7.05 17.80
C PRO A 84 20.09 6.12 16.69
N SER A 85 20.68 4.94 16.60
CA SER A 85 20.31 3.97 15.57
C SER A 85 19.80 2.68 16.20
N PRO A 86 18.47 2.58 16.37
CA PRO A 86 17.87 1.39 16.96
C PRO A 86 17.93 0.16 16.05
N VAL A 87 18.07 -1.02 16.67
CA VAL A 87 18.12 -2.29 15.95
C VAL A 87 16.92 -3.14 16.33
N VAL A 88 16.33 -3.83 15.36
CA VAL A 88 15.16 -4.67 15.61
C VAL A 88 14.19 -3.89 16.49
N GLN A 89 13.82 -2.71 16.03
CA GLN A 89 12.91 -1.84 16.77
C GLN A 89 11.46 -2.20 16.47
N ILE A 90 10.68 -2.35 17.53
CA ILE A 90 9.27 -2.68 17.38
C ILE A 90 8.46 -1.41 17.60
N ILE A 91 7.55 -1.11 16.68
CA ILE A 91 6.71 0.07 16.83
C ILE A 91 5.51 -0.25 17.71
N TYR A 92 5.21 0.65 18.63
CA TYR A 92 4.09 0.43 19.55
C TYR A 92 2.95 1.41 19.38
N SER A 93 1.73 0.91 19.60
CA SER A 93 0.55 1.75 19.51
C SER A 93 0.54 2.67 20.73
N GLU A 94 -0.26 3.73 20.65
CA GLU A 94 -0.36 4.68 21.74
C GLU A 94 -0.70 3.97 23.04
N LYS A 95 -1.70 3.10 22.97
CA LYS A 95 -2.19 2.36 24.12
C LYS A 95 -1.08 1.51 24.75
N PHE A 96 -0.33 0.80 23.91
CA PHE A 96 0.75 -0.06 24.34
C PHE A 96 1.86 0.74 25.01
N ARG A 97 2.37 1.74 24.31
CA ARG A 97 3.45 2.56 24.85
C ARG A 97 3.03 3.26 26.13
N ASP A 98 1.75 3.59 26.23
CA ASP A 98 1.25 4.28 27.41
C ASP A 98 1.31 3.37 28.64
N VAL A 99 0.86 2.13 28.50
CA VAL A 99 0.90 1.20 29.62
C VAL A 99 2.33 0.98 30.08
N TYR A 100 3.23 0.73 29.15
CA TYR A 100 4.62 0.48 29.51
C TYR A 100 5.40 1.68 29.96
N ASP A 101 4.99 2.89 29.55
CA ASP A 101 5.70 4.09 30.00
C ASP A 101 5.44 4.24 31.49
N TYR A 102 4.25 3.82 31.93
CA TYR A 102 3.92 3.93 33.34
C TYR A 102 4.48 2.72 34.09
N PHE A 103 4.56 1.60 33.40
CA PHE A 103 5.13 0.41 34.04
C PHE A 103 6.58 0.72 34.41
N ARG A 104 7.33 1.32 33.49
CA ARG A 104 8.72 1.67 33.75
C ARG A 104 8.83 2.59 34.94
N ALA A 105 7.90 3.54 35.02
CA ALA A 105 7.91 4.50 36.12
C ALA A 105 7.76 3.79 37.46
N VAL A 106 6.75 2.93 37.54
CA VAL A 106 6.48 2.17 38.76
C VAL A 106 7.66 1.25 39.12
N LEU A 107 8.26 0.62 38.12
CA LEU A 107 9.40 -0.28 38.36
C LEU A 107 10.60 0.49 38.88
N GLN A 108 10.94 1.55 38.18
CA GLN A 108 12.07 2.37 38.54
C GLN A 108 12.03 2.84 39.99
N ARG A 109 10.83 3.06 40.50
CA ARG A 109 10.69 3.53 41.87
C ARG A 109 10.33 2.40 42.80
N ASP A 110 10.26 1.18 42.28
CA ASP A 110 9.92 0.01 43.07
C ASP A 110 8.71 0.29 43.96
N GLU A 111 7.69 0.88 43.37
CA GLU A 111 6.46 1.21 44.08
C GLU A 111 5.59 -0.02 44.34
N ARG A 112 5.51 -0.45 45.59
CA ARG A 112 4.70 -1.61 45.93
C ARG A 112 3.26 -1.19 46.22
N SER A 113 2.58 -0.65 45.23
CA SER A 113 1.21 -0.18 45.42
C SER A 113 0.16 -1.05 44.77
N GLU A 114 -1.09 -0.80 45.11
CA GLU A 114 -2.20 -1.54 44.54
C GLU A 114 -2.42 -1.13 43.10
N ARG A 115 -2.19 0.15 42.80
CA ARG A 115 -2.37 0.61 41.43
C ARG A 115 -1.33 -0.05 40.53
N ALA A 116 -0.12 -0.24 41.06
CA ALA A 116 0.95 -0.89 40.30
C ALA A 116 0.55 -2.32 40.03
N PHE A 117 -0.02 -2.99 41.03
CA PHE A 117 -0.47 -4.37 40.85
C PHE A 117 -1.45 -4.46 39.69
N LYS A 118 -2.41 -3.53 39.64
CA LYS A 118 -3.39 -3.53 38.57
C LYS A 118 -2.73 -3.22 37.21
N LEU A 119 -1.70 -2.39 37.24
CA LEU A 119 -1.00 -2.04 36.02
C LEU A 119 -0.32 -3.25 35.41
N THR A 120 0.19 -4.17 36.24
CA THR A 120 0.86 -5.36 35.71
C THR A 120 -0.12 -6.24 34.94
N ARG A 121 -1.39 -6.21 35.33
CA ARG A 121 -2.39 -7.01 34.64
C ARG A 121 -2.47 -6.56 33.19
N ASP A 122 -2.39 -5.24 32.96
CA ASP A 122 -2.46 -4.69 31.62
C ASP A 122 -1.18 -4.98 30.85
N ALA A 123 -0.04 -4.83 31.53
CA ALA A 123 1.26 -5.08 30.89
C ALA A 123 1.34 -6.53 30.45
N ILE A 124 0.80 -7.42 31.27
CA ILE A 124 0.80 -8.83 30.93
C ILE A 124 -0.11 -9.11 29.73
N GLU A 125 -1.26 -8.43 29.69
CA GLU A 125 -2.18 -8.64 28.58
C GLU A 125 -1.50 -8.21 27.28
N LEU A 126 -0.73 -7.14 27.34
CA LEU A 126 -0.03 -6.64 26.17
C LEU A 126 1.13 -7.53 25.77
N ASN A 127 1.84 -8.08 26.76
CA ASN A 127 3.00 -8.93 26.49
C ASN A 127 3.31 -9.89 27.63
N ALA A 128 2.74 -11.09 27.57
CA ALA A 128 2.92 -12.09 28.61
C ALA A 128 4.31 -12.73 28.64
N ALA A 129 5.16 -12.35 27.71
CA ALA A 129 6.50 -12.92 27.66
C ALA A 129 7.53 -12.05 28.37
N ASN A 130 7.09 -10.93 28.95
CA ASN A 130 7.99 -10.04 29.66
C ASN A 130 8.22 -10.57 31.08
N TYR A 131 9.32 -11.31 31.28
CA TYR A 131 9.63 -11.90 32.58
C TYR A 131 9.76 -10.90 33.73
N THR A 132 10.25 -9.70 33.43
CA THR A 132 10.38 -8.68 34.47
C THR A 132 9.00 -8.33 35.04
N VAL A 133 8.01 -8.22 34.17
CA VAL A 133 6.67 -7.90 34.62
C VAL A 133 6.16 -8.97 35.57
N TRP A 134 6.37 -10.23 35.21
CA TRP A 134 5.93 -11.32 36.09
C TRP A 134 6.64 -11.32 37.44
N HIS A 135 7.93 -11.01 37.42
CA HIS A 135 8.69 -10.96 38.65
C HIS A 135 8.13 -9.87 39.55
N PHE A 136 7.94 -8.69 38.98
CA PHE A 136 7.42 -7.56 39.74
C PHE A 136 6.04 -7.90 40.29
N ARG A 137 5.23 -8.58 39.48
CA ARG A 137 3.89 -8.95 39.95
C ARG A 137 4.02 -9.88 41.17
N ARG A 138 5.02 -10.75 41.16
CA ARG A 138 5.23 -11.66 42.30
C ARG A 138 5.66 -10.87 43.53
N VAL A 139 6.53 -9.86 43.33
CA VAL A 139 6.98 -9.02 44.42
C VAL A 139 5.74 -8.36 45.04
N LEU A 140 4.87 -7.82 44.19
CA LEU A 140 3.65 -7.17 44.66
C LEU A 140 2.71 -8.14 45.35
N LEU A 141 2.57 -9.35 44.81
CA LEU A 141 1.69 -10.34 45.43
C LEU A 141 2.09 -10.55 46.90
N ARG A 142 3.39 -10.52 47.17
CA ARG A 142 3.88 -10.70 48.52
C ARG A 142 3.69 -9.42 49.32
N SER A 143 4.25 -8.31 48.83
CA SER A 143 4.13 -7.02 49.53
C SER A 143 2.70 -6.69 49.94
N LEU A 144 1.76 -6.82 49.01
CA LEU A 144 0.37 -6.50 49.30
C LEU A 144 -0.39 -7.68 49.91
N GLN A 145 0.31 -8.79 50.11
CA GLN A 145 -0.32 -9.98 50.68
C GLN A 145 -1.65 -10.27 49.99
N LYS A 146 -1.62 -10.37 48.66
CA LYS A 146 -2.81 -10.65 47.87
C LYS A 146 -3.27 -12.09 48.02
N ASP A 147 -4.56 -12.32 47.77
CA ASP A 147 -5.11 -13.66 47.86
C ASP A 147 -4.50 -14.52 46.77
N LEU A 148 -3.67 -15.49 47.16
CA LEU A 148 -3.00 -16.36 46.19
C LEU A 148 -3.94 -17.35 45.50
N GLN A 149 -5.08 -17.63 46.13
CA GLN A 149 -6.02 -18.56 45.53
C GLN A 149 -6.64 -17.89 44.31
N GLU A 150 -6.75 -16.57 44.37
CA GLU A 150 -7.31 -15.79 43.27
C GLU A 150 -6.29 -15.73 42.14
N GLU A 151 -5.02 -15.60 42.49
CA GLU A 151 -3.96 -15.54 41.50
C GLU A 151 -3.88 -16.88 40.78
N MET A 152 -4.23 -17.96 41.45
CA MET A 152 -4.21 -19.28 40.82
C MET A 152 -5.25 -19.31 39.71
N ASN A 153 -6.40 -18.69 39.93
CA ASN A 153 -7.44 -18.67 38.91
C ASN A 153 -6.94 -17.85 37.72
N TYR A 154 -6.27 -16.75 38.02
CA TYR A 154 -5.73 -15.88 37.00
C TYR A 154 -4.75 -16.62 36.10
N ILE A 155 -3.70 -17.15 36.69
CA ILE A 155 -2.67 -17.87 35.94
C ILE A 155 -3.26 -19.09 35.24
N ILE A 156 -4.30 -19.69 35.80
CA ILE A 156 -4.90 -20.86 35.18
C ILE A 156 -5.49 -20.48 33.82
N ALA A 157 -6.10 -19.30 33.75
CA ALA A 157 -6.71 -18.84 32.51
C ALA A 157 -5.61 -18.42 31.52
N ILE A 158 -4.61 -17.70 32.00
CA ILE A 158 -3.51 -17.25 31.15
C ILE A 158 -2.81 -18.43 30.46
N ILE A 159 -2.51 -19.47 31.22
CA ILE A 159 -1.83 -20.64 30.67
C ILE A 159 -2.65 -21.35 29.61
N GLU A 160 -3.96 -21.42 29.80
CA GLU A 160 -4.81 -22.08 28.80
C GLU A 160 -4.73 -21.34 27.47
N GLU A 161 -4.57 -20.01 27.53
CA GLU A 161 -4.47 -19.21 26.32
C GLU A 161 -3.06 -19.21 25.74
N GLN A 162 -2.05 -19.43 26.58
CA GLN A 162 -0.66 -19.45 26.13
C GLN A 162 0.10 -20.61 26.76
N PRO A 163 -0.30 -21.84 26.45
CA PRO A 163 0.32 -23.05 26.98
C PRO A 163 1.79 -23.29 26.70
N LYS A 164 2.39 -22.53 25.79
CA LYS A 164 3.80 -22.72 25.46
C LYS A 164 4.71 -21.60 25.97
N ASN A 165 4.15 -20.72 26.79
CA ASN A 165 4.91 -19.61 27.35
C ASN A 165 5.66 -20.05 28.63
N TYR A 166 6.97 -19.90 28.63
CA TYR A 166 7.78 -20.29 29.79
C TYR A 166 7.45 -19.50 31.06
N GLN A 167 7.25 -18.19 30.93
CA GLN A 167 6.95 -17.35 32.09
C GLN A 167 5.70 -17.72 32.85
N VAL A 168 4.63 -18.08 32.15
CA VAL A 168 3.40 -18.43 32.85
C VAL A 168 3.50 -19.74 33.61
N TRP A 169 4.25 -20.71 33.07
CA TRP A 169 4.41 -21.98 33.79
C TRP A 169 5.28 -21.77 35.02
N HIS A 170 6.32 -20.93 34.89
CA HIS A 170 7.20 -20.65 36.00
C HIS A 170 6.39 -19.95 37.11
N HIS A 171 5.54 -19.00 36.72
CA HIS A 171 4.71 -18.27 37.67
C HIS A 171 3.83 -19.23 38.46
N ARG A 172 3.19 -20.17 37.76
CA ARG A 172 2.32 -21.13 38.43
C ARG A 172 3.10 -22.00 39.40
N ARG A 173 4.31 -22.40 39.02
CA ARG A 173 5.11 -23.22 39.91
C ARG A 173 5.47 -22.46 41.19
N VAL A 174 5.82 -21.19 41.07
CA VAL A 174 6.15 -20.41 42.25
C VAL A 174 4.93 -20.35 43.17
N LEU A 175 3.75 -20.13 42.58
CA LEU A 175 2.53 -20.06 43.38
C LEU A 175 2.26 -21.34 44.15
N VAL A 176 2.38 -22.47 43.46
CA VAL A 176 2.14 -23.75 44.11
C VAL A 176 3.14 -23.98 45.23
N GLU A 177 4.37 -23.51 45.05
CA GLU A 177 5.39 -23.65 46.09
C GLU A 177 4.97 -22.81 47.29
N TRP A 178 4.51 -21.58 47.03
CA TRP A 178 4.09 -20.69 48.10
C TRP A 178 2.92 -21.28 48.89
N LEU A 179 1.91 -21.77 48.18
CA LEU A 179 0.73 -22.33 48.81
C LEU A 179 0.92 -23.72 49.38
N LYS A 180 1.98 -24.40 48.95
CA LYS A 180 2.24 -25.78 49.38
C LYS A 180 0.96 -26.58 49.15
N ASP A 181 0.19 -26.17 48.15
CA ASP A 181 -1.06 -26.83 47.80
C ASP A 181 -1.08 -27.34 46.36
N PRO A 182 -0.96 -28.67 46.17
CA PRO A 182 -0.96 -29.20 44.81
C PRO A 182 -2.30 -29.80 44.39
N SER A 183 -3.32 -29.62 45.21
CA SER A 183 -4.64 -30.19 44.96
C SER A 183 -5.30 -29.92 43.59
N GLN A 184 -4.97 -28.80 42.96
CA GLN A 184 -5.56 -28.49 41.66
C GLN A 184 -4.71 -28.96 40.49
N GLU A 185 -3.40 -29.09 40.71
CA GLU A 185 -2.44 -29.44 39.68
C GLU A 185 -2.69 -30.59 38.72
N LEU A 186 -2.82 -31.82 39.20
CA LEU A 186 -3.02 -32.95 38.30
C LEU A 186 -4.20 -32.79 37.35
N GLU A 187 -5.28 -32.20 37.83
CA GLU A 187 -6.46 -32.02 36.99
C GLU A 187 -6.24 -30.90 35.98
N PHE A 188 -5.60 -29.81 36.41
CA PHE A 188 -5.32 -28.70 35.53
C PHE A 188 -4.43 -29.16 34.37
N ILE A 189 -3.37 -29.87 34.71
CA ILE A 189 -2.45 -30.37 33.71
C ILE A 189 -3.13 -31.35 32.75
N ALA A 190 -4.01 -32.19 33.28
CA ALA A 190 -4.72 -33.14 32.44
C ALA A 190 -5.57 -32.40 31.41
N ASP A 191 -6.06 -31.22 31.78
CA ASP A 191 -6.86 -30.42 30.85
C ASP A 191 -5.97 -29.87 29.73
N ILE A 192 -4.81 -29.34 30.09
CA ILE A 192 -3.89 -28.79 29.11
C ILE A 192 -3.44 -29.92 28.19
N LEU A 193 -3.09 -31.07 28.78
CA LEU A 193 -2.66 -32.22 27.99
C LEU A 193 -3.78 -32.73 27.10
N ASN A 194 -4.99 -32.28 27.39
CA ASN A 194 -6.12 -32.70 26.59
C ASN A 194 -6.17 -31.92 25.29
N GLN A 195 -5.61 -30.71 25.28
CA GLN A 195 -5.58 -29.89 24.07
C GLN A 195 -4.27 -30.14 23.30
N ASP A 196 -3.25 -30.66 24.00
CA ASP A 196 -1.94 -30.97 23.41
C ASP A 196 -1.24 -31.98 24.30
N ALA A 197 -1.42 -33.26 23.99
CA ALA A 197 -0.86 -34.35 24.76
C ALA A 197 0.66 -34.43 24.79
N LYS A 198 1.35 -33.54 24.06
CA LYS A 198 2.80 -33.59 24.03
C LYS A 198 3.44 -32.30 24.49
N ASN A 199 2.65 -31.40 25.07
CA ASN A 199 3.16 -30.13 25.56
C ASN A 199 4.28 -30.38 26.58
N TYR A 200 5.52 -30.09 26.20
CA TYR A 200 6.67 -30.32 27.07
C TYR A 200 6.55 -29.60 28.42
N HIS A 201 6.00 -28.38 28.41
CA HIS A 201 5.85 -27.58 29.63
C HIS A 201 4.92 -28.26 30.62
N ALA A 202 3.80 -28.79 30.12
CA ALA A 202 2.83 -29.48 30.93
C ALA A 202 3.40 -30.72 31.59
N TRP A 203 4.10 -31.55 30.81
CA TRP A 203 4.68 -32.75 31.37
C TRP A 203 5.76 -32.42 32.42
N GLN A 204 6.52 -31.37 32.16
CA GLN A 204 7.57 -30.97 33.10
C GLN A 204 6.95 -30.56 34.43
N HIS A 205 5.90 -29.75 34.35
CA HIS A 205 5.21 -29.29 35.54
C HIS A 205 4.59 -30.47 36.27
N ARG A 206 4.02 -31.40 35.51
CA ARG A 206 3.38 -32.58 36.09
C ARG A 206 4.40 -33.41 36.87
N GLN A 207 5.59 -33.59 36.30
CA GLN A 207 6.61 -34.36 36.99
C GLN A 207 7.10 -33.65 38.24
N TRP A 208 7.14 -32.33 38.19
CA TRP A 208 7.59 -31.56 39.33
C TRP A 208 6.60 -31.72 40.47
N VAL A 209 5.31 -31.54 40.18
CA VAL A 209 4.27 -31.66 41.19
C VAL A 209 4.27 -33.03 41.82
N ILE A 210 4.23 -34.07 40.99
CA ILE A 210 4.23 -35.43 41.49
C ILE A 210 5.43 -35.73 42.40
N GLN A 211 6.61 -35.30 41.98
CA GLN A 211 7.81 -35.53 42.77
C GLN A 211 7.82 -34.72 44.07
N GLU A 212 7.54 -33.42 43.94
CA GLU A 212 7.55 -32.52 45.08
C GLU A 212 6.53 -32.82 46.18
N PHE A 213 5.35 -33.30 45.81
CA PHE A 213 4.32 -33.60 46.79
C PHE A 213 3.98 -35.08 46.88
N ARG A 214 4.88 -35.91 46.35
CA ARG A 214 4.72 -37.36 46.33
C ARG A 214 3.30 -37.81 45.96
N LEU A 215 2.88 -37.49 44.74
CA LEU A 215 1.56 -37.86 44.27
C LEU A 215 1.66 -38.96 43.21
N TRP A 216 2.34 -40.05 43.54
CA TRP A 216 2.53 -41.15 42.60
C TRP A 216 1.36 -42.12 42.47
N ASP A 217 0.55 -42.18 43.51
CA ASP A 217 -0.60 -43.10 43.57
C ASP A 217 -1.40 -43.40 42.30
N ASN A 218 -1.77 -42.38 41.54
CA ASN A 218 -2.59 -42.62 40.36
C ASN A 218 -1.96 -42.36 39.00
N GLU A 219 -0.70 -41.95 38.96
CA GLU A 219 -0.07 -41.65 37.70
C GLU A 219 0.03 -42.82 36.73
N LEU A 220 0.40 -44.00 37.21
CA LEU A 220 0.52 -45.16 36.33
C LEU A 220 -0.81 -45.48 35.63
N GLN A 221 -1.90 -45.17 36.31
CA GLN A 221 -3.22 -45.43 35.75
C GLN A 221 -3.51 -44.36 34.70
N TYR A 222 -3.05 -43.14 34.96
CA TYR A 222 -3.25 -42.02 34.03
C TYR A 222 -2.47 -42.33 32.75
N VAL A 223 -1.26 -42.85 32.92
CA VAL A 223 -0.38 -43.22 31.82
C VAL A 223 -1.05 -44.29 30.97
N ASP A 224 -1.64 -45.30 31.61
CA ASP A 224 -2.30 -46.38 30.90
C ASP A 224 -3.47 -45.85 30.08
N GLN A 225 -4.18 -44.87 30.64
CA GLN A 225 -5.31 -44.26 29.96
C GLN A 225 -4.86 -43.53 28.69
N LEU A 226 -3.78 -42.76 28.80
CA LEU A 226 -3.28 -42.02 27.66
C LEU A 226 -2.64 -42.89 26.60
N LEU A 227 -2.05 -44.01 27.00
CA LEU A 227 -1.44 -44.89 26.00
C LEU A 227 -2.53 -45.58 25.18
N LYS A 228 -3.74 -45.63 25.72
CA LYS A 228 -4.85 -46.24 24.99
C LYS A 228 -5.34 -45.23 23.97
N GLU A 229 -5.32 -43.95 24.34
CA GLU A 229 -5.75 -42.89 23.44
C GLU A 229 -4.78 -42.68 22.26
N ASP A 230 -3.50 -42.91 22.50
CA ASP A 230 -2.47 -42.74 21.47
C ASP A 230 -1.19 -43.44 21.92
N VAL A 231 -1.06 -44.71 21.55
CA VAL A 231 0.09 -45.50 21.93
C VAL A 231 1.39 -44.97 21.35
N ARG A 232 1.30 -43.99 20.44
CA ARG A 232 2.49 -43.41 19.83
C ARG A 232 3.03 -42.17 20.54
N ASN A 233 2.31 -41.70 21.57
CA ASN A 233 2.75 -40.52 22.31
C ASN A 233 4.03 -40.81 23.10
N ASN A 234 5.16 -40.34 22.60
CA ASN A 234 6.45 -40.57 23.25
C ASN A 234 6.52 -39.98 24.65
N SER A 235 5.76 -38.91 24.88
CA SER A 235 5.73 -38.25 26.18
C SER A 235 5.15 -39.15 27.27
N VAL A 236 4.12 -39.91 26.90
CA VAL A 236 3.47 -40.80 27.84
C VAL A 236 4.37 -41.99 28.20
N TRP A 237 5.08 -42.52 27.20
CA TRP A 237 5.98 -43.63 27.48
C TRP A 237 7.05 -43.15 28.43
N ASN A 238 7.46 -41.90 28.28
CA ASN A 238 8.49 -41.35 29.16
C ASN A 238 7.91 -41.26 30.57
N GLN A 239 6.66 -40.84 30.67
CA GLN A 239 6.01 -40.71 31.96
C GLN A 239 5.93 -42.06 32.65
N ARG A 240 5.61 -43.09 31.89
CA ARG A 240 5.51 -44.43 32.43
C ARG A 240 6.83 -44.82 33.11
N HIS A 241 7.95 -44.60 32.43
CA HIS A 241 9.24 -44.94 33.01
C HIS A 241 9.55 -44.07 34.22
N PHE A 242 9.04 -42.84 34.19
CA PHE A 242 9.22 -41.88 35.27
C PHE A 242 8.54 -42.39 36.54
N VAL A 243 7.29 -42.81 36.40
CA VAL A 243 6.52 -43.32 37.53
C VAL A 243 7.15 -44.57 38.11
N ILE A 244 7.33 -45.58 37.28
CA ILE A 244 7.89 -46.83 37.73
C ILE A 244 9.27 -46.73 38.36
N SER A 245 10.21 -46.08 37.70
CA SER A 245 11.54 -46.02 38.29
C SER A 245 11.62 -45.19 39.57
N ASN A 246 10.56 -44.44 39.85
CA ASN A 246 10.52 -43.61 41.06
C ASN A 246 9.64 -44.21 42.15
N THR A 247 9.04 -45.36 41.87
CA THR A 247 8.23 -46.02 42.87
C THR A 247 8.86 -47.39 43.13
N THR A 248 8.38 -48.41 42.44
CA THR A 248 8.90 -49.76 42.62
C THR A 248 10.30 -49.98 42.04
N GLY A 249 10.61 -49.33 40.92
CA GLY A 249 11.91 -49.54 40.30
C GLY A 249 11.74 -50.73 39.37
N TYR A 250 12.81 -51.14 38.68
CA TYR A 250 12.69 -52.28 37.77
C TYR A 250 13.46 -53.52 38.24
N SER A 251 14.13 -53.41 39.39
CA SER A 251 14.90 -54.52 39.94
C SER A 251 14.02 -55.68 40.38
N ASP A 252 12.74 -55.41 40.59
CA ASP A 252 11.79 -56.45 40.99
C ASP A 252 11.41 -57.23 39.73
N ARG A 253 11.92 -58.45 39.62
CA ARG A 253 11.64 -59.29 38.46
C ARG A 253 10.17 -59.38 38.07
N ALA A 254 9.27 -59.27 39.04
CA ALA A 254 7.85 -59.33 38.74
C ALA A 254 7.40 -58.08 38.01
N VAL A 255 8.02 -56.96 38.36
CA VAL A 255 7.70 -55.68 37.72
C VAL A 255 8.29 -55.67 36.30
N LEU A 256 9.57 -56.02 36.19
CA LEU A 256 10.22 -56.06 34.89
C LEU A 256 9.42 -56.91 33.93
N GLU A 257 9.02 -58.09 34.38
CA GLU A 257 8.25 -59.02 33.54
C GLU A 257 6.93 -58.38 33.13
N ARG A 258 6.25 -57.75 34.08
CA ARG A 258 4.97 -57.11 33.80
C ARG A 258 5.13 -56.06 32.71
N GLU A 259 6.18 -55.26 32.83
CA GLU A 259 6.47 -54.19 31.88
C GLU A 259 6.88 -54.70 30.51
N VAL A 260 7.81 -55.65 30.47
CA VAL A 260 8.24 -56.20 29.18
C VAL A 260 7.05 -56.81 28.47
N GLN A 261 6.17 -57.47 29.22
CA GLN A 261 5.00 -58.11 28.65
C GLN A 261 4.02 -57.06 28.13
N TYR A 262 3.85 -56.00 28.91
CA TYR A 262 2.95 -54.92 28.55
C TYR A 262 3.37 -54.25 27.24
N THR A 263 4.67 -54.00 27.13
CA THR A 263 5.22 -53.37 25.95
C THR A 263 5.06 -54.26 24.71
N LEU A 264 5.40 -55.53 24.84
CA LEU A 264 5.25 -56.45 23.72
C LEU A 264 3.81 -56.47 23.23
N GLU A 265 2.87 -56.31 24.15
CA GLU A 265 1.46 -56.29 23.78
C GLU A 265 1.18 -55.04 22.96
N MET A 266 1.75 -53.92 23.39
CA MET A 266 1.55 -52.65 22.68
C MET A 266 2.22 -52.69 21.32
N ILE A 267 3.39 -53.33 21.26
CA ILE A 267 4.12 -53.46 20.01
C ILE A 267 3.31 -54.30 19.03
N LYS A 268 2.67 -55.36 19.52
CA LYS A 268 1.86 -56.23 18.66
C LYS A 268 0.69 -55.43 18.07
N LEU A 269 0.17 -54.47 18.82
CA LEU A 269 -0.95 -53.66 18.35
C LEU A 269 -0.54 -52.66 17.28
N VAL A 270 0.65 -52.11 17.43
CA VAL A 270 1.19 -51.13 16.49
C VAL A 270 2.69 -51.37 16.43
N PRO A 271 3.13 -52.36 15.63
CA PRO A 271 4.53 -52.72 15.47
C PRO A 271 5.50 -51.62 15.05
N HIS A 272 5.01 -50.62 14.30
CA HIS A 272 5.87 -49.53 13.87
C HIS A 272 5.71 -48.36 14.83
N ASN A 273 6.32 -48.46 16.00
CA ASN A 273 6.24 -47.43 17.02
C ASN A 273 7.56 -47.35 17.77
N GLU A 274 8.38 -46.36 17.41
CA GLU A 274 9.68 -46.20 18.03
C GLU A 274 9.62 -46.09 19.55
N SER A 275 8.63 -45.37 20.06
CA SER A 275 8.47 -45.16 21.49
C SER A 275 8.37 -46.46 22.29
N ALA A 276 7.53 -47.37 21.83
CA ALA A 276 7.36 -48.65 22.51
C ALA A 276 8.69 -49.42 22.49
N TRP A 277 9.33 -49.49 21.34
CA TRP A 277 10.60 -50.20 21.23
C TRP A 277 11.69 -49.58 22.08
N ASN A 278 11.69 -48.24 22.17
CA ASN A 278 12.70 -47.57 22.97
C ASN A 278 12.54 -47.87 24.44
N TYR A 279 11.29 -48.00 24.88
CA TYR A 279 10.99 -48.30 26.26
C TYR A 279 11.49 -49.71 26.57
N LEU A 280 11.11 -50.67 25.72
CA LEU A 280 11.54 -52.05 25.88
C LEU A 280 13.05 -52.17 25.99
N LYS A 281 13.76 -51.56 25.05
CA LYS A 281 15.22 -51.61 25.09
C LYS A 281 15.76 -50.83 26.28
N GLY A 282 15.07 -49.75 26.62
CA GLY A 282 15.51 -48.92 27.73
C GLY A 282 15.53 -49.61 29.07
N ILE A 283 14.50 -50.39 29.37
CA ILE A 283 14.43 -51.07 30.66
C ILE A 283 15.24 -52.35 30.73
N LEU A 284 15.83 -52.77 29.60
CA LEU A 284 16.62 -53.99 29.59
C LEU A 284 18.09 -53.81 29.25
N GLN A 285 18.42 -52.76 28.50
CA GLN A 285 19.79 -52.54 28.07
C GLN A 285 20.87 -52.54 29.13
N ASP A 286 20.57 -52.01 30.32
CA ASP A 286 21.60 -51.99 31.36
C ASP A 286 21.73 -53.30 32.11
N ARG A 287 20.69 -54.12 32.08
CA ARG A 287 20.72 -55.42 32.73
C ARG A 287 21.52 -56.36 31.81
N GLY A 288 21.47 -56.07 30.52
CA GLY A 288 22.17 -56.89 29.52
C GLY A 288 21.16 -57.61 28.64
N LEU A 289 20.98 -57.14 27.41
CA LEU A 289 20.03 -57.75 26.49
C LEU A 289 20.27 -59.24 26.25
N SER A 290 21.53 -59.67 26.27
CA SER A 290 21.85 -61.07 26.02
C SER A 290 21.47 -61.99 27.19
N ARG A 291 21.18 -61.40 28.34
CA ARG A 291 20.80 -62.18 29.52
C ARG A 291 19.34 -62.59 29.50
N TYR A 292 18.66 -62.40 28.37
CA TYR A 292 17.25 -62.76 28.25
C TYR A 292 17.00 -63.63 27.03
N PRO A 293 17.43 -64.91 27.08
CA PRO A 293 17.27 -65.88 25.99
C PRO A 293 15.89 -66.02 25.37
N ASN A 294 14.83 -65.95 26.16
CA ASN A 294 13.50 -66.09 25.58
C ASN A 294 13.09 -64.88 24.76
N LEU A 295 13.67 -63.72 25.08
CA LEU A 295 13.37 -62.47 24.38
C LEU A 295 13.82 -62.59 22.94
N LEU A 296 15.07 -62.99 22.76
CA LEU A 296 15.63 -63.15 21.43
C LEU A 296 14.72 -63.98 20.53
N ASN A 297 14.27 -65.14 21.03
CA ASN A 297 13.41 -66.01 20.24
C ASN A 297 12.00 -65.46 20.05
N GLN A 298 11.45 -64.81 21.07
CA GLN A 298 10.11 -64.23 20.95
C GLN A 298 10.10 -63.15 19.90
N LEU A 299 11.21 -62.44 19.76
CA LEU A 299 11.32 -61.38 18.77
C LEU A 299 11.48 -61.98 17.38
N LEU A 300 12.33 -62.99 17.26
CA LEU A 300 12.56 -63.68 15.99
C LEU A 300 11.26 -64.26 15.46
N ASP A 301 10.31 -64.52 16.35
CA ASP A 301 9.01 -65.08 15.97
C ASP A 301 8.07 -64.00 15.49
N LEU A 302 8.42 -62.74 15.75
CA LEU A 302 7.60 -61.63 15.31
C LEU A 302 8.01 -61.17 13.91
N GLN A 303 9.30 -61.33 13.62
CA GLN A 303 9.87 -60.93 12.33
C GLN A 303 8.99 -61.28 11.13
N PRO A 304 8.40 -62.48 11.11
CA PRO A 304 7.55 -62.88 9.98
C PRO A 304 6.48 -61.84 9.63
N SER A 305 5.60 -61.54 10.58
CA SER A 305 4.54 -60.57 10.33
C SER A 305 4.78 -59.18 10.93
N HIS A 306 4.88 -59.10 12.25
CA HIS A 306 5.09 -57.82 12.95
C HIS A 306 6.49 -57.23 12.79
N SER A 307 7.10 -57.37 11.62
CA SER A 307 8.45 -56.84 11.40
C SER A 307 8.45 -55.31 11.27
N SER A 308 9.62 -54.73 11.46
CA SER A 308 9.82 -53.28 11.37
C SER A 308 11.30 -53.02 11.60
N PRO A 309 11.79 -51.84 11.20
CA PRO A 309 13.21 -51.55 11.40
C PRO A 309 13.60 -51.53 12.88
N TYR A 310 12.65 -51.17 13.73
CA TYR A 310 12.89 -51.11 15.18
C TYR A 310 13.20 -52.50 15.73
N LEU A 311 12.47 -53.51 15.23
CA LEU A 311 12.68 -54.88 15.66
C LEU A 311 14.04 -55.38 15.17
N ILE A 312 14.34 -55.13 13.90
CA ILE A 312 15.61 -55.55 13.32
C ILE A 312 16.76 -54.94 14.12
N ALA A 313 16.61 -53.65 14.42
CA ALA A 313 17.63 -52.93 15.19
C ALA A 313 17.81 -53.55 16.55
N PHE A 314 16.70 -53.93 17.16
CA PHE A 314 16.74 -54.54 18.48
C PHE A 314 17.56 -55.83 18.40
N LEU A 315 17.29 -56.66 17.40
CA LEU A 315 18.02 -57.91 17.23
C LEU A 315 19.52 -57.63 17.09
N VAL A 316 19.88 -56.65 16.27
CA VAL A 316 21.29 -56.30 16.09
C VAL A 316 21.91 -55.94 17.44
N ASP A 317 21.16 -55.23 18.25
CA ASP A 317 21.66 -54.82 19.57
C ASP A 317 21.81 -56.02 20.51
N ILE A 318 20.91 -56.99 20.40
CA ILE A 318 20.97 -58.21 21.21
C ILE A 318 22.23 -58.97 20.79
N TYR A 319 22.40 -59.16 19.49
CA TYR A 319 23.58 -59.87 19.00
C TYR A 319 24.85 -59.15 19.42
N GLU A 320 24.82 -57.83 19.45
CA GLU A 320 26.02 -57.09 19.82
C GLU A 320 26.34 -57.28 21.30
N ASP A 321 25.30 -57.41 22.13
CA ASP A 321 25.52 -57.60 23.56
C ASP A 321 26.18 -58.97 23.75
N MET A 322 25.75 -59.95 22.96
CA MET A 322 26.31 -61.29 23.03
C MET A 322 27.80 -61.26 22.72
N LEU A 323 28.15 -60.64 21.59
CA LEU A 323 29.55 -60.54 21.20
C LEU A 323 30.37 -59.84 22.28
N GLU A 324 29.74 -58.89 22.97
CA GLU A 324 30.41 -58.13 24.02
C GLU A 324 30.72 -59.01 25.22
N ASN A 325 29.91 -60.06 25.41
CA ASN A 325 30.09 -60.97 26.53
C ASN A 325 30.61 -62.34 26.09
N GLN A 326 31.69 -62.33 25.30
CA GLN A 326 32.33 -63.55 24.79
C GLN A 326 31.37 -64.75 24.75
N CYS A 327 30.37 -64.68 23.88
CA CYS A 327 29.39 -65.76 23.76
C CYS A 327 29.93 -66.90 22.89
N ASP A 328 29.14 -67.97 22.79
CA ASP A 328 29.51 -69.14 21.99
C ASP A 328 29.10 -68.87 20.54
N ASN A 329 29.97 -69.27 19.60
CA ASN A 329 29.72 -69.07 18.17
C ASN A 329 29.90 -67.60 17.83
N LYS A 330 30.94 -66.98 18.39
CA LYS A 330 31.21 -65.58 18.15
C LYS A 330 31.17 -65.21 16.66
N GLU A 331 31.88 -65.98 15.83
CA GLU A 331 31.92 -65.72 14.39
C GLU A 331 30.58 -65.95 13.70
N ASP A 332 29.75 -66.81 14.28
CA ASP A 332 28.43 -67.10 13.71
C ASP A 332 27.45 -66.00 14.08
N ILE A 333 27.55 -65.51 15.31
CA ILE A 333 26.70 -64.45 15.81
C ILE A 333 26.98 -63.17 15.03
N LEU A 334 28.26 -62.83 14.90
CA LEU A 334 28.69 -61.65 14.17
C LEU A 334 28.06 -61.60 12.79
N ASN A 335 28.02 -62.76 12.12
CA ASN A 335 27.45 -62.83 10.78
C ASN A 335 25.93 -62.65 10.80
N LYS A 336 25.30 -63.01 11.91
CA LYS A 336 23.86 -62.84 12.02
C LYS A 336 23.54 -61.35 12.14
N ALA A 337 24.43 -60.63 12.81
CA ALA A 337 24.29 -59.19 13.01
C ALA A 337 24.51 -58.47 11.69
N LEU A 338 25.66 -58.71 11.07
CA LEU A 338 26.00 -58.09 9.80
C LEU A 338 24.90 -58.30 8.77
N GLU A 339 24.33 -59.50 8.74
CA GLU A 339 23.27 -59.80 7.80
C GLU A 339 22.08 -58.87 8.02
N LEU A 340 21.82 -58.54 9.29
CA LEU A 340 20.70 -57.66 9.64
C LEU A 340 21.03 -56.19 9.32
N CYS A 341 22.25 -55.79 9.62
CA CYS A 341 22.67 -54.43 9.33
C CYS A 341 22.44 -54.15 7.84
N GLU A 342 22.86 -55.08 7.00
CA GLU A 342 22.69 -54.93 5.56
C GLU A 342 21.22 -54.97 5.16
N ILE A 343 20.40 -55.71 5.90
CA ILE A 343 18.98 -55.77 5.57
C ILE A 343 18.35 -54.40 5.88
N LEU A 344 18.86 -53.76 6.92
CA LEU A 344 18.36 -52.44 7.32
C LEU A 344 18.79 -51.41 6.29
N ALA A 345 20.06 -51.43 5.92
CA ALA A 345 20.62 -50.50 4.95
C ALA A 345 20.02 -50.62 3.54
N LYS A 346 19.92 -51.84 3.04
CA LYS A 346 19.39 -52.06 1.69
C LYS A 346 17.87 -52.03 1.51
N GLU A 347 17.10 -52.38 2.54
CA GLU A 347 15.65 -52.39 2.34
C GLU A 347 14.73 -51.98 3.49
N LYS A 348 15.16 -52.14 4.73
CA LYS A 348 14.29 -51.81 5.85
C LYS A 348 14.36 -50.40 6.45
N ASP A 349 15.55 -49.81 6.45
CA ASP A 349 15.72 -48.46 6.98
C ASP A 349 16.72 -47.76 6.06
N THR A 350 16.40 -47.71 4.77
CA THR A 350 17.27 -47.13 3.76
C THR A 350 17.77 -45.71 4.01
N ILE A 351 16.95 -44.86 4.60
CA ILE A 351 17.37 -43.48 4.86
C ILE A 351 18.64 -43.45 5.70
N ARG A 352 18.85 -44.49 6.51
CA ARG A 352 20.03 -44.58 7.36
C ARG A 352 21.04 -45.60 6.80
N LYS A 353 20.90 -45.85 5.49
CA LYS A 353 21.77 -46.76 4.75
C LYS A 353 23.24 -46.64 5.13
N GLU A 354 23.80 -45.45 4.99
CA GLU A 354 25.20 -45.27 5.32
C GLU A 354 25.50 -45.51 6.80
N TYR A 355 24.53 -45.24 7.67
CA TYR A 355 24.72 -45.43 9.10
C TYR A 355 24.84 -46.92 9.42
N TRP A 356 23.85 -47.68 8.99
CA TRP A 356 23.85 -49.11 9.24
C TRP A 356 25.10 -49.80 8.71
N ARG A 357 25.55 -49.41 7.51
CA ARG A 357 26.75 -50.00 6.94
C ARG A 357 27.93 -49.64 7.82
N TYR A 358 27.89 -48.44 8.39
CA TYR A 358 28.93 -47.96 9.29
C TYR A 358 28.92 -48.80 10.56
N ILE A 359 27.73 -49.15 11.03
CA ILE A 359 27.60 -49.97 12.22
C ILE A 359 28.19 -51.34 11.90
N GLY A 360 27.83 -51.87 10.73
CA GLY A 360 28.35 -53.16 10.30
C GLY A 360 29.87 -53.20 10.33
N ARG A 361 30.51 -52.26 9.64
CA ARG A 361 31.97 -52.20 9.61
C ARG A 361 32.55 -52.12 11.02
N SER A 362 31.80 -51.48 11.93
CA SER A 362 32.25 -51.33 13.31
C SER A 362 32.24 -52.66 14.04
N LEU A 363 31.24 -53.49 13.74
CA LEU A 363 31.12 -54.79 14.37
C LEU A 363 32.23 -55.73 13.88
N GLN A 364 32.52 -55.71 12.58
CA GLN A 364 33.56 -56.57 12.04
C GLN A 364 34.94 -56.25 12.61
N SER A 365 35.33 -54.99 12.58
CA SER A 365 36.64 -54.61 13.09
C SER A 365 36.78 -54.75 14.61
N LYS A 366 35.69 -55.09 15.29
CA LYS A 366 35.74 -55.25 16.74
C LYS A 366 35.64 -56.71 17.18
N HIS A 367 35.08 -57.56 16.32
CA HIS A 367 34.92 -58.97 16.65
C HIS A 367 35.35 -59.92 15.51
N SER A 368 36.66 -60.05 15.29
CA SER A 368 37.19 -60.92 14.25
C SER A 368 38.61 -61.41 14.56
N LEU B 18 13.58 -26.64 -4.00
CA LEU B 18 14.07 -26.25 -5.36
C LEU B 18 15.52 -25.77 -5.27
N ASP B 19 15.69 -24.45 -5.23
CA ASP B 19 17.01 -23.86 -5.13
C ASP B 19 17.03 -22.92 -3.94
N PHE B 20 18.24 -22.59 -3.50
CA PHE B 20 18.41 -21.71 -2.35
C PHE B 20 18.30 -20.25 -2.77
N LEU B 21 17.25 -19.59 -2.28
CA LEU B 21 16.99 -18.18 -2.58
C LEU B 21 17.87 -17.21 -1.80
N ARG B 22 19.19 -17.40 -1.89
CA ARG B 22 20.15 -16.57 -1.17
C ARG B 22 19.87 -15.07 -1.03
N ASP B 23 19.61 -14.39 -2.14
CA ASP B 23 19.37 -12.94 -2.09
C ASP B 23 18.16 -12.59 -1.24
N ARG B 24 17.11 -13.37 -1.39
CA ARG B 24 15.89 -13.13 -0.63
C ARG B 24 16.12 -13.27 0.88
N HIS B 25 16.94 -14.24 1.27
CA HIS B 25 17.22 -14.43 2.69
C HIS B 25 18.06 -13.29 3.21
N VAL B 26 18.93 -12.74 2.36
CA VAL B 26 19.75 -11.64 2.81
C VAL B 26 18.84 -10.46 3.14
N ARG B 27 17.88 -10.20 2.25
CA ARG B 27 16.95 -9.10 2.48
C ARG B 27 16.11 -9.37 3.72
N PHE B 28 15.67 -10.61 3.88
CA PHE B 28 14.87 -11.01 5.04
C PHE B 28 15.59 -10.63 6.33
N PHE B 29 16.86 -11.01 6.45
CA PHE B 29 17.64 -10.67 7.64
C PHE B 29 17.82 -9.17 7.79
N GLN B 30 17.95 -8.46 6.66
CA GLN B 30 18.11 -7.01 6.72
C GLN B 30 16.88 -6.39 7.36
N ARG B 31 15.72 -6.85 6.92
CA ARG B 31 14.45 -6.36 7.44
C ARG B 31 14.30 -6.66 8.93
N CYS B 32 14.87 -7.78 9.39
CA CYS B 32 14.81 -8.14 10.81
C CYS B 32 15.52 -7.12 11.65
N LEU B 33 16.59 -6.54 11.13
CA LEU B 33 17.37 -5.54 11.87
C LEU B 33 16.75 -4.15 11.84
N GLN B 34 15.78 -3.95 10.96
CA GLN B 34 15.16 -2.64 10.82
C GLN B 34 13.99 -2.35 11.76
N VAL B 35 12.78 -2.28 11.23
CA VAL B 35 11.61 -1.98 12.05
C VAL B 35 10.54 -3.04 11.91
N LEU B 36 9.92 -3.40 13.03
CA LEU B 36 8.88 -4.42 13.02
C LEU B 36 7.51 -3.88 13.45
N PRO B 37 6.42 -4.51 12.96
CA PRO B 37 5.03 -4.14 13.27
C PRO B 37 4.71 -4.53 14.71
N GLU B 38 3.82 -3.79 15.37
CA GLU B 38 3.49 -4.08 16.76
C GLU B 38 3.11 -5.53 17.03
N ARG B 39 2.77 -6.27 15.98
CA ARG B 39 2.38 -7.66 16.18
C ARG B 39 3.55 -8.51 16.65
N TYR B 40 4.72 -7.89 16.80
CA TYR B 40 5.91 -8.62 17.23
C TYR B 40 6.38 -8.18 18.61
N SER B 41 5.51 -7.49 19.33
CA SER B 41 5.77 -6.99 20.67
C SER B 41 6.37 -8.02 21.64
N SER B 42 5.92 -9.26 21.55
CA SER B 42 6.41 -10.30 22.46
C SER B 42 7.90 -10.59 22.30
N LEU B 43 8.55 -9.95 21.33
CA LEU B 43 9.96 -10.14 21.10
C LEU B 43 10.77 -9.07 21.81
N GLU B 44 10.09 -8.05 22.30
CA GLU B 44 10.75 -6.93 22.97
C GLU B 44 11.91 -7.30 23.88
N THR B 45 11.68 -8.16 24.87
CA THR B 45 12.75 -8.52 25.80
C THR B 45 13.80 -9.48 25.25
N SER B 46 13.69 -9.86 23.99
CA SER B 46 14.68 -10.74 23.40
C SER B 46 15.08 -10.25 22.02
N ARG B 47 15.06 -8.92 21.84
CA ARG B 47 15.41 -8.31 20.56
C ARG B 47 16.86 -8.62 20.22
N LEU B 48 17.69 -8.74 21.24
CA LEU B 48 19.10 -9.03 21.02
C LEU B 48 19.30 -10.39 20.36
N THR B 49 18.45 -11.37 20.65
CA THR B 49 18.61 -12.68 20.02
C THR B 49 18.08 -12.64 18.59
N ILE B 50 17.17 -11.72 18.31
CA ILE B 50 16.64 -11.58 16.95
C ILE B 50 17.76 -10.96 16.12
N ALA B 51 18.48 -10.02 16.74
CA ALA B 51 19.60 -9.36 16.08
C ALA B 51 20.65 -10.43 15.77
N PHE B 52 20.89 -11.31 16.73
CA PHE B 52 21.86 -12.40 16.56
C PHE B 52 21.49 -13.27 15.36
N PHE B 53 20.24 -13.71 15.28
CA PHE B 53 19.80 -14.55 14.17
C PHE B 53 20.05 -13.84 12.84
N ALA B 54 19.79 -12.54 12.82
CA ALA B 54 19.95 -11.74 11.61
C ALA B 54 21.41 -11.51 11.23
N LEU B 55 22.20 -11.02 12.18
CA LEU B 55 23.63 -10.76 11.95
C LEU B 55 24.38 -12.06 11.65
N SER B 56 24.24 -13.05 12.53
CA SER B 56 24.91 -14.32 12.32
C SER B 56 24.42 -14.96 11.03
N GLY B 57 23.19 -14.66 10.66
CA GLY B 57 22.65 -15.22 9.43
C GLY B 57 23.27 -14.55 8.22
N LEU B 58 23.48 -13.24 8.31
CA LEU B 58 24.09 -12.50 7.22
C LEU B 58 25.55 -12.94 7.11
N ASP B 59 26.19 -13.11 8.26
CA ASP B 59 27.58 -13.55 8.30
C ASP B 59 27.68 -14.90 7.58
N MET B 60 26.75 -15.78 7.89
CA MET B 60 26.72 -17.11 7.30
C MET B 60 26.56 -17.03 5.77
N LEU B 61 25.95 -15.96 5.29
CA LEU B 61 25.72 -15.76 3.86
C LEU B 61 26.75 -14.79 3.28
N ASP B 62 27.72 -14.41 4.11
CA ASP B 62 28.79 -13.49 3.72
C ASP B 62 28.22 -12.18 3.18
N SER B 63 27.36 -11.53 3.96
CA SER B 63 26.74 -10.26 3.59
C SER B 63 26.70 -9.26 4.74
N LEU B 64 27.64 -9.34 5.67
CA LEU B 64 27.66 -8.40 6.78
C LEU B 64 27.93 -6.97 6.31
N ASP B 65 28.30 -6.83 5.05
CA ASP B 65 28.58 -5.52 4.50
C ASP B 65 27.33 -4.66 4.34
N VAL B 66 26.16 -5.29 4.28
CA VAL B 66 24.93 -4.52 4.11
C VAL B 66 24.42 -3.87 5.39
N VAL B 67 25.21 -3.94 6.46
CA VAL B 67 24.80 -3.33 7.73
C VAL B 67 25.92 -2.47 8.30
N ASN B 68 25.57 -1.50 9.11
CA ASN B 68 26.55 -0.61 9.72
C ASN B 68 27.08 -1.21 11.03
N LYS B 69 28.12 -2.03 10.91
CA LYS B 69 28.71 -2.70 12.07
C LYS B 69 28.94 -1.79 13.27
N ASP B 70 29.29 -0.53 13.01
CA ASP B 70 29.58 0.41 14.09
C ASP B 70 28.36 0.84 14.90
N ASP B 71 27.25 1.14 14.21
CA ASP B 71 26.04 1.55 14.92
C ASP B 71 25.53 0.41 15.78
N ILE B 72 25.48 -0.79 15.19
CA ILE B 72 25.01 -1.95 15.89
C ILE B 72 25.87 -2.30 17.10
N ILE B 73 27.18 -2.13 16.99
CA ILE B 73 28.06 -2.43 18.11
C ILE B 73 27.75 -1.52 19.29
N GLU B 74 27.41 -0.27 19.01
CA GLU B 74 27.09 0.69 20.07
C GLU B 74 25.77 0.28 20.74
N TRP B 75 24.80 -0.11 19.91
CA TRP B 75 23.50 -0.53 20.42
C TRP B 75 23.68 -1.71 21.36
N ILE B 76 24.47 -2.68 20.93
CA ILE B 76 24.71 -3.85 21.74
C ILE B 76 25.36 -3.46 23.07
N TYR B 77 26.34 -2.57 23.02
CA TYR B 77 27.00 -2.16 24.24
C TYR B 77 26.08 -1.39 25.18
N SER B 78 25.02 -0.79 24.63
CA SER B 78 24.07 -0.05 25.46
C SER B 78 23.23 -1.02 26.25
N LEU B 79 23.29 -2.31 25.88
CA LEU B 79 22.53 -3.35 26.55
C LEU B 79 23.31 -4.05 27.67
N GLN B 80 24.57 -3.69 27.86
CA GLN B 80 25.36 -4.32 28.90
C GLN B 80 25.06 -3.74 30.28
N VAL B 81 24.80 -4.63 31.23
CA VAL B 81 24.54 -4.22 32.59
C VAL B 81 25.91 -4.17 33.26
N LEU B 82 26.41 -2.96 33.44
CA LEU B 82 27.73 -2.76 34.05
C LEU B 82 27.62 -2.60 35.56
N PRO B 83 28.69 -2.95 36.28
CA PRO B 83 28.64 -2.81 37.74
C PRO B 83 28.60 -1.33 38.13
N THR B 84 27.88 -1.04 39.20
CA THR B 84 27.75 0.33 39.69
C THR B 84 29.04 0.78 40.37
N GLU B 85 29.14 2.08 40.66
CA GLU B 85 30.32 2.63 41.32
C GLU B 85 30.75 1.77 42.51
N ASP B 86 29.81 1.48 43.40
CA ASP B 86 30.09 0.67 44.59
C ASP B 86 30.14 -0.83 44.33
N ARG B 87 30.09 -1.21 43.05
CA ARG B 87 30.14 -2.61 42.63
C ARG B 87 29.29 -3.54 43.50
N SER B 88 28.08 -3.10 43.84
CA SER B 88 27.18 -3.89 44.68
C SER B 88 26.16 -4.68 43.87
N ASN B 89 26.33 -4.72 42.55
CA ASN B 89 25.40 -5.42 41.68
C ASN B 89 26.11 -6.39 40.73
N LEU B 90 27.28 -6.89 41.14
CA LEU B 90 28.03 -7.80 40.30
C LEU B 90 27.24 -9.05 39.93
N ASP B 91 26.50 -9.59 40.89
CA ASP B 91 25.70 -10.78 40.66
C ASP B 91 24.59 -10.60 39.63
N ARG B 92 24.46 -9.38 39.10
CA ARG B 92 23.40 -9.12 38.14
C ARG B 92 23.90 -8.58 36.81
N CYS B 93 25.20 -8.65 36.59
CA CYS B 93 25.76 -8.14 35.34
C CYS B 93 25.66 -9.12 34.19
N GLY B 94 25.73 -8.56 32.98
CA GLY B 94 25.64 -9.35 31.77
C GLY B 94 25.00 -8.45 30.72
N PHE B 95 24.11 -8.98 29.91
CA PHE B 95 23.44 -8.16 28.91
C PHE B 95 21.91 -8.24 28.98
N ARG B 96 21.24 -7.15 28.61
CA ARG B 96 19.78 -7.08 28.60
C ARG B 96 19.35 -7.48 27.20
N GLY B 97 18.09 -7.88 27.05
CA GLY B 97 17.60 -8.27 25.74
C GLY B 97 17.25 -7.04 24.92
N SER B 98 16.97 -5.94 25.61
CA SER B 98 16.63 -4.67 24.99
C SER B 98 16.58 -3.60 26.07
N SER B 99 16.16 -2.41 25.69
CA SER B 99 16.08 -1.29 26.62
C SER B 99 14.68 -1.08 27.20
N TYR B 100 13.88 -2.13 27.26
CA TYR B 100 12.51 -2.00 27.78
C TYR B 100 12.38 -1.42 29.20
N LEU B 101 13.46 -1.37 29.97
CA LEU B 101 13.37 -0.83 31.32
C LEU B 101 13.41 0.69 31.38
N GLY B 102 13.81 1.32 30.28
CA GLY B 102 13.86 2.76 30.26
C GLY B 102 15.15 3.38 30.78
N ILE B 103 16.19 2.58 30.92
CA ILE B 103 17.47 3.09 31.39
C ILE B 103 18.07 3.92 30.26
N PRO B 104 18.56 5.13 30.59
CA PRO B 104 19.17 6.04 29.62
C PRO B 104 20.30 5.43 28.79
N PHE B 105 20.19 5.59 27.47
CA PHE B 105 21.18 5.07 26.52
C PHE B 105 22.61 5.34 26.97
N ASN B 106 23.40 4.27 27.07
CA ASN B 106 24.79 4.38 27.48
C ASN B 106 25.58 3.20 26.93
N PRO B 107 26.30 3.41 25.80
CA PRO B 107 27.09 2.37 25.16
C PRO B 107 28.34 1.93 25.96
N SER B 108 28.10 1.47 27.18
CA SER B 108 29.17 1.02 28.07
C SER B 108 30.27 2.06 28.20
N LYS B 109 29.86 3.32 28.40
CA LYS B 109 30.80 4.42 28.57
C LYS B 109 30.94 4.74 30.06
N ASN B 110 29.97 5.48 30.61
CA ASN B 110 30.00 5.83 32.03
C ASN B 110 29.74 4.59 32.89
N PRO B 111 29.76 4.76 34.23
CA PRO B 111 29.51 3.62 35.13
C PRO B 111 28.08 3.10 34.96
N GLY B 112 27.62 2.28 35.90
CA GLY B 112 26.27 1.73 35.79
C GLY B 112 25.21 2.48 36.58
N THR B 113 24.11 2.82 35.90
CA THR B 113 23.00 3.53 36.54
C THR B 113 22.14 2.55 37.36
N ALA B 114 22.30 2.58 38.68
CA ALA B 114 21.57 1.69 39.59
C ALA B 114 20.06 1.67 39.33
N HIS B 115 19.50 0.46 39.32
CA HIS B 115 18.07 0.26 39.08
C HIS B 115 17.65 -1.02 39.78
N PRO B 116 16.59 -0.96 40.59
CA PRO B 116 16.05 -2.08 41.36
C PRO B 116 15.82 -3.40 40.62
N TYR B 117 15.49 -3.34 39.33
CA TYR B 117 15.19 -4.55 38.58
C TYR B 117 15.98 -4.76 37.31
N ASP B 118 17.08 -4.02 37.15
CA ASP B 118 17.89 -4.15 35.96
C ASP B 118 19.01 -5.17 36.16
N SER B 119 19.00 -6.22 35.33
CA SER B 119 20.02 -7.25 35.40
C SER B 119 20.10 -7.95 34.05
N GLY B 120 21.12 -8.77 33.87
CA GLY B 120 21.26 -9.46 32.60
C GLY B 120 20.41 -10.71 32.48
N HIS B 121 20.41 -11.26 31.27
CA HIS B 121 19.68 -12.49 30.97
C HIS B 121 20.69 -13.37 30.25
N ILE B 122 20.95 -14.54 30.80
CA ILE B 122 21.95 -15.45 30.25
C ILE B 122 21.92 -15.65 28.74
N ALA B 123 20.74 -15.79 28.14
CA ALA B 123 20.68 -15.97 26.70
C ALA B 123 21.05 -14.68 25.97
N MET B 124 20.89 -13.55 26.64
CA MET B 124 21.22 -12.27 26.02
C MET B 124 22.71 -12.03 26.15
N THR B 125 23.28 -12.43 27.28
CA THR B 125 24.72 -12.27 27.48
C THR B 125 25.42 -13.10 26.41
N TYR B 126 24.88 -14.29 26.16
CA TYR B 126 25.43 -15.18 25.15
C TYR B 126 25.30 -14.59 23.75
N THR B 127 24.08 -14.29 23.31
CA THR B 127 23.91 -13.73 21.96
C THR B 127 24.56 -12.36 21.83
N GLY B 128 24.65 -11.63 22.93
CA GLY B 128 25.27 -10.31 22.90
C GLY B 128 26.74 -10.42 22.58
N LEU B 129 27.48 -11.19 23.38
CA LEU B 129 28.92 -11.38 23.17
C LEU B 129 29.11 -11.96 21.78
N SER B 130 28.26 -12.91 21.45
CA SER B 130 28.32 -13.55 20.16
C SER B 130 28.18 -12.54 19.02
N CYS B 131 27.28 -11.58 19.16
CA CYS B 131 27.08 -10.55 18.12
C CYS B 131 28.29 -9.64 18.00
N LEU B 132 28.86 -9.25 19.13
CA LEU B 132 30.02 -8.38 19.13
C LEU B 132 31.17 -9.01 18.34
N ILE B 133 31.41 -10.29 18.56
CA ILE B 133 32.47 -10.99 17.85
C ILE B 133 32.19 -11.03 16.35
N ILE B 134 30.94 -11.33 15.98
CA ILE B 134 30.54 -11.39 14.58
C ILE B 134 30.77 -10.05 13.89
N LEU B 135 30.49 -8.97 14.62
CA LEU B 135 30.64 -7.62 14.06
C LEU B 135 32.08 -7.09 14.02
N GLY B 136 33.02 -7.84 14.61
CA GLY B 136 34.39 -7.42 14.58
C GLY B 136 34.92 -6.76 15.84
N ASP B 137 34.04 -6.46 16.79
CA ASP B 137 34.47 -5.83 18.03
C ASP B 137 35.45 -6.77 18.75
N ASP B 138 36.30 -6.21 19.60
CA ASP B 138 37.29 -7.02 20.31
C ASP B 138 36.94 -7.30 21.78
N LEU B 139 35.74 -6.92 22.18
CA LEU B 139 35.26 -7.15 23.54
C LEU B 139 36.02 -6.39 24.63
N SER B 140 36.70 -5.32 24.24
CA SER B 140 37.45 -4.53 25.22
C SER B 140 36.52 -3.80 26.18
N ARG B 141 35.33 -3.44 25.70
CA ARG B 141 34.37 -2.72 26.55
C ARG B 141 33.51 -3.65 27.39
N VAL B 142 33.73 -4.96 27.24
CA VAL B 142 32.99 -5.95 28.00
C VAL B 142 33.65 -6.15 29.36
N ASP B 143 32.92 -5.93 30.45
CA ASP B 143 33.50 -6.14 31.77
C ASP B 143 33.47 -7.65 31.98
N LYS B 144 34.48 -8.34 31.47
CA LYS B 144 34.56 -9.79 31.57
C LYS B 144 34.34 -10.35 32.95
N GLU B 145 34.99 -9.78 33.96
CA GLU B 145 34.84 -10.29 35.32
C GLU B 145 33.43 -10.15 35.87
N ALA B 146 32.76 -9.07 35.47
CA ALA B 146 31.40 -8.82 35.92
C ALA B 146 30.46 -9.87 35.31
N CYS B 147 30.61 -10.11 34.02
CA CYS B 147 29.77 -11.09 33.36
C CYS B 147 29.93 -12.46 33.99
N LEU B 148 31.18 -12.84 34.25
CA LEU B 148 31.46 -14.14 34.85
C LEU B 148 30.87 -14.21 36.25
N ALA B 149 30.91 -13.11 36.99
CA ALA B 149 30.34 -13.08 38.33
C ALA B 149 28.84 -13.29 38.20
N GLY B 150 28.25 -12.61 37.21
CA GLY B 150 26.83 -12.75 36.98
C GLY B 150 26.48 -14.18 36.65
N LEU B 151 27.29 -14.79 35.78
CA LEU B 151 27.07 -16.17 35.37
C LEU B 151 27.07 -17.12 36.58
N ARG B 152 28.12 -17.03 37.39
CA ARG B 152 28.23 -17.89 38.57
C ARG B 152 26.97 -17.84 39.42
N ALA B 153 26.44 -16.63 39.60
CA ALA B 153 25.24 -16.43 40.41
C ALA B 153 24.01 -17.15 39.86
N LEU B 154 24.02 -17.47 38.58
CA LEU B 154 22.89 -18.13 37.96
C LEU B 154 22.85 -19.66 38.11
N GLN B 155 23.97 -20.26 38.49
CA GLN B 155 24.03 -21.71 38.62
C GLN B 155 23.39 -22.24 39.90
N LEU B 156 22.58 -23.29 39.76
CA LEU B 156 21.91 -23.90 40.90
C LEU B 156 22.71 -25.04 41.51
N GLU B 157 22.25 -25.53 42.66
CA GLU B 157 22.93 -26.61 43.34
C GLU B 157 23.07 -27.85 42.45
N ASP B 158 22.06 -28.14 41.64
CA ASP B 158 22.12 -29.31 40.76
C ASP B 158 23.01 -29.13 39.53
N GLY B 159 23.64 -27.97 39.40
CA GLY B 159 24.51 -27.75 38.27
C GLY B 159 23.92 -27.02 37.07
N SER B 160 22.59 -26.96 36.97
CA SER B 160 21.96 -26.26 35.85
C SER B 160 21.96 -24.77 36.13
N PHE B 161 21.45 -23.99 35.17
CA PHE B 161 21.40 -22.54 35.29
C PHE B 161 20.02 -21.93 35.11
N CYS B 162 19.86 -20.73 35.66
CA CYS B 162 18.63 -19.94 35.53
C CYS B 162 19.04 -18.89 34.51
N ALA B 163 18.06 -18.12 34.01
CA ALA B 163 18.37 -17.10 33.02
C ALA B 163 18.63 -15.74 33.66
N VAL B 164 17.98 -15.47 34.79
CA VAL B 164 18.14 -14.20 35.48
C VAL B 164 18.28 -14.39 36.98
N PRO B 165 19.03 -13.51 37.65
CA PRO B 165 19.24 -13.61 39.10
C PRO B 165 17.95 -13.57 39.93
N GLU B 166 16.91 -12.92 39.43
CA GLU B 166 15.65 -12.85 40.18
C GLU B 166 14.95 -14.20 40.19
N GLY B 167 15.42 -15.12 39.35
CA GLY B 167 14.81 -16.44 39.30
C GLY B 167 14.05 -16.69 38.03
N SER B 168 14.05 -17.95 37.59
CA SER B 168 13.35 -18.35 36.37
C SER B 168 13.41 -19.87 36.33
N GLU B 169 12.98 -20.45 35.21
CA GLU B 169 13.04 -21.89 35.06
C GLU B 169 14.53 -22.19 34.85
N ASN B 170 14.94 -23.42 35.11
CA ASN B 170 16.33 -23.80 34.92
C ASN B 170 16.38 -25.10 34.14
N ASP B 171 17.23 -25.15 33.12
CA ASP B 171 17.35 -26.36 32.33
C ASP B 171 18.59 -26.36 31.45
N MET B 172 18.68 -27.37 30.59
CA MET B 172 19.80 -27.54 29.68
C MET B 172 20.07 -26.36 28.77
N ARG B 173 19.01 -25.67 28.34
CA ARG B 173 19.17 -24.52 27.46
C ARG B 173 20.14 -23.51 28.05
N PHE B 174 20.02 -23.26 29.34
CA PHE B 174 20.88 -22.27 29.98
C PHE B 174 22.27 -22.80 30.33
N VAL B 175 22.39 -24.12 30.40
CA VAL B 175 23.68 -24.74 30.64
C VAL B 175 24.50 -24.47 29.38
N TYR B 176 23.84 -24.57 28.22
CA TYR B 176 24.49 -24.32 26.94
C TYR B 176 24.93 -22.86 26.84
N CYS B 177 24.06 -21.95 27.26
CA CYS B 177 24.37 -20.53 27.21
C CYS B 177 25.57 -20.24 28.10
N ALA B 178 25.57 -20.81 29.29
CA ALA B 178 26.67 -20.62 30.23
C ALA B 178 27.97 -21.12 29.60
N SER B 179 27.92 -22.31 28.99
CA SER B 179 29.08 -22.89 28.34
C SER B 179 29.61 -21.99 27.24
N CYS B 180 28.73 -21.45 26.41
CA CYS B 180 29.15 -20.58 25.31
C CYS B 180 29.80 -19.31 25.83
N ILE B 181 29.25 -18.75 26.91
CA ILE B 181 29.79 -17.54 27.47
C ILE B 181 31.21 -17.80 28.00
N CYS B 182 31.38 -18.86 28.78
CA CYS B 182 32.68 -19.21 29.32
C CYS B 182 33.68 -19.44 28.19
N TYR B 183 33.23 -20.10 27.14
CA TYR B 183 34.09 -20.37 26.01
C TYR B 183 34.52 -19.10 25.30
N MET B 184 33.57 -18.20 25.06
CA MET B 184 33.89 -16.95 24.36
C MET B 184 34.77 -16.03 25.20
N LEU B 185 34.54 -16.00 26.51
CA LEU B 185 35.36 -15.15 27.36
C LEU B 185 36.62 -15.93 27.75
N ASN B 186 36.77 -17.10 27.13
CA ASN B 186 37.90 -17.97 27.38
C ASN B 186 38.29 -18.04 28.86
N ASN B 187 37.29 -18.24 29.71
CA ASN B 187 37.49 -18.33 31.15
C ASN B 187 36.33 -19.13 31.73
N TRP B 188 36.61 -20.28 32.33
CA TRP B 188 35.54 -21.09 32.88
C TRP B 188 35.23 -20.87 34.35
N SER B 189 35.68 -19.75 34.90
CA SER B 189 35.40 -19.47 36.30
C SER B 189 33.93 -19.08 36.41
N GLY B 190 33.28 -18.96 35.25
CA GLY B 190 31.87 -18.61 35.22
C GLY B 190 30.95 -19.72 35.69
N MET B 191 31.50 -20.92 35.87
CA MET B 191 30.67 -22.03 36.32
C MET B 191 31.45 -23.10 37.07
N ASP B 192 30.72 -23.90 37.82
CA ASP B 192 31.29 -25.03 38.54
C ASP B 192 31.09 -26.16 37.53
N MET B 193 32.09 -26.32 36.67
CA MET B 193 32.04 -27.32 35.61
C MET B 193 31.69 -28.73 36.05
N LYS B 194 32.18 -29.15 37.21
CA LYS B 194 31.90 -30.49 37.69
C LYS B 194 30.41 -30.67 37.91
N LYS B 195 29.76 -29.68 38.51
CA LYS B 195 28.33 -29.77 38.75
C LYS B 195 27.51 -29.69 37.45
N ALA B 196 27.97 -28.90 36.49
CA ALA B 196 27.27 -28.79 35.22
C ALA B 196 27.30 -30.15 34.52
N ILE B 197 28.48 -30.77 34.48
CA ILE B 197 28.64 -32.08 33.86
C ILE B 197 27.72 -33.09 34.51
N SER B 198 27.62 -33.02 35.83
CA SER B 198 26.75 -33.92 36.56
C SER B 198 25.30 -33.75 36.10
N TYR B 199 24.88 -32.50 35.90
CA TYR B 199 23.52 -32.21 35.45
C TYR B 199 23.29 -32.82 34.07
N ILE B 200 24.26 -32.62 33.18
CA ILE B 200 24.16 -33.15 31.82
C ILE B 200 24.05 -34.67 31.83
N ARG B 201 24.83 -35.34 32.68
CA ARG B 201 24.77 -36.80 32.74
C ARG B 201 23.40 -37.25 33.23
N ARG B 202 22.93 -36.60 34.30
CA ARG B 202 21.64 -36.97 34.88
C ARG B 202 20.46 -36.72 33.96
N SER B 203 20.67 -36.00 32.87
CA SER B 203 19.58 -35.73 31.95
C SER B 203 19.40 -36.82 30.92
N MET B 204 20.35 -37.76 30.86
CA MET B 204 20.23 -38.84 29.88
C MET B 204 19.04 -39.71 30.21
N SER B 205 18.20 -39.95 29.21
CA SER B 205 17.00 -40.75 29.36
C SER B 205 17.23 -42.24 29.12
N TYR B 206 16.22 -43.03 29.43
CA TYR B 206 16.29 -44.47 29.25
C TYR B 206 16.39 -44.78 27.75
N ASP B 207 15.93 -43.86 26.90
CA ASP B 207 16.00 -44.10 25.46
C ASP B 207 17.31 -43.57 24.88
N ASN B 208 18.18 -43.10 25.77
CA ASN B 208 19.51 -42.59 25.43
C ASN B 208 19.69 -41.18 24.91
N GLY B 209 18.59 -40.46 24.68
CA GLY B 209 18.73 -39.09 24.24
C GLY B 209 18.90 -38.28 25.53
N LEU B 210 19.16 -36.98 25.39
CA LEU B 210 19.32 -36.11 26.56
C LEU B 210 18.06 -35.25 26.68
N ALA B 211 17.56 -35.09 27.90
CA ALA B 211 16.35 -34.29 28.12
C ALA B 211 16.74 -32.95 28.72
N GLN B 212 15.76 -32.08 28.93
CA GLN B 212 16.02 -30.76 29.49
C GLN B 212 16.49 -30.89 30.94
N GLY B 213 16.08 -31.99 31.57
CA GLY B 213 16.44 -32.25 32.95
C GLY B 213 16.13 -33.70 33.27
N ALA B 214 16.62 -34.17 34.41
CA ALA B 214 16.41 -35.55 34.83
C ALA B 214 14.95 -36.00 34.81
N GLY B 215 14.70 -37.16 34.21
CA GLY B 215 13.35 -37.70 34.15
C GLY B 215 12.45 -37.22 33.02
N LEU B 216 12.82 -36.10 32.41
CA LEU B 216 12.01 -35.56 31.31
C LEU B 216 12.26 -36.30 29.99
N GLU B 217 11.35 -36.11 29.04
CA GLU B 217 11.45 -36.74 27.71
C GLU B 217 12.67 -36.21 26.96
N SER B 218 13.53 -37.10 26.49
CA SER B 218 14.73 -36.68 25.76
C SER B 218 14.26 -35.90 24.53
N HIS B 219 15.04 -34.90 24.14
CA HIS B 219 14.67 -34.02 23.05
C HIS B 219 15.88 -33.60 22.22
N GLY B 220 15.66 -33.35 20.93
CA GLY B 220 16.75 -32.94 20.05
C GLY B 220 17.44 -31.67 20.49
N GLY B 221 16.68 -30.72 21.02
CA GLY B 221 17.25 -29.46 21.46
C GLY B 221 18.13 -29.63 22.67
N SER B 222 17.64 -30.32 23.70
CA SER B 222 18.42 -30.52 24.92
C SER B 222 19.62 -31.43 24.67
N THR B 223 19.48 -32.38 23.74
CA THR B 223 20.59 -33.27 23.43
C THR B 223 21.71 -32.42 22.81
N PHE B 224 21.33 -31.50 21.94
CA PHE B 224 22.32 -30.61 21.32
C PHE B 224 22.99 -29.80 22.43
N CYS B 225 22.19 -29.18 23.28
CA CYS B 225 22.73 -28.35 24.36
C CYS B 225 23.69 -29.12 25.25
N GLY B 226 23.33 -30.35 25.57
CA GLY B 226 24.19 -31.16 26.42
C GLY B 226 25.49 -31.52 25.74
N ILE B 227 25.39 -32.09 24.54
CA ILE B 227 26.57 -32.47 23.78
C ILE B 227 27.48 -31.29 23.42
N ALA B 228 26.87 -30.21 22.93
CA ALA B 228 27.66 -29.03 22.55
C ALA B 228 28.37 -28.44 23.76
N SER B 229 27.71 -28.45 24.91
CA SER B 229 28.32 -27.91 26.13
C SER B 229 29.57 -28.72 26.46
N LEU B 230 29.45 -30.05 26.42
CA LEU B 230 30.58 -30.91 26.72
C LEU B 230 31.72 -30.67 25.72
N CYS B 231 31.39 -30.51 24.45
CA CYS B 231 32.43 -30.27 23.45
C CYS B 231 33.12 -28.94 23.70
N LEU B 232 32.35 -27.94 24.08
CA LEU B 232 32.93 -26.63 24.37
C LEU B 232 33.87 -26.74 25.57
N MET B 233 33.53 -27.62 26.52
CA MET B 233 34.37 -27.83 27.70
C MET B 233 35.53 -28.76 27.37
N GLY B 234 35.43 -29.42 26.23
CA GLY B 234 36.45 -30.36 25.81
C GLY B 234 36.44 -31.59 26.70
N LYS B 235 35.25 -32.04 27.09
CA LYS B 235 35.14 -33.20 27.96
C LYS B 235 34.13 -34.25 27.50
N LEU B 236 33.81 -34.25 26.20
CA LEU B 236 32.86 -35.20 25.66
C LEU B 236 33.28 -36.64 25.97
N GLU B 237 34.48 -36.98 25.52
CA GLU B 237 35.07 -38.31 25.70
C GLU B 237 35.19 -38.72 27.17
N GLU B 238 35.53 -37.76 28.00
CA GLU B 238 35.71 -37.98 29.42
C GLU B 238 34.41 -38.27 30.17
N VAL B 239 33.32 -37.61 29.76
CA VAL B 239 32.03 -37.78 30.42
C VAL B 239 31.21 -38.98 29.98
N PHE B 240 31.21 -39.28 28.69
CA PHE B 240 30.45 -40.41 28.19
C PHE B 240 31.36 -41.52 27.67
N SER B 241 31.02 -42.76 28.01
CA SER B 241 31.81 -43.89 27.56
C SER B 241 31.52 -44.12 26.08
N GLU B 242 32.35 -44.93 25.43
CA GLU B 242 32.15 -45.21 24.02
C GLU B 242 30.77 -45.83 23.80
N LYS B 243 30.40 -46.74 24.69
CA LYS B 243 29.10 -47.41 24.60
C LYS B 243 27.98 -46.36 24.71
N GLU B 244 28.14 -45.43 25.65
CA GLU B 244 27.15 -44.38 25.86
C GLU B 244 27.02 -43.48 24.62
N LEU B 245 28.16 -43.04 24.09
CA LEU B 245 28.16 -42.21 22.89
C LEU B 245 27.52 -42.94 21.72
N ASN B 246 27.70 -44.26 21.65
CA ASN B 246 27.09 -45.01 20.56
C ASN B 246 25.58 -44.98 20.70
N ARG B 247 25.11 -45.04 21.94
CA ARG B 247 23.67 -45.03 22.20
C ARG B 247 23.07 -43.66 21.87
N ILE B 248 23.80 -42.61 22.21
CA ILE B 248 23.35 -41.25 21.93
C ILE B 248 23.31 -41.05 20.41
N LYS B 249 24.37 -41.50 19.72
CA LYS B 249 24.42 -41.39 18.27
C LYS B 249 23.22 -42.08 17.65
N ARG B 250 22.88 -43.27 18.15
CA ARG B 250 21.74 -44.01 17.63
C ARG B 250 20.47 -43.20 17.81
N TRP B 251 20.29 -42.63 19.00
CA TRP B 251 19.09 -41.85 19.28
C TRP B 251 18.98 -40.67 18.32
N CYS B 252 20.09 -39.96 18.14
CA CYS B 252 20.13 -38.80 17.26
C CYS B 252 19.87 -39.12 15.80
N ILE B 253 20.59 -40.09 15.24
CA ILE B 253 20.39 -40.40 13.83
C ILE B 253 19.01 -40.97 13.54
N MET B 254 18.31 -41.42 14.58
CA MET B 254 16.96 -41.96 14.39
C MET B 254 15.96 -40.82 14.22
N ARG B 255 16.42 -39.58 14.49
CA ARG B 255 15.55 -38.42 14.38
C ARG B 255 15.25 -38.02 12.93
N GLN B 256 16.05 -38.49 11.97
CA GLN B 256 15.80 -38.12 10.59
C GLN B 256 14.66 -38.93 9.95
N GLN B 257 13.69 -38.21 9.41
CA GLN B 257 12.53 -38.80 8.73
C GLN B 257 12.68 -38.47 7.24
N ASN B 258 13.11 -37.23 6.99
CA ASN B 258 13.39 -36.64 5.67
C ASN B 258 14.17 -35.44 6.19
N GLY B 259 13.46 -34.59 6.92
CA GLY B 259 14.09 -33.49 7.61
C GLY B 259 14.23 -34.12 9.00
N TYR B 260 14.34 -33.34 10.06
CA TYR B 260 14.47 -33.94 11.37
C TYR B 260 13.39 -33.48 12.34
N HIS B 261 12.99 -34.37 13.25
CA HIS B 261 12.01 -33.98 14.27
C HIS B 261 12.78 -33.88 15.60
N GLY B 262 12.14 -33.30 16.60
CA GLY B 262 12.81 -33.14 17.88
C GLY B 262 12.70 -34.32 18.85
N ARG B 263 11.71 -35.18 18.62
CA ARG B 263 11.52 -36.35 19.46
C ARG B 263 10.67 -37.40 18.74
N PRO B 264 10.82 -38.67 19.13
CA PRO B 264 10.07 -39.75 18.50
C PRO B 264 8.59 -39.44 18.29
N ASN B 265 8.08 -39.85 17.14
CA ASN B 265 6.68 -39.67 16.78
C ASN B 265 6.14 -38.23 16.70
N LYS B 266 7.02 -37.27 16.49
CA LYS B 266 6.61 -35.87 16.33
C LYS B 266 6.96 -35.45 14.90
N PRO B 267 6.19 -34.52 14.32
CA PRO B 267 6.47 -34.08 12.95
C PRO B 267 7.80 -33.31 12.86
N VAL B 268 8.46 -33.39 11.70
CA VAL B 268 9.74 -32.70 11.51
C VAL B 268 9.56 -31.20 11.53
N ASP B 269 10.66 -30.52 11.87
CA ASP B 269 10.71 -29.06 11.95
C ASP B 269 12.10 -28.68 11.48
N THR B 270 12.15 -27.77 10.52
CA THR B 270 13.41 -27.30 9.94
C THR B 270 14.55 -27.09 10.93
N CYS B 271 14.30 -26.42 12.05
CA CYS B 271 15.38 -26.14 13.00
C CYS B 271 16.11 -27.36 13.52
N TYR B 272 15.47 -28.52 13.51
CA TYR B 272 16.15 -29.71 14.01
C TYR B 272 17.25 -30.18 13.08
N SER B 273 17.22 -29.69 11.85
CA SER B 273 18.26 -30.03 10.89
C SER B 273 19.55 -29.49 11.48
N PHE B 274 19.45 -28.48 12.34
CA PHE B 274 20.64 -27.98 12.98
C PHE B 274 20.81 -28.59 14.37
N TRP B 275 19.77 -28.51 15.20
CA TRP B 275 19.87 -29.06 16.55
C TRP B 275 20.43 -30.48 16.53
N VAL B 276 19.77 -31.36 15.78
CA VAL B 276 20.19 -32.74 15.69
C VAL B 276 21.39 -32.91 14.76
N GLY B 277 21.32 -32.28 13.59
CA GLY B 277 22.42 -32.36 12.63
C GLY B 277 23.74 -31.92 13.23
N ALA B 278 23.72 -30.84 14.00
CA ALA B 278 24.95 -30.35 14.61
C ALA B 278 25.46 -31.34 15.65
N THR B 279 24.53 -32.01 16.34
CA THR B 279 24.91 -32.98 17.36
C THR B 279 25.60 -34.13 16.64
N LEU B 280 24.99 -34.60 15.56
CA LEU B 280 25.56 -35.68 14.78
C LEU B 280 26.96 -35.30 14.27
N LYS B 281 27.10 -34.04 13.89
CA LYS B 281 28.40 -33.54 13.40
C LYS B 281 29.43 -33.61 14.52
N LEU B 282 29.03 -33.18 15.72
CA LEU B 282 29.93 -33.21 16.86
C LEU B 282 30.30 -34.65 17.22
N LEU B 283 29.39 -35.58 16.97
CA LEU B 283 29.64 -36.98 17.27
C LEU B 283 30.29 -37.69 16.08
N LYS B 284 30.65 -36.91 15.07
CA LYS B 284 31.31 -37.41 13.88
C LYS B 284 30.58 -38.42 13.01
N ILE B 285 29.25 -38.40 12.99
CA ILE B 285 28.53 -39.33 12.14
C ILE B 285 27.47 -38.66 11.28
N PHE B 286 27.53 -37.33 11.19
CA PHE B 286 26.54 -36.62 10.37
C PHE B 286 26.75 -37.05 8.93
N GLN B 287 27.99 -37.38 8.61
CA GLN B 287 28.38 -37.83 7.28
C GLN B 287 27.60 -39.06 6.81
N TYR B 288 27.02 -39.80 7.75
CA TYR B 288 26.28 -41.01 7.41
C TYR B 288 24.79 -40.81 7.28
N THR B 289 24.34 -39.56 7.39
CA THR B 289 22.91 -39.27 7.26
C THR B 289 22.59 -39.08 5.78
N ASN B 290 21.32 -39.00 5.47
CA ASN B 290 20.88 -38.79 4.09
C ASN B 290 20.81 -37.28 3.83
N PHE B 291 21.78 -36.75 3.06
CA PHE B 291 21.81 -35.32 2.76
C PHE B 291 20.68 -34.81 1.88
N GLU B 292 20.40 -35.54 0.80
CA GLU B 292 19.38 -35.10 -0.14
C GLU B 292 17.99 -34.89 0.45
N LYS B 293 17.49 -35.86 1.19
CA LYS B 293 16.17 -35.73 1.80
C LYS B 293 16.11 -34.59 2.82
N ASN B 294 17.21 -34.36 3.52
CA ASN B 294 17.27 -33.30 4.51
C ASN B 294 17.25 -31.95 3.80
N ARG B 295 18.10 -31.81 2.79
CA ARG B 295 18.17 -30.58 2.00
C ARG B 295 16.83 -30.27 1.34
N ASN B 296 16.21 -31.29 0.76
CA ASN B 296 14.93 -31.09 0.12
C ASN B 296 13.88 -30.60 1.10
N TYR B 297 13.87 -31.16 2.31
CA TYR B 297 12.89 -30.73 3.29
C TYR B 297 13.12 -29.27 3.71
N ILE B 298 14.36 -28.94 4.08
CA ILE B 298 14.68 -27.59 4.51
C ILE B 298 14.23 -26.57 3.46
N LEU B 299 14.64 -26.80 2.21
CA LEU B 299 14.28 -25.90 1.12
C LEU B 299 12.78 -25.80 0.92
N SER B 300 12.05 -26.86 1.21
CA SER B 300 10.61 -26.83 1.04
C SER B 300 9.91 -25.92 2.06
N THR B 301 10.63 -25.49 3.08
CA THR B 301 10.04 -24.62 4.11
C THR B 301 10.43 -23.17 3.86
N GLN B 302 11.08 -22.96 2.73
CA GLN B 302 11.56 -21.64 2.32
C GLN B 302 10.38 -20.79 1.89
N ASP B 303 10.34 -19.51 2.30
CA ASP B 303 9.26 -18.64 1.87
C ASP B 303 9.79 -17.91 0.64
N ARG B 304 9.37 -18.35 -0.54
CA ARG B 304 9.83 -17.79 -1.81
C ARG B 304 9.46 -16.33 -2.05
N LEU B 305 8.50 -15.82 -1.28
CA LEU B 305 8.06 -14.45 -1.43
C LEU B 305 8.78 -13.49 -0.49
N VAL B 306 8.72 -13.76 0.81
CA VAL B 306 9.36 -12.87 1.79
C VAL B 306 10.77 -13.29 2.19
N GLY B 307 11.14 -14.52 1.87
CA GLY B 307 12.45 -15.01 2.24
C GLY B 307 12.37 -15.66 3.61
N GLY B 308 13.50 -16.14 4.12
CA GLY B 308 13.51 -16.81 5.42
C GLY B 308 12.95 -18.21 5.30
N PHE B 309 12.99 -18.97 6.40
CA PHE B 309 12.46 -20.33 6.43
C PHE B 309 11.45 -20.46 7.56
N ALA B 310 10.52 -21.40 7.40
CA ALA B 310 9.50 -21.67 8.40
C ALA B 310 9.85 -23.04 8.96
N LYS B 311 9.08 -23.52 9.93
CA LYS B 311 9.39 -24.83 10.47
C LYS B 311 8.79 -25.92 9.57
N TRP B 312 7.69 -25.57 8.91
CA TRP B 312 7.01 -26.49 7.99
C TRP B 312 6.73 -25.78 6.68
N PRO B 313 6.53 -26.56 5.60
CA PRO B 313 6.25 -25.92 4.31
C PRO B 313 4.92 -25.16 4.33
N ASP B 314 4.87 -24.07 3.57
CA ASP B 314 3.67 -23.23 3.47
C ASP B 314 3.27 -22.68 4.84
N SER B 315 4.28 -22.39 5.65
CA SER B 315 4.05 -21.84 6.99
C SER B 315 4.78 -20.51 7.10
N HIS B 316 4.44 -19.69 8.09
CA HIS B 316 5.10 -18.40 8.21
C HIS B 316 6.54 -18.50 8.70
N PRO B 317 7.46 -17.79 8.04
CA PRO B 317 8.89 -17.81 8.40
C PRO B 317 9.19 -16.88 9.57
N ASP B 318 10.30 -17.15 10.25
CA ASP B 318 10.74 -16.32 11.35
C ASP B 318 12.26 -16.32 11.38
N ALA B 319 12.83 -15.40 12.12
CA ALA B 319 14.28 -15.28 12.21
C ALA B 319 14.97 -16.56 12.69
N LEU B 320 14.41 -17.19 13.73
CA LEU B 320 15.00 -18.40 14.27
C LEU B 320 15.09 -19.53 13.25
N HIS B 321 13.98 -19.85 12.58
CA HIS B 321 14.01 -20.92 11.61
C HIS B 321 14.77 -20.57 10.33
N ALA B 322 14.87 -19.28 10.04
CA ALA B 322 15.61 -18.85 8.86
C ALA B 322 17.08 -19.11 9.15
N TYR B 323 17.53 -18.72 10.34
CA TYR B 323 18.91 -18.91 10.73
C TYR B 323 19.29 -20.38 10.85
N PHE B 324 18.49 -21.15 11.59
CA PHE B 324 18.80 -22.55 11.76
C PHE B 324 18.64 -23.35 10.48
N GLY B 325 17.74 -22.91 9.60
CA GLY B 325 17.58 -23.61 8.34
C GLY B 325 18.87 -23.42 7.54
N ILE B 326 19.39 -22.20 7.57
CA ILE B 326 20.61 -21.91 6.85
C ILE B 326 21.78 -22.68 7.47
N CYS B 327 21.85 -22.74 8.80
CA CYS B 327 22.93 -23.47 9.45
C CYS B 327 22.81 -24.97 9.15
N GLY B 328 21.57 -25.44 8.98
CA GLY B 328 21.35 -26.83 8.68
C GLY B 328 21.90 -27.12 7.31
N LEU B 329 21.65 -26.21 6.37
CA LEU B 329 22.13 -26.34 5.00
C LEU B 329 23.66 -26.30 5.03
N SER B 330 24.21 -25.41 5.85
CA SER B 330 25.65 -25.27 5.99
C SER B 330 26.32 -26.57 6.40
N LEU B 331 25.64 -27.37 7.21
CA LEU B 331 26.19 -28.63 7.68
C LEU B 331 26.54 -29.55 6.50
N MET B 332 25.78 -29.44 5.41
CA MET B 332 26.02 -30.24 4.22
C MET B 332 26.78 -29.45 3.17
N GLU B 333 27.29 -28.31 3.58
CA GLU B 333 28.04 -27.42 2.71
C GLU B 333 27.29 -26.97 1.47
N GLU B 334 26.25 -26.18 1.70
CA GLU B 334 25.41 -25.64 0.64
C GLU B 334 26.25 -24.63 -0.14
N SER B 335 26.10 -24.62 -1.47
CA SER B 335 26.83 -23.67 -2.31
C SER B 335 26.35 -22.27 -1.99
N GLY B 336 27.21 -21.46 -1.40
CA GLY B 336 26.83 -20.11 -1.08
C GLY B 336 26.68 -19.83 0.41
N ILE B 337 27.02 -20.81 1.26
CA ILE B 337 26.89 -20.65 2.71
C ILE B 337 28.14 -21.07 3.47
N CYS B 338 28.68 -20.19 4.31
CA CYS B 338 29.86 -20.51 5.08
C CYS B 338 29.65 -21.75 5.93
N LYS B 339 30.75 -22.36 6.36
CA LYS B 339 30.69 -23.55 7.21
C LYS B 339 30.38 -23.05 8.61
N VAL B 340 29.48 -23.74 9.31
CA VAL B 340 29.12 -23.34 10.65
C VAL B 340 29.88 -24.14 11.70
N HIS B 341 30.25 -23.46 12.79
CA HIS B 341 30.92 -24.11 13.91
C HIS B 341 29.74 -24.77 14.63
N PRO B 342 29.60 -26.10 14.51
CA PRO B 342 28.50 -26.82 15.15
C PRO B 342 28.33 -26.68 16.65
N ALA B 343 29.36 -26.30 17.38
CA ALA B 343 29.20 -26.20 18.82
C ALA B 343 28.98 -24.78 19.32
N LEU B 344 29.59 -23.82 18.66
CA LEU B 344 29.46 -22.43 19.10
C LEU B 344 28.29 -21.71 18.43
N ASN B 345 27.82 -22.27 17.33
CA ASN B 345 26.69 -21.72 16.59
C ASN B 345 26.97 -20.36 15.96
N VAL B 346 28.15 -20.22 15.37
CA VAL B 346 28.58 -19.02 14.66
C VAL B 346 29.36 -19.56 13.47
N SER B 347 29.69 -18.70 12.51
CA SER B 347 30.44 -19.18 11.35
C SER B 347 31.85 -19.59 11.77
N THR B 348 32.46 -20.52 11.05
CA THR B 348 33.82 -20.94 11.39
C THR B 348 34.72 -19.72 11.28
N ARG B 349 34.40 -18.85 10.32
CA ARG B 349 35.14 -17.61 10.14
C ARG B 349 35.13 -16.83 11.45
N THR B 350 33.95 -16.78 12.08
CA THR B 350 33.79 -16.08 13.34
C THR B 350 34.50 -16.79 14.49
N SER B 351 34.48 -18.12 14.48
CA SER B 351 35.15 -18.89 15.52
C SER B 351 36.66 -18.72 15.36
N GLU B 352 37.12 -18.59 14.12
CA GLU B 352 38.54 -18.38 13.86
C GLU B 352 38.95 -17.01 14.40
N ARG B 353 38.12 -16.01 14.15
CA ARG B 353 38.44 -14.67 14.63
C ARG B 353 38.47 -14.68 16.15
N LEU B 354 37.59 -15.48 16.75
CA LEU B 354 37.54 -15.58 18.20
C LEU B 354 38.84 -16.18 18.72
N ARG B 355 39.40 -17.13 17.96
CA ARG B 355 40.67 -17.76 18.34
C ARG B 355 41.74 -16.68 18.43
N ASP B 356 41.84 -15.86 17.38
CA ASP B 356 42.84 -14.79 17.35
C ASP B 356 42.69 -13.93 18.59
N LEU B 357 41.46 -13.49 18.85
CA LEU B 357 41.17 -12.66 20.00
C LEU B 357 41.71 -13.28 21.29
N HIS B 358 41.47 -14.57 21.47
CA HIS B 358 41.94 -15.25 22.66
C HIS B 358 43.46 -15.22 22.72
N GLN B 359 44.10 -15.49 21.59
CA GLN B 359 45.56 -15.48 21.52
C GLN B 359 46.04 -14.08 21.91
N SER B 360 45.53 -13.07 21.22
CA SER B 360 45.94 -11.69 21.50
C SER B 360 45.78 -11.28 22.96
N TRP B 361 44.81 -11.86 23.67
CA TRP B 361 44.62 -11.50 25.08
C TRP B 361 45.74 -12.10 25.93
N LYS B 362 46.13 -13.33 25.60
CA LYS B 362 47.20 -14.03 26.33
C LYS B 362 48.56 -13.44 25.97
N THR B 363 48.88 -12.30 26.58
CA THR B 363 50.16 -11.61 26.37
C THR B 363 50.45 -10.74 27.58
N PHE C 55 -7.20 61.06 -40.38
CA PHE C 55 -6.89 62.53 -40.46
C PHE C 55 -7.01 63.25 -39.11
N LEU C 56 -8.17 63.84 -38.85
CA LEU C 56 -8.39 64.60 -37.62
C LEU C 56 -8.65 63.72 -36.41
N SER C 57 -7.64 63.58 -35.55
CA SER C 57 -7.74 62.77 -34.34
C SER C 57 -8.85 63.21 -33.38
N LEU C 58 -9.33 62.27 -32.55
CA LEU C 58 -10.40 62.57 -31.59
C LEU C 58 -10.00 63.40 -30.37
N ASP C 59 -8.70 63.51 -30.13
CA ASP C 59 -8.20 64.30 -29.00
C ASP C 59 -7.34 65.46 -29.49
N SER C 60 -7.38 65.71 -30.80
CA SER C 60 -6.62 66.82 -31.36
C SER C 60 -7.27 68.09 -30.87
N PRO C 61 -6.45 69.11 -30.57
CA PRO C 61 -7.00 70.39 -30.10
C PRO C 61 -8.00 70.92 -31.12
N THR C 62 -7.70 70.71 -32.39
CA THR C 62 -8.55 71.18 -33.49
C THR C 62 -9.64 70.23 -33.97
N TYR C 63 -10.02 69.27 -33.14
CA TYR C 63 -11.07 68.33 -33.50
C TYR C 63 -12.41 69.04 -33.59
N VAL C 64 -13.19 68.73 -34.61
CA VAL C 64 -14.49 69.34 -34.81
C VAL C 64 -15.57 68.29 -34.91
N LEU C 65 -16.68 68.51 -34.20
CA LEU C 65 -17.80 67.58 -34.26
C LEU C 65 -18.24 67.47 -35.71
N TYR C 66 -18.82 66.32 -36.07
CA TYR C 66 -19.27 66.11 -37.43
C TYR C 66 -20.44 67.02 -37.76
N ARG C 67 -21.18 67.42 -36.72
CA ARG C 67 -22.32 68.31 -36.92
C ARG C 67 -21.86 69.69 -37.40
N ASP C 68 -20.59 70.01 -37.13
CA ASP C 68 -20.03 71.29 -37.52
C ASP C 68 -19.06 71.20 -38.70
N ARG C 69 -19.04 70.06 -39.37
CA ARG C 69 -18.15 69.90 -40.52
C ARG C 69 -18.97 70.16 -41.79
N ALA C 70 -18.43 70.99 -42.67
CA ALA C 70 -19.10 71.33 -43.92
C ALA C 70 -19.29 70.10 -44.82
N GLU C 71 -18.28 69.24 -44.89
CA GLU C 71 -18.36 68.04 -45.73
C GLU C 71 -19.51 67.13 -45.32
N TRP C 72 -20.06 67.33 -44.13
CA TRP C 72 -21.16 66.50 -43.64
C TRP C 72 -22.46 67.25 -43.51
N ALA C 73 -22.54 68.42 -44.14
CA ALA C 73 -23.74 69.24 -44.07
C ALA C 73 -24.93 68.58 -44.76
N ASP C 74 -24.68 67.91 -45.88
CA ASP C 74 -25.75 67.25 -46.62
C ASP C 74 -26.41 66.10 -45.88
N ILE C 75 -25.67 65.48 -44.95
CA ILE C 75 -26.17 64.34 -44.19
C ILE C 75 -26.97 64.71 -42.95
N ASP C 76 -28.07 63.99 -42.75
CA ASP C 76 -28.93 64.18 -41.60
C ASP C 76 -28.59 63.08 -40.59
N PRO C 77 -28.01 63.45 -39.45
CA PRO C 77 -27.66 62.44 -38.44
C PRO C 77 -28.86 61.62 -37.96
N VAL C 78 -28.61 60.36 -37.62
CA VAL C 78 -29.64 59.45 -37.12
C VAL C 78 -29.36 59.10 -35.67
N PRO C 79 -30.29 59.45 -34.77
CA PRO C 79 -30.13 59.18 -33.34
C PRO C 79 -30.58 57.78 -32.91
N GLN C 80 -30.05 57.33 -31.78
CA GLN C 80 -30.39 56.04 -31.21
C GLN C 80 -31.55 56.29 -30.26
N ASN C 81 -32.54 55.41 -30.28
CA ASN C 81 -33.69 55.55 -29.39
C ASN C 81 -34.09 54.23 -28.74
N ASP C 82 -33.91 54.16 -27.43
CA ASP C 82 -34.22 52.94 -26.69
C ASP C 82 -35.68 52.89 -26.25
N GLY C 83 -36.50 53.75 -26.81
CA GLY C 83 -37.91 53.76 -26.44
C GLY C 83 -38.18 54.40 -25.09
N PRO C 84 -39.41 54.29 -24.57
CA PRO C 84 -39.86 54.85 -23.29
C PRO C 84 -39.04 54.52 -22.05
N SER C 85 -38.82 53.22 -21.82
CA SER C 85 -38.06 52.77 -20.67
C SER C 85 -36.83 51.99 -21.11
N PRO C 86 -35.68 52.67 -21.23
CA PRO C 86 -34.44 52.00 -21.65
C PRO C 86 -33.82 51.11 -20.56
N VAL C 87 -33.24 49.98 -20.98
CA VAL C 87 -32.61 49.05 -20.06
C VAL C 87 -31.11 49.02 -20.36
N VAL C 88 -30.29 48.95 -19.30
CA VAL C 88 -28.84 48.93 -19.44
C VAL C 88 -28.41 50.02 -20.42
N GLN C 89 -28.93 51.22 -20.16
CA GLN C 89 -28.64 52.38 -20.99
C GLN C 89 -27.32 53.02 -20.63
N ILE C 90 -26.45 53.16 -21.62
CA ILE C 90 -25.14 53.77 -21.44
C ILE C 90 -25.22 55.24 -21.85
N ILE C 91 -24.72 56.13 -21.00
CA ILE C 91 -24.75 57.55 -21.33
C ILE C 91 -23.52 57.89 -22.16
N TYR C 92 -23.72 58.69 -23.21
CA TYR C 92 -22.63 59.04 -24.09
C TYR C 92 -22.28 60.52 -24.08
N SER C 93 -20.99 60.82 -24.25
CA SER C 93 -20.53 62.19 -24.29
C SER C 93 -20.98 62.79 -25.62
N GLU C 94 -20.95 64.11 -25.72
CA GLU C 94 -21.34 64.81 -26.93
C GLU C 94 -20.55 64.27 -28.12
N LYS C 95 -19.23 64.18 -27.93
CA LYS C 95 -18.32 63.71 -28.95
C LYS C 95 -18.66 62.31 -29.45
N PHE C 96 -18.91 61.41 -28.50
CA PHE C 96 -19.24 60.02 -28.80
C PHE C 96 -20.56 59.91 -29.57
N ARG C 97 -21.60 60.52 -29.02
CA ARG C 97 -22.91 60.49 -29.65
C ARG C 97 -22.88 61.11 -31.04
N ASP C 98 -22.04 62.12 -31.21
CA ASP C 98 -21.91 62.81 -32.48
C ASP C 98 -21.37 61.86 -33.56
N VAL C 99 -20.26 61.18 -33.24
CA VAL C 99 -19.67 60.26 -34.19
C VAL C 99 -20.65 59.16 -34.61
N TYR C 100 -21.31 58.55 -33.63
CA TYR C 100 -22.26 57.49 -33.94
C TYR C 100 -23.56 57.94 -34.56
N ASP C 101 -23.97 59.18 -34.33
CA ASP C 101 -25.20 59.66 -34.95
C ASP C 101 -24.97 59.75 -36.46
N TYR C 102 -23.73 60.07 -36.85
CA TYR C 102 -23.42 60.16 -38.26
C TYR C 102 -23.09 58.78 -38.81
N PHE C 103 -22.56 57.91 -37.96
CA PHE C 103 -22.27 56.56 -38.41
C PHE C 103 -23.58 55.89 -38.80
N ARG C 104 -24.61 56.06 -37.98
CA ARG C 104 -25.91 55.48 -38.27
C ARG C 104 -26.46 56.00 -39.59
N ALA C 105 -26.26 57.29 -39.84
CA ALA C 105 -26.72 57.91 -41.07
C ALA C 105 -26.07 57.26 -42.28
N VAL C 106 -24.75 57.18 -42.24
CA VAL C 106 -23.99 56.57 -43.33
C VAL C 106 -24.36 55.09 -43.53
N LEU C 107 -24.55 54.36 -42.44
CA LEU C 107 -24.92 52.94 -42.53
C LEU C 107 -26.29 52.77 -43.15
N GLN C 108 -27.26 53.49 -42.61
CA GLN C 108 -28.63 53.43 -43.08
C GLN C 108 -28.75 53.64 -44.57
N ARG C 109 -27.88 54.46 -45.12
CA ARG C 109 -27.92 54.75 -46.55
C ARG C 109 -26.89 53.95 -47.32
N ASP C 110 -26.18 53.10 -46.61
CA ASP C 110 -25.16 52.27 -47.24
C ASP C 110 -24.27 53.10 -48.17
N GLU C 111 -23.84 54.26 -47.68
CA GLU C 111 -22.99 55.15 -48.45
C GLU C 111 -21.54 54.65 -48.52
N ARG C 112 -21.12 54.19 -49.69
CA ARG C 112 -19.76 53.69 -49.87
C ARG C 112 -18.81 54.84 -50.23
N SER C 113 -18.68 55.82 -49.33
CA SER C 113 -17.82 56.97 -49.59
C SER C 113 -16.52 56.98 -48.83
N GLU C 114 -15.63 57.89 -49.22
CA GLU C 114 -14.34 58.04 -48.56
C GLU C 114 -14.52 58.68 -47.20
N ARG C 115 -15.49 59.59 -47.09
CA ARG C 115 -15.73 60.25 -45.82
C ARG C 115 -16.25 59.23 -44.80
N ALA C 116 -17.06 58.27 -45.28
CA ALA C 116 -17.61 57.23 -44.42
C ALA C 116 -16.46 56.35 -43.94
N PHE C 117 -15.53 56.04 -44.83
CA PHE C 117 -14.40 55.21 -44.47
C PHE C 117 -13.64 55.85 -43.31
N LYS C 118 -13.43 57.16 -43.41
CA LYS C 118 -12.70 57.89 -42.36
C LYS C 118 -13.52 57.94 -41.08
N LEU C 119 -14.84 57.98 -41.22
CA LEU C 119 -15.72 58.00 -40.07
C LEU C 119 -15.60 56.71 -39.26
N THR C 120 -15.41 55.58 -39.93
CA THR C 120 -15.29 54.30 -39.24
C THR C 120 -14.06 54.27 -38.35
N ARG C 121 -13.02 54.99 -38.76
CA ARG C 121 -11.80 55.02 -37.95
C ARG C 121 -12.12 55.63 -36.58
N ASP C 122 -12.98 56.65 -36.56
CA ASP C 122 -13.34 57.31 -35.32
C ASP C 122 -14.28 56.43 -34.50
N ALA C 123 -15.22 55.78 -35.18
CA ALA C 123 -16.17 54.91 -34.52
C ALA C 123 -15.42 53.77 -33.85
N ILE C 124 -14.40 53.27 -34.52
CA ILE C 124 -13.61 52.18 -33.97
C ILE C 124 -12.81 52.64 -32.77
N GLU C 125 -12.28 53.87 -32.82
CA GLU C 125 -11.50 54.36 -31.70
C GLU C 125 -12.41 54.50 -30.47
N LEU C 126 -13.67 54.85 -30.70
CA LEU C 126 -14.63 55.01 -29.62
C LEU C 126 -15.11 53.66 -29.05
N ASN C 127 -15.23 52.67 -29.92
CA ASN C 127 -15.68 51.34 -29.53
C ASN C 127 -15.26 50.27 -30.55
N ALA C 128 -14.11 49.65 -30.30
CA ALA C 128 -13.59 48.62 -31.18
C ALA C 128 -14.35 47.30 -31.10
N ALA C 129 -15.34 47.21 -30.22
CA ALA C 129 -16.09 45.97 -30.06
C ALA C 129 -17.35 45.95 -30.90
N ASN C 130 -17.60 47.02 -31.63
CA ASN C 130 -18.78 47.09 -32.47
C ASN C 130 -18.54 46.37 -33.79
N TYR C 131 -18.97 45.11 -33.87
CA TYR C 131 -18.77 44.28 -35.07
C TYR C 131 -19.38 44.85 -36.34
N THR C 132 -20.50 45.56 -36.24
CA THR C 132 -21.11 46.14 -37.41
C THR C 132 -20.17 47.18 -38.03
N VAL C 133 -19.51 47.97 -37.19
CA VAL C 133 -18.57 48.96 -37.69
C VAL C 133 -17.47 48.28 -38.48
N TRP C 134 -16.92 47.20 -37.95
CA TRP C 134 -15.85 46.48 -38.65
C TRP C 134 -16.33 45.88 -39.97
N HIS C 135 -17.58 45.41 -39.99
CA HIS C 135 -18.09 44.83 -41.21
C HIS C 135 -18.20 45.91 -42.27
N PHE C 136 -18.80 47.04 -41.89
CA PHE C 136 -18.95 48.14 -42.83
C PHE C 136 -17.59 48.61 -43.32
N ARG C 137 -16.62 48.69 -42.43
CA ARG C 137 -15.30 49.11 -42.85
C ARG C 137 -14.77 48.16 -43.92
N ARG C 138 -15.04 46.86 -43.76
CA ARG C 138 -14.58 45.89 -44.74
C ARG C 138 -15.30 46.08 -46.07
N VAL C 139 -16.59 46.42 -46.01
CA VAL C 139 -17.37 46.67 -47.21
C VAL C 139 -16.71 47.84 -47.95
N LEU C 140 -16.39 48.90 -47.21
CA LEU C 140 -15.75 50.07 -47.79
C LEU C 140 -14.36 49.75 -48.32
N LEU C 141 -13.59 48.93 -47.61
CA LEU C 141 -12.25 48.58 -48.08
C LEU C 141 -12.33 47.98 -49.48
N ARG C 142 -13.39 47.23 -49.75
CA ARG C 142 -13.56 46.61 -51.05
C ARG C 142 -14.10 47.62 -52.05
N SER C 143 -15.23 48.25 -51.73
CA SER C 143 -15.82 49.26 -52.61
C SER C 143 -14.84 50.31 -53.08
N LEU C 144 -14.08 50.89 -52.16
CA LEU C 144 -13.11 51.94 -52.49
C LEU C 144 -11.76 51.36 -52.90
N GLN C 145 -11.66 50.05 -52.94
CA GLN C 145 -10.41 49.40 -53.31
C GLN C 145 -9.21 50.04 -52.61
N LYS C 146 -9.28 50.12 -51.29
CA LYS C 146 -8.22 50.71 -50.49
C LYS C 146 -7.00 49.81 -50.42
N ASP C 147 -5.85 50.41 -50.13
CA ASP C 147 -4.62 49.65 -50.03
C ASP C 147 -4.71 48.72 -48.80
N LEU C 148 -4.76 47.42 -49.05
CA LEU C 148 -4.87 46.46 -47.95
C LEU C 148 -3.61 46.33 -47.13
N GLN C 149 -2.47 46.67 -47.72
CA GLN C 149 -1.21 46.58 -46.98
C GLN C 149 -1.21 47.64 -45.88
N GLU C 150 -1.89 48.75 -46.16
CA GLU C 150 -1.99 49.85 -45.21
C GLU C 150 -2.94 49.44 -44.09
N GLU C 151 -4.01 48.73 -44.44
CA GLU C 151 -4.98 48.28 -43.45
C GLU C 151 -4.32 47.26 -42.52
N MET C 152 -3.34 46.53 -43.03
CA MET C 152 -2.64 45.56 -42.20
C MET C 152 -1.88 46.28 -41.10
N ASN C 153 -1.28 47.43 -41.42
CA ASN C 153 -0.54 48.19 -40.43
C ASN C 153 -1.52 48.69 -39.37
N TYR C 154 -2.68 49.15 -39.83
CA TYR C 154 -3.72 49.65 -38.95
C TYR C 154 -4.17 48.60 -37.94
N ILE C 155 -4.62 47.46 -38.45
CA ILE C 155 -5.10 46.40 -37.59
C ILE C 155 -3.96 45.86 -36.71
N ILE C 156 -2.74 45.91 -37.20
CA ILE C 156 -1.62 45.42 -36.39
C ILE C 156 -1.46 46.26 -35.12
N ALA C 157 -1.67 47.56 -35.23
CA ALA C 157 -1.55 48.44 -34.07
C ALA C 157 -2.75 48.25 -33.15
N ILE C 158 -3.95 48.18 -33.73
CA ILE C 158 -5.18 47.99 -32.95
C ILE C 158 -5.11 46.73 -32.09
N ILE C 159 -4.68 45.62 -32.68
CA ILE C 159 -4.60 44.37 -31.96
C ILE C 159 -3.61 44.44 -30.79
N GLU C 160 -2.48 45.11 -30.98
CA GLU C 160 -1.49 45.22 -29.91
C GLU C 160 -2.11 45.93 -28.70
N GLU C 161 -3.01 46.88 -28.97
CA GLU C 161 -3.66 47.61 -27.90
C GLU C 161 -4.84 46.84 -27.29
N GLN C 162 -5.47 45.96 -28.07
CA GLN C 162 -6.61 45.18 -27.60
C GLN C 162 -6.50 43.73 -28.05
N PRO C 163 -5.47 43.01 -27.58
CA PRO C 163 -5.22 41.62 -27.93
C PRO C 163 -6.29 40.60 -27.57
N LYS C 164 -7.29 40.98 -26.80
CA LYS C 164 -8.33 40.04 -26.41
C LYS C 164 -9.67 40.34 -27.07
N ASN C 165 -9.66 41.23 -28.05
CA ASN C 165 -10.87 41.62 -28.77
C ASN C 165 -11.13 40.66 -29.95
N TYR C 166 -12.28 40.01 -29.96
CA TYR C 166 -12.62 39.07 -31.04
C TYR C 166 -12.72 39.73 -32.42
N GLN C 167 -13.34 40.90 -32.49
CA GLN C 167 -13.49 41.59 -33.76
C GLN C 167 -12.19 41.93 -34.49
N VAL C 168 -11.17 42.38 -33.73
CA VAL C 168 -9.92 42.74 -34.37
C VAL C 168 -9.18 41.53 -34.93
N TRP C 169 -9.26 40.40 -34.25
CA TRP C 169 -8.59 39.21 -34.78
C TRP C 169 -9.32 38.69 -36.01
N HIS C 170 -10.64 38.81 -36.01
CA HIS C 170 -11.42 38.34 -37.15
C HIS C 170 -11.09 39.23 -38.35
N HIS C 171 -10.99 40.53 -38.12
CA HIS C 171 -10.67 41.47 -39.17
C HIS C 171 -9.33 41.12 -39.81
N ARG C 172 -8.32 40.87 -38.98
CA ARG C 172 -7.01 40.53 -39.51
C ARG C 172 -7.05 39.27 -40.34
N ARG C 173 -7.84 38.29 -39.89
CA ARG C 173 -7.92 37.04 -40.63
C ARG C 173 -8.55 37.25 -42.00
N VAL C 174 -9.59 38.08 -42.08
CA VAL C 174 -10.21 38.33 -43.35
C VAL C 174 -9.20 38.99 -44.28
N LEU C 175 -8.42 39.94 -43.76
CA LEU C 175 -7.40 40.63 -44.56
C LEU C 175 -6.37 39.66 -45.11
N VAL C 176 -5.86 38.78 -44.25
CA VAL C 176 -4.87 37.82 -44.70
C VAL C 176 -5.45 36.90 -45.78
N GLU C 177 -6.74 36.58 -45.67
CA GLU C 177 -7.40 35.73 -46.67
C GLU C 177 -7.46 36.50 -47.99
N TRP C 178 -7.84 37.77 -47.93
CA TRP C 178 -7.91 38.61 -49.12
C TRP C 178 -6.56 38.72 -49.82
N LEU C 179 -5.52 39.01 -49.06
CA LEU C 179 -4.18 39.18 -49.62
C LEU C 179 -3.49 37.88 -49.96
N LYS C 180 -3.96 36.77 -49.41
CA LYS C 180 -3.32 35.47 -49.62
C LYS C 180 -1.84 35.61 -49.29
N ASP C 181 -1.53 36.52 -48.37
CA ASP C 181 -0.17 36.80 -47.94
C ASP C 181 0.01 36.58 -46.43
N PRO C 182 0.69 35.49 -46.04
CA PRO C 182 0.90 35.21 -44.63
C PRO C 182 2.29 35.59 -44.12
N SER C 183 3.08 36.22 -44.98
CA SER C 183 4.47 36.58 -44.65
C SER C 183 4.72 37.36 -43.35
N GLN C 184 3.75 38.15 -42.90
CA GLN C 184 3.89 38.92 -41.67
C GLN C 184 3.41 38.20 -40.41
N GLU C 185 2.46 37.28 -40.61
CA GLU C 185 1.81 36.56 -39.52
C GLU C 185 2.61 35.92 -38.40
N LEU C 186 3.46 34.95 -38.70
CA LEU C 186 4.21 34.30 -37.64
C LEU C 186 4.99 35.23 -36.72
N GLU C 187 5.58 36.28 -37.29
CA GLU C 187 6.35 37.23 -36.50
C GLU C 187 5.42 38.12 -35.66
N PHE C 188 4.31 38.54 -36.26
CA PHE C 188 3.36 39.39 -35.54
C PHE C 188 2.80 38.66 -34.33
N ILE C 189 2.40 37.41 -34.54
CA ILE C 189 1.86 36.59 -33.47
C ILE C 189 2.91 36.35 -32.38
N ALA C 190 4.15 36.11 -32.79
CA ALA C 190 5.21 35.88 -31.82
C ALA C 190 5.37 37.11 -30.92
N ASP C 191 5.11 38.30 -31.46
CA ASP C 191 5.21 39.52 -30.69
C ASP C 191 4.08 39.59 -29.66
N ILE C 192 2.87 39.26 -30.09
CA ILE C 192 1.72 39.28 -29.20
C ILE C 192 1.94 38.24 -28.10
N LEU C 193 2.38 37.05 -28.51
CA LEU C 193 2.63 35.99 -27.56
C LEU C 193 3.75 36.35 -26.61
N ASN C 194 4.50 37.38 -26.95
CA ASN C 194 5.59 37.80 -26.09
C ASN C 194 5.07 38.62 -24.94
N GLN C 195 3.91 39.24 -25.11
CA GLN C 195 3.31 40.03 -24.06
C GLN C 195 2.32 39.17 -23.24
N ASP C 196 1.88 38.05 -23.84
CA ASP C 196 0.97 37.11 -23.19
C ASP C 196 1.08 35.77 -23.92
N ALA C 197 1.94 34.90 -23.41
CA ALA C 197 2.18 33.60 -24.01
C ALA C 197 1.01 32.65 -24.01
N LYS C 198 -0.12 33.07 -23.43
CA LYS C 198 -1.29 32.18 -23.37
C LYS C 198 -2.53 32.77 -24.00
N ASN C 199 -2.37 33.87 -24.72
CA ASN C 199 -3.50 34.52 -25.39
C ASN C 199 -4.14 33.51 -26.37
N TYR C 200 -5.35 33.08 -26.05
CA TYR C 200 -6.05 32.08 -26.86
C TYR C 200 -6.27 32.54 -28.31
N HIS C 201 -6.56 33.84 -28.48
CA HIS C 201 -6.80 34.40 -29.81
C HIS C 201 -5.55 34.29 -30.68
N ALA C 202 -4.40 34.57 -30.09
CA ALA C 202 -3.14 34.52 -30.82
C ALA C 202 -2.84 33.11 -31.29
N TRP C 203 -2.96 32.14 -30.37
CA TRP C 203 -2.68 30.76 -30.74
C TRP C 203 -3.65 30.26 -31.81
N GLN C 204 -4.90 30.68 -31.73
CA GLN C 204 -5.90 30.26 -32.71
C GLN C 204 -5.51 30.77 -34.09
N HIS C 205 -5.18 32.06 -34.15
CA HIS C 205 -4.80 32.69 -35.40
C HIS C 205 -3.53 32.03 -35.93
N ARG C 206 -2.60 31.72 -35.05
CA ARG C 206 -1.36 31.10 -35.46
C ARG C 206 -1.61 29.72 -36.07
N GLN C 207 -2.55 28.96 -35.50
CA GLN C 207 -2.83 27.64 -36.04
C GLN C 207 -3.53 27.78 -37.38
N TRP C 208 -4.39 28.77 -37.52
CA TRP C 208 -5.09 28.99 -38.77
C TRP C 208 -4.10 29.31 -39.90
N VAL C 209 -3.22 30.25 -39.65
CA VAL C 209 -2.22 30.64 -40.63
C VAL C 209 -1.35 29.46 -41.03
N ILE C 210 -0.81 28.76 -40.05
CA ILE C 210 0.06 27.63 -40.35
C ILE C 210 -0.64 26.57 -41.20
N GLN C 211 -1.88 26.27 -40.85
CA GLN C 211 -2.64 25.27 -41.58
C GLN C 211 -3.02 25.74 -42.98
N GLU C 212 -3.55 26.95 -43.05
CA GLU C 212 -4.00 27.54 -44.32
C GLU C 212 -2.90 27.75 -45.36
N PHE C 213 -1.70 28.11 -44.92
CA PHE C 213 -0.62 28.35 -45.86
C PHE C 213 0.53 27.36 -45.73
N ARG C 214 0.26 26.24 -45.08
CA ARG C 214 1.24 25.18 -44.87
C ARG C 214 2.61 25.70 -44.44
N LEU C 215 2.65 26.37 -43.29
CA LEU C 215 3.90 26.92 -42.75
C LEU C 215 4.36 26.12 -41.54
N TRP C 216 4.48 24.81 -41.69
CA TRP C 216 4.89 23.94 -40.59
C TRP C 216 6.40 23.90 -40.32
N ASP C 217 7.19 24.14 -41.35
CA ASP C 217 8.65 24.09 -41.29
C ASP C 217 9.36 24.48 -40.01
N ASN C 218 9.00 25.61 -39.40
CA ASN C 218 9.70 26.06 -38.20
C ASN C 218 8.93 26.08 -36.89
N GLU C 219 7.68 25.64 -36.89
CA GLU C 219 6.90 25.69 -35.68
C GLU C 219 7.41 24.80 -34.53
N LEU C 220 7.86 23.60 -34.84
CA LEU C 220 8.36 22.72 -33.79
C LEU C 220 9.56 23.32 -33.07
N GLN C 221 10.30 24.16 -33.79
CA GLN C 221 11.47 24.81 -33.22
C GLN C 221 10.99 25.96 -32.33
N TYR C 222 9.93 26.64 -32.78
CA TYR C 222 9.35 27.74 -32.02
C TYR C 222 8.79 27.20 -30.72
N VAL C 223 8.16 26.04 -30.80
CA VAL C 223 7.58 25.39 -29.66
C VAL C 223 8.68 25.04 -28.66
N ASP C 224 9.78 24.47 -29.15
CA ASP C 224 10.90 24.11 -28.29
C ASP C 224 11.46 25.34 -27.56
N GLN C 225 11.50 26.46 -28.26
CA GLN C 225 12.00 27.70 -27.69
C GLN C 225 11.11 28.18 -26.55
N LEU C 226 9.79 28.14 -26.76
CA LEU C 226 8.86 28.59 -25.74
C LEU C 226 8.75 27.65 -24.55
N LEU C 227 8.98 26.36 -24.76
CA LEU C 227 8.91 25.42 -23.65
C LEU C 227 10.13 25.61 -22.75
N LYS C 228 11.19 26.21 -23.28
CA LYS C 228 12.37 26.48 -22.47
C LYS C 228 12.08 27.71 -21.64
N GLU C 229 11.35 28.67 -22.20
CA GLU C 229 11.01 29.89 -21.47
C GLU C 229 10.04 29.62 -20.32
N ASP C 230 9.14 28.65 -20.52
CA ASP C 230 8.14 28.30 -19.51
C ASP C 230 7.55 26.93 -19.84
N VAL C 231 8.14 25.88 -19.27
CA VAL C 231 7.71 24.52 -19.52
C VAL C 231 6.29 24.24 -19.01
N ARG C 232 5.71 25.20 -18.29
CA ARG C 232 4.36 25.04 -17.76
C ARG C 232 3.28 25.63 -18.66
N ASN C 233 3.67 26.29 -19.75
CA ASN C 233 2.68 26.89 -20.64
C ASN C 233 1.89 25.79 -21.37
N ASN C 234 0.65 25.58 -20.92
CA ASN C 234 -0.21 24.56 -21.49
C ASN C 234 -0.47 24.79 -22.99
N SER C 235 -0.50 26.07 -23.39
CA SER C 235 -0.74 26.44 -24.78
C SER C 235 0.35 25.93 -25.70
N VAL C 236 1.59 25.98 -25.24
CA VAL C 236 2.72 25.54 -26.04
C VAL C 236 2.72 24.02 -26.20
N TRP C 237 2.39 23.29 -25.15
CA TRP C 237 2.34 21.84 -25.25
C TRP C 237 1.25 21.47 -26.26
N ASN C 238 0.19 22.25 -26.30
CA ASN C 238 -0.89 21.97 -27.23
C ASN C 238 -0.38 22.19 -28.65
N GLN C 239 0.40 23.26 -28.83
CA GLN C 239 0.95 23.57 -30.15
C GLN C 239 1.88 22.46 -30.61
N ARG C 240 2.64 21.90 -29.68
CA ARG C 240 3.56 20.83 -30.02
C ARG C 240 2.80 19.67 -30.63
N HIS C 241 1.71 19.27 -29.99
CA HIS C 241 0.92 18.15 -30.49
C HIS C 241 0.27 18.53 -31.84
N PHE C 242 -0.08 19.79 -31.98
CA PHE C 242 -0.69 20.31 -33.20
C PHE C 242 0.28 20.16 -34.38
N VAL C 243 1.53 20.58 -34.18
CA VAL C 243 2.55 20.50 -35.21
C VAL C 243 2.83 19.05 -35.60
N ILE C 244 3.18 18.24 -34.60
CA ILE C 244 3.51 16.86 -34.87
C ILE C 244 2.39 16.04 -35.50
N SER C 245 1.18 16.09 -34.95
CA SER C 245 0.12 15.27 -35.52
C SER C 245 -0.30 15.72 -36.92
N ASN C 246 0.09 16.93 -37.30
CA ASN C 246 -0.24 17.45 -38.62
C ASN C 246 0.91 17.35 -39.63
N THR C 247 2.04 16.83 -39.18
CA THR C 247 3.17 16.65 -40.07
C THR C 247 3.49 15.15 -40.11
N THR C 248 4.41 14.72 -39.27
CA THR C 248 4.80 13.30 -39.25
C THR C 248 3.75 12.37 -38.63
N GLY C 249 3.02 12.85 -37.63
CA GLY C 249 2.05 11.99 -36.98
C GLY C 249 2.81 11.26 -35.88
N TYR C 250 2.14 10.40 -35.12
CA TYR C 250 2.83 9.66 -34.05
C TYR C 250 2.95 8.17 -34.31
N SER C 251 2.48 7.73 -35.48
CA SER C 251 2.53 6.30 -35.84
C SER C 251 3.96 5.85 -36.12
N ASP C 252 4.85 6.80 -36.38
CA ASP C 252 6.25 6.48 -36.62
C ASP C 252 6.93 6.25 -35.27
N ARG C 253 7.22 4.99 -34.95
CA ARG C 253 7.83 4.65 -33.68
C ARG C 253 9.05 5.48 -33.30
N ALA C 254 9.76 5.99 -34.29
CA ALA C 254 10.94 6.81 -34.00
C ALA C 254 10.49 8.16 -33.45
N VAL C 255 9.37 8.65 -33.99
CA VAL C 255 8.82 9.93 -33.54
C VAL C 255 8.22 9.77 -32.14
N LEU C 256 7.41 8.74 -31.97
CA LEU C 256 6.79 8.48 -30.68
C LEU C 256 7.85 8.41 -29.59
N GLU C 257 8.91 7.64 -29.86
CA GLU C 257 9.99 7.49 -28.90
C GLU C 257 10.65 8.83 -28.59
N ARG C 258 10.93 9.59 -29.63
CA ARG C 258 11.56 10.89 -29.45
C ARG C 258 10.71 11.77 -28.54
N GLU C 259 9.40 11.75 -28.77
CA GLU C 259 8.46 12.56 -27.99
C GLU C 259 8.30 12.10 -26.55
N VAL C 260 8.15 10.79 -26.35
CA VAL C 260 8.02 10.27 -25.01
C VAL C 260 9.27 10.58 -24.22
N GLN C 261 10.42 10.47 -24.89
CA GLN C 261 11.70 10.73 -24.25
C GLN C 261 11.81 12.21 -23.88
N TYR C 262 11.43 13.07 -24.83
CA TYR C 262 11.47 14.52 -24.63
C TYR C 262 10.63 14.95 -23.44
N THR C 263 9.42 14.38 -23.34
CA THR C 263 8.50 14.71 -22.27
C THR C 263 9.05 14.27 -20.92
N LEU C 264 9.55 13.04 -20.85
CA LEU C 264 10.12 12.53 -19.60
C LEU C 264 11.25 13.45 -19.14
N GLU C 265 12.01 14.01 -20.08
CA GLU C 265 13.10 14.91 -19.73
C GLU C 265 12.51 16.17 -19.11
N MET C 266 11.43 16.68 -19.69
CA MET C 266 10.78 17.88 -19.18
C MET C 266 10.16 17.62 -17.82
N ILE C 267 9.58 16.43 -17.66
CA ILE C 267 8.98 16.06 -16.39
C ILE C 267 10.05 15.99 -15.30
N LYS C 268 11.21 15.45 -15.64
CA LYS C 268 12.32 15.36 -14.68
C LYS C 268 12.74 16.76 -14.22
N LEU C 269 12.68 17.74 -15.11
CA LEU C 269 13.06 19.11 -14.77
C LEU C 269 12.04 19.78 -13.85
N VAL C 270 10.76 19.52 -14.09
CA VAL C 270 9.69 20.09 -13.29
C VAL C 270 8.61 19.02 -13.19
N PRO C 271 8.76 18.09 -12.24
CA PRO C 271 7.82 16.99 -12.01
C PRO C 271 6.35 17.36 -11.75
N HIS C 272 6.11 18.51 -11.15
CA HIS C 272 4.73 18.93 -10.90
C HIS C 272 4.26 19.85 -12.02
N ASN C 273 3.93 19.23 -13.16
CA ASN C 273 3.49 19.98 -14.32
C ASN C 273 2.44 19.17 -15.07
N GLU C 274 1.18 19.52 -14.86
CA GLU C 274 0.08 18.80 -15.49
C GLU C 274 0.17 18.74 -17.02
N SER C 275 0.59 19.85 -17.63
CA SER C 275 0.71 19.91 -19.08
C SER C 275 1.61 18.83 -19.66
N ALA C 276 2.79 18.66 -19.06
CA ALA C 276 3.73 17.65 -19.54
C ALA C 276 3.13 16.26 -19.40
N TRP C 277 2.56 15.97 -18.24
CA TRP C 277 1.96 14.67 -18.03
C TRP C 277 0.78 14.42 -18.95
N ASN C 278 -0.02 15.46 -19.22
CA ASN C 278 -1.17 15.29 -20.10
C ASN C 278 -0.73 14.96 -21.53
N TYR C 279 0.38 15.55 -21.94
CA TYR C 279 0.92 15.30 -23.28
C TYR C 279 1.37 13.85 -23.36
N LEU C 280 2.17 13.43 -22.38
CA LEU C 280 2.66 12.06 -22.33
C LEU C 280 1.52 11.06 -22.42
N LYS C 281 0.50 11.23 -21.57
CA LYS C 281 -0.63 10.33 -21.59
C LYS C 281 -1.42 10.49 -22.90
N GLY C 282 -1.50 11.72 -23.38
CA GLY C 282 -2.24 11.98 -24.60
C GLY C 282 -1.74 11.23 -25.81
N ILE C 283 -0.43 11.19 -26.02
CA ILE C 283 0.13 10.52 -27.18
C ILE C 283 0.22 9.00 -27.04
N LEU C 284 -0.08 8.47 -25.87
CA LEU C 284 -0.01 7.02 -25.66
C LEU C 284 -1.33 6.34 -25.33
N GLN C 285 -2.27 7.08 -24.76
CA GLN C 285 -3.54 6.50 -24.34
C GLN C 285 -4.33 5.72 -25.39
N ASP C 286 -4.31 6.16 -26.64
CA ASP C 286 -5.06 5.45 -27.65
C ASP C 286 -4.32 4.23 -28.20
N ARG C 287 -3.00 4.21 -28.05
CA ARG C 287 -2.22 3.07 -28.51
C ARG C 287 -2.36 1.98 -27.44
N GLY C 288 -2.62 2.40 -26.20
CA GLY C 288 -2.77 1.47 -25.10
C GLY C 288 -1.61 1.58 -24.12
N LEU C 289 -1.85 2.23 -22.99
CA LEU C 289 -0.79 2.41 -22.00
C LEU C 289 -0.13 1.13 -21.50
N SER C 290 -0.89 0.03 -21.46
CA SER C 290 -0.34 -1.23 -21.00
C SER C 290 0.62 -1.90 -22.00
N ARG C 291 0.70 -1.39 -23.22
CA ARG C 291 1.57 -2.00 -24.21
C ARG C 291 3.02 -1.50 -24.14
N TYR C 292 3.33 -0.70 -23.13
CA TYR C 292 4.69 -0.16 -22.97
C TYR C 292 5.32 -0.55 -21.64
N PRO C 293 5.75 -1.81 -21.52
CA PRO C 293 6.38 -2.35 -20.30
C PRO C 293 7.53 -1.54 -19.69
N ASN C 294 8.38 -0.94 -20.52
CA ASN C 294 9.50 -0.16 -19.99
C ASN C 294 9.04 1.15 -19.37
N LEU C 295 7.94 1.68 -19.88
CA LEU C 295 7.42 2.93 -19.37
C LEU C 295 6.95 2.71 -17.94
N LEU C 296 6.24 1.60 -17.71
CA LEU C 296 5.75 1.30 -16.37
C LEU C 296 6.92 1.28 -15.39
N ASN C 297 7.96 0.52 -15.73
CA ASN C 297 9.13 0.41 -14.86
C ASN C 297 9.82 1.74 -14.64
N GLN C 298 10.01 2.50 -15.71
CA GLN C 298 10.68 3.79 -15.61
C GLN C 298 9.91 4.78 -14.73
N LEU C 299 8.58 4.69 -14.72
CA LEU C 299 7.77 5.59 -13.90
C LEU C 299 7.84 5.13 -12.44
N LEU C 300 7.74 3.82 -12.23
CA LEU C 300 7.82 3.28 -10.87
C LEU C 300 9.16 3.67 -10.24
N ASP C 301 10.17 3.89 -11.08
CA ASP C 301 11.48 4.24 -10.59
C ASP C 301 11.60 5.73 -10.29
N LEU C 302 10.62 6.52 -10.73
CA LEU C 302 10.63 7.95 -10.47
C LEU C 302 9.87 8.25 -9.19
N GLN C 303 8.95 7.33 -8.84
CA GLN C 303 8.11 7.48 -7.65
C GLN C 303 8.88 7.92 -6.41
N PRO C 304 10.05 7.31 -6.16
CA PRO C 304 10.86 7.66 -4.99
C PRO C 304 11.13 9.16 -4.82
N SER C 305 11.73 9.78 -5.83
CA SER C 305 12.05 11.21 -5.76
C SER C 305 11.08 12.12 -6.52
N HIS C 306 11.04 11.96 -7.85
CA HIS C 306 10.18 12.78 -8.71
C HIS C 306 8.69 12.43 -8.66
N SER C 307 8.16 12.10 -7.48
CA SER C 307 6.75 11.76 -7.37
C SER C 307 5.86 13.01 -7.43
N SER C 308 4.60 12.79 -7.81
CA SER C 308 3.60 13.84 -7.92
C SER C 308 2.27 13.16 -8.15
N PRO C 309 1.16 13.86 -7.88
CA PRO C 309 -0.13 13.22 -8.10
C PRO C 309 -0.32 12.82 -9.57
N TYR C 310 0.29 13.60 -10.47
CA TYR C 310 0.19 13.30 -11.90
C TYR C 310 0.80 11.94 -12.21
N LEU C 311 1.94 11.65 -11.59
CA LEU C 311 2.62 10.37 -11.80
C LEU C 311 1.76 9.22 -11.26
N ILE C 312 1.25 9.39 -10.05
CA ILE C 312 0.41 8.35 -9.43
C ILE C 312 -0.81 8.07 -10.31
N ALA C 313 -1.41 9.14 -10.81
CA ALA C 313 -2.59 9.00 -11.65
C ALA C 313 -2.25 8.23 -12.92
N PHE C 314 -1.08 8.51 -13.49
CA PHE C 314 -0.64 7.83 -14.70
C PHE C 314 -0.51 6.34 -14.40
N LEU C 315 0.08 6.00 -13.26
CA LEU C 315 0.24 4.60 -12.88
C LEU C 315 -1.13 3.91 -12.80
N VAL C 316 -2.10 4.59 -12.18
CA VAL C 316 -3.44 4.03 -12.05
C VAL C 316 -4.02 3.75 -13.43
N ASP C 317 -3.83 4.70 -14.35
CA ASP C 317 -4.34 4.55 -15.70
C ASP C 317 -3.67 3.38 -16.42
N ILE C 318 -2.38 3.17 -16.18
CA ILE C 318 -1.69 2.05 -16.80
C ILE C 318 -2.32 0.77 -16.29
N TYR C 319 -2.46 0.66 -14.97
CA TYR C 319 -3.05 -0.52 -14.38
C TYR C 319 -4.45 -0.76 -14.90
N GLU C 320 -5.24 0.31 -15.05
CA GLU C 320 -6.59 0.13 -15.55
C GLU C 320 -6.57 -0.38 -16.97
N ASP C 321 -5.64 0.11 -17.79
CA ASP C 321 -5.58 -0.36 -19.17
C ASP C 321 -5.25 -1.86 -19.16
N MET C 322 -4.42 -2.29 -18.22
CA MET C 322 -4.07 -3.69 -18.11
C MET C 322 -5.33 -4.50 -17.81
N LEU C 323 -6.08 -4.09 -16.79
CA LEU C 323 -7.31 -4.77 -16.39
C LEU C 323 -8.28 -4.82 -17.56
N GLU C 324 -8.22 -3.81 -18.41
CA GLU C 324 -9.10 -3.70 -19.57
C GLU C 324 -8.76 -4.75 -20.63
N ASN C 325 -7.50 -5.18 -20.65
CA ASN C 325 -7.06 -6.16 -21.63
C ASN C 325 -6.70 -7.51 -21.01
N GLN C 326 -7.63 -8.05 -20.22
CA GLN C 326 -7.47 -9.34 -19.54
C GLN C 326 -6.02 -9.74 -19.31
N CYS C 327 -5.35 -9.04 -18.40
CA CYS C 327 -3.95 -9.30 -18.08
C CYS C 327 -3.81 -10.47 -17.10
N ASP C 328 -2.57 -10.81 -16.78
CA ASP C 328 -2.28 -11.88 -15.83
C ASP C 328 -2.23 -11.27 -14.44
N ASN C 329 -2.77 -11.97 -13.45
CA ASN C 329 -2.80 -11.49 -12.06
C ASN C 329 -3.82 -10.37 -11.92
N LYS C 330 -4.94 -10.50 -12.63
CA LYS C 330 -5.98 -9.48 -12.60
C LYS C 330 -6.26 -8.94 -11.21
N GLU C 331 -6.43 -9.83 -10.23
CA GLU C 331 -6.72 -9.38 -8.87
C GLU C 331 -5.54 -8.67 -8.23
N ASP C 332 -4.34 -9.08 -8.60
CA ASP C 332 -3.14 -8.46 -8.04
C ASP C 332 -2.96 -7.04 -8.59
N ILE C 333 -3.25 -6.86 -9.86
CA ILE C 333 -3.14 -5.57 -10.52
C ILE C 333 -4.18 -4.61 -9.94
N LEU C 334 -5.43 -5.09 -9.85
CA LEU C 334 -6.52 -4.30 -9.31
C LEU C 334 -6.16 -3.72 -7.95
N ASN C 335 -5.50 -4.51 -7.11
CA ASN C 335 -5.14 -4.03 -5.79
C ASN C 335 -4.02 -2.98 -5.81
N LYS C 336 -3.19 -3.02 -6.85
CA LYS C 336 -2.11 -2.05 -6.98
C LYS C 336 -2.74 -0.70 -7.34
N ALA C 337 -3.81 -0.77 -8.14
CA ALA C 337 -4.54 0.42 -8.57
C ALA C 337 -5.27 1.05 -7.38
N LEU C 338 -6.01 0.21 -6.65
CA LEU C 338 -6.78 0.67 -5.49
C LEU C 338 -5.85 1.28 -4.45
N GLU C 339 -4.68 0.67 -4.29
CA GLU C 339 -3.72 1.17 -3.32
C GLU C 339 -3.29 2.59 -3.71
N LEU C 340 -3.13 2.80 -5.02
CA LEU C 340 -2.73 4.12 -5.52
C LEU C 340 -3.89 5.13 -5.43
N CYS C 341 -5.10 4.69 -5.74
CA CYS C 341 -6.24 5.59 -5.63
C CYS C 341 -6.36 6.12 -4.20
N GLU C 342 -6.23 5.22 -3.22
CA GLU C 342 -6.32 5.61 -1.82
C GLU C 342 -5.17 6.56 -1.45
N ILE C 343 -4.00 6.34 -2.01
CA ILE C 343 -2.85 7.20 -1.71
C ILE C 343 -3.14 8.61 -2.23
N LEU C 344 -3.79 8.68 -3.40
CA LEU C 344 -4.14 9.96 -4.00
C LEU C 344 -5.16 10.68 -3.12
N ALA C 345 -6.22 9.96 -2.75
CA ALA C 345 -7.28 10.49 -1.90
C ALA C 345 -6.82 10.91 -0.51
N LYS C 346 -6.08 10.02 0.15
CA LYS C 346 -5.60 10.27 1.51
C LYS C 346 -4.45 11.26 1.67
N GLU C 347 -3.52 11.32 0.73
CA GLU C 347 -2.40 12.26 0.91
C GLU C 347 -1.79 13.01 -0.27
N LYS C 348 -1.82 12.44 -1.48
CA LYS C 348 -1.21 13.13 -2.62
C LYS C 348 -2.07 14.13 -3.39
N ASP C 349 -3.38 13.90 -3.44
CA ASP C 349 -4.29 14.77 -4.16
C ASP C 349 -5.60 14.85 -3.37
N THR C 350 -5.49 15.25 -2.11
CA THR C 350 -6.63 15.31 -1.20
C THR C 350 -7.86 16.12 -1.62
N ILE C 351 -7.65 17.21 -2.37
CA ILE C 351 -8.77 18.02 -2.80
C ILE C 351 -9.75 17.20 -3.63
N ARG C 352 -9.26 16.10 -4.21
CA ARG C 352 -10.08 15.24 -5.04
C ARG C 352 -10.32 13.88 -4.38
N LYS C 353 -10.17 13.86 -3.05
CA LYS C 353 -10.36 12.63 -2.28
C LYS C 353 -11.64 11.89 -2.60
N GLU C 354 -12.76 12.60 -2.67
CA GLU C 354 -14.01 11.92 -2.98
C GLU C 354 -14.00 11.36 -4.39
N TYR C 355 -13.31 12.05 -5.31
CA TYR C 355 -13.22 11.60 -6.70
C TYR C 355 -12.39 10.32 -6.80
N TRP C 356 -11.22 10.35 -6.19
CA TRP C 356 -10.33 9.19 -6.23
C TRP C 356 -10.97 7.96 -5.59
N ARG C 357 -11.69 8.15 -4.49
CA ARG C 357 -12.37 7.04 -3.85
C ARG C 357 -13.45 6.51 -4.79
N TYR C 358 -14.07 7.42 -5.52
CA TYR C 358 -15.11 7.06 -6.49
C TYR C 358 -14.49 6.23 -7.62
N ILE C 359 -13.29 6.63 -8.04
CA ILE C 359 -12.59 5.90 -9.09
C ILE C 359 -12.26 4.49 -8.58
N GLY C 360 -11.80 4.42 -7.33
CA GLY C 360 -11.49 3.15 -6.74
C GLY C 360 -12.68 2.21 -6.76
N ARG C 361 -13.81 2.66 -6.21
CA ARG C 361 -15.02 1.86 -6.18
C ARG C 361 -15.40 1.38 -7.57
N SER C 362 -15.21 2.25 -8.56
CA SER C 362 -15.54 1.91 -9.94
C SER C 362 -14.68 0.79 -10.48
N LEU C 363 -13.41 0.77 -10.07
CA LEU C 363 -12.49 -0.28 -10.49
C LEU C 363 -12.88 -1.59 -9.83
N GLN C 364 -13.25 -1.53 -8.56
CA GLN C 364 -13.68 -2.69 -7.78
C GLN C 364 -14.83 -3.41 -8.46
N SER C 365 -15.93 -2.68 -8.62
CA SER C 365 -17.14 -3.21 -9.22
C SER C 365 -17.02 -3.58 -10.70
N LYS C 366 -15.89 -3.34 -11.31
CA LYS C 366 -15.75 -3.69 -12.72
C LYS C 366 -14.76 -4.82 -12.94
N HIS C 367 -13.88 -5.06 -11.97
CA HIS C 367 -12.89 -6.11 -12.08
C HIS C 367 -12.77 -6.97 -10.81
N SER C 368 -13.75 -7.84 -10.56
CA SER C 368 -13.72 -8.70 -9.36
C SER C 368 -14.48 -10.01 -9.54
N LEU D 18 -16.33 34.00 4.40
CA LEU D 18 -17.25 35.15 4.63
C LEU D 18 -18.69 34.79 4.29
N ASP D 19 -19.57 35.79 4.35
CA ASP D 19 -20.99 35.58 4.09
C ASP D 19 -21.46 36.14 2.75
N PHE D 20 -22.54 35.56 2.25
CA PHE D 20 -23.12 35.97 0.99
C PHE D 20 -24.00 37.21 1.13
N LEU D 21 -23.49 38.35 0.67
CA LEU D 21 -24.20 39.62 0.74
C LEU D 21 -25.36 39.70 -0.27
N ARG D 22 -26.38 38.85 -0.10
CA ARG D 22 -27.50 38.82 -1.03
C ARG D 22 -28.12 40.15 -1.41
N ASP D 23 -28.46 40.97 -0.42
CA ASP D 23 -29.07 42.26 -0.71
C ASP D 23 -28.19 43.12 -1.60
N ARG D 24 -26.91 43.19 -1.24
CA ARG D 24 -25.95 43.98 -1.99
C ARG D 24 -25.90 43.54 -3.47
N HIS D 25 -26.06 42.24 -3.70
CA HIS D 25 -26.04 41.72 -5.07
C HIS D 25 -27.34 42.07 -5.78
N VAL D 26 -28.44 42.14 -5.04
CA VAL D 26 -29.71 42.49 -5.66
C VAL D 26 -29.60 43.93 -6.17
N ARG D 27 -29.02 44.81 -5.36
CA ARG D 27 -28.85 46.20 -5.75
C ARG D 27 -27.92 46.30 -6.96
N PHE D 28 -26.84 45.55 -6.93
CA PHE D 28 -25.87 45.54 -8.03
C PHE D 28 -26.56 45.21 -9.34
N PHE D 29 -27.42 44.21 -9.34
CA PHE D 29 -28.12 43.83 -10.57
C PHE D 29 -29.14 44.88 -10.98
N GLN D 30 -29.77 45.53 -10.02
CA GLN D 30 -30.75 46.56 -10.31
C GLN D 30 -30.05 47.71 -11.02
N ARG D 31 -28.86 48.04 -10.53
CA ARG D 31 -28.07 49.12 -11.11
C ARG D 31 -27.62 48.79 -12.53
N CYS D 32 -27.45 47.51 -12.84
CA CYS D 32 -27.04 47.11 -14.18
C CYS D 32 -28.15 47.40 -15.18
N LEU D 33 -29.39 47.25 -14.74
CA LEU D 33 -30.55 47.49 -15.61
C LEU D 33 -30.86 48.97 -15.81
N GLN D 34 -30.20 49.83 -15.03
CA GLN D 34 -30.46 51.24 -15.13
C GLN D 34 -29.54 52.02 -16.06
N VAL D 35 -28.78 52.97 -15.53
CA VAL D 35 -27.90 53.77 -16.38
C VAL D 35 -26.43 53.57 -16.08
N LEU D 36 -25.61 53.45 -17.11
CA LEU D 36 -24.17 53.25 -16.94
C LEU D 36 -23.35 54.40 -17.50
N PRO D 37 -22.17 54.67 -16.88
CA PRO D 37 -21.25 55.73 -17.30
C PRO D 37 -20.67 55.43 -18.69
N GLU D 38 -20.26 56.47 -19.42
CA GLU D 38 -19.71 56.30 -20.75
C GLU D 38 -18.54 55.31 -20.81
N ARG D 39 -17.92 55.04 -19.66
CA ARG D 39 -16.78 54.13 -19.62
C ARG D 39 -17.19 52.70 -19.96
N TYR D 40 -18.48 52.46 -20.13
CA TYR D 40 -18.97 51.12 -20.46
C TYR D 40 -19.49 51.01 -21.90
N SER D 41 -19.10 51.99 -22.73
CA SER D 41 -19.49 52.08 -24.13
C SER D 41 -19.28 50.81 -24.95
N SER D 42 -18.23 50.05 -24.65
CA SER D 42 -17.95 48.83 -25.40
C SER D 42 -18.98 47.74 -25.18
N LEU D 43 -19.94 47.99 -24.29
CA LEU D 43 -20.99 47.02 -24.00
C LEU D 43 -22.24 47.30 -24.84
N GLU D 44 -22.21 48.42 -25.56
CA GLU D 44 -23.33 48.82 -26.39
C GLU D 44 -23.95 47.72 -27.24
N THR D 45 -23.14 47.05 -28.06
CA THR D 45 -23.71 46.00 -28.93
C THR D 45 -24.05 44.69 -28.23
N SER D 46 -23.94 44.66 -26.92
CA SER D 46 -24.28 43.45 -26.18
C SER D 46 -24.99 43.78 -24.87
N ARG D 47 -25.77 44.86 -24.90
CA ARG D 47 -26.51 45.28 -23.73
C ARG D 47 -27.54 44.23 -23.33
N LEU D 48 -28.04 43.49 -24.31
CA LEU D 48 -29.03 42.47 -24.04
C LEU D 48 -28.46 41.35 -23.16
N THR D 49 -27.18 41.02 -23.33
CA THR D 49 -26.58 39.98 -22.50
C THR D 49 -26.31 40.51 -21.09
N ILE D 50 -26.12 41.82 -20.96
CA ILE D 50 -25.91 42.41 -19.65
C ILE D 50 -27.25 42.35 -18.92
N ALA D 51 -28.32 42.60 -19.67
CA ALA D 51 -29.66 42.55 -19.11
C ALA D 51 -29.92 41.13 -18.63
N PHE D 52 -29.47 40.15 -19.43
CA PHE D 52 -29.62 38.75 -19.10
C PHE D 52 -28.95 38.41 -17.77
N PHE D 53 -27.70 38.82 -17.59
CA PHE D 53 -27.00 38.55 -16.35
C PHE D 53 -27.75 39.17 -15.17
N ALA D 54 -28.29 40.36 -15.37
CA ALA D 54 -29.02 41.07 -14.32
C ALA D 54 -30.38 40.44 -14.03
N LEU D 55 -31.17 40.18 -15.07
CA LEU D 55 -32.49 39.59 -14.89
C LEU D 55 -32.40 38.18 -14.36
N SER D 56 -31.63 37.33 -15.03
CA SER D 56 -31.46 35.95 -14.59
C SER D 56 -30.78 35.95 -13.21
N GLY D 57 -30.00 36.97 -12.93
CA GLY D 57 -29.34 37.06 -11.65
C GLY D 57 -30.35 37.38 -10.56
N LEU D 58 -31.27 38.28 -10.86
CA LEU D 58 -32.30 38.65 -9.90
C LEU D 58 -33.26 37.48 -9.69
N ASP D 59 -33.50 36.72 -10.76
CA ASP D 59 -34.37 35.55 -10.70
C ASP D 59 -33.74 34.53 -9.77
N MET D 60 -32.44 34.33 -9.94
CA MET D 60 -31.69 33.37 -9.13
C MET D 60 -31.73 33.77 -7.65
N LEU D 61 -31.87 35.06 -7.40
CA LEU D 61 -31.93 35.56 -6.02
C LEU D 61 -33.38 35.80 -5.62
N ASP D 62 -34.30 35.37 -6.48
CA ASP D 62 -35.73 35.51 -6.23
C ASP D 62 -36.12 36.98 -5.91
N SER D 63 -35.70 37.91 -6.76
CA SER D 63 -35.97 39.34 -6.60
C SER D 63 -36.45 39.99 -7.87
N LEU D 64 -37.07 39.23 -8.77
CA LEU D 64 -37.53 39.81 -10.01
C LEU D 64 -38.61 40.87 -9.79
N ASP D 65 -39.21 40.90 -8.60
CA ASP D 65 -40.25 41.89 -8.35
C ASP D 65 -39.76 43.33 -8.26
N VAL D 66 -38.43 43.53 -8.21
CA VAL D 66 -37.89 44.88 -8.12
C VAL D 66 -37.76 45.56 -9.48
N VAL D 67 -38.25 44.91 -10.53
CA VAL D 67 -38.18 45.49 -11.87
C VAL D 67 -39.55 45.43 -12.54
N ASN D 68 -39.80 46.33 -13.48
CA ASN D 68 -41.07 46.32 -14.19
C ASN D 68 -40.93 45.33 -15.34
N LYS D 69 -41.38 44.10 -15.10
CA LYS D 69 -41.28 43.06 -16.11
C LYS D 69 -41.89 43.49 -17.45
N ASP D 70 -42.96 44.26 -17.37
CA ASP D 70 -43.64 44.70 -18.58
C ASP D 70 -42.82 45.64 -19.45
N ASP D 71 -42.18 46.63 -18.82
CA ASP D 71 -41.37 47.57 -19.57
C ASP D 71 -40.20 46.86 -20.26
N ILE D 72 -39.52 46.00 -19.50
CA ILE D 72 -38.38 45.27 -20.04
C ILE D 72 -38.77 44.32 -21.17
N ILE D 73 -39.93 43.69 -21.05
CA ILE D 73 -40.39 42.79 -22.10
C ILE D 73 -40.57 43.55 -23.42
N GLU D 74 -41.06 44.78 -23.34
CA GLU D 74 -41.26 45.59 -24.54
C GLU D 74 -39.91 45.98 -25.13
N TRP D 75 -38.97 46.33 -24.26
CA TRP D 75 -37.63 46.72 -24.71
C TRP D 75 -36.98 45.55 -25.45
N ILE D 76 -37.11 44.35 -24.89
CA ILE D 76 -36.53 43.16 -25.51
C ILE D 76 -37.15 42.93 -26.87
N TYR D 77 -38.48 43.04 -26.96
CA TYR D 77 -39.15 42.82 -28.22
C TYR D 77 -38.78 43.86 -29.27
N SER D 78 -38.32 45.03 -28.83
CA SER D 78 -37.93 46.09 -29.75
C SER D 78 -36.60 45.71 -30.38
N LEU D 79 -35.95 44.68 -29.83
CA LEU D 79 -34.66 44.22 -30.34
C LEU D 79 -34.77 43.07 -31.33
N GLN D 80 -35.99 42.57 -31.54
CA GLN D 80 -36.16 41.48 -32.48
C GLN D 80 -36.14 41.95 -33.94
N VAL D 81 -35.32 41.29 -34.75
CA VAL D 81 -35.24 41.59 -36.16
C VAL D 81 -36.32 40.73 -36.81
N LEU D 82 -37.43 41.37 -37.17
CA LEU D 82 -38.55 40.67 -37.79
C LEU D 82 -38.43 40.65 -39.30
N PRO D 83 -39.05 39.66 -39.94
CA PRO D 83 -38.98 39.60 -41.40
C PRO D 83 -39.77 40.76 -42.03
N THR D 84 -39.25 41.29 -43.13
CA THR D 84 -39.90 42.38 -43.84
C THR D 84 -41.15 41.88 -44.58
N GLU D 85 -41.96 42.81 -45.08
CA GLU D 85 -43.18 42.47 -45.80
C GLU D 85 -42.94 41.37 -46.84
N ASP D 86 -41.92 41.58 -47.68
CA ASP D 86 -41.58 40.61 -48.73
C ASP D 86 -40.76 39.42 -48.22
N ARG D 87 -40.60 39.32 -46.90
CA ARG D 87 -39.86 38.25 -46.27
C ARG D 87 -38.55 37.89 -46.98
N SER D 88 -37.82 38.91 -47.41
CA SER D 88 -36.56 38.69 -48.12
C SER D 88 -35.34 38.77 -47.19
N ASN D 89 -35.59 38.82 -45.88
CA ASN D 89 -34.49 38.92 -44.93
C ASN D 89 -34.57 37.87 -43.83
N LEU D 90 -35.17 36.72 -44.15
CA LEU D 90 -35.31 35.64 -43.17
C LEU D 90 -33.98 35.18 -42.61
N ASP D 91 -32.99 35.05 -43.49
CA ASP D 91 -31.66 34.62 -43.11
C ASP D 91 -30.96 35.56 -42.14
N ARG D 92 -31.61 36.67 -41.80
CA ARG D 92 -31.00 37.64 -40.91
C ARG D 92 -31.82 37.93 -39.66
N CYS D 93 -32.87 37.14 -39.43
CA CYS D 93 -33.72 37.37 -38.27
C CYS D 93 -33.17 36.79 -36.98
N GLY D 94 -33.64 37.35 -35.87
CA GLY D 94 -33.20 36.93 -34.55
C GLY D 94 -33.30 38.17 -33.66
N PHE D 95 -32.32 38.40 -32.79
CA PHE D 95 -32.35 39.57 -31.93
C PHE D 95 -31.08 40.40 -31.99
N ARG D 96 -31.22 41.72 -31.79
CA ARG D 96 -30.08 42.63 -31.80
C ARG D 96 -29.61 42.74 -30.37
N GLY D 97 -28.37 43.17 -30.18
CA GLY D 97 -27.85 43.33 -28.83
C GLY D 97 -28.36 44.62 -28.22
N SER D 98 -28.72 45.56 -29.08
CA SER D 98 -29.25 46.86 -28.66
C SER D 98 -29.76 47.61 -29.88
N SER D 99 -30.13 48.87 -29.69
CA SER D 99 -30.65 49.69 -30.78
C SER D 99 -29.60 50.61 -31.40
N TYR D 100 -28.33 50.23 -31.32
CA TYR D 100 -27.26 51.07 -31.86
C TYR D 100 -27.37 51.42 -33.35
N LEU D 101 -28.22 50.72 -34.11
CA LEU D 101 -28.35 51.04 -35.53
C LEU D 101 -29.27 52.22 -35.81
N GLY D 102 -30.05 52.61 -34.83
CA GLY D 102 -30.94 53.74 -35.03
C GLY D 102 -32.29 53.39 -35.63
N ILE D 103 -32.65 52.12 -35.62
CA ILE D 103 -33.94 51.72 -36.16
C ILE D 103 -35.02 52.17 -35.17
N PRO D 104 -36.08 52.80 -35.69
CA PRO D 104 -37.19 53.30 -34.86
C PRO D 104 -37.82 52.25 -33.94
N PHE D 105 -37.94 52.61 -32.66
CA PHE D 105 -38.51 51.74 -31.64
C PHE D 105 -39.80 51.05 -32.10
N ASN D 106 -39.79 49.72 -32.06
CA ASN D 106 -40.94 48.92 -32.47
C ASN D 106 -40.94 47.60 -31.71
N PRO D 107 -41.73 47.49 -30.63
CA PRO D 107 -41.81 46.27 -29.82
C PRO D 107 -42.49 45.09 -30.52
N SER D 108 -41.92 44.71 -31.66
CA SER D 108 -42.44 43.60 -32.46
C SER D 108 -43.93 43.76 -32.75
N LYS D 109 -44.32 44.97 -33.14
CA LYS D 109 -45.71 45.27 -33.47
C LYS D 109 -45.89 45.25 -34.98
N ASN D 110 -45.48 46.34 -35.65
CA ASN D 110 -45.60 46.41 -37.11
C ASN D 110 -44.58 45.47 -37.77
N PRO D 111 -44.58 45.42 -39.12
CA PRO D 111 -43.64 44.54 -39.82
C PRO D 111 -42.19 45.00 -39.60
N GLY D 112 -41.26 44.48 -40.40
CA GLY D 112 -39.87 44.87 -40.24
C GLY D 112 -39.38 45.99 -41.13
N THR D 113 -38.76 47.01 -40.53
CA THR D 113 -38.22 48.15 -41.28
C THR D 113 -36.89 47.76 -41.94
N ALA D 114 -36.92 47.51 -43.25
CA ALA D 114 -35.73 47.12 -44.01
C ALA D 114 -34.52 48.02 -43.76
N HIS D 115 -33.36 47.40 -43.57
CA HIS D 115 -32.12 48.12 -43.32
C HIS D 115 -30.98 47.25 -43.83
N PRO D 116 -30.08 47.81 -44.63
CA PRO D 116 -28.92 47.13 -45.23
C PRO D 116 -28.02 46.33 -44.30
N TYR D 117 -27.91 46.75 -43.05
CA TYR D 117 -27.03 46.07 -42.10
C TYR D 117 -27.65 45.60 -40.79
N ASP D 118 -28.97 45.56 -40.73
CA ASP D 118 -29.64 45.10 -39.53
C ASP D 118 -29.94 43.62 -39.57
N SER D 119 -29.41 42.89 -38.60
CA SER D 119 -29.62 41.47 -38.51
C SER D 119 -29.37 41.03 -37.08
N GLY D 120 -29.75 39.80 -36.75
CA GLY D 120 -29.56 39.32 -35.39
C GLY D 120 -28.16 38.84 -35.08
N HIS D 121 -27.93 38.59 -33.80
CA HIS D 121 -26.65 38.09 -33.32
C HIS D 121 -27.02 36.86 -32.47
N ILE D 122 -26.48 35.71 -32.82
CA ILE D 122 -26.80 34.46 -32.14
C ILE D 122 -26.79 34.52 -30.60
N ALA D 123 -25.81 35.20 -30.01
CA ALA D 123 -25.75 35.28 -28.55
C ALA D 123 -26.88 36.17 -28.01
N MET D 124 -27.36 37.08 -28.86
CA MET D 124 -28.43 37.98 -28.45
C MET D 124 -29.77 37.27 -28.60
N THR D 125 -29.90 36.47 -29.65
CA THR D 125 -31.13 35.73 -29.87
C THR D 125 -31.29 34.79 -28.66
N TYR D 126 -30.19 34.18 -28.25
CA TYR D 126 -30.20 33.28 -27.12
C TYR D 126 -30.57 34.01 -25.81
N THR D 127 -29.80 35.03 -25.45
CA THR D 127 -30.10 35.76 -24.21
C THR D 127 -31.43 36.48 -24.26
N GLY D 128 -31.84 36.87 -25.47
CA GLY D 128 -33.11 37.56 -25.64
C GLY D 128 -34.27 36.64 -25.29
N LEU D 129 -34.35 35.49 -25.96
CA LEU D 129 -35.40 34.50 -25.71
C LEU D 129 -35.34 34.11 -24.25
N SER D 130 -34.14 33.89 -23.78
CA SER D 130 -33.90 33.51 -22.40
C SER D 130 -34.49 34.55 -21.43
N CYS D 131 -34.29 35.84 -21.72
CA CYS D 131 -34.82 36.90 -20.87
C CYS D 131 -36.35 36.94 -20.87
N LEU D 132 -36.93 36.76 -22.05
CA LEU D 132 -38.39 36.77 -22.17
C LEU D 132 -39.01 35.70 -21.27
N ILE D 133 -38.45 34.49 -21.31
CA ILE D 133 -38.95 33.40 -20.48
C ILE D 133 -38.82 33.75 -19.00
N ILE D 134 -37.68 34.28 -18.61
CA ILE D 134 -37.44 34.66 -17.21
C ILE D 134 -38.47 35.69 -16.74
N LEU D 135 -38.82 36.61 -17.62
CA LEU D 135 -39.77 37.68 -17.29
C LEU D 135 -41.25 37.26 -17.31
N GLY D 136 -41.52 36.05 -17.77
CA GLY D 136 -42.90 35.57 -17.80
C GLY D 136 -43.59 35.61 -19.14
N ASP D 137 -42.97 36.23 -20.13
CA ASP D 137 -43.58 36.31 -21.45
C ASP D 137 -43.76 34.90 -22.00
N ASP D 138 -44.69 34.74 -22.94
CA ASP D 138 -44.96 33.42 -23.51
C ASP D 138 -44.39 33.22 -24.91
N LEU D 139 -43.58 34.17 -25.36
CA LEU D 139 -42.95 34.09 -26.68
C LEU D 139 -43.91 34.10 -27.87
N SER D 140 -45.13 34.58 -27.66
CA SER D 140 -46.12 34.64 -28.73
C SER D 140 -45.71 35.66 -29.80
N ARG D 141 -45.02 36.72 -29.39
CA ARG D 141 -44.57 37.74 -30.34
C ARG D 141 -43.25 37.39 -31.02
N VAL D 142 -42.68 36.24 -30.68
CA VAL D 142 -41.44 35.80 -31.28
C VAL D 142 -41.76 35.07 -32.58
N ASP D 143 -41.19 35.53 -33.69
CA ASP D 143 -41.42 34.84 -34.95
C ASP D 143 -40.50 33.63 -34.93
N LYS D 144 -40.96 32.55 -34.32
CA LYS D 144 -40.15 31.35 -34.19
C LYS D 144 -39.54 30.84 -35.49
N GLU D 145 -40.31 30.78 -36.57
CA GLU D 145 -39.79 30.29 -37.84
C GLU D 145 -38.70 31.17 -38.41
N ALA D 146 -38.83 32.48 -38.18
CA ALA D 146 -37.84 33.41 -38.67
C ALA D 146 -36.53 33.22 -37.91
N CYS D 147 -36.61 33.10 -36.59
CA CYS D 147 -35.41 32.89 -35.79
C CYS D 147 -34.68 31.64 -36.20
N LEU D 148 -35.44 30.55 -36.40
CA LEU D 148 -34.85 29.29 -36.80
C LEU D 148 -34.20 29.39 -38.17
N ALA D 149 -34.81 30.16 -39.07
CA ALA D 149 -34.27 30.35 -40.41
C ALA D 149 -32.95 31.10 -40.28
N GLY D 150 -32.94 32.10 -39.39
CA GLY D 150 -31.73 32.88 -39.16
C GLY D 150 -30.63 31.98 -38.58
N LEU D 151 -31.02 31.10 -37.65
CA LEU D 151 -30.06 30.19 -37.03
C LEU D 151 -29.41 29.29 -38.07
N ARG D 152 -30.23 28.63 -38.89
CA ARG D 152 -29.72 27.74 -39.93
C ARG D 152 -28.65 28.42 -40.78
N ALA D 153 -28.92 29.67 -41.15
CA ALA D 153 -28.00 30.43 -41.98
C ALA D 153 -26.63 30.65 -41.35
N LEU D 154 -26.56 30.55 -40.03
CA LEU D 154 -25.31 30.76 -39.32
C LEU D 154 -24.38 29.56 -39.24
N GLN D 155 -24.91 28.36 -39.49
CA GLN D 155 -24.09 27.17 -39.40
C GLN D 155 -23.17 26.97 -40.60
N LEU D 156 -21.92 26.61 -40.32
CA LEU D 156 -20.92 26.39 -41.36
C LEU D 156 -20.85 24.92 -41.76
N GLU D 157 -20.11 24.66 -42.84
CA GLU D 157 -19.96 23.31 -43.32
C GLU D 157 -19.44 22.35 -42.25
N ASP D 158 -18.51 22.81 -41.40
CA ASP D 158 -17.94 21.94 -40.37
C ASP D 158 -18.86 21.72 -39.17
N GLY D 159 -20.04 22.32 -39.19
CA GLY D 159 -20.97 22.12 -38.09
C GLY D 159 -21.03 23.21 -37.03
N SER D 160 -20.01 24.07 -36.97
CA SER D 160 -20.02 25.13 -35.97
C SER D 160 -20.88 26.28 -36.46
N PHE D 161 -20.97 27.34 -35.66
CA PHE D 161 -21.77 28.51 -36.01
C PHE D 161 -21.03 29.83 -35.94
N CYS D 162 -21.55 30.81 -36.67
CA CYS D 162 -21.04 32.18 -36.68
C CYS D 162 -22.06 32.91 -35.83
N ALA D 163 -21.77 34.14 -35.45
CA ALA D 163 -22.70 34.91 -34.63
C ALA D 163 -23.66 35.74 -35.46
N VAL D 164 -23.21 36.18 -36.64
CA VAL D 164 -24.03 37.02 -37.51
C VAL D 164 -23.89 36.58 -38.96
N PRO D 165 -24.95 36.78 -39.75
CA PRO D 165 -24.93 36.39 -41.17
C PRO D 165 -23.87 37.07 -42.01
N GLU D 166 -23.45 38.27 -41.62
CA GLU D 166 -22.40 38.97 -42.37
C GLU D 166 -21.05 38.32 -42.18
N GLY D 167 -20.95 37.39 -41.22
CA GLY D 167 -19.70 36.72 -40.97
C GLY D 167 -19.02 37.14 -39.68
N SER D 168 -18.33 36.19 -39.05
CA SER D 168 -17.63 36.44 -37.80
C SER D 168 -16.79 35.22 -37.52
N GLU D 169 -16.22 35.15 -36.33
CA GLU D 169 -15.44 33.99 -35.94
C GLU D 169 -16.47 32.89 -35.68
N ASN D 170 -16.06 31.64 -35.74
CA ASN D 170 -16.99 30.53 -35.49
C ASN D 170 -16.32 29.57 -34.52
N ASP D 171 -17.06 29.15 -33.52
CA ASP D 171 -16.53 28.23 -32.53
C ASP D 171 -17.60 27.63 -31.64
N MET D 172 -17.16 26.85 -30.65
CA MET D 172 -18.03 26.18 -29.72
C MET D 172 -19.02 27.10 -29.01
N ARG D 173 -18.59 28.31 -28.67
CA ARG D 173 -19.47 29.25 -27.99
C ARG D 173 -20.80 29.41 -28.72
N PHE D 174 -20.75 29.51 -30.04
CA PHE D 174 -21.97 29.71 -30.81
C PHE D 174 -22.74 28.43 -31.06
N VAL D 175 -22.07 27.29 -30.92
CA VAL D 175 -22.72 25.99 -31.06
C VAL D 175 -23.65 25.88 -29.85
N TYR D 176 -23.16 26.33 -28.70
CA TYR D 176 -23.94 26.31 -27.47
C TYR D 176 -25.14 27.24 -27.58
N CYS D 177 -24.94 28.42 -28.17
CA CYS D 177 -26.04 29.38 -28.33
C CYS D 177 -27.10 28.79 -29.23
N ALA D 178 -26.66 28.17 -30.33
CA ALA D 178 -27.58 27.56 -31.27
C ALA D 178 -28.38 26.47 -30.56
N SER D 179 -27.69 25.65 -29.78
CA SER D 179 -28.35 24.58 -29.04
C SER D 179 -29.41 25.12 -28.08
N CYS D 180 -29.07 26.18 -27.34
CA CYS D 180 -30.02 26.77 -26.39
C CYS D 180 -31.25 27.31 -27.11
N ILE D 181 -31.03 27.95 -28.25
CA ILE D 181 -32.13 28.52 -29.00
C ILE D 181 -33.06 27.40 -29.47
N CYS D 182 -32.50 26.35 -30.06
CA CYS D 182 -33.32 25.24 -30.53
C CYS D 182 -34.08 24.60 -29.38
N TYR D 183 -33.45 24.52 -28.22
CA TYR D 183 -34.07 23.92 -27.06
C TYR D 183 -35.23 24.78 -26.56
N MET D 184 -35.02 26.08 -26.45
CA MET D 184 -36.05 26.98 -25.97
C MET D 184 -37.23 27.07 -26.93
N LEU D 185 -36.96 27.09 -28.24
CA LEU D 185 -38.03 27.15 -29.21
C LEU D 185 -38.54 25.74 -29.46
N ASN D 186 -38.03 24.79 -28.68
CA ASN D 186 -38.41 23.39 -28.78
C ASN D 186 -38.56 22.92 -30.23
N ASN D 187 -37.55 23.21 -31.04
CA ASN D 187 -37.57 22.87 -32.46
C ASN D 187 -36.10 22.83 -32.92
N TRP D 188 -35.61 21.68 -33.33
CA TRP D 188 -34.22 21.58 -33.75
C TRP D 188 -33.96 21.75 -35.23
N SER D 189 -34.94 22.30 -35.94
CA SER D 189 -34.77 22.51 -37.38
C SER D 189 -33.78 23.67 -37.56
N GLY D 190 -33.45 24.33 -36.45
CA GLY D 190 -32.54 25.44 -36.48
C GLY D 190 -31.10 25.03 -36.77
N MET D 191 -30.82 23.74 -36.78
CA MET D 191 -29.46 23.29 -37.05
C MET D 191 -29.39 21.89 -37.62
N ASP D 192 -28.27 21.57 -38.25
CA ASP D 192 -28.02 20.24 -38.76
C ASP D 192 -27.29 19.59 -37.58
N MET D 193 -28.05 18.98 -36.69
CA MET D 193 -27.52 18.35 -35.49
C MET D 193 -26.37 17.39 -35.73
N LYS D 194 -26.45 16.60 -36.79
CA LYS D 194 -25.40 15.63 -37.09
C LYS D 194 -24.05 16.33 -37.26
N LYS D 195 -24.05 17.45 -37.99
CA LYS D 195 -22.82 18.19 -38.23
C LYS D 195 -22.30 18.90 -36.98
N ALA D 196 -23.23 19.39 -36.15
CA ALA D 196 -22.84 20.06 -34.92
C ALA D 196 -22.14 19.05 -34.00
N ILE D 197 -22.73 17.85 -33.89
CA ILE D 197 -22.17 16.79 -33.07
C ILE D 197 -20.76 16.45 -33.56
N SER D 198 -20.60 16.42 -34.87
CA SER D 198 -19.31 16.12 -35.46
C SER D 198 -18.28 17.17 -35.05
N TYR D 199 -18.70 18.43 -35.06
CA TYR D 199 -17.81 19.51 -34.67
C TYR D 199 -17.41 19.33 -33.20
N ILE D 200 -18.38 19.03 -32.36
CA ILE D 200 -18.10 18.85 -30.94
C ILE D 200 -17.10 17.72 -30.71
N ARG D 201 -17.27 16.61 -31.43
CA ARG D 201 -16.33 15.49 -31.26
C ARG D 201 -14.93 15.86 -31.69
N ARG D 202 -14.82 16.52 -32.84
CA ARG D 202 -13.52 16.91 -33.37
C ARG D 202 -12.78 17.94 -32.51
N SER D 203 -13.48 18.53 -31.56
CA SER D 203 -12.85 19.52 -30.70
C SER D 203 -12.17 18.88 -29.52
N MET D 204 -12.38 17.58 -29.32
CA MET D 204 -11.74 16.92 -28.19
C MET D 204 -10.24 16.89 -28.39
N SER D 205 -9.51 17.34 -27.37
CA SER D 205 -8.05 17.39 -27.41
C SER D 205 -7.41 16.09 -26.93
N TYR D 206 -6.09 16.01 -27.12
CA TYR D 206 -5.31 14.84 -26.69
C TYR D 206 -5.33 14.74 -25.16
N ASP D 207 -5.58 15.86 -24.47
CA ASP D 207 -5.63 15.83 -23.01
C ASP D 207 -7.04 15.56 -22.50
N ASN D 208 -7.94 15.27 -23.45
CA ASN D 208 -9.33 14.93 -23.19
C ASN D 208 -10.35 16.00 -22.89
N GLY D 209 -9.92 17.25 -22.79
CA GLY D 209 -10.87 18.32 -22.57
C GLY D 209 -11.39 18.69 -23.96
N LEU D 210 -12.36 19.61 -24.01
CA LEU D 210 -12.90 20.05 -25.30
C LEU D 210 -12.39 21.46 -25.57
N ALA D 211 -11.97 21.73 -26.81
CA ALA D 211 -11.46 23.05 -27.18
C ALA D 211 -12.50 23.83 -27.95
N GLN D 212 -12.19 25.07 -28.30
CA GLN D 212 -13.11 25.89 -29.07
C GLN D 212 -13.29 25.35 -30.47
N GLY D 213 -12.29 24.60 -30.94
CA GLY D 213 -12.31 24.00 -32.25
C GLY D 213 -11.19 22.99 -32.36
N ALA D 214 -11.21 22.18 -33.41
CA ALA D 214 -10.18 21.15 -33.62
C ALA D 214 -8.74 21.67 -33.50
N GLY D 215 -7.92 20.93 -32.76
CA GLY D 215 -6.52 21.29 -32.59
C GLY D 215 -6.16 22.35 -31.57
N LEU D 216 -7.14 23.15 -31.15
CA LEU D 216 -6.92 24.21 -30.16
C LEU D 216 -6.79 23.65 -28.74
N GLU D 217 -6.27 24.46 -27.83
CA GLU D 217 -6.09 24.07 -26.43
C GLU D 217 -7.45 23.86 -25.76
N SER D 218 -7.65 22.69 -25.13
CA SER D 218 -8.93 22.43 -24.46
C SER D 218 -9.10 23.47 -23.38
N HIS D 219 -10.35 23.87 -23.13
CA HIS D 219 -10.65 24.93 -22.20
C HIS D 219 -11.95 24.66 -21.43
N GLY D 220 -12.03 25.17 -20.21
CA GLY D 220 -13.23 24.95 -19.39
C GLY D 220 -14.49 25.48 -20.00
N GLY D 221 -14.39 26.62 -20.69
CA GLY D 221 -15.55 27.22 -21.31
C GLY D 221 -16.06 26.41 -22.50
N SER D 222 -15.16 26.01 -23.38
CA SER D 222 -15.57 25.25 -24.55
C SER D 222 -16.03 23.85 -24.16
N THR D 223 -15.45 23.31 -23.09
CA THR D 223 -15.85 21.98 -22.64
C THR D 223 -17.29 22.08 -22.15
N PHE D 224 -17.60 23.15 -21.43
CA PHE D 224 -18.97 23.33 -20.97
C PHE D 224 -19.90 23.45 -22.17
N CYS D 225 -19.53 24.31 -23.12
CA CYS D 225 -20.35 24.52 -24.32
C CYS D 225 -20.62 23.21 -25.06
N GLY D 226 -19.58 22.40 -25.23
CA GLY D 226 -19.75 21.15 -25.92
C GLY D 226 -20.63 20.17 -25.16
N ILE D 227 -20.32 19.96 -23.88
CA ILE D 227 -21.10 19.03 -23.06
C ILE D 227 -22.55 19.50 -22.88
N ALA D 228 -22.75 20.77 -22.54
CA ALA D 228 -24.10 21.29 -22.35
C ALA D 228 -24.91 21.16 -23.65
N SER D 229 -24.28 21.43 -24.79
CA SER D 229 -24.99 21.32 -26.05
C SER D 229 -25.50 19.91 -26.24
N LEU D 230 -24.63 18.92 -26.03
CA LEU D 230 -25.02 17.53 -26.19
C LEU D 230 -26.15 17.15 -25.22
N CYS D 231 -26.07 17.64 -23.98
CA CYS D 231 -27.12 17.36 -23.01
C CYS D 231 -28.45 17.96 -23.48
N LEU D 232 -28.40 19.19 -23.98
CA LEU D 232 -29.60 19.85 -24.49
C LEU D 232 -30.18 19.05 -25.65
N MET D 233 -29.33 18.42 -26.45
CA MET D 233 -29.78 17.61 -27.58
C MET D 233 -30.19 16.23 -27.10
N GLY D 234 -29.82 15.89 -25.87
CA GLY D 234 -30.13 14.59 -25.31
C GLY D 234 -29.32 13.51 -26.00
N LYS D 235 -28.05 13.80 -26.32
CA LYS D 235 -27.22 12.81 -27.00
C LYS D 235 -25.85 12.64 -26.39
N LEU D 236 -25.70 13.02 -25.13
CA LEU D 236 -24.41 12.89 -24.45
C LEU D 236 -23.89 11.47 -24.53
N GLU D 237 -24.68 10.52 -24.02
CA GLU D 237 -24.35 9.11 -23.98
C GLU D 237 -24.10 8.51 -25.37
N GLU D 238 -24.86 8.99 -26.35
CA GLU D 238 -24.75 8.51 -27.72
C GLU D 238 -23.48 8.96 -28.42
N VAL D 239 -23.02 10.17 -28.12
CA VAL D 239 -21.84 10.72 -28.76
C VAL D 239 -20.50 10.30 -28.15
N PHE D 240 -20.44 10.23 -26.83
CA PHE D 240 -19.21 9.84 -26.15
C PHE D 240 -19.36 8.50 -25.47
N SER D 241 -18.33 7.66 -25.61
CA SER D 241 -18.34 6.35 -24.98
C SER D 241 -18.12 6.54 -23.49
N GLU D 242 -18.33 5.47 -22.72
CA GLU D 242 -18.13 5.55 -21.27
C GLU D 242 -16.68 5.92 -20.98
N LYS D 243 -15.76 5.29 -21.71
CA LYS D 243 -14.33 5.54 -21.55
C LYS D 243 -14.04 7.01 -21.82
N GLU D 244 -14.63 7.54 -22.89
CA GLU D 244 -14.43 8.93 -23.26
C GLU D 244 -14.96 9.88 -22.19
N LEU D 245 -16.18 9.62 -21.71
CA LEU D 245 -16.76 10.45 -20.67
C LEU D 245 -15.92 10.39 -19.40
N ASN D 246 -15.29 9.25 -19.15
CA ASN D 246 -14.44 9.12 -17.96
C ASN D 246 -13.24 10.04 -18.10
N ARG D 247 -12.69 10.10 -19.30
CA ARG D 247 -11.54 10.96 -19.57
C ARG D 247 -11.90 12.44 -19.47
N ILE D 248 -13.07 12.80 -19.97
CA ILE D 248 -13.51 14.18 -19.89
C ILE D 248 -13.75 14.57 -18.43
N LYS D 249 -14.34 13.65 -17.66
CA LYS D 249 -14.60 13.92 -16.25
C LYS D 249 -13.28 14.17 -15.54
N ARG D 250 -12.28 13.34 -15.87
CA ARG D 250 -10.97 13.48 -15.26
C ARG D 250 -10.40 14.86 -15.56
N TRP D 251 -10.47 15.26 -16.83
CA TRP D 251 -9.96 16.57 -17.23
C TRP D 251 -10.65 17.69 -16.48
N CYS D 252 -11.98 17.61 -16.40
CA CYS D 252 -12.76 18.62 -15.70
C CYS D 252 -12.48 18.70 -14.21
N ILE D 253 -12.53 17.57 -13.50
CA ILE D 253 -12.31 17.64 -12.07
C ILE D 253 -10.89 18.06 -11.70
N MET D 254 -9.97 17.96 -12.66
CA MET D 254 -8.59 18.38 -12.41
C MET D 254 -8.49 19.90 -12.43
N ARG D 255 -9.55 20.58 -12.86
CA ARG D 255 -9.55 22.03 -12.92
C ARG D 255 -9.67 22.71 -11.57
N GLN D 256 -10.11 21.98 -10.54
CA GLN D 256 -10.23 22.61 -9.23
C GLN D 256 -8.89 22.73 -8.49
N GLN D 257 -8.57 23.95 -8.08
CA GLN D 257 -7.34 24.25 -7.34
C GLN D 257 -7.79 24.61 -5.92
N ASN D 258 -8.85 25.40 -5.85
CA ASN D 258 -9.54 25.86 -4.65
C ASN D 258 -10.83 26.28 -5.33
N GLY D 259 -10.68 27.28 -6.20
CA GLY D 259 -11.78 27.73 -7.04
C GLY D 259 -11.41 26.95 -8.30
N TYR D 260 -11.91 27.36 -9.47
CA TYR D 260 -11.56 26.62 -10.68
C TYR D 260 -10.87 27.50 -11.72
N HIS D 261 -9.95 26.92 -12.48
CA HIS D 261 -9.30 27.66 -13.54
C HIS D 261 -9.84 27.11 -14.87
N GLY D 262 -9.60 27.82 -15.97
CA GLY D 262 -10.12 27.40 -17.26
C GLY D 262 -9.27 26.39 -18.01
N ARG D 263 -7.99 26.32 -17.66
CA ARG D 263 -7.07 25.40 -18.32
C ARG D 263 -5.85 25.15 -17.44
N PRO D 264 -5.19 24.00 -17.63
CA PRO D 264 -4.00 23.66 -16.85
C PRO D 264 -3.01 24.80 -16.70
N ASN D 265 -2.45 24.95 -15.50
CA ASN D 265 -1.47 25.98 -15.19
C ASN D 265 -1.87 27.44 -15.35
N LYS D 266 -3.16 27.72 -15.27
CA LYS D 266 -3.66 29.10 -15.34
C LYS D 266 -4.29 29.41 -13.99
N PRO D 267 -4.28 30.68 -13.57
CA PRO D 267 -4.89 31.04 -12.28
C PRO D 267 -6.41 30.88 -12.29
N VAL D 268 -7.00 30.59 -11.13
CA VAL D 268 -8.44 30.39 -11.05
C VAL D 268 -9.18 31.70 -11.31
N ASP D 269 -10.44 31.55 -11.73
CA ASP D 269 -11.31 32.67 -12.02
C ASP D 269 -12.70 32.21 -11.60
N THR D 270 -13.37 33.04 -10.80
CA THR D 270 -14.70 32.74 -10.31
C THR D 270 -15.66 32.09 -11.30
N CYS D 271 -15.76 32.64 -12.51
CA CYS D 271 -16.71 32.10 -13.48
C CYS D 271 -16.54 30.61 -13.82
N TYR D 272 -15.33 30.07 -13.64
CA TYR D 272 -15.15 28.65 -13.94
C TYR D 272 -15.84 27.74 -12.92
N SER D 273 -16.21 28.31 -11.77
CA SER D 273 -16.94 27.54 -10.77
C SER D 273 -18.24 27.13 -11.43
N PHE D 274 -18.68 27.90 -12.41
CA PHE D 274 -19.88 27.51 -13.12
C PHE D 274 -19.54 26.75 -14.40
N TRP D 275 -18.67 27.31 -15.25
CA TRP D 275 -18.32 26.63 -16.49
C TRP D 275 -17.93 25.17 -16.25
N VAL D 276 -16.95 24.97 -15.37
CA VAL D 276 -16.49 23.63 -15.08
C VAL D 276 -17.42 22.91 -14.11
N GLY D 277 -17.86 23.62 -13.07
CA GLY D 277 -18.76 23.03 -12.09
C GLY D 277 -20.02 22.50 -12.74
N ALA D 278 -20.59 23.26 -13.66
CA ALA D 278 -21.83 22.84 -14.32
C ALA D 278 -21.57 21.62 -15.19
N THR D 279 -20.38 21.57 -15.79
CA THR D 279 -20.03 20.43 -16.65
C THR D 279 -19.96 19.19 -15.77
N LEU D 280 -19.30 19.33 -14.62
CA LEU D 280 -19.18 18.23 -13.68
C LEU D 280 -20.56 17.78 -13.22
N LYS D 281 -21.47 18.73 -13.04
CA LYS D 281 -22.83 18.42 -12.62
C LYS D 281 -23.53 17.63 -13.70
N LEU D 282 -23.34 18.04 -14.95
CA LEU D 282 -23.97 17.34 -16.07
C LEU D 282 -23.40 15.94 -16.22
N LEU D 283 -22.14 15.76 -15.81
CA LEU D 283 -21.48 14.46 -15.90
C LEU D 283 -21.67 13.68 -14.60
N LYS D 284 -22.52 14.21 -13.73
CA LYS D 284 -22.87 13.60 -12.46
C LYS D 284 -21.76 13.32 -11.45
N ILE D 285 -20.71 14.14 -11.45
CA ILE D 285 -19.65 13.94 -10.47
C ILE D 285 -19.26 15.21 -9.74
N PHE D 286 -20.08 16.25 -9.86
CA PHE D 286 -19.78 17.50 -9.17
C PHE D 286 -19.83 17.22 -7.66
N GLN D 287 -20.67 16.26 -7.29
CA GLN D 287 -20.84 15.85 -5.90
C GLN D 287 -19.52 15.40 -5.26
N TYR D 288 -18.56 14.99 -6.09
CA TYR D 288 -17.28 14.52 -5.57
C TYR D 288 -16.21 15.60 -5.47
N THR D 289 -16.57 16.84 -5.77
CA THR D 289 -15.60 17.93 -5.68
C THR D 289 -15.57 18.47 -4.25
N ASN D 290 -14.62 19.34 -3.96
CA ASN D 290 -14.52 19.93 -2.63
C ASN D 290 -15.35 21.21 -2.62
N PHE D 291 -16.49 21.17 -1.94
CA PHE D 291 -17.37 22.34 -1.87
C PHE D 291 -16.85 23.52 -1.08
N GLU D 292 -16.32 23.25 0.10
CA GLU D 292 -15.82 24.32 0.95
C GLU D 292 -14.76 25.22 0.32
N LYS D 293 -13.76 24.64 -0.30
CA LYS D 293 -12.71 25.44 -0.92
C LYS D 293 -13.21 26.26 -2.10
N ASN D 294 -14.18 25.71 -2.83
CA ASN D 294 -14.76 26.39 -3.97
C ASN D 294 -15.58 27.59 -3.46
N ARG D 295 -16.45 27.34 -2.49
CA ARG D 295 -17.28 28.39 -1.91
C ARG D 295 -16.41 29.49 -1.32
N ASN D 296 -15.37 29.10 -0.60
CA ASN D 296 -14.48 30.06 0.02
C ASN D 296 -13.87 30.97 -1.04
N TYR D 297 -13.45 30.38 -2.16
CA TYR D 297 -12.84 31.18 -3.22
C TYR D 297 -13.83 32.15 -3.84
N ILE D 298 -15.00 31.64 -4.23
CA ILE D 298 -16.02 32.47 -4.85
C ILE D 298 -16.33 33.67 -3.97
N LEU D 299 -16.62 33.41 -2.70
CA LEU D 299 -16.95 34.50 -1.79
C LEU D 299 -15.81 35.48 -1.62
N SER D 300 -14.58 35.01 -1.78
CA SER D 300 -13.44 35.91 -1.63
C SER D 300 -13.33 36.92 -2.78
N THR D 301 -14.08 36.72 -3.86
CA THR D 301 -14.03 37.64 -5.00
C THR D 301 -15.25 38.55 -4.97
N GLN D 302 -15.97 38.49 -3.86
CA GLN D 302 -17.17 39.29 -3.66
C GLN D 302 -16.74 40.73 -3.38
N ASP D 303 -17.46 41.70 -3.95
CA ASP D 303 -17.13 43.11 -3.70
C ASP D 303 -18.09 43.53 -2.60
N ARG D 304 -17.59 43.59 -1.36
CA ARG D 304 -18.41 43.93 -0.22
C ARG D 304 -18.99 45.34 -0.22
N LEU D 305 -18.41 46.22 -1.03
CA LEU D 305 -18.86 47.60 -1.11
C LEU D 305 -19.93 47.83 -2.19
N VAL D 306 -19.64 47.47 -3.43
CA VAL D 306 -20.59 47.69 -4.52
C VAL D 306 -21.43 46.45 -4.84
N GLY D 307 -21.04 45.29 -4.34
CA GLY D 307 -21.80 44.09 -4.64
C GLY D 307 -21.22 43.43 -5.87
N GLY D 308 -21.82 42.32 -6.30
CA GLY D 308 -21.33 41.60 -7.46
C GLY D 308 -20.05 40.82 -7.13
N PHE D 309 -19.54 40.06 -8.10
CA PHE D 309 -18.32 39.29 -7.93
C PHE D 309 -17.33 39.62 -9.03
N ALA D 310 -16.05 39.47 -8.73
CA ALA D 310 -14.98 39.71 -9.69
C ALA D 310 -14.42 38.35 -10.03
N LYS D 311 -13.43 38.29 -10.92
CA LYS D 311 -12.86 36.99 -11.25
C LYS D 311 -11.82 36.62 -10.20
N TRP D 312 -11.20 37.62 -9.60
CA TRP D 312 -10.19 37.41 -8.57
C TRP D 312 -10.49 38.30 -7.37
N PRO D 313 -9.96 37.95 -6.20
CA PRO D 313 -10.21 38.79 -5.03
C PRO D 313 -9.60 40.19 -5.18
N ASP D 314 -10.26 41.17 -4.58
CA ASP D 314 -9.79 42.56 -4.63
C ASP D 314 -9.67 43.04 -6.07
N SER D 315 -10.59 42.60 -6.92
CA SER D 315 -10.58 42.98 -8.32
C SER D 315 -11.96 43.60 -8.62
N HIS D 316 -12.09 44.31 -9.73
CA HIS D 316 -13.36 44.94 -10.04
C HIS D 316 -14.42 43.95 -10.51
N PRO D 317 -15.63 44.05 -9.92
CA PRO D 317 -16.74 43.17 -10.28
C PRO D 317 -17.44 43.55 -11.57
N ASP D 318 -18.11 42.59 -12.20
CA ASP D 318 -18.86 42.86 -13.42
C ASP D 318 -20.08 41.95 -13.44
N ALA D 319 -21.03 42.24 -14.32
CA ALA D 319 -22.25 41.47 -14.40
C ALA D 319 -22.01 39.99 -14.67
N LEU D 320 -21.11 39.67 -15.59
CA LEU D 320 -20.84 38.29 -15.93
C LEU D 320 -20.33 37.47 -14.75
N HIS D 321 -19.31 37.96 -14.06
CA HIS D 321 -18.79 37.21 -12.93
C HIS D 321 -19.71 37.21 -11.72
N ALA D 322 -20.56 38.23 -11.63
CA ALA D 322 -21.51 38.28 -10.53
C ALA D 322 -22.53 37.17 -10.76
N TYR D 323 -23.01 37.05 -12.00
CA TYR D 323 -23.98 36.05 -12.33
C TYR D 323 -23.43 34.63 -12.24
N PHE D 324 -22.25 34.41 -12.82
CA PHE D 324 -21.66 33.07 -12.79
C PHE D 324 -21.19 32.72 -11.38
N GLY D 325 -20.78 33.71 -10.61
CA GLY D 325 -20.37 33.43 -9.25
C GLY D 325 -21.58 32.92 -8.48
N ILE D 326 -22.71 33.56 -8.71
CA ILE D 326 -23.95 33.17 -8.05
C ILE D 326 -24.38 31.79 -8.49
N CYS D 327 -24.30 31.51 -9.79
CA CYS D 327 -24.68 30.19 -10.29
C CYS D 327 -23.70 29.13 -9.78
N GLY D 328 -22.45 29.53 -9.57
CA GLY D 328 -21.47 28.58 -9.05
C GLY D 328 -21.89 28.18 -7.64
N LEU D 329 -22.26 29.19 -6.86
CA LEU D 329 -22.71 28.96 -5.49
C LEU D 329 -23.97 28.09 -5.52
N SER D 330 -24.84 28.34 -6.48
CA SER D 330 -26.08 27.59 -6.62
C SER D 330 -25.84 26.11 -6.86
N LEU D 331 -24.79 25.80 -7.62
CA LEU D 331 -24.45 24.42 -7.95
C LEU D 331 -24.22 23.58 -6.67
N MET D 332 -23.75 24.25 -5.62
CA MET D 332 -23.48 23.60 -4.34
C MET D 332 -24.60 23.85 -3.34
N GLU D 333 -25.56 24.69 -3.75
CA GLU D 333 -26.72 25.11 -2.95
C GLU D 333 -26.25 26.14 -1.96
N GLU D 334 -26.99 27.23 -1.84
CA GLU D 334 -26.63 28.31 -0.94
C GLU D 334 -27.92 28.99 -0.51
N SER D 335 -28.04 29.29 0.78
CA SER D 335 -29.24 29.95 1.25
C SER D 335 -29.44 31.22 0.47
N GLY D 336 -30.67 31.42 -0.02
CA GLY D 336 -30.98 32.64 -0.75
C GLY D 336 -30.78 32.61 -2.26
N ILE D 337 -30.28 31.49 -2.78
CA ILE D 337 -30.04 31.36 -4.20
C ILE D 337 -30.84 30.16 -4.68
N CYS D 338 -31.47 30.29 -5.83
CA CYS D 338 -32.28 29.22 -6.37
C CYS D 338 -31.43 28.20 -7.10
N LYS D 339 -32.00 27.02 -7.33
CA LYS D 339 -31.31 25.95 -8.03
C LYS D 339 -31.20 26.33 -9.50
N VAL D 340 -29.99 26.24 -10.05
CA VAL D 340 -29.77 26.58 -11.45
C VAL D 340 -29.82 25.33 -12.33
N HIS D 341 -30.34 25.48 -13.54
CA HIS D 341 -30.41 24.38 -14.49
C HIS D 341 -29.05 24.44 -15.18
N PRO D 342 -28.16 23.49 -14.89
CA PRO D 342 -26.80 23.41 -15.43
C PRO D 342 -26.56 23.55 -16.94
N ALA D 343 -27.40 22.96 -17.78
CA ALA D 343 -27.16 23.07 -19.21
C ALA D 343 -27.75 24.32 -19.86
N LEU D 344 -28.93 24.73 -19.40
CA LEU D 344 -29.59 25.91 -19.97
C LEU D 344 -29.08 27.22 -19.37
N ASN D 345 -28.49 27.13 -18.20
CA ASN D 345 -27.93 28.28 -17.53
C ASN D 345 -28.97 29.31 -17.09
N VAL D 346 -30.07 28.81 -16.54
CA VAL D 346 -31.13 29.65 -16.03
C VAL D 346 -31.69 28.92 -14.81
N SER D 347 -32.38 29.63 -13.92
CA SER D 347 -32.95 29.01 -12.72
C SER D 347 -33.91 27.88 -13.13
N THR D 348 -34.07 26.89 -12.26
CA THR D 348 -34.97 25.77 -12.53
C THR D 348 -36.42 26.23 -12.62
N ARG D 349 -36.73 27.30 -11.89
CA ARG D 349 -38.07 27.87 -11.93
C ARG D 349 -38.34 28.22 -13.40
N THR D 350 -37.37 28.87 -14.02
CA THR D 350 -37.45 29.27 -15.41
C THR D 350 -37.53 28.08 -16.37
N SER D 351 -36.67 27.08 -16.18
CA SER D 351 -36.68 25.92 -17.06
C SER D 351 -37.99 25.14 -16.96
N GLU D 352 -38.65 25.23 -15.81
CA GLU D 352 -39.93 24.54 -15.65
C GLU D 352 -41.04 25.38 -16.26
N ARG D 353 -40.88 26.70 -16.21
CA ARG D 353 -41.84 27.62 -16.80
C ARG D 353 -41.76 27.33 -18.31
N LEU D 354 -40.55 27.08 -18.79
CA LEU D 354 -40.32 26.78 -20.20
C LEU D 354 -40.91 25.41 -20.56
N ARG D 355 -40.92 24.51 -19.58
CA ARG D 355 -41.48 23.18 -19.79
C ARG D 355 -42.99 23.29 -20.00
N ASP D 356 -43.62 24.20 -19.24
CA ASP D 356 -45.05 24.43 -19.36
C ASP D 356 -45.35 24.98 -20.75
N LEU D 357 -44.64 26.03 -21.13
CA LEU D 357 -44.80 26.66 -22.43
C LEU D 357 -44.73 25.63 -23.55
N HIS D 358 -43.77 24.73 -23.45
CA HIS D 358 -43.61 23.70 -24.46
C HIS D 358 -44.84 22.79 -24.53
N GLN D 359 -45.36 22.40 -23.37
CA GLN D 359 -46.53 21.55 -23.33
C GLN D 359 -47.72 22.24 -23.99
N SER D 360 -47.93 23.51 -23.64
CA SER D 360 -49.05 24.26 -24.19
C SER D 360 -48.94 24.44 -25.71
N TRP D 361 -47.73 24.48 -26.25
CA TRP D 361 -47.58 24.63 -27.69
C TRP D 361 -47.93 23.33 -28.40
N LYS D 362 -47.70 22.20 -27.72
CA LYS D 362 -47.97 20.89 -28.29
C LYS D 362 -49.47 20.61 -28.44
N THR D 363 -50.30 21.62 -28.18
CA THR D 363 -51.75 21.47 -28.28
C THR D 363 -52.33 22.52 -29.24
N PHE E 55 9.05 1.21 -61.45
CA PHE E 55 10.19 0.25 -61.57
C PHE E 55 10.18 -0.61 -62.84
N LEU E 56 9.48 -1.74 -62.78
CA LEU E 56 9.40 -2.66 -63.92
C LEU E 56 8.35 -2.25 -64.96
N SER E 57 8.82 -1.67 -66.06
CA SER E 57 7.95 -1.19 -67.14
C SER E 57 7.01 -2.26 -67.72
N LEU E 58 5.80 -1.84 -68.07
CA LEU E 58 4.80 -2.74 -68.62
C LEU E 58 5.19 -3.30 -69.99
N ASP E 59 6.10 -2.64 -70.68
CA ASP E 59 6.53 -3.11 -71.99
C ASP E 59 8.01 -3.55 -71.99
N SER E 60 8.56 -3.76 -70.80
CA SER E 60 9.93 -4.21 -70.67
C SER E 60 10.03 -5.68 -71.09
N PRO E 61 11.15 -6.08 -71.71
CA PRO E 61 11.33 -7.46 -72.16
C PRO E 61 11.22 -8.44 -71.00
N THR E 62 11.62 -7.98 -69.81
CA THR E 62 11.59 -8.80 -68.63
C THR E 62 10.38 -8.60 -67.71
N TYR E 63 9.35 -7.93 -68.21
CA TYR E 63 8.16 -7.72 -67.40
C TYR E 63 7.63 -9.07 -66.94
N VAL E 64 7.09 -9.10 -65.73
CA VAL E 64 6.56 -10.33 -65.17
C VAL E 64 5.18 -10.07 -64.56
N LEU E 65 4.21 -10.90 -64.93
CA LEU E 65 2.86 -10.76 -64.40
C LEU E 65 2.94 -10.77 -62.88
N TYR E 66 2.03 -10.03 -62.25
CA TYR E 66 2.00 -9.95 -60.80
C TYR E 66 1.78 -11.32 -60.18
N ARG E 67 1.06 -12.19 -60.87
CA ARG E 67 0.80 -13.51 -60.33
C ARG E 67 2.07 -14.38 -60.28
N ASP E 68 3.13 -13.93 -60.94
CA ASP E 68 4.38 -14.67 -60.97
C ASP E 68 5.47 -13.96 -60.19
N ARG E 69 5.10 -12.88 -59.49
CA ARG E 69 6.07 -12.15 -58.70
C ARG E 69 6.03 -12.68 -57.28
N ALA E 70 7.21 -12.91 -56.71
CA ALA E 70 7.33 -13.43 -55.36
C ALA E 70 6.78 -12.43 -54.34
N GLU E 71 7.11 -11.15 -54.52
CA GLU E 71 6.64 -10.11 -53.59
C GLU E 71 5.13 -10.09 -53.45
N TRP E 72 4.41 -10.73 -54.38
CA TRP E 72 2.96 -10.74 -54.34
C TRP E 72 2.36 -12.12 -54.09
N ALA E 73 3.20 -13.07 -53.68
CA ALA E 73 2.73 -14.42 -53.43
C ALA E 73 1.67 -14.52 -52.34
N ASP E 74 1.78 -13.68 -51.32
CA ASP E 74 0.83 -13.69 -50.21
C ASP E 74 -0.57 -13.19 -50.54
N ILE E 75 -0.68 -12.36 -51.57
CA ILE E 75 -1.96 -11.79 -51.99
C ILE E 75 -2.77 -12.66 -52.95
N ASP E 76 -4.05 -12.82 -52.65
CA ASP E 76 -4.95 -13.58 -53.50
C ASP E 76 -5.69 -12.59 -54.39
N PRO E 77 -5.39 -12.59 -55.70
CA PRO E 77 -6.04 -11.67 -56.63
C PRO E 77 -7.57 -11.74 -56.60
N VAL E 78 -8.21 -10.62 -56.88
CA VAL E 78 -9.67 -10.55 -56.90
C VAL E 78 -10.14 -10.23 -58.31
N PRO E 79 -10.86 -11.17 -58.94
CA PRO E 79 -11.37 -10.99 -60.29
C PRO E 79 -12.67 -10.18 -60.37
N GLN E 80 -12.92 -9.63 -61.54
CA GLN E 80 -14.12 -8.85 -61.79
C GLN E 80 -15.16 -9.83 -62.30
N ASN E 81 -16.41 -9.65 -61.90
CA ASN E 81 -17.48 -10.56 -62.33
C ASN E 81 -18.78 -9.82 -62.66
N ASP E 82 -19.10 -9.75 -63.95
CA ASP E 82 -20.30 -9.06 -64.40
C ASP E 82 -21.55 -9.95 -64.36
N GLY E 83 -21.46 -11.07 -63.66
CA GLY E 83 -22.62 -11.95 -63.57
C GLY E 83 -22.96 -12.72 -64.84
N PRO E 84 -24.05 -13.50 -64.82
CA PRO E 84 -24.53 -14.31 -65.94
C PRO E 84 -24.51 -13.69 -67.33
N SER E 85 -25.19 -12.55 -67.50
CA SER E 85 -25.24 -11.88 -68.80
C SER E 85 -24.66 -10.48 -68.72
N PRO E 86 -23.34 -10.35 -68.95
CA PRO E 86 -22.67 -9.05 -68.91
C PRO E 86 -23.08 -8.09 -70.03
N VAL E 87 -23.17 -6.81 -69.70
CA VAL E 87 -23.53 -5.78 -70.65
C VAL E 87 -22.34 -4.87 -70.90
N VAL E 88 -22.18 -4.42 -72.15
CA VAL E 88 -21.06 -3.55 -72.52
C VAL E 88 -19.78 -4.07 -71.89
N GLN E 89 -19.47 -5.33 -72.14
CA GLN E 89 -18.29 -5.96 -71.58
C GLN E 89 -17.04 -5.74 -72.43
N ILE E 90 -15.97 -5.34 -71.77
CA ILE E 90 -14.70 -5.08 -72.43
C ILE E 90 -13.77 -6.26 -72.18
N ILE E 91 -13.15 -6.78 -73.24
CA ILE E 91 -12.23 -7.90 -73.09
C ILE E 91 -10.84 -7.36 -72.75
N TYR E 92 -10.19 -8.00 -71.79
CA TYR E 92 -8.87 -7.55 -71.37
C TYR E 92 -7.77 -8.56 -71.64
N SER E 93 -6.58 -8.04 -71.95
CA SER E 93 -5.43 -8.88 -72.21
C SER E 93 -4.96 -9.45 -70.89
N GLU E 94 -4.15 -10.50 -70.95
CA GLU E 94 -3.63 -11.13 -69.75
C GLU E 94 -2.96 -10.10 -68.84
N LYS E 95 -2.10 -9.29 -69.44
CA LYS E 95 -1.35 -8.27 -68.72
C LYS E 95 -2.27 -7.28 -68.00
N PHE E 96 -3.27 -6.80 -68.71
CA PHE E 96 -4.23 -5.84 -68.16
C PHE E 96 -5.02 -6.44 -67.01
N ARG E 97 -5.65 -7.57 -67.24
CA ARG E 97 -6.44 -8.24 -66.22
C ARG E 97 -5.59 -8.58 -64.99
N ASP E 98 -4.33 -8.90 -65.22
CA ASP E 98 -3.41 -9.24 -64.13
C ASP E 98 -3.18 -8.05 -63.21
N VAL E 99 -2.85 -6.89 -63.79
CA VAL E 99 -2.62 -5.70 -62.99
C VAL E 99 -3.86 -5.36 -62.15
N TYR E 100 -5.02 -5.35 -62.78
CA TYR E 100 -6.24 -5.00 -62.07
C TYR E 100 -6.76 -6.06 -61.10
N ASP E 101 -6.42 -7.32 -61.32
CA ASP E 101 -6.85 -8.36 -60.39
C ASP E 101 -6.13 -8.15 -59.06
N TYR E 102 -4.90 -7.62 -59.15
CA TYR E 102 -4.15 -7.37 -57.95
C TYR E 102 -4.52 -6.02 -57.38
N PHE E 103 -4.92 -5.09 -58.25
CA PHE E 103 -5.34 -3.78 -57.79
C PHE E 103 -6.57 -3.97 -56.91
N ARG E 104 -7.51 -4.80 -57.37
CA ARG E 104 -8.72 -5.06 -56.60
C ARG E 104 -8.38 -5.64 -55.24
N ALA E 105 -7.40 -6.54 -55.21
CA ALA E 105 -6.98 -7.18 -53.97
C ALA E 105 -6.47 -6.14 -52.99
N VAL E 106 -5.56 -5.30 -53.46
CA VAL E 106 -5.00 -4.25 -52.62
C VAL E 106 -6.07 -3.26 -52.13
N LEU E 107 -6.99 -2.90 -53.00
CA LEU E 107 -8.07 -1.97 -52.64
C LEU E 107 -8.98 -2.57 -51.59
N GLN E 108 -9.46 -3.77 -51.86
CA GLN E 108 -10.36 -4.48 -50.96
C GLN E 108 -9.83 -4.54 -49.54
N ARG E 109 -8.51 -4.64 -49.40
CA ARG E 109 -7.90 -4.74 -48.08
C ARG E 109 -7.35 -3.41 -47.62
N ASP E 110 -7.55 -2.37 -48.42
CA ASP E 110 -7.08 -1.04 -48.07
C ASP E 110 -5.64 -1.10 -47.57
N GLU E 111 -4.80 -1.83 -48.30
CA GLU E 111 -3.39 -1.98 -47.96
C GLU E 111 -2.58 -0.72 -48.31
N ARG E 112 -2.16 0.01 -47.29
CA ARG E 112 -1.37 1.23 -47.52
C ARG E 112 0.12 0.88 -47.62
N SER E 113 0.49 0.10 -48.62
CA SER E 113 1.89 -0.30 -48.79
C SER E 113 2.62 0.37 -49.93
N GLU E 114 3.93 0.20 -49.96
CA GLU E 114 4.76 0.77 -51.01
C GLU E 114 4.55 -0.01 -52.30
N ARG E 115 4.32 -1.32 -52.18
CA ARG E 115 4.11 -2.13 -53.37
C ARG E 115 2.79 -1.73 -54.02
N ALA E 116 1.80 -1.37 -53.21
CA ALA E 116 0.51 -0.95 -53.71
C ALA E 116 0.69 0.37 -54.46
N PHE E 117 1.49 1.26 -53.89
CA PHE E 117 1.75 2.55 -54.53
C PHE E 117 2.30 2.33 -55.94
N LYS E 118 3.27 1.42 -56.06
CA LYS E 118 3.86 1.14 -57.36
C LYS E 118 2.84 0.49 -58.29
N LEU E 119 1.95 -0.31 -57.74
CA LEU E 119 0.92 -0.95 -58.54
C LEU E 119 0.00 0.09 -59.18
N THR E 120 -0.32 1.17 -58.47
CA THR E 120 -1.19 2.19 -59.03
C THR E 120 -0.59 2.84 -60.26
N ARG E 121 0.74 2.89 -60.32
CA ARG E 121 1.42 3.49 -61.47
C ARG E 121 1.08 2.67 -62.72
N ASP E 122 1.04 1.36 -62.56
CA ASP E 122 0.73 0.47 -63.68
C ASP E 122 -0.75 0.57 -64.05
N ALA E 123 -1.61 0.59 -63.03
CA ALA E 123 -3.06 0.68 -63.24
C ALA E 123 -3.38 1.97 -63.99
N ILE E 124 -2.69 3.05 -63.63
CA ILE E 124 -2.91 4.32 -64.28
C ILE E 124 -2.42 4.28 -65.73
N GLU E 125 -1.30 3.61 -65.97
CA GLU E 125 -0.79 3.52 -67.34
C GLU E 125 -1.78 2.76 -68.21
N LEU E 126 -2.43 1.75 -67.64
CA LEU E 126 -3.41 0.95 -68.35
C LEU E 126 -4.73 1.70 -68.58
N ASN E 127 -5.12 2.53 -67.61
CA ASN E 127 -6.36 3.29 -67.69
C ASN E 127 -6.35 4.49 -66.76
N ALA E 128 -5.96 5.64 -67.30
CA ALA E 128 -5.88 6.87 -66.52
C ALA E 128 -7.25 7.50 -66.22
N ALA E 129 -8.32 6.89 -66.70
CA ALA E 129 -9.65 7.44 -66.47
C ALA E 129 -10.33 6.81 -65.26
N ASN E 130 -9.65 5.87 -64.61
CA ASN E 130 -10.22 5.21 -63.44
C ASN E 130 -10.03 6.09 -62.21
N TYR E 131 -11.07 6.85 -61.84
CA TYR E 131 -11.00 7.76 -60.70
C TYR E 131 -10.69 7.09 -59.36
N THR E 132 -11.14 5.86 -59.18
CA THR E 132 -10.87 5.16 -57.93
C THR E 132 -9.36 4.95 -57.77
N VAL E 133 -8.67 4.63 -58.87
CA VAL E 133 -7.24 4.41 -58.80
C VAL E 133 -6.55 5.69 -58.36
N TRP E 134 -6.95 6.82 -58.92
CA TRP E 134 -6.33 8.08 -58.54
C TRP E 134 -6.61 8.41 -57.08
N HIS E 135 -7.81 8.10 -56.61
CA HIS E 135 -8.14 8.39 -55.23
C HIS E 135 -7.24 7.58 -54.32
N PHE E 136 -7.16 6.28 -54.59
CA PHE E 136 -6.33 5.39 -53.79
C PHE E 136 -4.87 5.85 -53.82
N ARG E 137 -4.41 6.29 -54.97
CA ARG E 137 -3.04 6.77 -55.07
C ARG E 137 -2.84 7.96 -54.13
N ARG E 138 -3.84 8.82 -54.06
CA ARG E 138 -3.76 9.98 -53.18
C ARG E 138 -3.74 9.54 -51.71
N VAL E 139 -4.54 8.52 -51.39
CA VAL E 139 -4.57 8.00 -50.03
C VAL E 139 -3.15 7.52 -49.68
N LEU E 140 -2.55 6.78 -50.60
CA LEU E 140 -1.20 6.27 -50.41
C LEU E 140 -0.17 7.38 -50.32
N LEU E 141 -0.31 8.41 -51.15
CA LEU E 141 0.64 9.53 -51.11
C LEU E 141 0.69 10.12 -49.69
N ARG E 142 -0.46 10.13 -49.02
CA ARG E 142 -0.55 10.67 -47.68
C ARG E 142 0.01 9.65 -46.67
N SER E 143 -0.56 8.45 -46.68
CA SER E 143 -0.13 7.38 -45.78
C SER E 143 1.37 7.17 -45.77
N LEU E 144 1.98 7.05 -46.95
CA LEU E 144 3.41 6.82 -47.05
C LEU E 144 4.21 8.12 -47.05
N GLN E 145 3.52 9.25 -46.89
CA GLN E 145 4.19 10.54 -46.89
C GLN E 145 5.23 10.63 -48.01
N LYS E 146 4.79 10.40 -49.24
CA LYS E 146 5.65 10.44 -50.41
C LYS E 146 6.02 11.87 -50.77
N ASP E 147 7.13 12.03 -51.48
CA ASP E 147 7.58 13.36 -51.90
C ASP E 147 6.57 13.90 -52.91
N LEU E 148 5.85 14.94 -52.54
CA LEU E 148 4.85 15.53 -53.42
C LEU E 148 5.44 16.30 -54.59
N GLN E 149 6.68 16.72 -54.45
CA GLN E 149 7.32 17.46 -55.52
C GLN E 149 7.58 16.50 -56.67
N GLU E 150 7.79 15.23 -56.32
CA GLU E 150 8.05 14.20 -57.30
C GLU E 150 6.74 13.84 -58.02
N GLU E 151 5.65 13.83 -57.24
CA GLU E 151 4.34 13.52 -57.80
C GLU E 151 3.94 14.63 -58.77
N MET E 152 4.41 15.85 -58.52
CA MET E 152 4.09 16.96 -59.42
C MET E 152 4.71 16.69 -60.80
N ASN E 153 5.93 16.15 -60.81
CA ASN E 153 6.60 15.86 -62.08
C ASN E 153 5.83 14.76 -62.81
N TYR E 154 5.38 13.78 -62.04
CA TYR E 154 4.61 12.66 -62.57
C TYR E 154 3.33 13.13 -63.27
N ILE E 155 2.48 13.83 -62.52
CA ILE E 155 1.22 14.33 -63.06
C ILE E 155 1.45 15.33 -64.18
N ILE E 156 2.57 16.04 -64.14
CA ILE E 156 2.84 17.01 -65.21
C ILE E 156 3.02 16.29 -66.55
N ALA E 157 3.69 15.14 -66.51
CA ALA E 157 3.91 14.37 -67.73
C ALA E 157 2.59 13.72 -68.17
N ILE E 158 1.86 13.14 -67.24
CA ILE E 158 0.59 12.49 -67.55
C ILE E 158 -0.40 13.45 -68.24
N ILE E 159 -0.52 14.67 -67.71
CA ILE E 159 -1.44 15.64 -68.28
C ILE E 159 -1.05 16.04 -69.70
N GLU E 160 0.25 16.16 -69.97
CA GLU E 160 0.69 16.53 -71.30
C GLU E 160 0.25 15.49 -72.32
N GLU E 161 0.23 14.22 -71.90
CA GLU E 161 -0.17 13.13 -72.77
C GLU E 161 -1.71 13.01 -72.86
N GLN E 162 -2.42 13.41 -71.81
CA GLN E 162 -3.88 13.32 -71.79
C GLN E 162 -4.49 14.61 -71.24
N PRO E 163 -4.31 15.72 -71.96
CA PRO E 163 -4.82 17.04 -71.56
C PRO E 163 -6.32 17.21 -71.43
N LYS E 164 -7.11 16.24 -71.87
CA LYS E 164 -8.56 16.35 -71.78
C LYS E 164 -9.17 15.41 -70.74
N ASN E 165 -8.33 14.77 -69.94
CA ASN E 165 -8.77 13.83 -68.92
C ASN E 165 -9.11 14.58 -67.61
N TYR E 166 -10.35 14.45 -67.15
CA TYR E 166 -10.78 15.12 -65.92
C TYR E 166 -10.01 14.70 -64.67
N GLN E 167 -9.76 13.40 -64.52
CA GLN E 167 -9.05 12.88 -63.36
C GLN E 167 -7.65 13.43 -63.16
N VAL E 168 -6.89 13.60 -64.24
CA VAL E 168 -5.53 14.08 -64.08
C VAL E 168 -5.49 15.54 -63.67
N TRP E 169 -6.44 16.35 -64.15
CA TRP E 169 -6.47 17.75 -63.75
C TRP E 169 -6.91 17.88 -62.29
N HIS E 170 -7.84 17.04 -61.87
CA HIS E 170 -8.30 17.07 -60.49
C HIS E 170 -7.15 16.67 -59.57
N HIS E 171 -6.40 15.66 -59.98
CA HIS E 171 -5.26 15.20 -59.19
C HIS E 171 -4.25 16.32 -59.00
N ARG E 172 -3.94 17.04 -60.07
CA ARG E 172 -2.98 18.12 -59.97
C ARG E 172 -3.50 19.22 -59.03
N ARG E 173 -4.79 19.51 -59.10
CA ARG E 173 -5.34 20.55 -58.24
C ARG E 173 -5.23 20.18 -56.77
N VAL E 174 -5.49 18.91 -56.45
CA VAL E 174 -5.38 18.47 -55.07
C VAL E 174 -3.93 18.62 -54.61
N LEU E 175 -2.98 18.27 -55.47
CA LEU E 175 -1.57 18.38 -55.11
C LEU E 175 -1.17 19.82 -54.82
N VAL E 176 -1.59 20.73 -55.68
CA VAL E 176 -1.26 22.14 -55.48
C VAL E 176 -1.88 22.65 -54.19
N GLU E 177 -3.06 22.16 -53.85
CA GLU E 177 -3.71 22.57 -52.60
C GLU E 177 -2.90 22.06 -51.42
N TRP E 178 -2.43 20.81 -51.52
CA TRP E 178 -1.63 20.23 -50.47
C TRP E 178 -0.33 20.98 -50.26
N LEU E 179 0.37 21.28 -51.35
CA LEU E 179 1.64 21.98 -51.27
C LEU E 179 1.51 23.47 -51.05
N LYS E 180 0.32 24.02 -51.30
CA LYS E 180 0.10 25.46 -51.16
C LYS E 180 1.18 26.18 -51.96
N ASP E 181 1.63 25.54 -53.03
CA ASP E 181 2.68 26.07 -53.90
C ASP E 181 2.20 26.19 -55.35
N PRO E 182 1.92 27.42 -55.81
CA PRO E 182 1.46 27.61 -57.18
C PRO E 182 2.55 28.06 -58.15
N SER E 183 3.79 28.11 -57.67
CA SER E 183 4.93 28.57 -58.47
C SER E 183 5.12 27.95 -59.86
N GLN E 184 4.73 26.69 -60.05
CA GLN E 184 4.90 26.04 -61.35
C GLN E 184 3.69 26.20 -62.28
N GLU E 185 2.51 26.40 -61.68
CA GLU E 185 1.26 26.48 -62.41
C GLU E 185 1.10 27.34 -63.65
N LEU E 186 1.26 28.65 -63.54
CA LEU E 186 1.08 29.50 -64.71
C LEU E 186 1.91 29.09 -65.93
N GLU E 187 3.14 28.64 -65.69
CA GLU E 187 4.00 28.25 -66.80
C GLU E 187 3.56 26.91 -67.38
N PHE E 188 3.19 25.97 -66.51
CA PHE E 188 2.74 24.66 -66.96
C PHE E 188 1.49 24.81 -67.83
N ILE E 189 0.55 25.62 -67.37
CA ILE E 189 -0.68 25.82 -68.11
C ILE E 189 -0.41 26.51 -69.45
N ALA E 190 0.51 27.47 -69.44
CA ALA E 190 0.86 28.18 -70.68
C ALA E 190 1.39 27.18 -71.73
N ASP E 191 2.05 26.14 -71.26
CA ASP E 191 2.59 25.11 -72.14
C ASP E 191 1.47 24.29 -72.75
N ILE E 192 0.52 23.89 -71.91
CA ILE E 192 -0.62 23.11 -72.39
C ILE E 192 -1.43 23.96 -73.35
N LEU E 193 -1.66 25.22 -73.01
CA LEU E 193 -2.42 26.11 -73.87
C LEU E 193 -1.66 26.35 -75.17
N ASN E 194 -0.40 26.01 -75.18
CA ASN E 194 0.40 26.21 -76.38
C ASN E 194 0.07 25.13 -77.40
N GLN E 195 -0.34 23.98 -76.91
CA GLN E 195 -0.72 22.87 -77.78
C GLN E 195 -2.21 22.90 -78.13
N ASP E 196 -2.98 23.62 -77.31
CA ASP E 196 -4.42 23.76 -77.51
C ASP E 196 -4.89 24.98 -76.72
N ALA E 197 -4.90 26.13 -77.38
CA ALA E 197 -5.28 27.38 -76.75
C ALA E 197 -6.72 27.47 -76.29
N LYS E 198 -7.51 26.41 -76.50
CA LYS E 198 -8.91 26.45 -76.06
C LYS E 198 -9.30 25.32 -75.11
N ASN E 199 -8.30 24.59 -74.62
CA ASN E 199 -8.52 23.49 -73.69
C ASN E 199 -9.27 24.03 -72.46
N TYR E 200 -10.53 23.65 -72.33
CA TYR E 200 -11.37 24.11 -71.22
C TYR E 200 -10.78 23.76 -69.84
N HIS E 201 -10.18 22.57 -69.73
CA HIS E 201 -9.59 22.11 -68.47
C HIS E 201 -8.44 23.03 -68.02
N ALA E 202 -7.60 23.41 -68.98
CA ALA E 202 -6.47 24.28 -68.72
C ALA E 202 -6.93 25.65 -68.25
N TRP E 203 -7.91 26.23 -68.93
CA TRP E 203 -8.39 27.56 -68.53
C TRP E 203 -9.03 27.52 -67.16
N GLN E 204 -9.72 26.44 -66.87
CA GLN E 204 -10.40 26.29 -65.60
C GLN E 204 -9.35 26.25 -64.48
N HIS E 205 -8.32 25.43 -64.68
CA HIS E 205 -7.25 25.29 -63.70
C HIS E 205 -6.53 26.62 -63.53
N ARG E 206 -6.32 27.32 -64.63
CA ARG E 206 -5.63 28.59 -64.59
C ARG E 206 -6.42 29.61 -63.76
N GLN E 207 -7.73 29.65 -63.95
CA GLN E 207 -8.55 30.59 -63.20
C GLN E 207 -8.56 30.22 -61.71
N TRP E 208 -8.54 28.92 -61.43
CA TRP E 208 -8.53 28.47 -60.04
C TRP E 208 -7.23 28.92 -59.35
N VAL E 209 -6.10 28.64 -59.97
CA VAL E 209 -4.82 29.02 -59.41
C VAL E 209 -4.74 30.52 -59.17
N ILE E 210 -5.04 31.30 -60.20
CA ILE E 210 -4.98 32.74 -60.07
C ILE E 210 -5.84 33.28 -58.94
N GLN E 211 -7.06 32.76 -58.82
CA GLN E 211 -7.98 33.20 -57.79
C GLN E 211 -7.53 32.75 -56.39
N GLU E 212 -7.18 31.47 -56.28
CA GLU E 212 -6.76 30.89 -55.01
C GLU E 212 -5.49 31.47 -54.41
N PHE E 213 -4.52 31.82 -55.25
CA PHE E 213 -3.26 32.36 -54.74
C PHE E 213 -3.04 33.81 -55.14
N ARG E 214 -4.11 34.47 -55.55
CA ARG E 214 -4.09 35.87 -55.98
C ARG E 214 -2.89 36.22 -56.87
N LEU E 215 -2.84 35.58 -58.05
CA LEU E 215 -1.77 35.80 -59.02
C LEU E 215 -2.29 36.60 -60.21
N TRP E 216 -2.91 37.73 -59.95
CA TRP E 216 -3.47 38.56 -61.01
C TRP E 216 -2.48 39.44 -61.76
N ASP E 217 -1.39 39.81 -61.09
CA ASP E 217 -0.36 40.69 -61.62
C ASP E 217 -0.01 40.65 -63.12
N ASN E 218 0.20 39.47 -63.68
CA ASN E 218 0.58 39.37 -65.09
C ASN E 218 -0.44 38.78 -66.07
N GLU E 219 -1.61 38.39 -65.59
CA GLU E 219 -2.58 37.77 -66.48
C GLU E 219 -3.07 38.66 -67.63
N LEU E 220 -3.37 39.93 -67.36
CA LEU E 220 -3.84 40.82 -68.42
C LEU E 220 -2.82 40.94 -69.55
N GLN E 221 -1.55 40.79 -69.21
CA GLN E 221 -0.49 40.88 -70.19
C GLN E 221 -0.47 39.58 -71.00
N TYR E 222 -0.73 38.47 -70.31
CA TYR E 222 -0.76 37.15 -70.94
C TYR E 222 -1.90 37.12 -71.94
N VAL E 223 -3.03 37.69 -71.52
CA VAL E 223 -4.22 37.77 -72.35
C VAL E 223 -3.93 38.58 -73.60
N ASP E 224 -3.28 39.73 -73.44
CA ASP E 224 -2.94 40.58 -74.57
C ASP E 224 -2.04 39.84 -75.55
N GLN E 225 -1.14 39.03 -75.03
CA GLN E 225 -0.23 38.26 -75.87
C GLN E 225 -0.99 37.24 -76.70
N LEU E 226 -1.92 36.54 -76.08
CA LEU E 226 -2.69 35.51 -76.78
C LEU E 226 -3.71 36.08 -77.76
N LEU E 227 -4.22 37.27 -77.48
CA LEU E 227 -5.17 37.87 -78.40
C LEU E 227 -4.45 38.31 -79.68
N LYS E 228 -3.14 38.51 -79.59
CA LYS E 228 -2.36 38.89 -80.75
C LYS E 228 -2.13 37.63 -81.59
N GLU E 229 -1.94 36.50 -80.92
CA GLU E 229 -1.73 35.23 -81.62
C GLU E 229 -2.99 34.74 -82.35
N ASP E 230 -4.17 35.03 -81.78
CA ASP E 230 -5.45 34.62 -82.36
C ASP E 230 -6.58 35.42 -81.71
N VAL E 231 -6.91 36.55 -82.32
CA VAL E 231 -7.95 37.43 -81.80
C VAL E 231 -9.34 36.77 -81.79
N ARG E 232 -9.45 35.58 -82.38
CA ARG E 232 -10.72 34.87 -82.42
C ARG E 232 -10.90 33.86 -81.28
N ASN E 233 -9.87 33.66 -80.47
CA ASN E 233 -9.94 32.70 -79.37
C ASN E 233 -10.93 33.20 -78.29
N ASN E 234 -12.12 32.61 -78.26
CA ASN E 234 -13.17 33.00 -77.32
C ASN E 234 -12.74 32.80 -75.86
N SER E 235 -11.88 31.81 -75.62
CA SER E 235 -11.40 31.53 -74.27
C SER E 235 -10.57 32.68 -73.70
N VAL E 236 -9.77 33.31 -74.56
CA VAL E 236 -8.93 34.43 -74.13
C VAL E 236 -9.76 35.67 -73.83
N TRP E 237 -10.78 35.93 -74.64
CA TRP E 237 -11.63 37.08 -74.36
C TRP E 237 -12.32 36.87 -73.02
N ASN E 238 -12.65 35.62 -72.73
CA ASN E 238 -13.29 35.33 -71.45
C ASN E 238 -12.31 35.61 -70.33
N GLN E 239 -11.06 35.19 -70.52
CA GLN E 239 -10.04 35.40 -69.51
C GLN E 239 -9.85 36.89 -69.25
N ARG E 240 -9.89 37.69 -70.32
CA ARG E 240 -9.73 39.12 -70.17
C ARG E 240 -10.78 39.68 -69.24
N HIS E 241 -12.03 39.27 -69.43
CA HIS E 241 -13.11 39.77 -68.57
C HIS E 241 -12.96 39.24 -67.15
N PHE E 242 -12.38 38.05 -67.04
CA PHE E 242 -12.15 37.42 -65.75
C PHE E 242 -11.14 38.25 -64.94
N VAL E 243 -10.02 38.60 -65.57
CA VAL E 243 -8.98 39.38 -64.93
C VAL E 243 -9.48 40.74 -64.50
N ILE E 244 -10.02 41.49 -65.44
CA ILE E 244 -10.50 42.83 -65.15
C ILE E 244 -11.62 42.91 -64.11
N SER E 245 -12.66 42.12 -64.24
CA SER E 245 -13.75 42.20 -63.27
C SER E 245 -13.34 41.74 -61.87
N ASN E 246 -12.20 41.06 -61.77
CA ASN E 246 -11.72 40.58 -60.48
C ASN E 246 -10.58 41.44 -59.91
N THR E 247 -10.18 42.47 -60.64
CA THR E 247 -9.15 43.37 -60.15
C THR E 247 -9.75 44.75 -60.05
N THR E 248 -9.62 45.55 -61.11
CA THR E 248 -10.16 46.90 -61.11
C THR E 248 -11.67 46.99 -61.24
N GLY E 249 -12.26 46.07 -61.99
CA GLY E 249 -13.71 46.13 -62.21
C GLY E 249 -13.92 47.05 -63.40
N TYR E 250 -15.17 47.28 -63.80
CA TYR E 250 -15.43 48.15 -64.94
C TYR E 250 -16.12 49.46 -64.56
N SER E 251 -16.38 49.65 -63.28
CA SER E 251 -17.06 50.85 -62.80
C SER E 251 -16.16 52.09 -62.96
N ASP E 252 -14.86 51.88 -63.11
CA ASP E 252 -13.94 52.98 -63.29
C ASP E 252 -14.02 53.42 -64.76
N ARG E 253 -14.64 54.57 -65.01
CA ARG E 253 -14.80 55.08 -66.36
C ARG E 253 -13.54 55.05 -67.22
N ALA E 254 -12.38 55.19 -66.60
CA ALA E 254 -11.13 55.17 -67.33
C ALA E 254 -10.85 53.76 -67.85
N VAL E 255 -11.22 52.77 -67.05
CA VAL E 255 -11.02 51.37 -67.42
C VAL E 255 -12.02 50.99 -68.52
N LEU E 256 -13.28 51.34 -68.31
CA LEU E 256 -14.33 51.03 -69.28
C LEU E 256 -13.94 51.59 -70.64
N GLU E 257 -13.51 52.85 -70.64
CA GLU E 257 -13.12 53.51 -71.89
C GLU E 257 -11.94 52.79 -72.53
N ARG E 258 -10.94 52.44 -71.72
CA ARG E 258 -9.77 51.74 -72.26
C ARG E 258 -10.20 50.44 -72.93
N GLU E 259 -11.09 49.71 -72.28
CA GLU E 259 -11.56 48.44 -72.79
C GLU E 259 -12.45 48.55 -74.04
N VAL E 260 -13.39 49.48 -74.02
CA VAL E 260 -14.25 49.67 -75.18
C VAL E 260 -13.40 50.07 -76.36
N GLN E 261 -12.39 50.90 -76.11
CA GLN E 261 -11.50 51.35 -77.19
C GLN E 261 -10.66 50.19 -77.71
N TYR E 262 -10.16 49.38 -76.79
CA TYR E 262 -9.32 48.23 -77.14
C TYR E 262 -10.07 47.26 -78.04
N THR E 263 -11.33 47.00 -77.67
CA THR E 263 -12.18 46.07 -78.41
C THR E 263 -12.48 46.60 -79.81
N LEU E 264 -12.86 47.87 -79.91
CA LEU E 264 -13.14 48.47 -81.20
C LEU E 264 -11.92 48.34 -82.10
N GLU E 265 -10.73 48.44 -81.54
CA GLU E 265 -9.52 48.31 -82.34
C GLU E 265 -9.41 46.89 -82.86
N MET E 266 -9.73 45.92 -82.00
CA MET E 266 -9.66 44.52 -82.39
C MET E 266 -10.73 44.21 -83.42
N ILE E 267 -11.89 44.85 -83.27
CA ILE E 267 -12.98 44.63 -84.21
C ILE E 267 -12.58 45.18 -85.57
N LYS E 268 -11.92 46.34 -85.60
CA LYS E 268 -11.48 46.94 -86.86
C LYS E 268 -10.49 46.02 -87.58
N LEU E 269 -9.68 45.28 -86.82
CA LEU E 269 -8.71 44.38 -87.43
C LEU E 269 -9.36 43.13 -88.03
N VAL E 270 -10.41 42.64 -87.37
CA VAL E 270 -11.13 41.46 -87.82
C VAL E 270 -12.58 41.69 -87.43
N PRO E 271 -13.33 42.40 -88.29
CA PRO E 271 -14.74 42.72 -88.04
C PRO E 271 -15.70 41.55 -87.85
N HIS E 272 -15.39 40.41 -88.44
CA HIS E 272 -16.26 39.24 -88.28
C HIS E 272 -15.72 38.34 -87.16
N ASN E 273 -15.91 38.77 -85.93
CA ASN E 273 -15.44 38.03 -84.77
C ASN E 273 -16.44 38.16 -83.64
N GLU E 274 -17.24 37.13 -83.45
CA GLU E 274 -18.28 37.13 -82.43
C GLU E 274 -17.74 37.41 -81.02
N SER E 275 -16.60 36.82 -80.71
CA SER E 275 -15.98 37.00 -79.39
C SER E 275 -15.75 38.46 -79.03
N ALA E 276 -15.18 39.24 -79.95
CA ALA E 276 -14.92 40.65 -79.69
C ALA E 276 -16.23 41.40 -79.48
N TRP E 277 -17.21 41.14 -80.33
CA TRP E 277 -18.48 41.81 -80.20
C TRP E 277 -19.21 41.43 -78.93
N ASN E 278 -19.07 40.17 -78.51
CA ASN E 278 -19.73 39.72 -77.30
C ASN E 278 -19.13 40.40 -76.07
N TYR E 279 -17.82 40.63 -76.11
CA TYR E 279 -17.12 41.30 -75.01
C TYR E 279 -17.61 42.74 -74.93
N LEU E 280 -17.59 43.44 -76.07
CA LEU E 280 -18.04 44.81 -76.12
C LEU E 280 -19.45 44.95 -75.54
N LYS E 281 -20.38 44.14 -76.03
CA LYS E 281 -21.76 44.20 -75.54
C LYS E 281 -21.81 43.76 -74.08
N GLY E 282 -20.99 42.79 -73.74
CA GLY E 282 -20.99 42.28 -72.38
C GLY E 282 -20.64 43.31 -71.31
N ILE E 283 -19.63 44.13 -71.56
CA ILE E 283 -19.22 45.13 -70.58
C ILE E 283 -20.06 46.40 -70.59
N LEU E 284 -21.01 46.50 -71.52
CA LEU E 284 -21.86 47.69 -71.58
C LEU E 284 -23.35 47.44 -71.38
N GLN E 285 -23.81 46.22 -71.68
CA GLN E 285 -25.23 45.90 -71.59
C GLN E 285 -25.92 46.20 -70.26
N ASP E 286 -25.23 45.98 -69.15
CA ASP E 286 -25.86 46.24 -67.87
C ASP E 286 -25.87 47.70 -67.47
N ARG E 287 -24.94 48.48 -68.02
CA ARG E 287 -24.89 49.91 -67.73
C ARG E 287 -25.98 50.59 -68.56
N GLY E 288 -26.33 49.96 -69.68
CA GLY E 288 -27.36 50.51 -70.56
C GLY E 288 -26.75 50.98 -71.86
N LEU E 289 -26.89 50.19 -72.92
CA LEU E 289 -26.33 50.54 -74.22
C LEU E 289 -26.74 51.91 -74.74
N SER E 290 -27.96 52.35 -74.40
CA SER E 290 -28.45 53.64 -74.87
C SER E 290 -27.81 54.86 -74.18
N ARG E 291 -26.98 54.63 -73.15
CA ARG E 291 -26.33 55.72 -72.43
C ARG E 291 -25.00 56.17 -73.03
N TYR E 292 -24.62 55.57 -74.16
CA TYR E 292 -23.36 55.90 -74.82
C TYR E 292 -23.57 56.41 -76.25
N PRO E 293 -24.05 57.65 -76.39
CA PRO E 293 -24.32 58.28 -77.70
C PRO E 293 -23.20 58.22 -78.74
N ASN E 294 -21.95 58.40 -78.35
CA ASN E 294 -20.89 58.35 -79.33
C ASN E 294 -20.69 56.95 -79.89
N LEU E 295 -21.06 55.95 -79.08
CA LEU E 295 -20.92 54.56 -79.50
C LEU E 295 -21.84 54.28 -80.69
N LEU E 296 -23.08 54.72 -80.57
CA LEU E 296 -24.05 54.53 -81.64
C LEU E 296 -23.54 55.07 -82.97
N ASN E 297 -23.08 56.32 -82.97
CA ASN E 297 -22.57 56.94 -84.18
C ASN E 297 -21.28 56.31 -84.67
N GLN E 298 -20.38 55.95 -83.76
CA GLN E 298 -19.13 55.33 -84.17
C GLN E 298 -19.38 54.00 -84.86
N LEU E 299 -20.43 53.31 -84.43
CA LEU E 299 -20.76 52.02 -85.03
C LEU E 299 -21.43 52.23 -86.38
N LEU E 300 -22.34 53.20 -86.44
CA LEU E 300 -23.03 53.52 -87.70
C LEU E 300 -22.00 53.90 -88.77
N ASP E 301 -20.85 54.39 -88.35
CA ASP E 301 -19.80 54.79 -89.28
C ASP E 301 -18.96 53.61 -89.75
N LEU E 302 -19.05 52.50 -89.04
CA LEU E 302 -18.32 51.30 -89.42
C LEU E 302 -19.11 50.48 -90.44
N GLN E 303 -20.44 50.63 -90.38
CA GLN E 303 -21.35 49.90 -91.26
C GLN E 303 -20.92 49.90 -92.73
N PRO E 304 -20.46 51.06 -93.25
CA PRO E 304 -20.04 51.12 -94.66
C PRO E 304 -19.08 50.00 -95.07
N SER E 305 -17.93 49.92 -94.40
CA SER E 305 -16.93 48.91 -94.75
C SER E 305 -16.85 47.72 -93.78
N HIS E 306 -16.56 47.99 -92.52
CA HIS E 306 -16.44 46.94 -91.49
C HIS E 306 -17.77 46.33 -91.03
N SER E 307 -18.74 46.21 -91.93
CA SER E 307 -20.04 45.66 -91.54
C SER E 307 -19.97 44.15 -91.28
N SER E 308 -20.95 43.66 -90.54
CA SER E 308 -21.05 42.25 -90.19
C SER E 308 -22.36 42.06 -89.45
N PRO E 309 -22.87 40.82 -89.41
CA PRO E 309 -24.13 40.57 -88.71
C PRO E 309 -24.05 40.95 -87.23
N TYR E 310 -22.86 40.80 -86.65
CA TYR E 310 -22.65 41.14 -85.24
C TYR E 310 -22.89 42.62 -84.98
N LEU E 311 -22.44 43.47 -85.90
CA LEU E 311 -22.62 44.91 -85.78
C LEU E 311 -24.09 45.27 -85.91
N ILE E 312 -24.75 44.70 -86.91
CA ILE E 312 -26.18 44.98 -87.12
C ILE E 312 -26.94 44.60 -85.86
N ALA E 313 -26.59 43.45 -85.29
CA ALA E 313 -27.26 42.97 -84.08
C ALA E 313 -27.00 43.96 -82.94
N PHE E 314 -25.76 44.43 -82.84
CA PHE E 314 -25.42 45.38 -81.79
C PHE E 314 -26.30 46.63 -81.92
N LEU E 315 -26.45 47.13 -83.15
CA LEU E 315 -27.28 48.31 -83.38
C LEU E 315 -28.72 48.05 -82.97
N VAL E 316 -29.24 46.87 -83.31
CA VAL E 316 -30.61 46.55 -82.95
C VAL E 316 -30.74 46.62 -81.43
N ASP E 317 -29.75 46.05 -80.74
CA ASP E 317 -29.75 46.05 -79.26
C ASP E 317 -29.70 47.47 -78.69
N ILE E 318 -28.90 48.34 -79.33
CA ILE E 318 -28.80 49.72 -78.89
C ILE E 318 -30.18 50.36 -79.04
N TYR E 319 -30.80 50.14 -80.18
CA TYR E 319 -32.12 50.69 -80.44
C TYR E 319 -33.13 50.16 -79.43
N GLU E 320 -33.05 48.88 -79.10
CA GLU E 320 -33.99 48.32 -78.15
C GLU E 320 -33.81 48.90 -76.75
N ASP E 321 -32.56 49.17 -76.37
CA ASP E 321 -32.32 49.76 -75.04
C ASP E 321 -32.95 51.15 -74.99
N MET E 322 -32.91 51.86 -76.11
CA MET E 322 -33.50 53.18 -76.17
C MET E 322 -35.00 53.08 -75.95
N LEU E 323 -35.67 52.25 -76.76
CA LEU E 323 -37.11 52.06 -76.65
C LEU E 323 -37.49 51.69 -75.22
N GLU E 324 -36.62 50.94 -74.56
CA GLU E 324 -36.85 50.51 -73.19
C GLU E 324 -36.87 51.69 -72.24
N ASN E 325 -36.02 52.68 -72.53
CA ASN E 325 -35.91 53.86 -71.69
C ASN E 325 -36.68 55.07 -72.20
N GLN E 326 -37.93 54.84 -72.62
CA GLN E 326 -38.80 55.90 -73.12
C GLN E 326 -38.02 57.04 -73.80
N CYS E 327 -37.34 56.74 -74.90
CA CYS E 327 -36.56 57.75 -75.61
C CYS E 327 -37.42 58.63 -76.51
N ASP E 328 -36.77 59.56 -77.19
CA ASP E 328 -37.45 60.48 -78.12
C ASP E 328 -37.56 59.84 -79.49
N ASN E 329 -38.72 60.01 -80.13
CA ASN E 329 -38.97 59.43 -81.45
C ASN E 329 -39.17 57.93 -81.33
N LYS E 330 -39.84 57.50 -80.27
CA LYS E 330 -40.06 56.08 -80.04
C LYS E 330 -40.42 55.34 -81.34
N GLU E 331 -41.42 55.84 -82.06
CA GLU E 331 -41.85 55.19 -83.30
C GLU E 331 -40.81 55.24 -84.41
N ASP E 332 -39.96 56.24 -84.42
CA ASP E 332 -38.95 56.33 -85.46
C ASP E 332 -37.78 55.39 -85.16
N ILE E 333 -37.47 55.24 -83.87
CA ILE E 333 -36.39 54.37 -83.45
C ILE E 333 -36.82 52.93 -83.75
N LEU E 334 -38.06 52.60 -83.38
CA LEU E 334 -38.62 51.27 -83.62
C LEU E 334 -38.44 50.87 -85.08
N ASN E 335 -38.70 51.80 -85.98
CA ASN E 335 -38.57 51.55 -87.42
C ASN E 335 -37.14 51.29 -87.83
N LYS E 336 -36.20 51.94 -87.17
CA LYS E 336 -34.80 51.73 -87.51
C LYS E 336 -34.38 50.31 -87.08
N ALA E 337 -34.95 49.83 -85.98
CA ALA E 337 -34.65 48.50 -85.47
C ALA E 337 -35.24 47.44 -86.40
N LEU E 338 -36.54 47.56 -86.68
CA LEU E 338 -37.23 46.62 -87.55
C LEU E 338 -36.55 46.53 -88.91
N GLU E 339 -36.11 47.67 -89.43
CA GLU E 339 -35.44 47.71 -90.72
C GLU E 339 -34.16 46.87 -90.66
N LEU E 340 -33.47 46.93 -89.51
CA LEU E 340 -32.24 46.17 -89.33
C LEU E 340 -32.52 44.69 -89.10
N CYS E 341 -33.64 44.39 -88.43
CA CYS E 341 -34.00 43.00 -88.19
C CYS E 341 -34.23 42.34 -89.55
N GLU E 342 -34.94 43.05 -90.43
CA GLU E 342 -35.23 42.53 -91.75
C GLU E 342 -33.95 42.36 -92.58
N ILE E 343 -33.02 43.29 -92.44
CA ILE E 343 -31.77 43.20 -93.18
C ILE E 343 -31.01 41.96 -92.74
N LEU E 344 -31.10 41.66 -91.45
CA LEU E 344 -30.43 40.49 -90.87
C LEU E 344 -31.08 39.23 -91.42
N ALA E 345 -32.41 39.20 -91.39
CA ALA E 345 -33.16 38.05 -91.86
C ALA E 345 -33.01 37.79 -93.35
N LYS E 346 -33.18 38.83 -94.16
CA LYS E 346 -33.10 38.71 -95.61
C LYS E 346 -31.73 38.57 -96.25
N GLU E 347 -30.69 39.16 -95.69
CA GLU E 347 -29.39 39.04 -96.33
C GLU E 347 -28.12 38.91 -95.48
N LYS E 348 -28.11 39.50 -94.30
CA LYS E 348 -26.90 39.45 -93.48
C LYS E 348 -26.69 38.24 -92.56
N ASP E 349 -27.77 37.68 -92.04
CA ASP E 349 -27.70 36.53 -91.13
C ASP E 349 -28.89 35.60 -91.45
N THR E 350 -29.00 35.20 -92.71
CA THR E 350 -30.12 34.36 -93.15
C THR E 350 -30.38 33.06 -92.41
N ILE E 351 -29.35 32.41 -91.90
CA ILE E 351 -29.56 31.16 -91.18
C ILE E 351 -30.46 31.35 -89.96
N ARG E 352 -30.55 32.58 -89.47
CA ARG E 352 -31.39 32.91 -88.33
C ARG E 352 -32.58 33.74 -88.80
N LYS E 353 -32.87 33.64 -90.10
CA LYS E 353 -33.96 34.34 -90.76
C LYS E 353 -35.23 34.38 -89.92
N GLU E 354 -35.72 33.23 -89.49
CA GLU E 354 -36.95 33.18 -88.70
C GLU E 354 -36.81 33.74 -87.28
N TYR E 355 -35.58 33.72 -86.75
CA TYR E 355 -35.35 34.24 -85.42
C TYR E 355 -35.41 35.76 -85.46
N TRP E 356 -34.74 36.35 -86.44
CA TRP E 356 -34.73 37.80 -86.56
C TRP E 356 -36.13 38.33 -86.83
N ARG E 357 -36.93 37.58 -87.60
CA ARG E 357 -38.29 38.00 -87.90
C ARG E 357 -39.08 37.97 -86.58
N TYR E 358 -38.80 36.96 -85.77
CA TYR E 358 -39.45 36.79 -84.48
C TYR E 358 -39.08 37.96 -83.57
N ILE E 359 -37.81 38.36 -83.60
CA ILE E 359 -37.36 39.49 -82.79
C ILE E 359 -38.11 40.74 -83.26
N GLY E 360 -38.17 40.91 -84.58
CA GLY E 360 -38.87 42.04 -85.14
C GLY E 360 -40.30 42.10 -84.61
N ARG E 361 -41.06 41.03 -84.80
CA ARG E 361 -42.44 41.01 -84.32
C ARG E 361 -42.52 41.36 -82.84
N SER E 362 -41.59 40.82 -82.05
CA SER E 362 -41.56 41.07 -80.61
C SER E 362 -41.38 42.55 -80.28
N LEU E 363 -40.52 43.22 -81.05
CA LEU E 363 -40.26 44.64 -80.84
C LEU E 363 -41.51 45.47 -81.11
N GLN E 364 -42.23 45.14 -82.17
CA GLN E 364 -43.42 45.89 -82.50
C GLN E 364 -44.54 45.71 -81.50
N SER E 365 -44.87 44.47 -81.17
CA SER E 365 -45.95 44.23 -80.22
C SER E 365 -45.61 44.76 -78.83
N LYS E 366 -44.39 45.27 -78.65
CA LYS E 366 -43.98 45.79 -77.35
C LYS E 366 -43.85 47.31 -77.33
N HIS E 367 -43.68 47.91 -78.51
CA HIS E 367 -43.53 49.35 -78.59
C HIS E 367 -44.36 50.01 -79.71
N SER E 368 -45.69 49.98 -79.57
CA SER E 368 -46.57 50.58 -80.56
C SER E 368 -47.90 51.07 -79.98
N LEU F 18 -28.34 13.15 -96.54
CA LEU F 18 -29.04 12.19 -97.44
C LEU F 18 -30.25 11.58 -96.72
N ASP F 19 -30.12 10.31 -96.34
CA ASP F 19 -31.18 9.62 -95.64
C ASP F 19 -30.65 9.12 -94.29
N PHE F 20 -31.56 8.76 -93.41
CA PHE F 20 -31.24 8.28 -92.09
C PHE F 20 -31.12 6.75 -92.11
N LEU F 21 -29.91 6.25 -91.84
CA LEU F 21 -29.64 4.82 -91.84
C LEU F 21 -30.13 4.11 -90.58
N ARG F 22 -31.42 4.22 -90.31
CA ARG F 22 -32.01 3.63 -89.12
C ARG F 22 -31.56 2.22 -88.73
N ASP F 23 -31.65 1.27 -89.66
CA ASP F 23 -31.26 -0.10 -89.36
C ASP F 23 -29.78 -0.21 -88.94
N ARG F 24 -28.92 0.51 -89.63
CA ARG F 24 -27.50 0.46 -89.30
C ARG F 24 -27.28 0.95 -87.86
N HIS F 25 -27.98 2.01 -87.48
CA HIS F 25 -27.85 2.56 -86.14
C HIS F 25 -28.38 1.60 -85.09
N VAL F 26 -29.39 0.82 -85.43
CA VAL F 26 -29.93 -0.15 -84.47
C VAL F 26 -28.86 -1.20 -84.20
N ARG F 27 -28.24 -1.69 -85.27
CA ARG F 27 -27.20 -2.70 -85.11
C ARG F 27 -26.02 -2.11 -84.33
N PHE F 28 -25.69 -0.85 -84.61
CA PHE F 28 -24.60 -0.19 -83.92
C PHE F 28 -24.84 -0.20 -82.40
N PHE F 29 -26.04 0.16 -81.98
CA PHE F 29 -26.36 0.18 -80.57
C PHE F 29 -26.38 -1.22 -79.99
N GLN F 30 -26.76 -2.21 -80.79
CA GLN F 30 -26.79 -3.58 -80.29
C GLN F 30 -25.36 -3.98 -79.96
N ARG F 31 -24.45 -3.67 -80.86
CA ARG F 31 -23.06 -4.02 -80.66
C ARG F 31 -22.50 -3.35 -79.41
N CYS F 32 -22.97 -2.14 -79.10
CA CYS F 32 -22.50 -1.43 -77.92
C CYS F 32 -22.84 -2.19 -76.64
N LEU F 33 -23.96 -2.90 -76.64
CA LEU F 33 -24.35 -3.66 -75.46
C LEU F 33 -23.64 -5.00 -75.37
N GLN F 34 -22.92 -5.37 -76.41
CA GLN F 34 -22.27 -6.67 -76.44
C GLN F 34 -20.84 -6.73 -75.90
N VAL F 35 -19.87 -6.96 -76.76
CA VAL F 35 -18.49 -7.05 -76.30
C VAL F 35 -17.62 -6.04 -77.03
N LEU F 36 -16.72 -5.40 -76.30
CA LEU F 36 -15.84 -4.40 -76.89
C LEU F 36 -14.37 -4.80 -76.82
N PRO F 37 -13.57 -4.37 -77.80
CA PRO F 37 -12.12 -4.66 -77.86
C PRO F 37 -11.42 -3.95 -76.70
N GLU F 38 -10.28 -4.46 -76.28
CA GLU F 38 -9.56 -3.84 -75.17
C GLU F 38 -9.19 -2.39 -75.42
N ARG F 39 -9.30 -1.94 -76.67
CA ARG F 39 -8.96 -0.56 -77.00
C ARG F 39 -9.97 0.40 -76.37
N TYR F 40 -11.02 -0.14 -75.76
CA TYR F 40 -12.05 0.67 -75.11
C TYR F 40 -12.00 0.60 -73.58
N SER F 41 -10.87 0.13 -73.07
CA SER F 41 -10.66 -0.01 -71.63
C SER F 41 -10.98 1.24 -70.80
N SER F 42 -10.71 2.42 -71.35
CA SER F 42 -10.98 3.64 -70.60
C SER F 42 -12.46 3.87 -70.30
N LEU F 43 -13.33 3.03 -70.85
CA LEU F 43 -14.77 3.16 -70.62
C LEU F 43 -15.22 2.29 -69.46
N GLU F 44 -14.32 1.49 -68.94
CA GLU F 44 -14.63 0.58 -67.85
C GLU F 44 -15.49 1.18 -66.73
N THR F 45 -15.00 2.24 -66.07
CA THR F 45 -15.74 2.82 -64.96
C THR F 45 -17.00 3.61 -65.34
N SER F 46 -17.40 3.55 -66.61
CA SER F 46 -18.60 4.25 -67.02
C SER F 46 -19.36 3.45 -68.08
N ARG F 47 -19.28 2.14 -67.97
CA ARG F 47 -19.95 1.24 -68.89
C ARG F 47 -21.46 1.47 -68.81
N LEU F 48 -21.93 1.85 -67.63
CA LEU F 48 -23.35 2.09 -67.44
C LEU F 48 -23.88 3.23 -68.32
N THR F 49 -23.06 4.25 -68.55
CA THR F 49 -23.50 5.34 -69.40
C THR F 49 -23.46 4.93 -70.86
N ILE F 50 -22.61 3.96 -71.20
CA ILE F 50 -22.55 3.48 -72.57
C ILE F 50 -23.81 2.66 -72.81
N ALA F 51 -24.21 1.91 -71.79
CA ALA F 51 -25.43 1.10 -71.86
C ALA F 51 -26.60 2.07 -72.06
N PHE F 52 -26.57 3.18 -71.33
CA PHE F 52 -27.60 4.20 -71.42
C PHE F 52 -27.74 4.71 -72.85
N PHE F 53 -26.63 5.11 -73.44
CA PHE F 53 -26.65 5.62 -74.81
C PHE F 53 -27.24 4.60 -75.76
N ALA F 54 -26.88 3.34 -75.56
CA ALA F 54 -27.36 2.27 -76.43
C ALA F 54 -28.84 1.96 -76.20
N LEU F 55 -29.24 1.78 -74.94
CA LEU F 55 -30.62 1.48 -74.60
C LEU F 55 -31.56 2.65 -74.93
N SER F 56 -31.21 3.84 -74.47
CA SER F 56 -32.03 5.00 -74.74
C SER F 56 -32.03 5.25 -76.25
N GLY F 57 -30.94 4.91 -76.90
CA GLY F 57 -30.84 5.07 -78.34
C GLY F 57 -31.76 4.10 -79.05
N LEU F 58 -31.82 2.86 -78.55
CA LEU F 58 -32.70 1.85 -79.15
C LEU F 58 -34.14 2.26 -78.89
N ASP F 59 -34.42 2.70 -77.67
CA ASP F 59 -35.74 3.16 -77.28
C ASP F 59 -36.17 4.28 -78.24
N MET F 60 -35.27 5.23 -78.46
CA MET F 60 -35.53 6.36 -79.35
C MET F 60 -35.83 5.89 -80.78
N LEU F 61 -35.33 4.71 -81.15
CA LEU F 61 -35.56 4.17 -82.48
C LEU F 61 -36.66 3.12 -82.45
N ASP F 62 -37.26 2.94 -81.28
CA ASP F 62 -38.33 1.98 -81.09
C ASP F 62 -37.88 0.56 -81.43
N SER F 63 -36.73 0.15 -80.89
CA SER F 63 -36.19 -1.18 -81.14
C SER F 63 -35.74 -1.87 -79.86
N LEU F 64 -36.35 -1.55 -78.74
CA LEU F 64 -35.94 -2.18 -77.49
C LEU F 64 -36.17 -3.70 -77.48
N ASP F 65 -36.98 -4.19 -78.40
CA ASP F 65 -37.27 -5.61 -78.48
C ASP F 65 -36.05 -6.47 -78.85
N VAL F 66 -35.03 -5.85 -79.42
CA VAL F 66 -33.85 -6.60 -79.80
C VAL F 66 -32.90 -6.89 -78.64
N VAL F 67 -33.32 -6.60 -77.42
CA VAL F 67 -32.46 -6.89 -76.27
C VAL F 67 -33.29 -7.57 -75.20
N ASN F 68 -32.62 -8.28 -74.29
CA ASN F 68 -33.33 -8.97 -73.23
C ASN F 68 -33.43 -8.02 -72.04
N LYS F 69 -34.55 -7.31 -71.96
CA LYS F 69 -34.77 -6.35 -70.90
C LYS F 69 -34.53 -6.89 -69.49
N ASP F 70 -34.89 -8.15 -69.28
CA ASP F 70 -34.74 -8.77 -67.97
C ASP F 70 -33.29 -9.00 -67.54
N ASP F 71 -32.45 -9.47 -68.47
CA ASP F 71 -31.06 -9.70 -68.13
C ASP F 71 -30.38 -8.37 -67.78
N ILE F 72 -30.62 -7.37 -68.63
CA ILE F 72 -30.03 -6.06 -68.43
C ILE F 72 -30.48 -5.40 -67.13
N ILE F 73 -31.75 -5.58 -66.78
CA ILE F 73 -32.24 -4.99 -65.54
C ILE F 73 -31.49 -5.56 -64.34
N GLU F 74 -31.18 -6.85 -64.39
CA GLU F 74 -30.46 -7.51 -63.30
C GLU F 74 -29.02 -6.98 -63.24
N TRP F 75 -28.42 -6.81 -64.40
CA TRP F 75 -27.06 -6.29 -64.47
C TRP F 75 -27.01 -4.92 -63.83
N ILE F 76 -27.96 -4.06 -64.20
CA ILE F 76 -28.01 -2.70 -63.65
C ILE F 76 -28.16 -2.75 -62.14
N TYR F 77 -29.07 -3.59 -61.64
CA TYR F 77 -29.25 -3.68 -60.21
C TYR F 77 -28.04 -4.21 -59.47
N SER F 78 -27.15 -4.92 -60.18
CA SER F 78 -25.95 -5.44 -59.54
C SER F 78 -24.98 -4.29 -59.34
N LEU F 79 -25.28 -3.15 -59.97
CA LEU F 79 -24.42 -1.97 -59.87
C LEU F 79 -24.83 -1.00 -58.77
N GLN F 80 -25.94 -1.30 -58.10
CA GLN F 80 -26.39 -0.41 -57.03
C GLN F 80 -25.61 -0.62 -55.74
N VAL F 81 -25.14 0.48 -55.16
CA VAL F 81 -24.41 0.43 -53.91
C VAL F 81 -25.50 0.54 -52.85
N LEU F 82 -25.82 -0.58 -52.21
CA LEU F 82 -26.85 -0.59 -51.18
C LEU F 82 -26.27 -0.35 -49.81
N PRO F 83 -27.09 0.15 -48.88
CA PRO F 83 -26.57 0.39 -47.54
C PRO F 83 -26.27 -0.93 -46.82
N THR F 84 -25.22 -0.94 -46.02
CA THR F 84 -24.84 -2.13 -45.28
C THR F 84 -25.80 -2.37 -44.11
N GLU F 85 -25.69 -3.54 -43.49
CA GLU F 85 -26.56 -3.90 -42.36
C GLU F 85 -26.66 -2.76 -41.35
N ASP F 86 -25.51 -2.24 -40.91
CA ASP F 86 -25.46 -1.16 -39.93
C ASP F 86 -25.73 0.23 -40.53
N ARG F 87 -26.10 0.25 -41.81
CA ARG F 87 -26.39 1.50 -42.52
C ARG F 87 -25.38 2.62 -42.24
N SER F 88 -24.09 2.27 -42.22
CA SER F 88 -23.05 3.25 -41.95
C SER F 88 -22.40 3.79 -43.23
N ASN F 89 -22.99 3.48 -44.38
CA ASN F 89 -22.45 3.93 -45.66
C ASN F 89 -23.51 4.61 -46.52
N LEU F 90 -24.50 5.23 -45.88
CA LEU F 90 -25.57 5.90 -46.62
C LEU F 90 -25.03 7.00 -47.53
N ASP F 91 -24.07 7.76 -47.03
CA ASP F 91 -23.46 8.86 -47.78
C ASP F 91 -22.73 8.41 -49.03
N ARG F 92 -22.67 7.10 -49.25
CA ARG F 92 -21.96 6.58 -50.42
C ARG F 92 -22.83 5.73 -51.33
N CYS F 93 -24.14 5.74 -51.12
CA CYS F 93 -25.03 4.94 -51.95
C CYS F 93 -25.39 5.58 -53.27
N GLY F 94 -25.77 4.74 -54.23
CA GLY F 94 -26.13 5.19 -55.55
C GLY F 94 -25.79 4.05 -56.50
N PHE F 95 -25.25 4.35 -57.67
CA PHE F 95 -24.88 3.29 -58.61
C PHE F 95 -23.42 3.38 -59.06
N ARG F 96 -22.83 2.22 -59.36
CA ARG F 96 -21.44 2.13 -59.84
C ARG F 96 -21.51 2.15 -61.35
N GLY F 97 -20.41 2.52 -61.98
CA GLY F 97 -20.37 2.55 -63.44
C GLY F 97 -20.23 1.14 -64.00
N SER F 98 -19.64 0.25 -63.19
CA SER F 98 -19.44 -1.14 -63.57
C SER F 98 -18.96 -1.91 -62.34
N SER F 99 -18.58 -3.15 -62.54
CA SER F 99 -18.12 -3.99 -61.44
C SER F 99 -16.61 -4.05 -61.31
N TYR F 100 -15.92 -3.01 -61.77
CA TYR F 100 -14.46 -3.01 -61.70
C TYR F 100 -13.84 -3.21 -60.32
N LEU F 101 -14.60 -3.05 -59.25
CA LEU F 101 -14.02 -3.24 -57.92
C LEU F 101 -13.94 -4.69 -57.48
N GLY F 102 -14.62 -5.57 -58.19
CA GLY F 102 -14.57 -6.98 -57.85
C GLY F 102 -15.55 -7.43 -56.80
N ILE F 103 -16.56 -6.61 -56.53
CA ILE F 103 -17.58 -6.99 -55.55
C ILE F 103 -18.43 -8.09 -56.17
N PRO F 104 -18.70 -9.16 -55.41
CA PRO F 104 -19.50 -10.29 -55.88
C PRO F 104 -20.88 -9.91 -56.41
N PHE F 105 -21.19 -10.40 -57.61
CA PHE F 105 -22.47 -10.13 -58.28
C PHE F 105 -23.66 -10.28 -57.33
N ASN F 106 -24.46 -9.22 -57.23
CA ASN F 106 -25.63 -9.19 -56.37
C ASN F 106 -26.65 -8.20 -56.91
N PRO F 107 -27.65 -8.69 -57.65
CA PRO F 107 -28.70 -7.83 -58.24
C PRO F 107 -29.65 -7.21 -57.22
N SER F 108 -29.07 -6.45 -56.29
CA SER F 108 -29.84 -5.78 -55.23
C SER F 108 -30.75 -6.75 -54.49
N LYS F 109 -30.20 -7.90 -54.14
CA LYS F 109 -30.95 -8.92 -53.42
C LYS F 109 -30.59 -8.85 -51.92
N ASN F 110 -29.44 -9.42 -51.55
CA ASN F 110 -28.99 -9.40 -50.16
C ASN F 110 -28.55 -7.99 -49.77
N PRO F 111 -28.13 -7.79 -48.50
CA PRO F 111 -27.70 -6.46 -48.05
C PRO F 111 -26.44 -6.03 -48.81
N GLY F 112 -25.77 -4.98 -48.30
CA GLY F 112 -24.58 -4.50 -48.97
C GLY F 112 -23.26 -5.02 -48.42
N THR F 113 -22.40 -5.53 -49.31
CA THR F 113 -21.09 -6.06 -48.91
C THR F 113 -20.11 -4.90 -48.70
N ALA F 114 -19.83 -4.58 -47.44
CA ALA F 114 -18.93 -3.49 -47.07
C ALA F 114 -17.59 -3.55 -47.80
N HIS F 115 -17.15 -2.39 -48.29
CA HIS F 115 -15.90 -2.27 -49.03
C HIS F 115 -15.38 -0.85 -48.83
N PRO F 116 -14.12 -0.71 -48.43
CA PRO F 116 -13.45 0.57 -48.18
C PRO F 116 -13.57 1.65 -49.26
N TYR F 117 -13.66 1.25 -50.52
CA TYR F 117 -13.73 2.22 -51.60
C TYR F 117 -14.91 2.09 -52.55
N ASP F 118 -15.94 1.36 -52.16
CA ASP F 118 -17.10 1.19 -53.02
C ASP F 118 -18.15 2.23 -52.72
N SER F 119 -18.52 3.01 -53.73
CA SER F 119 -19.53 4.03 -53.58
C SER F 119 -20.10 4.37 -54.95
N GLY F 120 -21.18 5.13 -54.99
CA GLY F 120 -21.78 5.47 -56.26
C GLY F 120 -21.11 6.65 -56.95
N HIS F 121 -21.52 6.86 -58.20
CA HIS F 121 -21.02 7.97 -59.02
C HIS F 121 -22.29 8.65 -59.56
N ILE F 122 -22.44 9.93 -59.25
CA ILE F 122 -23.63 10.66 -59.65
C ILE F 122 -24.09 10.46 -61.10
N ALA F 123 -23.18 10.43 -62.05
CA ALA F 123 -23.59 10.25 -63.44
C ALA F 123 -24.08 8.82 -63.68
N MET F 124 -23.62 7.89 -62.85
CA MET F 124 -24.03 6.50 -62.99
C MET F 124 -25.39 6.30 -62.31
N THR F 125 -25.60 6.97 -61.17
CA THR F 125 -26.86 6.89 -60.48
C THR F 125 -27.93 7.43 -61.44
N TYR F 126 -27.59 8.50 -62.14
CA TYR F 126 -28.51 9.11 -63.09
C TYR F 126 -28.81 8.18 -64.27
N THR F 127 -27.78 7.76 -64.99
CA THR F 127 -27.99 6.88 -66.14
C THR F 127 -28.53 5.52 -65.72
N GLY F 128 -28.20 5.10 -64.51
CA GLY F 128 -28.70 3.83 -64.00
C GLY F 128 -30.21 3.86 -63.84
N LEU F 129 -30.72 4.81 -63.05
CA LEU F 129 -32.15 4.96 -62.82
C LEU F 129 -32.83 5.16 -64.17
N SER F 130 -32.21 5.98 -64.98
CA SER F 130 -32.72 6.27 -66.30
C SER F 130 -32.87 4.99 -67.13
N CYS F 131 -31.89 4.09 -67.07
CA CYS F 131 -31.95 2.83 -67.82
C CYS F 131 -33.06 1.93 -67.31
N LEU F 132 -33.21 1.84 -65.99
CA LEU F 132 -34.24 1.01 -65.40
C LEU F 132 -35.62 1.42 -65.90
N ILE F 133 -35.88 2.73 -65.94
CA ILE F 133 -37.18 3.22 -66.42
C ILE F 133 -37.39 2.87 -67.89
N ILE F 134 -36.35 3.08 -68.69
CA ILE F 134 -36.43 2.77 -70.11
C ILE F 134 -36.76 1.29 -70.33
N LEU F 135 -36.18 0.43 -69.51
CA LEU F 135 -36.39 -1.02 -69.62
C LEU F 135 -37.71 -1.54 -69.06
N GLY F 136 -38.47 -0.65 -68.41
CA GLY F 136 -39.76 -1.07 -67.87
C GLY F 136 -39.79 -1.38 -66.39
N ASP F 137 -38.64 -1.41 -65.75
CA ASP F 137 -38.59 -1.69 -64.32
C ASP F 137 -39.36 -0.61 -63.57
N ASP F 138 -39.84 -0.93 -62.37
CA ASP F 138 -40.62 0.03 -61.59
C ASP F 138 -39.84 0.69 -60.45
N LEU F 139 -38.53 0.43 -60.40
CA LEU F 139 -37.67 1.00 -59.37
C LEU F 139 -37.97 0.54 -57.94
N SER F 140 -38.66 -0.58 -57.80
CA SER F 140 -39.00 -1.08 -56.46
C SER F 140 -37.75 -1.56 -55.71
N ARG F 141 -36.75 -2.04 -56.44
CA ARG F 141 -35.52 -2.52 -55.82
C ARG F 141 -34.52 -1.40 -55.58
N VAL F 142 -34.89 -0.18 -55.94
CA VAL F 142 -34.02 0.97 -55.74
C VAL F 142 -34.25 1.51 -54.34
N ASP F 143 -33.19 1.58 -53.54
CA ASP F 143 -33.33 2.12 -52.20
C ASP F 143 -33.34 3.64 -52.38
N LYS F 144 -34.51 4.18 -52.70
CA LYS F 144 -34.66 5.61 -52.93
C LYS F 144 -34.08 6.52 -51.85
N GLU F 145 -34.32 6.23 -50.58
CA GLU F 145 -33.79 7.08 -49.52
C GLU F 145 -32.28 7.05 -49.44
N ALA F 146 -31.68 5.91 -49.79
CA ALA F 146 -30.23 5.79 -49.76
C ALA F 146 -29.62 6.62 -50.87
N CYS F 147 -30.18 6.53 -52.07
CA CYS F 147 -29.67 7.29 -53.19
C CYS F 147 -29.74 8.78 -52.89
N LEU F 148 -30.86 9.23 -52.32
CA LEU F 148 -31.03 10.64 -52.00
C LEU F 148 -30.05 11.08 -50.94
N ALA F 149 -29.76 10.19 -49.99
CA ALA F 149 -28.79 10.49 -48.93
C ALA F 149 -27.42 10.64 -49.60
N GLY F 150 -27.13 9.75 -50.54
CA GLY F 150 -25.87 9.80 -51.26
C GLY F 150 -25.77 11.09 -52.05
N LEU F 151 -26.85 11.46 -52.72
CA LEU F 151 -26.88 12.69 -53.49
C LEU F 151 -26.57 13.91 -52.62
N ARG F 152 -27.29 14.07 -51.51
CA ARG F 152 -27.08 15.20 -50.60
C ARG F 152 -25.62 15.36 -50.21
N ALA F 153 -24.95 14.24 -49.97
CA ALA F 153 -23.55 14.26 -49.57
C ALA F 153 -22.62 14.80 -50.65
N LEU F 154 -23.06 14.78 -51.90
CA LEU F 154 -22.25 15.26 -53.00
C LEU F 154 -22.30 16.77 -53.23
N GLN F 155 -23.31 17.45 -52.69
CA GLN F 155 -23.42 18.89 -52.90
C GLN F 155 -22.46 19.71 -52.07
N LEU F 156 -21.83 20.70 -52.70
CA LEU F 156 -20.87 21.57 -52.03
C LEU F 156 -21.52 22.83 -51.49
N GLU F 157 -20.77 23.58 -50.70
CA GLU F 157 -21.28 24.82 -50.12
C GLU F 157 -21.80 25.79 -51.18
N ASP F 158 -21.12 25.85 -52.34
CA ASP F 158 -21.53 26.77 -53.40
C ASP F 158 -22.75 26.31 -54.19
N GLY F 159 -23.28 25.13 -53.86
CA GLY F 159 -24.45 24.65 -54.55
C GLY F 159 -24.23 23.63 -55.65
N SER F 160 -23.00 23.52 -56.16
CA SER F 160 -22.72 22.54 -57.21
C SER F 160 -22.52 21.15 -56.59
N PHE F 161 -22.27 20.16 -57.44
CA PHE F 161 -22.07 18.79 -56.98
C PHE F 161 -20.78 18.14 -57.45
N CYS F 162 -20.34 17.13 -56.70
CA CYS F 162 -19.18 16.34 -57.02
C CYS F 162 -19.79 15.07 -57.57
N ALA F 163 -18.97 14.20 -58.17
CA ALA F 163 -19.49 12.95 -58.72
C ALA F 163 -19.45 11.82 -57.72
N VAL F 164 -18.43 11.83 -56.85
CA VAL F 164 -18.28 10.78 -55.85
C VAL F 164 -17.95 11.37 -54.48
N PRO F 165 -18.36 10.68 -53.42
CA PRO F 165 -18.10 11.16 -52.05
C PRO F 165 -16.62 11.34 -51.69
N GLU F 166 -15.74 10.57 -52.33
CA GLU F 166 -14.32 10.68 -52.04
C GLU F 166 -13.76 11.99 -52.58
N GLY F 167 -14.54 12.66 -53.43
CA GLY F 167 -14.09 13.91 -54.00
C GLY F 167 -13.79 13.83 -55.48
N SER F 168 -14.03 14.93 -56.18
CA SER F 168 -13.79 15.00 -57.62
C SER F 168 -13.97 16.46 -58.02
N GLU F 169 -13.98 16.71 -59.32
CA GLU F 169 -14.20 18.06 -59.79
C GLU F 169 -15.69 18.31 -59.56
N ASN F 170 -16.09 19.57 -59.50
CA ASN F 170 -17.49 19.89 -59.30
C ASN F 170 -17.89 20.95 -60.31
N ASP F 171 -19.02 20.75 -60.97
CA ASP F 171 -19.49 21.71 -61.95
C ASP F 171 -20.94 21.48 -62.36
N MET F 172 -21.38 22.26 -63.34
CA MET F 172 -22.74 22.20 -63.83
C MET F 172 -23.19 20.81 -64.28
N ARG F 173 -22.28 20.03 -64.86
CA ARG F 173 -22.61 18.70 -65.33
C ARG F 173 -23.26 17.87 -64.23
N PHE F 174 -22.72 17.96 -63.02
CA PHE F 174 -23.24 17.17 -61.92
C PHE F 174 -24.49 17.78 -61.29
N VAL F 175 -24.69 19.08 -61.50
CA VAL F 175 -25.87 19.75 -60.99
C VAL F 175 -27.03 19.17 -61.82
N TYR F 176 -26.78 18.97 -63.11
CA TYR F 176 -27.79 18.41 -64.00
C TYR F 176 -28.12 16.97 -63.60
N CYS F 177 -27.09 16.20 -63.27
CA CYS F 177 -27.29 14.81 -62.86
C CYS F 177 -28.13 14.76 -61.59
N ALA F 178 -27.79 15.62 -60.64
CA ALA F 178 -28.51 15.68 -59.37
C ALA F 178 -29.98 16.02 -59.65
N SER F 179 -30.21 16.99 -60.53
CA SER F 179 -31.56 17.40 -60.87
C SER F 179 -32.34 16.25 -61.48
N CYS F 180 -31.72 15.50 -62.40
CA CYS F 180 -32.40 14.39 -63.05
C CYS F 180 -32.76 13.31 -62.04
N ILE F 181 -31.85 13.02 -61.12
CA ILE F 181 -32.09 12.01 -60.11
C ILE F 181 -33.29 12.40 -59.23
N CYS F 182 -33.27 13.63 -58.71
CA CYS F 182 -34.36 14.10 -57.87
C CYS F 182 -35.69 14.05 -58.64
N TYR F 183 -35.64 14.40 -59.92
CA TYR F 183 -36.85 14.39 -60.73
C TYR F 183 -37.37 12.97 -60.93
N MET F 184 -36.48 12.04 -61.25
CA MET F 184 -36.89 10.66 -61.47
C MET F 184 -37.38 9.98 -60.18
N LEU F 185 -36.74 10.28 -59.06
CA LEU F 185 -37.18 9.70 -57.80
C LEU F 185 -38.31 10.55 -57.23
N ASN F 186 -38.74 11.54 -58.02
CA ASN F 186 -39.81 12.45 -57.64
C ASN F 186 -39.71 12.90 -56.18
N ASN F 187 -38.51 13.31 -55.78
CA ASN F 187 -38.25 13.76 -54.41
C ASN F 187 -37.02 14.68 -54.46
N TRP F 188 -37.20 15.95 -54.11
CA TRP F 188 -36.08 16.88 -54.16
C TRP F 188 -35.29 17.03 -52.88
N SER F 189 -35.45 16.10 -51.95
CA SER F 189 -34.71 16.17 -50.70
C SER F 189 -33.26 15.82 -50.99
N GLY F 190 -33.00 15.40 -52.23
CA GLY F 190 -31.65 15.05 -52.62
C GLY F 190 -30.73 16.24 -52.76
N MET F 191 -31.27 17.45 -52.72
CA MET F 191 -30.44 18.64 -52.85
C MET F 191 -31.01 19.86 -52.18
N ASP F 192 -30.15 20.83 -51.91
CA ASP F 192 -30.56 22.12 -51.36
C ASP F 192 -30.79 22.94 -52.64
N MET F 193 -32.01 22.88 -53.14
CA MET F 193 -32.39 23.58 -54.36
C MET F 193 -32.02 25.06 -54.41
N LYS F 194 -32.16 25.75 -53.29
CA LYS F 194 -31.84 27.16 -53.27
C LYS F 194 -30.38 27.40 -53.61
N LYS F 195 -29.49 26.58 -53.05
CA LYS F 195 -28.06 26.71 -53.30
C LYS F 195 -27.70 26.33 -54.75
N ALA F 196 -28.36 25.29 -55.27
CA ALA F 196 -28.09 24.86 -56.63
C ALA F 196 -28.47 25.99 -57.60
N ILE F 197 -29.64 26.61 -57.37
CA ILE F 197 -30.12 27.70 -58.20
C ILE F 197 -29.13 28.86 -58.17
N SER F 198 -28.59 29.12 -56.99
CA SER F 198 -27.61 30.18 -56.84
C SER F 198 -26.37 29.88 -57.71
N TYR F 199 -25.95 28.63 -57.71
CA TYR F 199 -24.79 28.23 -58.49
C TYR F 199 -25.06 28.44 -59.98
N ILE F 200 -26.26 28.06 -60.41
CA ILE F 200 -26.64 28.19 -61.80
C ILE F 200 -26.65 29.66 -62.22
N ARG F 201 -27.17 30.54 -61.36
CA ARG F 201 -27.18 31.96 -61.71
C ARG F 201 -25.77 32.52 -61.80
N ARG F 202 -24.92 32.17 -60.84
CA ARG F 202 -23.56 32.66 -60.82
C ARG F 202 -22.71 32.18 -61.99
N SER F 203 -23.21 31.21 -62.73
CA SER F 203 -22.44 30.69 -63.85
C SER F 203 -22.70 31.48 -65.13
N MET F 204 -23.69 32.36 -65.10
CA MET F 204 -23.97 33.15 -66.29
C MET F 204 -22.80 34.09 -66.58
N SER F 205 -22.36 34.05 -67.83
CA SER F 205 -21.24 34.86 -68.30
C SER F 205 -21.65 36.23 -68.81
N TYR F 206 -20.65 37.07 -69.05
CA TYR F 206 -20.90 38.42 -69.56
C TYR F 206 -21.50 38.33 -70.95
N ASP F 207 -21.26 37.23 -71.66
CA ASP F 207 -21.82 37.08 -73.00
C ASP F 207 -23.19 36.42 -72.95
N ASN F 208 -23.70 36.22 -71.74
CA ASN F 208 -25.02 35.66 -71.51
C ASN F 208 -25.25 34.15 -71.58
N GLY F 209 -24.22 33.40 -71.97
CA GLY F 209 -24.37 31.96 -71.99
C GLY F 209 -24.07 31.49 -70.57
N LEU F 210 -24.25 30.20 -70.29
CA LEU F 210 -23.96 29.67 -68.96
C LEU F 210 -22.67 28.87 -69.04
N ALA F 211 -21.80 29.01 -68.04
CA ALA F 211 -20.54 28.27 -68.03
C ALA F 211 -20.59 27.13 -67.03
N GLN F 212 -19.53 26.34 -66.97
CA GLN F 212 -19.49 25.22 -66.04
C GLN F 212 -19.46 25.72 -64.60
N GLY F 213 -18.97 26.96 -64.43
CA GLY F 213 -18.89 27.56 -63.10
C GLY F 213 -18.65 29.05 -63.28
N ALA F 214 -18.75 29.80 -62.19
CA ALA F 214 -18.54 31.25 -62.24
C ALA F 214 -17.20 31.66 -62.84
N GLY F 215 -17.25 32.63 -63.75
CA GLY F 215 -16.04 33.12 -64.39
C GLY F 215 -15.52 32.36 -65.59
N LEU F 216 -15.93 31.12 -65.75
CA LEU F 216 -15.50 30.32 -66.89
C LEU F 216 -16.21 30.69 -68.19
N GLU F 217 -15.65 30.25 -69.31
CA GLU F 217 -16.21 30.53 -70.64
C GLU F 217 -17.57 29.83 -70.80
N SER F 218 -18.61 30.59 -71.17
CA SER F 218 -19.92 29.98 -71.34
C SER F 218 -19.80 28.92 -72.41
N HIS F 219 -20.59 27.85 -72.27
CA HIS F 219 -20.51 26.71 -73.17
C HIS F 219 -21.90 26.10 -73.42
N GLY F 220 -22.08 25.52 -74.60
CA GLY F 220 -23.36 24.91 -74.95
C GLY F 220 -23.78 23.79 -74.01
N GLY F 221 -22.80 23.01 -73.54
CA GLY F 221 -23.12 21.92 -72.64
C GLY F 221 -23.57 22.39 -71.28
N SER F 222 -22.84 23.33 -70.69
CA SER F 222 -23.19 23.83 -69.38
C SER F 222 -24.47 24.66 -69.42
N THR F 223 -24.72 25.33 -70.55
CA THR F 223 -25.94 26.11 -70.69
C THR F 223 -27.13 25.15 -70.69
N PHE F 224 -26.98 24.03 -71.39
CA PHE F 224 -28.04 23.02 -71.39
C PHE F 224 -28.24 22.52 -69.95
N CYS F 225 -27.16 22.13 -69.29
CA CYS F 225 -27.26 21.62 -67.93
C CYS F 225 -27.94 22.59 -66.99
N GLY F 226 -27.59 23.88 -67.09
CA GLY F 226 -28.20 24.88 -66.24
C GLY F 226 -29.69 25.07 -66.53
N ILE F 227 -30.03 25.28 -67.80
CA ILE F 227 -31.41 25.48 -68.19
C ILE F 227 -32.29 24.25 -67.95
N ALA F 228 -31.80 23.07 -68.32
CA ALA F 228 -32.56 21.85 -68.12
C ALA F 228 -32.80 21.61 -66.62
N SER F 229 -31.78 21.86 -65.81
CA SER F 229 -31.93 21.69 -64.37
C SER F 229 -33.07 22.55 -63.85
N LEU F 230 -33.07 23.83 -64.24
CA LEU F 230 -34.13 24.75 -63.81
C LEU F 230 -35.51 24.27 -64.28
N CYS F 231 -35.59 23.79 -65.52
CA CYS F 231 -36.86 23.31 -66.03
C CYS F 231 -37.32 22.11 -65.23
N LEU F 232 -36.41 21.21 -64.93
CA LEU F 232 -36.75 20.03 -64.15
C LEU F 232 -37.27 20.44 -62.77
N MET F 233 -36.72 21.53 -62.23
CA MET F 233 -37.13 22.05 -60.93
C MET F 233 -38.43 22.86 -61.08
N GLY F 234 -38.75 23.21 -62.31
CA GLY F 234 -39.94 24.01 -62.58
C GLY F 234 -39.73 25.44 -62.07
N LYS F 235 -38.51 25.95 -62.23
CA LYS F 235 -38.22 27.30 -61.77
C LYS F 235 -37.51 28.20 -62.76
N LEU F 236 -37.59 27.86 -64.04
CA LEU F 236 -36.94 28.65 -65.08
C LEU F 236 -37.37 30.11 -65.01
N GLU F 237 -38.68 30.34 -65.13
CA GLU F 237 -39.28 31.68 -65.10
C GLU F 237 -38.97 32.45 -63.81
N GLU F 238 -38.93 31.73 -62.70
CA GLU F 238 -38.67 32.33 -61.41
C GLU F 238 -37.22 32.78 -61.23
N VAL F 239 -36.28 32.03 -61.80
CA VAL F 239 -34.87 32.35 -61.65
C VAL F 239 -34.32 33.40 -62.62
N PHE F 240 -34.75 33.35 -63.88
CA PHE F 240 -34.28 34.32 -64.86
C PHE F 240 -35.40 35.26 -65.31
N SER F 241 -35.08 36.54 -65.41
CA SER F 241 -36.06 37.52 -65.84
C SER F 241 -36.28 37.35 -67.33
N GLU F 242 -37.33 37.98 -67.85
CA GLU F 242 -37.62 37.89 -69.27
C GLU F 242 -36.44 38.43 -70.07
N LYS F 243 -35.85 39.52 -69.61
CA LYS F 243 -34.71 40.11 -70.30
C LYS F 243 -33.54 39.14 -70.29
N GLU F 244 -33.32 38.47 -69.16
CA GLU F 244 -32.23 37.51 -69.03
C GLU F 244 -32.43 36.33 -69.96
N LEU F 245 -33.65 35.81 -70.00
CA LEU F 245 -33.96 34.67 -70.88
C LEU F 245 -33.79 35.08 -72.34
N ASN F 246 -34.09 36.32 -72.65
CA ASN F 246 -33.92 36.79 -74.02
C ASN F 246 -32.45 36.79 -74.39
N ARG F 247 -31.60 37.15 -73.43
CA ARG F 247 -30.17 37.19 -73.67
C ARG F 247 -29.61 35.80 -73.84
N ILE F 248 -30.10 34.86 -73.02
CA ILE F 248 -29.67 33.48 -73.10
C ILE F 248 -30.11 32.88 -74.43
N LYS F 249 -31.34 33.19 -74.85
CA LYS F 249 -31.85 32.69 -76.13
C LYS F 249 -30.95 33.17 -77.24
N ARG F 250 -30.58 34.45 -77.19
CA ARG F 250 -29.72 35.02 -78.23
C ARG F 250 -28.40 34.28 -78.29
N TRP F 251 -27.81 34.03 -77.12
CA TRP F 251 -26.53 33.32 -77.08
C TRP F 251 -26.65 31.94 -77.68
N CYS F 252 -27.71 31.22 -77.32
CA CYS F 252 -27.92 29.88 -77.82
C CYS F 252 -28.16 29.80 -79.33
N ILE F 253 -29.10 30.60 -79.83
CA ILE F 253 -29.38 30.52 -81.26
C ILE F 253 -28.20 30.98 -82.11
N MET F 254 -27.27 31.72 -81.52
CA MET F 254 -26.09 32.16 -82.27
C MET F 254 -25.11 31.01 -82.45
N ARG F 255 -25.37 29.89 -81.78
CA ARG F 255 -24.48 28.73 -81.88
C ARG F 255 -24.66 27.96 -83.19
N GLN F 256 -25.74 28.20 -83.91
CA GLN F 256 -25.92 27.48 -85.16
C GLN F 256 -25.12 28.09 -86.31
N GLN F 257 -24.32 27.25 -86.96
CA GLN F 257 -23.48 27.65 -88.10
C GLN F 257 -24.09 26.94 -89.32
N ASN F 258 -24.41 25.67 -89.11
CA ASN F 258 -25.08 24.78 -90.07
C ASN F 258 -25.53 23.74 -89.04
N GLY F 259 -24.55 23.10 -88.41
CA GLY F 259 -24.84 22.20 -87.32
C GLY F 259 -24.61 23.17 -86.16
N TYR F 260 -24.32 22.68 -84.96
CA TYR F 260 -24.08 23.61 -83.85
C TYR F 260 -22.70 23.43 -83.23
N HIS F 261 -22.11 24.52 -82.72
CA HIS F 261 -20.83 24.40 -82.04
C HIS F 261 -21.11 24.67 -80.56
N GLY F 262 -20.16 24.33 -79.69
CA GLY F 262 -20.36 24.53 -78.26
C GLY F 262 -20.05 25.91 -77.72
N ARG F 263 -19.24 26.67 -78.45
CA ARG F 263 -18.87 28.02 -78.04
C ARG F 263 -18.41 28.83 -79.24
N PRO F 264 -18.52 30.17 -79.16
CA PRO F 264 -18.10 31.06 -80.24
C PRO F 264 -16.75 30.69 -80.84
N ASN F 265 -16.66 30.79 -82.16
CA ASN F 265 -15.43 30.51 -82.90
C ASN F 265 -14.84 29.11 -82.80
N LYS F 266 -15.66 28.12 -82.47
CA LYS F 266 -15.21 26.72 -82.41
C LYS F 266 -15.96 25.96 -83.50
N PRO F 267 -15.35 24.89 -84.02
CA PRO F 267 -16.03 24.11 -85.08
C PRO F 267 -17.24 23.36 -84.56
N VAL F 268 -18.25 23.16 -85.41
CA VAL F 268 -19.45 22.45 -84.99
C VAL F 268 -19.16 20.99 -84.65
N ASP F 269 -20.03 20.42 -83.82
CA ASP F 269 -19.93 19.04 -83.37
C ASP F 269 -21.37 18.55 -83.26
N THR F 270 -21.66 17.42 -83.90
CA THR F 270 -22.99 16.83 -83.88
C THR F 270 -23.73 16.89 -82.56
N CYS F 271 -23.09 16.51 -81.46
CA CYS F 271 -23.77 16.50 -80.17
C CYS F 271 -24.39 17.82 -79.74
N TYR F 272 -23.88 18.94 -80.23
CA TYR F 272 -24.46 20.24 -79.86
C TYR F 272 -25.85 20.45 -80.46
N SER F 273 -26.17 19.65 -81.47
CA SER F 273 -27.49 19.74 -82.09
C SER F 273 -28.48 19.39 -81.00
N PHE F 274 -28.03 18.62 -80.01
CA PHE F 274 -28.90 18.32 -78.91
C PHE F 274 -28.67 19.27 -77.74
N TRP F 275 -27.42 19.41 -77.30
CA TRP F 275 -27.13 20.29 -76.17
C TRP F 275 -27.78 21.67 -76.35
N VAL F 276 -27.47 22.31 -77.47
CA VAL F 276 -28.00 23.63 -77.75
C VAL F 276 -29.44 23.55 -78.25
N GLY F 277 -29.70 22.62 -79.17
CA GLY F 277 -31.05 22.47 -79.70
C GLY F 277 -32.07 22.22 -78.60
N ALA F 278 -31.73 21.34 -77.65
CA ALA F 278 -32.65 21.04 -76.57
C ALA F 278 -32.86 22.28 -75.69
N THR F 279 -31.81 23.09 -75.53
CA THR F 279 -31.93 24.30 -74.72
C THR F 279 -32.91 25.23 -75.43
N LEU F 280 -32.73 25.40 -76.73
CA LEU F 280 -33.60 26.26 -77.52
C LEU F 280 -35.03 25.76 -77.44
N LYS F 281 -35.21 24.44 -77.40
CA LYS F 281 -36.55 23.85 -77.31
C LYS F 281 -37.16 24.21 -75.97
N LEU F 282 -36.36 24.10 -74.91
CA LEU F 282 -36.85 24.42 -73.57
C LEU F 282 -37.20 25.91 -73.48
N LEU F 283 -36.49 26.74 -74.23
CA LEU F 283 -36.73 28.19 -74.22
C LEU F 283 -37.78 28.58 -75.25
N LYS F 284 -38.37 27.56 -75.88
CA LYS F 284 -39.43 27.73 -76.87
C LYS F 284 -39.10 28.50 -78.15
N ILE F 285 -37.85 28.43 -78.61
CA ILE F 285 -37.52 29.11 -79.85
C ILE F 285 -36.75 28.22 -80.81
N PHE F 286 -36.71 26.92 -80.55
CA PHE F 286 -36.00 26.02 -81.45
C PHE F 286 -36.70 26.06 -82.82
N GLN F 287 -38.01 26.33 -82.78
CA GLN F 287 -38.84 26.42 -83.98
C GLN F 287 -38.35 27.48 -84.95
N TYR F 288 -37.55 28.43 -84.46
CA TYR F 288 -37.07 29.51 -85.31
C TYR F 288 -35.67 29.28 -85.87
N THR F 289 -35.11 28.11 -85.61
CA THR F 289 -33.79 27.79 -86.12
C THR F 289 -33.93 27.21 -87.53
N ASN F 290 -32.80 27.02 -88.21
CA ASN F 290 -32.84 26.46 -89.56
C ASN F 290 -32.74 24.94 -89.46
N PHE F 291 -33.84 24.25 -89.72
CA PHE F 291 -33.86 22.79 -89.64
C PHE F 291 -33.03 22.06 -90.68
N GLU F 292 -33.18 22.45 -91.94
CA GLU F 292 -32.47 21.77 -93.01
C GLU F 292 -30.96 21.73 -92.89
N LYS F 293 -30.34 22.87 -92.58
CA LYS F 293 -28.89 22.89 -92.46
C LYS F 293 -28.40 22.06 -91.27
N ASN F 294 -29.19 22.01 -90.22
CA ASN F 294 -28.85 21.25 -89.03
C ASN F 294 -28.96 19.77 -89.34
N ARG F 295 -30.07 19.38 -89.97
CA ARG F 295 -30.29 17.99 -90.33
C ARG F 295 -29.22 17.51 -91.32
N ASN F 296 -28.89 18.35 -92.31
CA ASN F 296 -27.87 17.96 -93.28
C ASN F 296 -26.53 17.73 -92.59
N TYR F 297 -26.17 18.61 -91.64
CA TYR F 297 -24.90 18.44 -90.95
C TYR F 297 -24.88 17.14 -90.15
N ILE F 298 -25.91 16.93 -89.33
CA ILE F 298 -25.98 15.72 -88.51
C ILE F 298 -25.81 14.47 -89.36
N LEU F 299 -26.60 14.37 -90.42
CA LEU F 299 -26.54 13.22 -91.29
C LEU F 299 -25.18 13.05 -91.95
N SER F 300 -24.47 14.15 -92.19
CA SER F 300 -23.16 14.08 -92.82
C SER F 300 -22.11 13.47 -91.91
N THR F 301 -22.40 13.31 -90.63
CA THR F 301 -21.45 12.74 -89.68
C THR F 301 -21.81 11.27 -89.42
N GLN F 302 -22.76 10.78 -90.20
CA GLN F 302 -23.23 9.41 -90.07
C GLN F 302 -22.17 8.47 -90.64
N ASP F 303 -21.94 7.34 -89.98
CA ASP F 303 -20.98 6.38 -90.53
C ASP F 303 -21.83 5.36 -91.28
N ARG F 304 -21.82 5.47 -92.60
CA ARG F 304 -22.62 4.59 -93.46
C ARG F 304 -22.23 3.13 -93.45
N LEU F 305 -21.04 2.83 -92.93
CA LEU F 305 -20.56 1.47 -92.88
C LEU F 305 -20.85 0.78 -91.54
N VAL F 306 -20.43 1.39 -90.44
CA VAL F 306 -20.63 0.77 -89.12
C VAL F 306 -21.87 1.29 -88.39
N GLY F 307 -22.42 2.40 -88.87
CA GLY F 307 -23.58 2.99 -88.21
C GLY F 307 -23.12 3.98 -87.16
N GLY F 308 -24.06 4.58 -86.44
CA GLY F 308 -23.69 5.54 -85.42
C GLY F 308 -23.31 6.87 -86.04
N PHE F 309 -23.06 7.87 -85.21
CA PHE F 309 -22.67 9.20 -85.69
C PHE F 309 -21.36 9.62 -85.03
N ALA F 310 -20.62 10.48 -85.74
CA ALA F 310 -19.36 10.99 -85.21
C ALA F 310 -19.61 12.46 -84.94
N LYS F 311 -18.61 13.16 -84.40
CA LYS F 311 -18.82 14.57 -84.13
C LYS F 311 -18.65 15.38 -85.41
N TRP F 312 -17.80 14.86 -86.30
CA TRP F 312 -17.55 15.52 -87.57
C TRP F 312 -17.63 14.50 -88.70
N PRO F 313 -17.84 14.96 -89.94
CA PRO F 313 -17.92 14.00 -91.04
C PRO F 313 -16.61 13.26 -91.28
N ASP F 314 -16.71 12.01 -91.71
CA ASP F 314 -15.53 11.18 -91.98
C ASP F 314 -14.70 11.00 -90.72
N SER F 315 -15.36 10.95 -89.58
CA SER F 315 -14.67 10.77 -88.31
C SER F 315 -15.22 9.49 -87.66
N HIS F 316 -14.53 8.95 -86.68
CA HIS F 316 -15.01 7.72 -86.04
C HIS F 316 -16.21 7.97 -85.15
N PRO F 317 -17.24 7.12 -85.28
CA PRO F 317 -18.46 7.24 -84.49
C PRO F 317 -18.31 6.64 -83.09
N ASP F 318 -19.14 7.10 -82.16
CA ASP F 318 -19.14 6.57 -80.80
C ASP F 318 -20.58 6.59 -80.27
N ALA F 319 -20.82 5.89 -79.18
CA ALA F 319 -22.14 5.81 -78.59
C ALA F 319 -22.73 7.18 -78.24
N LEU F 320 -21.93 8.04 -77.64
CA LEU F 320 -22.41 9.36 -77.24
C LEU F 320 -22.92 10.19 -78.42
N HIS F 321 -22.12 10.31 -79.46
CA HIS F 321 -22.54 11.11 -80.61
C HIS F 321 -23.63 10.45 -81.43
N ALA F 322 -23.70 9.12 -81.36
CA ALA F 322 -24.74 8.41 -82.08
C ALA F 322 -26.07 8.75 -81.40
N TYR F 323 -26.07 8.67 -80.06
CA TYR F 323 -27.27 8.97 -79.29
C TYR F 323 -27.70 10.42 -79.40
N PHE F 324 -26.76 11.34 -79.21
CA PHE F 324 -27.10 12.75 -79.30
C PHE F 324 -27.44 13.18 -80.71
N GLY F 325 -26.83 12.54 -81.70
CA GLY F 325 -27.14 12.88 -83.08
C GLY F 325 -28.59 12.49 -83.33
N ILE F 326 -28.98 11.32 -82.83
CA ILE F 326 -30.35 10.86 -82.98
C ILE F 326 -31.32 11.76 -82.23
N CYS F 327 -30.96 12.18 -81.02
CA CYS F 327 -31.83 13.08 -80.27
C CYS F 327 -31.91 14.45 -80.96
N GLY F 328 -30.83 14.85 -81.62
CA GLY F 328 -30.84 16.12 -82.31
C GLY F 328 -31.84 16.05 -83.44
N LEU F 329 -31.81 14.93 -84.17
CA LEU F 329 -32.72 14.70 -85.28
C LEU F 329 -34.16 14.68 -84.74
N SER F 330 -34.34 14.05 -83.60
CA SER F 330 -35.65 13.95 -82.95
C SER F 330 -36.28 15.30 -82.64
N LEU F 331 -35.46 16.27 -82.25
CA LEU F 331 -35.96 17.60 -81.93
C LEU F 331 -36.73 18.16 -83.13
N MET F 332 -36.36 17.75 -84.33
CA MET F 332 -37.03 18.22 -85.55
C MET F 332 -38.05 17.20 -86.08
N GLU F 333 -38.35 16.22 -85.25
CA GLU F 333 -39.30 15.15 -85.57
C GLU F 333 -38.98 14.35 -86.82
N GLU F 334 -37.81 13.72 -86.79
CA GLU F 334 -37.29 12.87 -87.87
C GLU F 334 -38.23 11.67 -88.04
N SER F 335 -38.51 11.32 -89.28
CA SER F 335 -39.38 10.18 -89.57
C SER F 335 -38.69 8.90 -89.09
N GLY F 336 -39.24 8.29 -88.04
CA GLY F 336 -38.63 7.06 -87.54
C GLY F 336 -37.98 7.17 -86.18
N ILE F 337 -38.00 8.36 -85.59
CA ILE F 337 -37.38 8.56 -84.28
C ILE F 337 -38.40 9.15 -83.31
N CYS F 338 -38.52 8.55 -82.13
CA CYS F 338 -39.44 9.04 -81.12
C CYS F 338 -39.07 10.47 -80.76
N LYS F 339 -40.02 11.18 -80.16
CA LYS F 339 -39.78 12.55 -79.75
C LYS F 339 -39.00 12.46 -78.44
N VAL F 340 -37.99 13.31 -78.27
CA VAL F 340 -37.19 13.28 -77.05
C VAL F 340 -37.70 14.29 -76.01
N HIS F 341 -37.55 13.96 -74.74
CA HIS F 341 -37.95 14.88 -73.70
C HIS F 341 -36.68 15.73 -73.54
N PRO F 342 -36.73 16.98 -74.01
CA PRO F 342 -35.61 17.92 -73.97
C PRO F 342 -34.90 18.14 -72.66
N ALA F 343 -35.59 18.01 -71.54
CA ALA F 343 -34.91 18.26 -70.26
C ALA F 343 -34.41 17.00 -69.61
N LEU F 344 -35.21 15.95 -69.68
CA LEU F 344 -34.89 14.69 -69.06
C LEU F 344 -33.96 13.83 -69.90
N ASN F 345 -33.90 14.10 -71.19
CA ASN F 345 -33.03 13.37 -72.10
C ASN F 345 -33.35 11.88 -72.26
N VAL F 346 -34.64 11.57 -72.40
CA VAL F 346 -35.15 10.21 -72.62
C VAL F 346 -36.30 10.40 -73.60
N SER F 347 -36.83 9.32 -74.16
CA SER F 347 -37.94 9.46 -75.10
C SER F 347 -39.13 9.93 -74.29
N THR F 348 -40.06 10.65 -74.93
CA THR F 348 -41.25 11.13 -74.22
C THR F 348 -42.02 9.92 -73.75
N ARG F 349 -41.98 8.86 -74.55
CA ARG F 349 -42.64 7.60 -74.21
C ARG F 349 -42.15 7.20 -72.81
N THR F 350 -40.85 7.31 -72.59
CA THR F 350 -40.26 6.98 -71.30
C THR F 350 -40.63 7.96 -70.21
N SER F 351 -40.70 9.25 -70.52
CA SER F 351 -41.06 10.23 -69.50
C SER F 351 -42.51 10.03 -69.07
N GLU F 352 -43.34 9.53 -69.99
CA GLU F 352 -44.75 9.26 -69.70
C GLU F 352 -44.84 8.06 -68.77
N ARG F 353 -44.10 7.02 -69.11
CA ARG F 353 -44.06 5.81 -68.32
C ARG F 353 -43.61 6.23 -66.91
N LEU F 354 -42.69 7.19 -66.85
CA LEU F 354 -42.18 7.70 -65.57
C LEU F 354 -43.27 8.45 -64.82
N ARG F 355 -44.10 9.18 -65.56
CA ARG F 355 -45.18 9.93 -64.93
C ARG F 355 -46.18 8.98 -64.26
N ASP F 356 -46.46 7.85 -64.91
CA ASP F 356 -47.38 6.86 -64.37
C ASP F 356 -46.78 6.21 -63.15
N LEU F 357 -45.48 5.95 -63.21
CA LEU F 357 -44.77 5.35 -62.09
C LEU F 357 -44.91 6.24 -60.87
N HIS F 358 -44.88 7.56 -61.09
CA HIS F 358 -45.00 8.53 -60.01
C HIS F 358 -46.40 8.53 -59.43
N GLN F 359 -47.40 8.52 -60.32
CA GLN F 359 -48.79 8.53 -59.91
C GLN F 359 -49.11 7.31 -59.06
N SER F 360 -48.49 6.17 -59.38
CA SER F 360 -48.74 4.95 -58.63
C SER F 360 -48.08 4.99 -57.25
N TRP F 361 -46.93 5.65 -57.12
CA TRP F 361 -46.29 5.72 -55.81
C TRP F 361 -47.16 6.53 -54.86
N LYS F 362 -47.88 7.50 -55.41
CA LYS F 362 -48.76 8.34 -54.59
C LYS F 362 -50.03 7.55 -54.22
N THR F 363 -49.99 6.92 -53.04
CA THR F 363 -51.12 6.13 -52.55
C THR F 363 -51.12 6.06 -51.02
N PHE G 55 13.84 -58.17 66.37
CA PHE G 55 13.60 -59.58 66.79
C PHE G 55 14.21 -59.91 68.16
N LEU G 56 15.42 -60.46 68.13
CA LEU G 56 16.11 -60.86 69.35
C LEU G 56 16.71 -59.66 70.09
N SER G 57 16.05 -59.28 71.18
CA SER G 57 16.49 -58.16 72.02
C SER G 57 17.87 -58.34 72.64
N LEU G 58 18.55 -57.24 72.95
CA LEU G 58 19.89 -57.29 73.54
C LEU G 58 19.97 -57.73 75.00
N ASP G 59 18.83 -57.78 75.67
CA ASP G 59 18.78 -58.19 77.07
C ASP G 59 17.89 -59.42 77.22
N SER G 60 17.55 -60.05 76.10
CA SER G 60 16.71 -61.23 76.12
C SER G 60 17.54 -62.38 76.68
N PRO G 61 16.90 -63.25 77.46
CA PRO G 61 17.62 -64.40 78.04
C PRO G 61 18.26 -65.20 76.92
N THR G 62 17.56 -65.30 75.78
CA THR G 62 18.05 -66.06 74.64
C THR G 62 18.87 -65.30 73.61
N TYR G 63 19.40 -64.15 74.00
CA TYR G 63 20.22 -63.36 73.08
C TYR G 63 21.51 -64.11 72.74
N VAL G 64 21.91 -64.07 71.47
CA VAL G 64 23.11 -64.76 71.04
C VAL G 64 24.03 -63.80 70.30
N LEU G 65 25.31 -63.83 70.64
CA LEU G 65 26.26 -62.97 69.96
C LEU G 65 26.18 -63.25 68.46
N TYR G 66 26.58 -62.28 67.66
CA TYR G 66 26.54 -62.44 66.21
C TYR G 66 27.59 -63.45 65.78
N ARG G 67 28.66 -63.57 66.54
CA ARG G 67 29.72 -64.52 66.23
C ARG G 67 29.21 -65.97 66.32
N ASP G 68 28.14 -66.18 67.09
CA ASP G 68 27.57 -67.50 67.28
C ASP G 68 26.31 -67.72 66.46
N ARG G 69 25.99 -66.79 65.56
CA ARG G 69 24.79 -66.93 64.75
C ARG G 69 25.15 -67.52 63.40
N ALA G 70 24.39 -68.53 62.98
CA ALA G 70 24.62 -69.20 61.72
C ALA G 70 24.43 -68.26 60.53
N GLU G 71 23.39 -67.43 60.58
CA GLU G 71 23.10 -66.49 59.50
C GLU G 71 24.26 -65.55 59.22
N TRP G 72 25.16 -65.40 60.19
CA TRP G 72 26.29 -64.51 60.03
C TRP G 72 27.63 -65.21 59.90
N ALA G 73 27.58 -66.52 59.63
CA ALA G 73 28.79 -67.31 59.49
C ALA G 73 29.67 -66.89 58.33
N ASP G 74 29.07 -66.50 57.22
CA ASP G 74 29.81 -66.10 56.03
C ASP G 74 30.55 -64.78 56.16
N ILE G 75 30.15 -63.97 57.14
CA ILE G 75 30.77 -62.66 57.34
C ILE G 75 31.95 -62.68 58.30
N ASP G 76 33.01 -61.97 57.92
CA ASP G 76 34.21 -61.84 58.73
C ASP G 76 34.11 -60.51 59.49
N PRO G 77 33.96 -60.57 60.82
CA PRO G 77 33.85 -59.34 61.61
C PRO G 77 35.07 -58.45 61.43
N VAL G 78 34.85 -57.13 61.49
CA VAL G 78 35.94 -56.17 61.34
C VAL G 78 36.09 -55.44 62.67
N PRO G 79 37.28 -55.53 63.29
CA PRO G 79 37.54 -54.89 64.57
C PRO G 79 38.04 -53.45 64.46
N GLN G 80 37.87 -52.70 65.53
CA GLN G 80 38.32 -51.31 65.61
C GLN G 80 39.75 -51.30 66.13
N ASN G 81 40.62 -50.54 65.49
CA ASN G 81 42.02 -50.47 65.90
C ASN G 81 42.51 -49.02 66.04
N ASP G 82 42.69 -48.58 67.28
CA ASP G 82 43.13 -47.22 67.55
C ASP G 82 44.64 -47.02 67.47
N GLY G 83 45.35 -48.00 66.93
CA GLY G 83 46.80 -47.89 66.81
C GLY G 83 47.53 -48.16 68.12
N PRO G 84 48.88 -47.98 68.12
CA PRO G 84 49.73 -48.20 69.30
C PRO G 84 49.33 -47.51 70.60
N SER G 85 49.11 -46.19 70.54
CA SER G 85 48.72 -45.44 71.73
C SER G 85 47.35 -44.80 71.54
N PRO G 86 46.29 -45.48 71.99
CA PRO G 86 44.91 -45.00 71.89
C PRO G 86 44.56 -43.85 72.84
N VAL G 87 43.87 -42.83 72.31
CA VAL G 87 43.47 -41.67 73.10
C VAL G 87 41.98 -41.71 73.38
N VAL G 88 41.58 -41.28 74.57
CA VAL G 88 40.18 -41.26 74.98
C VAL G 88 39.55 -42.57 74.51
N GLN G 89 40.17 -43.67 74.93
CA GLN G 89 39.71 -45.00 74.57
C GLN G 89 38.61 -45.48 75.51
N ILE G 90 37.53 -45.98 74.93
CA ILE G 90 36.40 -46.48 75.69
C ILE G 90 36.45 -48.01 75.66
N ILE G 91 36.31 -48.65 76.81
CA ILE G 91 36.33 -50.10 76.88
C ILE G 91 34.93 -50.63 76.61
N TYR G 92 34.83 -51.66 75.78
CA TYR G 92 33.53 -52.22 75.43
C TYR G 92 33.33 -53.65 75.90
N SER G 93 32.08 -53.96 76.26
CA SER G 93 31.74 -55.30 76.71
C SER G 93 31.76 -56.20 75.50
N GLU G 94 31.81 -57.51 75.75
CA GLU G 94 31.82 -58.50 74.68
C GLU G 94 30.64 -58.28 73.73
N LYS G 95 29.47 -58.13 74.31
CA LYS G 95 28.24 -57.93 73.57
C LYS G 95 28.32 -56.71 72.64
N PHE G 96 28.79 -55.60 73.20
CA PHE G 96 28.92 -54.34 72.48
C PHE G 96 29.91 -54.46 71.33
N ARG G 97 31.13 -54.89 71.65
CA ARG G 97 32.15 -55.04 70.63
C ARG G 97 31.71 -56.00 69.52
N ASP G 98 30.93 -57.01 69.90
CA ASP G 98 30.46 -57.99 68.94
C ASP G 98 29.52 -57.35 67.91
N VAL G 99 28.53 -56.61 68.39
CA VAL G 99 27.60 -55.95 67.48
C VAL G 99 28.32 -55.03 66.51
N TYR G 100 29.21 -54.19 67.03
CA TYR G 100 29.93 -53.26 66.17
C TYR G 100 31.00 -53.88 65.29
N ASP G 101 31.54 -55.02 65.67
CA ASP G 101 32.55 -55.66 64.84
C ASP G 101 31.86 -56.15 63.56
N TYR G 102 30.60 -56.53 63.69
CA TYR G 102 29.86 -56.98 62.53
C TYR G 102 29.28 -55.79 61.79
N PHE G 103 28.98 -54.71 62.52
CA PHE G 103 28.47 -53.52 61.88
C PHE G 103 29.53 -53.00 60.93
N ARG G 104 30.78 -52.97 61.38
CA ARG G 104 31.88 -52.49 60.54
C ARG G 104 32.00 -53.34 59.28
N ALA G 105 31.83 -54.64 59.45
CA ALA G 105 31.93 -55.59 58.34
C ALA G 105 30.88 -55.26 57.28
N VAL G 106 29.64 -55.15 57.72
CA VAL G 106 28.53 -54.84 56.83
C VAL G 106 28.73 -53.47 56.15
N LEU G 107 29.18 -52.47 56.91
CA LEU G 107 29.41 -51.13 56.36
C LEU G 107 30.50 -51.17 55.29
N GLN G 108 31.64 -51.72 55.67
CA GLN G 108 32.78 -51.81 54.76
C GLN G 108 32.43 -52.41 53.41
N ARG G 109 31.48 -53.33 53.41
CA ARG G 109 31.09 -53.97 52.16
C ARG G 109 29.82 -53.38 51.59
N ASP G 110 29.29 -52.36 52.26
CA ASP G 110 28.08 -51.69 51.81
C ASP G 110 27.01 -52.72 51.47
N GLU G 111 26.83 -53.70 52.34
CA GLU G 111 25.85 -54.75 52.15
C GLU G 111 24.43 -54.27 52.42
N ARG G 112 23.62 -54.14 51.37
CA ARG G 112 22.25 -53.69 51.52
C ARG G 112 21.32 -54.88 51.78
N SER G 113 21.54 -55.56 52.89
CA SER G 113 20.73 -56.74 53.22
C SER G 113 19.73 -56.53 54.34
N GLU G 114 18.83 -57.49 54.51
CA GLU G 114 17.83 -57.44 55.56
C GLU G 114 18.49 -57.73 56.90
N ARG G 115 19.51 -58.59 56.90
CA ARG G 115 20.17 -58.90 58.15
C ARG G 115 20.92 -57.67 58.65
N ALA G 116 21.46 -56.88 57.72
CA ALA G 116 22.18 -55.65 58.06
C ALA G 116 21.20 -54.67 58.67
N PHE G 117 20.02 -54.58 58.09
CA PHE G 117 19.00 -53.67 58.59
C PHE G 117 18.69 -53.99 60.04
N LYS G 118 18.55 -55.28 60.34
CA LYS G 118 18.25 -55.69 61.71
C LYS G 118 19.44 -55.41 62.63
N LEU G 119 20.64 -55.49 62.07
CA LEU G 119 21.84 -55.23 62.84
C LEU G 119 21.89 -53.77 63.30
N THR G 120 21.42 -52.85 62.47
CA THR G 120 21.44 -51.44 62.83
C THR G 120 20.56 -51.16 64.03
N ARG G 121 19.50 -51.95 64.19
CA ARG G 121 18.61 -51.75 65.31
C ARG G 121 19.38 -51.98 66.62
N ASP G 122 20.26 -52.97 66.61
CA ASP G 122 21.05 -53.29 67.79
C ASP G 122 22.14 -52.25 68.00
N ALA G 123 22.78 -51.82 66.91
CA ALA G 123 23.84 -50.82 66.99
C ALA G 123 23.27 -49.53 67.57
N ILE G 124 22.05 -49.21 67.17
CA ILE G 124 21.39 -48.01 67.65
C ILE G 124 21.04 -48.14 69.13
N GLU G 125 20.62 -49.33 69.55
CA GLU G 125 20.27 -49.49 70.96
C GLU G 125 21.52 -49.33 71.82
N LEU G 126 22.66 -49.75 71.29
CA LEU G 126 23.93 -49.63 72.00
C LEU G 126 24.46 -48.19 72.02
N ASN G 127 24.22 -47.45 70.93
CA ASN G 127 24.69 -46.08 70.82
C ASN G 127 23.90 -45.30 69.77
N ALA G 128 22.86 -44.62 70.22
CA ALA G 128 22.00 -43.84 69.32
C ALA G 128 22.64 -42.56 68.81
N ALA G 129 23.86 -42.27 69.26
CA ALA G 129 24.52 -41.04 68.85
C ALA G 129 25.45 -41.27 67.67
N ASN G 130 25.51 -42.50 67.19
CA ASN G 130 26.38 -42.79 66.06
C ASN G 130 25.68 -42.41 64.75
N TYR G 131 25.99 -41.23 64.23
CA TYR G 131 25.37 -40.74 63.00
C TYR G 131 25.57 -41.63 61.78
N THR G 132 26.70 -42.32 61.70
CA THR G 132 26.96 -43.19 60.57
C THR G 132 25.94 -44.34 60.56
N VAL G 133 25.63 -44.86 61.74
CA VAL G 133 24.66 -45.94 61.83
C VAL G 133 23.32 -45.47 61.29
N TRP G 134 22.88 -44.29 61.70
CA TRP G 134 21.60 -43.77 61.22
C TRP G 134 21.59 -43.53 59.71
N HIS G 135 22.72 -43.08 59.18
CA HIS G 135 22.78 -42.85 57.76
C HIS G 135 22.62 -44.18 57.04
N PHE G 136 23.39 -45.17 57.45
CA PHE G 136 23.33 -46.49 56.83
C PHE G 136 21.92 -47.04 56.94
N ARG G 137 21.29 -46.86 58.08
CA ARG G 137 19.94 -47.37 58.24
C ARG G 137 19.03 -46.71 57.19
N ARG G 138 19.24 -45.42 56.93
CA ARG G 138 18.42 -44.73 55.93
C ARG G 138 18.70 -45.28 54.54
N VAL G 139 19.96 -45.60 54.27
CA VAL G 139 20.34 -46.17 52.98
C VAL G 139 19.56 -47.48 52.81
N LEU G 140 19.56 -48.29 53.87
CA LEU G 140 18.87 -49.57 53.84
C LEU G 140 17.36 -49.39 53.71
N LEU G 141 16.80 -48.41 54.40
CA LEU G 141 15.37 -48.16 54.32
C LEU G 141 14.95 -47.96 52.87
N ARG G 142 15.81 -47.29 52.10
CA ARG G 142 15.54 -47.03 50.69
C ARG G 142 15.78 -48.29 49.86
N SER G 143 16.99 -48.83 49.94
CA SER G 143 17.35 -50.04 49.20
C SER G 143 16.33 -51.16 49.34
N LEU G 144 15.95 -51.47 50.58
CA LEU G 144 15.00 -52.54 50.85
C LEU G 144 13.56 -52.08 50.76
N GLN G 145 13.35 -50.81 50.43
CA GLN G 145 12.00 -50.26 50.34
C GLN G 145 11.14 -50.68 51.52
N LYS G 146 11.63 -50.42 52.73
CA LYS G 146 10.93 -50.78 53.95
C LYS G 146 9.73 -49.87 54.20
N ASP G 147 8.78 -50.36 54.98
CA ASP G 147 7.59 -49.58 55.30
C ASP G 147 8.01 -48.38 56.15
N LEU G 148 7.90 -47.18 55.60
CA LEU G 148 8.28 -45.97 56.31
C LEU G 148 7.33 -45.62 57.44
N GLN G 149 6.10 -46.08 57.35
CA GLN G 149 5.14 -45.78 58.40
C GLN G 149 5.56 -46.53 59.66
N GLU G 150 6.20 -47.67 59.47
CA GLU G 150 6.67 -48.47 60.58
C GLU G 150 7.90 -47.81 61.21
N GLU G 151 8.74 -47.24 60.36
CA GLU G 151 9.94 -46.57 60.82
C GLU G 151 9.54 -45.33 61.63
N MET G 152 8.39 -44.74 61.32
CA MET G 152 7.91 -43.58 62.06
C MET G 152 7.60 -43.97 63.49
N ASN G 153 7.02 -45.17 63.66
CA ASN G 153 6.69 -45.63 65.01
C ASN G 153 7.98 -45.87 65.77
N TYR G 154 8.97 -46.42 65.09
CA TYR G 154 10.26 -46.71 65.69
C TYR G 154 10.93 -45.43 66.20
N ILE G 155 11.14 -44.48 65.31
CA ILE G 155 11.79 -43.22 65.67
C ILE G 155 10.97 -42.45 66.69
N ILE G 156 9.65 -42.61 66.67
CA ILE G 156 8.81 -41.92 67.64
C ILE G 156 9.13 -42.40 69.07
N ALA G 157 9.39 -43.69 69.23
CA ALA G 157 9.70 -44.25 70.53
C ALA G 157 11.11 -43.84 70.94
N ILE G 158 12.06 -43.93 70.00
CA ILE G 158 13.44 -43.58 70.26
C ILE G 158 13.57 -42.13 70.78
N ILE G 159 12.90 -41.21 70.10
CA ILE G 159 12.95 -39.81 70.48
C ILE G 159 12.39 -39.57 71.88
N GLU G 160 11.30 -40.23 72.22
CA GLU G 160 10.73 -40.05 73.55
C GLU G 160 11.74 -40.42 74.63
N GLU G 161 12.58 -41.41 74.34
CA GLU G 161 13.58 -41.88 75.28
C GLU G 161 14.84 -41.00 75.26
N GLN G 162 15.12 -40.38 74.12
CA GLN G 162 16.30 -39.52 73.97
C GLN G 162 15.95 -38.22 73.26
N PRO G 163 15.07 -37.40 73.85
CA PRO G 163 14.63 -36.13 73.27
C PRO G 163 15.68 -35.06 72.99
N LYS G 164 16.91 -35.24 73.47
CA LYS G 164 17.96 -34.25 73.23
C LYS G 164 19.03 -34.73 72.26
N ASN G 165 18.77 -35.86 71.61
CA ASN G 165 19.73 -36.42 70.65
C ASN G 165 19.50 -35.81 69.26
N TYR G 166 20.55 -35.20 68.70
CA TYR G 166 20.45 -34.59 67.37
C TYR G 166 20.13 -35.58 66.25
N GLN G 167 20.78 -36.74 66.28
CA GLN G 167 20.56 -37.74 65.24
C GLN G 167 19.13 -38.23 65.10
N VAL G 168 18.46 -38.45 66.22
CA VAL G 168 17.10 -38.95 66.12
C VAL G 168 16.13 -37.91 65.56
N TRP G 169 16.35 -36.64 65.85
CA TRP G 169 15.47 -35.61 65.31
C TRP G 169 15.72 -35.43 63.82
N HIS G 170 16.98 -35.58 63.42
CA HIS G 170 17.32 -35.44 62.01
C HIS G 170 16.70 -36.59 61.24
N HIS G 171 16.75 -37.78 61.83
CA HIS G 171 16.20 -38.97 61.20
C HIS G 171 14.72 -38.77 60.96
N ARG G 172 13.99 -38.31 61.98
CA ARG G 172 12.56 -38.11 61.84
C ARG G 172 12.24 -37.08 60.75
N ARG G 173 13.04 -36.04 60.65
CA ARG G 173 12.80 -35.02 59.65
C ARG G 173 12.99 -35.59 58.24
N VAL G 174 14.00 -36.41 58.05
CA VAL G 174 14.22 -37.01 56.75
C VAL G 174 13.01 -37.86 56.39
N LEU G 175 12.50 -38.62 57.36
CA LEU G 175 11.34 -39.47 57.12
C LEU G 175 10.13 -38.67 56.71
N VAL G 176 9.85 -37.59 57.43
CA VAL G 176 8.69 -36.77 57.11
C VAL G 176 8.84 -36.17 55.72
N GLU G 177 10.07 -35.84 55.32
CA GLU G 177 10.31 -35.30 53.99
C GLU G 177 10.00 -36.38 52.94
N TRP G 178 10.46 -37.60 53.19
CA TRP G 178 10.21 -38.72 52.29
C TRP G 178 8.73 -39.00 52.13
N LEU G 179 8.01 -39.07 53.24
CA LEU G 179 6.58 -39.36 53.20
C LEU G 179 5.73 -38.17 52.80
N LYS G 180 6.28 -36.96 52.88
CA LYS G 180 5.53 -35.75 52.57
C LYS G 180 4.24 -35.78 53.39
N ASP G 181 4.31 -36.42 54.55
CA ASP G 181 3.17 -36.55 55.45
C ASP G 181 3.45 -35.95 56.83
N PRO G 182 2.87 -34.79 57.12
CA PRO G 182 3.10 -34.16 58.42
C PRO G 182 1.96 -34.38 59.42
N SER G 183 0.98 -35.19 59.04
CA SER G 183 -0.18 -35.45 59.88
C SER G 183 0.05 -35.86 61.35
N GLN G 184 1.17 -36.49 61.65
CA GLN G 184 1.46 -36.91 63.02
C GLN G 184 2.28 -35.90 63.82
N GLU G 185 3.06 -35.10 63.11
CA GLU G 185 3.96 -34.13 63.70
C GLU G 185 3.52 -33.21 64.83
N LEU G 186 2.54 -32.35 64.59
CA LEU G 186 2.11 -31.42 65.63
C LEU G 186 1.72 -32.08 66.95
N GLU G 187 1.08 -33.24 66.88
CA GLU G 187 0.67 -33.93 68.10
C GLU G 187 1.87 -34.59 68.79
N PHE G 188 2.76 -35.16 67.99
CA PHE G 188 3.95 -35.81 68.54
C PHE G 188 4.80 -34.80 69.28
N ILE G 189 5.02 -33.65 68.66
CA ILE G 189 5.81 -32.60 69.26
C ILE G 189 5.16 -32.06 70.52
N ALA G 190 3.84 -31.93 70.49
CA ALA G 190 3.11 -31.44 71.66
C ALA G 190 3.35 -32.37 72.84
N ASP G 191 3.52 -33.66 72.56
CA ASP G 191 3.75 -34.64 73.61
C ASP G 191 5.14 -34.48 74.19
N ILE G 192 6.14 -34.29 73.33
CA ILE G 192 7.50 -34.09 73.78
C ILE G 192 7.56 -32.78 74.59
N LEU G 193 6.92 -31.74 74.08
CA LEU G 193 6.93 -30.46 74.76
C LEU G 193 6.21 -30.57 76.08
N ASN G 194 5.43 -31.62 76.25
CA ASN G 194 4.71 -31.80 77.49
C ASN G 194 5.64 -32.30 78.58
N GLN G 195 6.72 -32.97 78.18
CA GLN G 195 7.68 -33.48 79.16
C GLN G 195 8.80 -32.45 79.37
N ASP G 196 8.96 -31.54 78.40
CA ASP G 196 9.98 -30.49 78.46
C ASP G 196 9.55 -29.36 77.52
N ALA G 197 8.82 -28.39 78.05
CA ALA G 197 8.32 -27.27 77.26
C ALA G 197 9.36 -26.35 76.63
N LYS G 198 10.64 -26.62 76.90
CA LYS G 198 11.69 -25.77 76.35
C LYS G 198 12.70 -26.52 75.50
N ASN G 199 12.40 -27.78 75.18
CA ASN G 199 13.29 -28.58 74.35
C ASN G 199 13.52 -27.88 73.02
N TYR G 200 14.74 -27.39 72.81
CA TYR G 200 15.09 -26.67 71.59
C TYR G 200 14.87 -27.52 70.32
N HIS G 201 15.18 -28.81 70.40
CA HIS G 201 15.03 -29.69 69.25
C HIS G 201 13.56 -29.76 68.82
N ALA G 202 12.67 -29.89 69.80
CA ALA G 202 11.24 -29.99 69.53
C ALA G 202 10.70 -28.74 68.86
N TRP G 203 11.06 -27.57 69.39
CA TRP G 203 10.58 -26.32 68.81
C TRP G 203 11.12 -26.13 67.40
N GLN G 204 12.35 -26.56 67.18
CA GLN G 204 12.96 -26.41 65.88
C GLN G 204 12.21 -27.26 64.86
N HIS G 205 11.93 -28.50 65.25
CA HIS G 205 11.22 -29.42 64.39
C HIS G 205 9.82 -28.90 64.13
N ARG G 206 9.19 -28.36 65.17
CA ARG G 206 7.84 -27.85 65.02
C ARG G 206 7.79 -26.69 64.03
N GLN G 207 8.78 -25.81 64.07
CA GLN G 207 8.80 -24.68 63.15
C GLN G 207 9.05 -25.16 61.73
N TRP G 208 9.87 -26.19 61.59
CA TRP G 208 10.17 -26.72 60.26
C TRP G 208 8.91 -27.31 59.65
N VAL G 209 8.20 -28.14 60.41
CA VAL G 209 6.98 -28.75 59.91
C VAL G 209 5.95 -27.70 59.51
N ILE G 210 5.66 -26.78 60.43
CA ILE G 210 4.70 -25.73 60.16
C ILE G 210 5.02 -24.94 58.89
N GLN G 211 6.29 -24.57 58.73
CA GLN G 211 6.71 -23.81 57.58
C GLN G 211 6.67 -24.62 56.29
N GLU G 212 7.23 -25.83 56.34
CA GLU G 212 7.29 -26.72 55.19
C GLU G 212 5.96 -27.20 54.64
N PHE G 213 4.96 -27.39 55.50
CA PHE G 213 3.66 -27.86 55.06
C PHE G 213 2.57 -26.85 55.30
N ARG G 214 2.96 -25.61 55.55
CA ARG G 214 2.02 -24.51 55.80
C ARG G 214 0.89 -24.88 56.78
N LEU G 215 1.27 -25.24 58.01
CA LEU G 215 0.29 -25.61 59.04
C LEU G 215 0.19 -24.51 60.10
N TRP G 216 -0.09 -23.29 59.67
CA TRP G 216 -0.20 -22.16 60.58
C TRP G 216 -1.53 -22.02 61.31
N ASP G 217 -2.59 -22.52 60.68
CA ASP G 217 -3.94 -22.44 61.22
C ASP G 217 -4.20 -22.50 62.72
N ASN G 218 -3.57 -23.42 63.44
CA ASN G 218 -3.82 -23.53 64.87
C ASN G 218 -2.68 -23.24 65.82
N GLU G 219 -1.54 -22.83 65.29
CA GLU G 219 -0.40 -22.57 66.15
C GLU G 219 -0.59 -21.43 67.14
N LEU G 220 -1.20 -20.33 66.72
CA LEU G 220 -1.40 -19.20 67.62
C LEU G 220 -2.26 -19.59 68.81
N GLN G 221 -3.15 -20.54 68.61
CA GLN G 221 -4.01 -21.00 69.67
C GLN G 221 -3.20 -21.90 70.60
N TYR G 222 -2.29 -22.67 70.01
CA TYR G 222 -1.43 -23.57 70.79
C TYR G 222 -0.53 -22.72 71.68
N VAL G 223 -0.02 -21.63 71.11
CA VAL G 223 0.85 -20.70 71.81
C VAL G 223 0.08 -20.09 73.00
N ASP G 224 -1.15 -19.66 72.76
CA ASP G 224 -2.00 -19.08 73.80
C ASP G 224 -2.18 -20.06 74.94
N GLN G 225 -2.36 -21.33 74.61
CA GLN G 225 -2.56 -22.37 75.60
C GLN G 225 -1.33 -22.55 76.48
N LEU G 226 -0.15 -22.59 75.85
CA LEU G 226 1.08 -22.78 76.58
C LEU G 226 1.49 -21.57 77.39
N LEU G 227 1.12 -20.37 76.95
CA LEU G 227 1.46 -19.17 77.71
C LEU G 227 0.63 -19.11 78.99
N LYS G 228 -0.50 -19.80 79.00
CA LYS G 228 -1.36 -19.85 80.19
C LYS G 228 -0.72 -20.82 81.18
N GLU G 229 -0.14 -21.90 80.66
CA GLU G 229 0.53 -22.90 81.50
C GLU G 229 1.79 -22.36 82.16
N ASP G 230 2.51 -21.49 81.46
CA ASP G 230 3.75 -20.90 81.97
C ASP G 230 4.11 -19.67 81.15
N VAL G 231 3.63 -18.51 81.60
CA VAL G 231 3.88 -17.25 80.90
C VAL G 231 5.35 -16.88 80.83
N ARG G 232 6.19 -17.61 81.54
CA ARG G 232 7.63 -17.34 81.52
C ARG G 232 8.41 -18.17 80.51
N ASN G 233 7.74 -19.07 79.81
CA ASN G 233 8.43 -19.90 78.83
C ASN G 233 8.89 -19.05 77.63
N ASN G 234 10.18 -18.75 77.58
CA ASN G 234 10.72 -17.92 76.52
C ASN G 234 10.52 -18.53 75.14
N SER G 235 10.50 -19.86 75.07
CA SER G 235 10.32 -20.58 73.82
C SER G 235 8.96 -20.32 73.19
N VAL G 236 7.95 -20.22 74.03
CA VAL G 236 6.58 -19.99 73.57
C VAL G 236 6.42 -18.56 73.04
N TRP G 237 7.04 -17.59 73.71
CA TRP G 237 6.95 -16.21 73.25
C TRP G 237 7.62 -16.12 71.88
N ASN G 238 8.70 -16.90 71.69
CA ASN G 238 9.38 -16.90 70.41
C ASN G 238 8.45 -17.47 69.35
N GLN G 239 7.73 -18.53 69.71
CA GLN G 239 6.81 -19.17 68.77
C GLN G 239 5.71 -18.19 68.37
N ARG G 240 5.22 -17.41 69.33
CA ARG G 240 4.18 -16.45 69.07
C ARG G 240 4.64 -15.49 67.98
N HIS G 241 5.85 -14.96 68.10
CA HIS G 241 6.36 -14.04 67.09
C HIS G 241 6.57 -14.75 65.74
N PHE G 242 6.91 -16.02 65.82
CA PHE G 242 7.14 -16.85 64.64
C PHE G 242 5.85 -16.98 63.83
N VAL G 243 4.77 -17.34 64.51
CA VAL G 243 3.48 -17.50 63.88
C VAL G 243 2.97 -16.20 63.26
N ILE G 244 2.90 -15.16 64.08
CA ILE G 244 2.41 -13.88 63.60
C ILE G 244 3.22 -13.26 62.46
N SER G 245 4.53 -13.18 62.60
CA SER G 245 5.30 -12.56 61.53
C SER G 245 5.29 -13.36 60.24
N ASN G 246 4.85 -14.61 60.31
CA ASN G 246 4.79 -15.46 59.13
C ASN G 246 3.39 -15.59 58.55
N THR G 247 2.41 -14.99 59.22
CA THR G 247 1.05 -15.03 58.72
C THR G 247 0.63 -13.59 58.41
N THR G 248 -0.01 -12.93 59.36
CA THR G 248 -0.47 -11.56 59.17
C THR G 248 0.64 -10.51 59.15
N GLY G 249 1.69 -10.71 59.94
CA GLY G 249 2.76 -9.74 60.02
C GLY G 249 2.32 -8.73 61.08
N TYR G 250 3.14 -7.72 61.36
CA TYR G 250 2.77 -6.73 62.37
C TYR G 250 2.47 -5.34 61.79
N SER G 251 2.55 -5.21 60.47
CA SER G 251 2.28 -3.94 59.81
C SER G 251 0.80 -3.55 59.90
N ASP G 252 -0.05 -4.52 60.20
CA ASP G 252 -1.48 -4.25 60.34
C ASP G 252 -1.70 -3.66 61.74
N ARG G 253 -1.99 -2.36 61.80
CA ARG G 253 -2.20 -1.70 63.08
C ARG G 253 -3.15 -2.39 64.05
N ALA G 254 -4.13 -3.10 63.51
CA ALA G 254 -5.07 -3.81 64.38
C ALA G 254 -4.36 -4.99 65.05
N VAL G 255 -3.45 -5.61 64.32
CA VAL G 255 -2.70 -6.74 64.86
C VAL G 255 -1.69 -6.23 65.89
N LEU G 256 -0.95 -5.19 65.54
CA LEU G 256 0.04 -4.63 66.44
C LEU G 256 -0.62 -4.26 67.75
N GLU G 257 -1.77 -3.60 67.66
CA GLU G 257 -2.49 -3.19 68.85
C GLU G 257 -2.93 -4.38 69.69
N ARG G 258 -3.47 -5.40 69.03
CA ARG G 258 -3.90 -6.59 69.74
C ARG G 258 -2.74 -7.22 70.50
N GLU G 259 -1.58 -7.30 69.84
CA GLU G 259 -0.40 -7.88 70.45
C GLU G 259 0.18 -7.05 71.60
N VAL G 260 0.31 -5.75 71.38
CA VAL G 260 0.83 -4.89 72.44
C VAL G 260 -0.10 -4.99 73.66
N GLN G 261 -1.40 -5.01 73.40
CA GLN G 261 -2.38 -5.09 74.47
C GLN G 261 -2.26 -6.42 75.21
N TYR G 262 -2.15 -7.50 74.43
CA TYR G 262 -2.03 -8.85 74.97
C TYR G 262 -0.80 -8.97 75.89
N THR G 263 0.32 -8.42 75.44
CA THR G 263 1.55 -8.47 76.20
C THR G 263 1.43 -7.69 77.51
N LEU G 264 0.90 -6.47 77.44
CA LEU G 264 0.73 -5.66 78.64
C LEU G 264 -0.13 -6.42 79.66
N GLU G 265 -1.10 -7.17 79.17
CA GLU G 265 -1.95 -7.94 80.09
C GLU G 265 -1.12 -9.01 80.77
N MET G 266 -0.24 -9.66 80.01
CA MET G 266 0.62 -10.70 80.55
C MET G 266 1.63 -10.10 81.52
N ILE G 267 2.12 -8.92 81.20
CA ILE G 267 3.08 -8.24 82.05
C ILE G 267 2.41 -7.89 83.38
N LYS G 268 1.16 -7.45 83.33
CA LYS G 268 0.44 -7.09 84.55
C LYS G 268 0.28 -8.31 85.45
N LEU G 269 0.12 -9.50 84.86
CA LEU G 269 -0.04 -10.72 85.64
C LEU G 269 1.25 -11.15 86.31
N VAL G 270 2.38 -10.97 85.61
CA VAL G 270 3.69 -11.33 86.13
C VAL G 270 4.67 -10.30 85.61
N PRO G 271 4.75 -9.15 86.29
CA PRO G 271 5.63 -8.03 85.92
C PRO G 271 7.12 -8.34 85.76
N HIS G 272 7.63 -9.32 86.51
CA HIS G 272 9.04 -9.67 86.41
C HIS G 272 9.21 -10.85 85.45
N ASN G 273 9.11 -10.56 84.15
CA ASN G 273 9.22 -11.59 83.12
C ASN G 273 9.91 -11.01 81.90
N GLU G 274 11.21 -11.30 81.78
CA GLU G 274 11.99 -10.78 80.65
C GLU G 274 11.39 -11.13 79.28
N SER G 275 10.87 -12.34 79.15
CA SER G 275 10.30 -12.78 77.88
C SER G 275 9.17 -11.88 77.38
N ALA G 276 8.23 -11.55 78.26
CA ALA G 276 7.14 -10.68 77.86
C ALA G 276 7.66 -9.31 77.43
N TRP G 277 8.56 -8.75 78.23
CA TRP G 277 9.11 -7.44 77.92
C TRP G 277 9.91 -7.47 76.62
N ASN G 278 10.64 -8.55 76.37
CA ASN G 278 11.43 -8.62 75.15
C ASN G 278 10.54 -8.67 73.93
N TYR G 279 9.39 -9.33 74.06
CA TYR G 279 8.44 -9.43 72.97
C TYR G 279 7.89 -8.03 72.66
N LEU G 280 7.41 -7.36 73.72
CA LEU G 280 6.87 -6.01 73.58
C LEU G 280 7.87 -5.08 72.89
N LYS G 281 9.11 -5.07 73.37
CA LYS G 281 10.11 -4.20 72.76
C LYS G 281 10.43 -4.69 71.35
N GLY G 282 10.43 -6.01 71.19
CA GLY G 282 10.76 -6.58 69.89
C GLY G 282 9.85 -6.18 68.76
N ILE G 283 8.55 -6.17 69.01
CA ILE G 283 7.61 -5.83 67.96
C ILE G 283 7.43 -4.33 67.73
N LEU G 284 8.07 -3.51 68.56
CA LEU G 284 7.95 -2.07 68.41
C LEU G 284 9.26 -1.35 68.10
N GLN G 285 10.39 -1.92 68.52
CA GLN G 285 11.68 -1.27 68.33
C GLN G 285 12.03 -0.81 66.93
N ASP G 286 11.65 -1.55 65.91
CA ASP G 286 11.98 -1.14 64.56
C ASP G 286 11.03 -0.09 63.99
N ARG G 287 9.83 0.00 64.56
CA ARG G 287 8.87 1.01 64.12
C ARG G 287 9.27 2.33 64.77
N GLY G 288 9.94 2.24 65.92
CA GLY G 288 10.38 3.43 66.63
C GLY G 288 9.59 3.57 67.92
N LEU G 289 10.21 3.24 69.06
CA LEU G 289 9.54 3.33 70.35
C LEU G 289 8.96 4.72 70.66
N SER G 290 9.63 5.77 70.21
CA SER G 290 9.15 7.12 70.49
C SER G 290 7.89 7.52 69.72
N ARG G 291 7.45 6.69 68.76
CA ARG G 291 6.25 6.99 67.97
C ARG G 291 4.93 6.60 68.67
N TYR G 292 5.03 6.04 69.88
CA TYR G 292 3.85 5.60 70.61
C TYR G 292 3.65 6.35 71.94
N PRO G 293 3.25 7.61 71.87
CA PRO G 293 3.02 8.48 73.03
C PRO G 293 2.20 7.87 74.17
N ASN G 294 1.14 7.14 73.84
CA ASN G 294 0.31 6.55 74.89
C ASN G 294 1.03 5.42 75.62
N LEU G 295 1.96 4.77 74.91
CA LEU G 295 2.69 3.68 75.52
C LEU G 295 3.57 4.25 76.64
N LEU G 296 4.29 5.33 76.34
CA LEU G 296 5.16 5.96 77.33
C LEU G 296 4.37 6.26 78.61
N ASN G 297 3.23 6.92 78.48
CA ASN G 297 2.40 7.25 79.62
C ASN G 297 1.93 6.03 80.36
N GLN G 298 1.43 5.05 79.63
CA GLN G 298 0.94 3.84 80.27
C GLN G 298 2.02 3.14 81.07
N LEU G 299 3.26 3.18 80.58
CA LEU G 299 4.37 2.55 81.29
C LEU G 299 4.73 3.34 82.54
N LEU G 300 4.77 4.67 82.40
CA LEU G 300 5.08 5.54 83.53
C LEU G 300 4.04 5.35 84.63
N ASP G 301 2.83 4.95 84.23
CA ASP G 301 1.76 4.72 85.18
C ASP G 301 1.88 3.36 85.86
N LEU G 302 2.77 2.51 85.36
CA LEU G 302 2.98 1.20 85.95
C LEU G 302 4.15 1.23 86.93
N GLN G 303 5.05 2.18 86.74
CA GLN G 303 6.23 2.34 87.60
C GLN G 303 5.90 2.27 89.10
N PRO G 304 4.83 2.96 89.54
CA PRO G 304 4.44 2.94 90.94
C PRO G 304 4.39 1.54 91.57
N SER G 305 3.53 0.67 91.04
CA SER G 305 3.40 -0.68 91.58
C SER G 305 4.12 -1.77 90.77
N HIS G 306 3.70 -1.97 89.51
CA HIS G 306 4.30 -3.00 88.65
C HIS G 306 5.70 -2.69 88.10
N SER G 307 6.55 -2.05 88.90
CA SER G 307 7.89 -1.73 88.43
C SER G 307 8.80 -2.96 88.37
N SER G 308 9.88 -2.83 87.62
CA SER G 308 10.87 -3.90 87.45
C SER G 308 11.97 -3.30 86.61
N PRO G 309 13.15 -3.93 86.62
CA PRO G 309 14.24 -3.37 85.82
C PRO G 309 13.91 -3.39 84.33
N TYR G 310 13.07 -4.33 83.92
CA TYR G 310 12.69 -4.46 82.52
C TYR G 310 11.91 -3.23 82.08
N LEU G 311 11.01 -2.77 82.93
CA LEU G 311 10.22 -1.58 82.63
C LEU G 311 11.13 -0.34 82.58
N ILE G 312 12.00 -0.18 83.58
CA ILE G 312 12.91 0.95 83.62
C ILE G 312 13.76 0.97 82.36
N ALA G 313 14.21 -0.20 81.94
CA ALA G 313 15.02 -0.32 80.74
C ALA G 313 14.22 0.08 79.50
N PHE G 314 12.94 -0.28 79.49
CA PHE G 314 12.08 0.06 78.37
C PHE G 314 12.01 1.59 78.27
N LEU G 315 11.76 2.24 79.40
CA LEU G 315 11.68 3.69 79.45
C LEU G 315 12.96 4.32 78.89
N VAL G 316 14.12 3.83 79.35
CA VAL G 316 15.38 4.36 78.86
C VAL G 316 15.43 4.27 77.34
N ASP G 317 15.04 3.12 76.82
CA ASP G 317 15.07 2.89 75.37
C ASP G 317 14.10 3.80 74.63
N ILE G 318 12.95 4.10 75.25
CA ILE G 318 12.00 5.00 74.62
C ILE G 318 12.66 6.38 74.54
N TYR G 319 13.22 6.83 75.66
CA TYR G 319 13.87 8.13 75.70
C TYR G 319 15.00 8.18 74.67
N GLU G 320 15.77 7.10 74.56
CA GLU G 320 16.87 7.10 73.62
C GLU G 320 16.36 7.24 72.20
N ASP G 321 15.24 6.59 71.89
CA ASP G 321 14.68 6.68 70.55
C ASP G 321 14.27 8.12 70.26
N MET G 322 13.78 8.80 71.29
CA MET G 322 13.39 10.20 71.15
C MET G 322 14.63 11.03 70.80
N LEU G 323 15.67 10.90 71.63
CA LEU G 323 16.92 11.63 71.41
C LEU G 323 17.45 11.36 70.00
N GLU G 324 17.20 10.16 69.50
CA GLU G 324 17.64 9.76 68.17
C GLU G 324 16.90 10.52 67.09
N ASN G 325 15.64 10.88 67.38
CA ASN G 325 14.81 11.58 66.42
C ASN G 325 14.64 13.07 66.74
N GLN G 326 15.74 13.75 67.02
CA GLN G 326 15.74 15.18 67.33
C GLN G 326 14.42 15.65 67.95
N CYS G 327 14.12 15.19 69.16
CA CYS G 327 12.86 15.56 69.82
C CYS G 327 12.94 16.94 70.48
N ASP G 328 11.83 17.35 71.10
CA ASP G 328 11.76 18.63 71.78
C ASP G 328 12.22 18.40 73.22
N ASN G 329 13.03 19.32 73.74
CA ASN G 329 13.56 19.23 75.10
C ASN G 329 14.65 18.18 75.17
N LYS G 330 15.46 18.10 74.12
CA LYS G 330 16.54 17.11 74.05
C LYS G 330 17.28 16.98 75.37
N GLU G 331 17.73 18.11 75.91
CA GLU G 331 18.47 18.12 77.17
C GLU G 331 17.64 17.60 78.35
N ASP G 332 16.35 17.89 78.36
CA ASP G 332 15.51 17.43 79.46
C ASP G 332 15.25 15.93 79.36
N ILE G 333 15.11 15.45 78.13
CA ILE G 333 14.87 14.02 77.90
C ILE G 333 16.11 13.26 78.34
N LEU G 334 17.27 13.71 77.86
CA LEU G 334 18.54 13.09 78.19
C LEU G 334 18.70 12.89 79.70
N ASN G 335 18.22 13.85 80.48
CA ASN G 335 18.34 13.74 81.93
C ASN G 335 17.36 12.74 82.51
N LYS G 336 16.21 12.56 81.85
CA LYS G 336 15.23 11.59 82.33
C LYS G 336 15.82 10.19 82.16
N ALA G 337 16.55 10.02 81.05
CA ALA G 337 17.20 8.77 80.72
C ALA G 337 18.33 8.49 81.71
N LEU G 338 19.27 9.42 81.81
CA LEU G 338 20.40 9.31 82.73
C LEU G 338 19.94 9.02 84.13
N GLU G 339 18.86 9.66 84.54
CA GLU G 339 18.33 9.44 85.88
C GLU G 339 17.94 7.98 86.04
N LEU G 340 17.33 7.40 85.00
CA LEU G 340 16.91 6.00 85.04
C LEU G 340 18.10 5.04 85.00
N CYS G 341 19.08 5.34 84.16
CA CYS G 341 20.28 4.51 84.09
C CYS G 341 20.90 4.39 85.47
N GLU G 342 20.96 5.51 86.20
CA GLU G 342 21.54 5.51 87.53
C GLU G 342 20.65 4.74 88.52
N ILE G 343 19.34 4.78 88.32
CA ILE G 343 18.44 4.05 89.22
C ILE G 343 18.66 2.55 89.00
N LEU G 344 18.89 2.17 87.75
CA LEU G 344 19.14 0.78 87.41
C LEU G 344 20.44 0.33 88.06
N ALA G 345 21.51 1.08 87.81
CA ALA G 345 22.84 0.79 88.35
C ALA G 345 22.91 0.77 89.87
N LYS G 346 22.28 1.75 90.51
CA LYS G 346 22.29 1.86 91.97
C LYS G 346 21.36 0.93 92.76
N GLU G 347 20.17 0.65 92.27
CA GLU G 347 19.28 -0.20 93.07
C GLU G 347 18.36 -1.20 92.36
N LYS G 348 18.03 -0.97 91.10
CA LYS G 348 17.11 -1.88 90.41
C LYS G 348 17.73 -3.06 89.68
N ASP G 349 18.90 -2.86 89.09
CA ASP G 349 19.60 -3.92 88.34
C ASP G 349 21.11 -3.82 88.64
N THR G 350 21.44 -3.81 89.93
CA THR G 350 22.81 -3.68 90.40
C THR G 350 23.86 -4.57 89.78
N ILE G 351 23.53 -5.84 89.53
CA ILE G 351 24.52 -6.75 88.96
C ILE G 351 25.08 -6.21 87.64
N ARG G 352 24.32 -5.34 86.98
CA ARG G 352 24.75 -4.74 85.72
C ARG G 352 25.15 -3.27 85.91
N LYS G 353 25.43 -2.90 87.15
CA LYS G 353 25.81 -1.53 87.51
C LYS G 353 26.83 -0.90 86.56
N GLU G 354 27.91 -1.60 86.25
CA GLU G 354 28.92 -1.03 85.37
C GLU G 354 28.40 -0.91 83.94
N TYR G 355 27.45 -1.76 83.57
CA TYR G 355 26.88 -1.72 82.22
C TYR G 355 25.99 -0.49 82.07
N TRP G 356 25.09 -0.30 83.03
CA TRP G 356 24.17 0.82 83.01
C TRP G 356 24.89 2.16 83.05
N ARG G 357 25.93 2.27 83.87
CA ARG G 357 26.69 3.51 83.94
C ARG G 357 27.42 3.72 82.63
N TYR G 358 27.76 2.61 81.98
CA TYR G 358 28.43 2.64 80.68
C TYR G 358 27.43 3.17 79.63
N ILE G 359 26.17 2.79 79.79
CA ILE G 359 25.12 3.25 78.87
C ILE G 359 24.89 4.75 79.10
N GLY G 360 24.80 5.12 80.38
CA GLY G 360 24.62 6.52 80.73
C GLY G 360 25.70 7.37 80.09
N ARG G 361 26.96 7.01 80.30
CA ARG G 361 28.05 7.74 79.70
C ARG G 361 27.88 7.85 78.19
N SER G 362 27.46 6.75 77.56
CA SER G 362 27.28 6.72 76.12
C SER G 362 26.23 7.70 75.64
N LEU G 363 25.17 7.87 76.43
CA LEU G 363 24.10 8.79 76.07
C LEU G 363 24.57 10.24 76.15
N GLN G 364 25.27 10.60 77.23
CA GLN G 364 25.77 11.96 77.41
C GLN G 364 26.69 12.37 76.27
N SER G 365 27.68 11.55 75.97
CA SER G 365 28.62 11.88 74.91
C SER G 365 28.01 11.83 73.52
N LYS G 366 26.75 11.45 73.42
CA LYS G 366 26.11 11.37 72.12
C LYS G 366 25.03 12.44 71.96
N HIS G 367 24.53 12.97 73.07
CA HIS G 367 23.49 13.99 73.03
C HIS G 367 23.72 15.16 74.01
N SER G 368 24.69 16.03 73.70
CA SER G 368 24.97 17.19 74.57
C SER G 368 25.56 18.37 73.80
N LEU H 18 35.66 -21.51 98.74
CA LEU H 18 35.98 -22.56 97.73
C LEU H 18 36.85 -21.95 96.63
N ASP H 19 38.02 -22.53 96.39
CA ASP H 19 38.96 -22.01 95.39
C ASP H 19 39.19 -22.90 94.18
N PHE H 20 40.14 -22.50 93.33
CA PHE H 20 40.46 -23.23 92.11
C PHE H 20 41.43 -24.39 92.27
N LEU H 21 40.87 -25.59 92.29
CA LEU H 21 41.63 -26.83 92.44
C LEU H 21 42.42 -27.20 91.18
N ARG H 22 43.34 -26.33 90.77
CA ARG H 22 44.15 -26.54 89.57
C ARG H 22 44.73 -27.95 89.34
N ASP H 23 45.41 -28.50 90.34
CA ASP H 23 45.99 -29.82 90.19
C ASP H 23 44.95 -30.89 89.85
N ARG H 24 43.89 -30.94 90.66
CA ARG H 24 42.82 -31.90 90.43
C ARG H 24 42.27 -31.85 89.01
N HIS H 25 42.20 -30.65 88.43
CA HIS H 25 41.69 -30.51 87.07
C HIS H 25 42.70 -31.03 86.07
N VAL H 26 43.99 -30.90 86.38
CA VAL H 26 45.01 -31.39 85.47
C VAL H 26 44.90 -32.91 85.40
N ARG H 27 44.71 -33.54 86.56
CA ARG H 27 44.56 -34.99 86.61
C ARG H 27 43.28 -35.39 85.89
N PHE H 28 42.21 -34.66 86.12
CA PHE H 28 40.93 -34.91 85.47
C PHE H 28 41.11 -34.98 83.97
N PHE H 29 41.79 -34.00 83.40
CA PHE H 29 42.02 -33.98 81.95
C PHE H 29 42.91 -35.13 81.50
N GLN H 30 43.88 -35.52 82.33
CA GLN H 30 44.77 -36.62 81.98
C GLN H 30 43.95 -37.90 81.84
N ARG H 31 43.05 -38.11 82.79
CA ARG H 31 42.18 -39.27 82.79
C ARG H 31 41.33 -39.32 81.54
N CYS H 32 40.88 -38.15 81.07
CA CYS H 32 40.06 -38.08 79.86
C CYS H 32 40.81 -38.60 78.65
N LEU H 33 42.12 -38.41 78.61
CA LEU H 33 42.92 -38.89 77.47
C LEU H 33 43.28 -40.36 77.56
N GLN H 34 43.01 -40.99 78.70
CA GLN H 34 43.37 -42.38 78.88
C GLN H 34 42.31 -43.41 78.52
N VAL H 35 41.73 -44.07 79.53
CA VAL H 35 40.71 -45.08 79.25
C VAL H 35 39.40 -44.80 79.97
N LEU H 36 38.29 -44.93 79.26
CA LEU H 36 36.97 -44.67 79.82
C LEU H 36 36.09 -45.91 79.89
N PRO H 37 35.22 -45.99 80.92
CA PRO H 37 34.31 -47.13 81.11
C PRO H 37 33.31 -47.17 79.96
N GLU H 38 32.73 -48.35 79.71
CA GLU H 38 31.77 -48.47 78.61
C GLU H 38 30.56 -47.55 78.77
N ARG H 39 30.40 -46.98 79.95
CA ARG H 39 29.29 -46.08 80.22
C ARG H 39 29.40 -44.81 79.36
N TYR H 40 30.53 -44.64 78.70
CA TYR H 40 30.76 -43.46 77.86
C TYR H 40 30.83 -43.81 76.37
N SER H 41 30.18 -44.90 76.01
CA SER H 41 30.17 -45.38 74.62
C SER H 41 29.59 -44.38 73.63
N SER H 42 28.63 -43.57 74.07
CA SER H 42 28.02 -42.58 73.19
C SER H 42 28.97 -41.47 72.75
N LEU H 43 30.20 -41.49 73.27
CA LEU H 43 31.19 -40.48 72.91
C LEU H 43 32.12 -40.99 71.81
N GLU H 44 31.94 -42.25 71.43
CA GLU H 44 32.77 -42.87 70.41
C GLU H 44 33.02 -42.06 69.15
N THR H 45 31.96 -41.63 68.47
CA THR H 45 32.13 -40.87 67.23
C THR H 45 32.59 -39.43 67.42
N SER H 46 32.82 -39.04 68.67
CA SER H 46 33.29 -37.70 68.96
C SER H 46 34.39 -37.72 70.03
N ARG H 47 35.29 -38.71 69.94
CA ARG H 47 36.39 -38.84 70.89
C ARG H 47 37.41 -37.72 70.65
N LEU H 48 37.53 -37.29 69.40
CA LEU H 48 38.47 -36.24 69.06
C LEU H 48 38.13 -34.93 69.76
N THR H 49 36.84 -34.64 69.97
CA THR H 49 36.48 -33.39 70.65
C THR H 49 36.72 -33.54 72.14
N ILE H 50 36.69 -34.77 72.65
CA ILE H 50 36.96 -34.99 74.07
C ILE H 50 38.45 -34.77 74.27
N ALA H 51 39.24 -35.20 73.29
CA ALA H 51 40.68 -35.03 73.33
C ALA H 51 40.97 -33.53 73.33
N PHE H 52 40.23 -32.80 72.51
CA PHE H 52 40.39 -31.34 72.41
C PHE H 52 40.13 -30.66 73.76
N PHE H 53 39.03 -31.02 74.43
CA PHE H 53 38.71 -30.42 75.72
C PHE H 53 39.82 -30.71 76.72
N ALA H 54 40.38 -31.91 76.66
CA ALA H 54 41.44 -32.34 77.58
C ALA H 54 42.81 -31.71 77.26
N LEU H 55 43.18 -31.70 75.98
CA LEU H 55 44.45 -31.12 75.57
C LEU H 55 44.44 -29.60 75.71
N SER H 56 43.43 -28.96 75.12
CA SER H 56 43.29 -27.51 75.19
C SER H 56 43.11 -27.10 76.64
N GLY H 57 42.49 -27.98 77.43
CA GLY H 57 42.28 -27.70 78.83
C GLY H 57 43.59 -27.76 79.59
N LEU H 58 44.46 -28.69 79.19
CA LEU H 58 45.77 -28.81 79.84
C LEU H 58 46.64 -27.64 79.41
N ASP H 59 46.51 -27.25 78.14
CA ASP H 59 47.26 -26.13 77.60
C ASP H 59 46.89 -24.87 78.37
N MET H 60 45.59 -24.70 78.61
CA MET H 60 45.07 -23.55 79.32
C MET H 60 45.62 -23.53 80.76
N LEU H 61 45.94 -24.70 81.29
CA LEU H 61 46.50 -24.79 82.63
C LEU H 61 48.01 -24.93 82.58
N ASP H 62 48.56 -24.83 81.36
CA ASP H 62 49.99 -24.95 81.14
C ASP H 62 50.54 -26.26 81.74
N SER H 63 50.03 -27.39 81.26
CA SER H 63 50.43 -28.70 81.73
C SER H 63 50.49 -29.71 80.59
N LEU H 64 50.78 -29.25 79.38
CA LEU H 64 50.88 -30.13 78.22
C LEU H 64 52.06 -31.08 78.30
N ASP H 65 52.92 -30.87 79.29
CA ASP H 65 54.09 -31.72 79.45
C ASP H 65 53.71 -33.12 79.96
N VAL H 66 52.57 -33.23 80.63
CA VAL H 66 52.13 -34.51 81.18
C VAL H 66 51.57 -35.48 80.13
N VAL H 67 51.75 -35.15 78.86
CA VAL H 67 51.25 -36.02 77.79
C VAL H 67 52.29 -36.16 76.68
N ASN H 68 52.27 -37.29 76.00
CA ASN H 68 53.22 -37.52 74.93
C ASN H 68 52.69 -36.86 73.66
N LYS H 69 53.08 -35.60 73.46
CA LYS H 69 52.63 -34.87 72.29
C LYS H 69 52.81 -35.64 70.99
N ASP H 70 53.90 -36.39 70.89
CA ASP H 70 54.19 -37.15 69.67
C ASP H 70 53.21 -38.29 69.39
N ASP H 71 52.85 -39.05 70.42
CA ASP H 71 51.92 -40.15 70.25
C ASP H 71 50.56 -39.63 69.82
N ILE H 72 50.09 -38.61 70.54
CA ILE H 72 48.79 -38.02 70.25
C ILE H 72 48.71 -37.41 68.86
N ILE H 73 49.80 -36.79 68.40
CA ILE H 73 49.81 -36.20 67.07
C ILE H 73 49.59 -37.28 66.00
N GLU H 74 50.18 -38.45 66.22
CA GLU H 74 50.04 -39.56 65.27
C GLU H 74 48.61 -40.06 65.28
N TRP H 75 48.03 -40.17 66.48
CA TRP H 75 46.66 -40.64 66.62
C TRP H 75 45.72 -39.70 65.87
N ILE H 76 45.92 -38.41 66.05
CA ILE H 76 45.09 -37.42 65.38
C ILE H 76 45.22 -37.56 63.87
N TYR H 77 46.45 -37.70 63.38
CA TYR H 77 46.64 -37.83 61.95
C TYR H 77 46.05 -39.11 61.38
N SER H 78 45.83 -40.11 62.24
CA SER H 78 45.24 -41.36 61.77
C SER H 78 43.75 -41.15 61.54
N LEU H 79 43.24 -40.01 62.01
CA LEU H 79 41.83 -39.67 61.88
C LEU H 79 41.52 -38.83 60.65
N GLN H 80 42.56 -38.43 59.92
CA GLN H 80 42.34 -37.62 58.73
C GLN H 80 41.88 -38.44 57.53
N VAL H 81 40.80 -38.00 56.91
CA VAL H 81 40.28 -38.67 55.73
C VAL H 81 41.02 -38.03 54.56
N LEU H 82 41.99 -38.75 54.02
CA LEU H 82 42.77 -38.27 52.90
C LEU H 82 42.17 -38.65 51.57
N PRO H 83 42.48 -37.88 50.52
CA PRO H 83 41.91 -38.21 49.21
C PRO H 83 42.53 -39.50 48.67
N THR H 84 41.73 -40.29 47.97
CA THR H 84 42.20 -41.54 47.39
C THR H 84 43.09 -41.27 46.18
N GLU H 85 43.77 -42.31 45.70
CA GLU H 85 44.66 -42.17 44.55
C GLU H 85 44.00 -41.40 43.40
N ASP H 86 42.78 -41.81 43.04
CA ASP H 86 42.05 -41.14 41.95
C ASP H 86 41.35 -39.85 42.37
N ARG H 87 41.62 -39.41 43.61
CA ARG H 87 41.04 -38.18 44.16
C ARG H 87 39.55 -38.02 43.87
N SER H 88 38.80 -39.10 43.98
CA SER H 88 37.36 -39.06 43.72
C SER H 88 36.53 -38.89 44.98
N ASN H 89 37.19 -38.59 46.10
CA ASN H 89 36.48 -38.42 47.36
C ASN H 89 36.84 -37.10 48.05
N LEU H 90 37.22 -36.09 47.27
CA LEU H 90 37.58 -34.80 47.84
C LEU H 90 36.48 -34.19 48.68
N ASP H 91 35.24 -34.29 48.18
CA ASP H 91 34.08 -33.75 48.87
C ASP H 91 33.84 -34.38 50.24
N ARG H 92 34.62 -35.38 50.60
CA ARG H 92 34.44 -36.06 51.87
C ARG H 92 35.65 -36.02 52.80
N CYS H 93 36.64 -35.22 52.45
CA CYS H 93 37.83 -35.15 53.27
C CYS H 93 37.70 -34.26 54.50
N GLY H 94 38.56 -34.49 55.48
CA GLY H 94 38.53 -33.74 56.72
C GLY H 94 39.01 -34.69 57.79
N PHE H 95 38.40 -34.68 58.96
CA PHE H 95 38.80 -35.59 60.04
C PHE H 95 37.64 -36.39 60.61
N ARG H 96 37.93 -37.60 61.07
CA ARG H 96 36.93 -38.48 61.69
C ARG H 96 36.96 -38.20 63.17
N GLY H 97 35.88 -38.57 63.87
CA GLY H 97 35.83 -38.36 65.31
C GLY H 97 36.62 -39.43 66.04
N SER H 98 36.76 -40.57 65.38
CA SER H 98 37.50 -41.72 65.92
C SER H 98 37.63 -42.76 64.81
N SER H 99 38.13 -43.94 65.18
CA SER H 99 38.32 -45.02 64.22
C SER H 99 37.21 -46.06 64.24
N TYR H 100 36.02 -45.66 64.67
CA TYR H 100 34.90 -46.59 64.74
C TYR H 100 34.54 -47.32 63.43
N LEU H 101 35.03 -46.86 62.29
CA LEU H 101 34.71 -47.53 61.03
C LEU H 101 35.56 -48.75 60.76
N GLY H 102 36.66 -48.89 61.50
CA GLY H 102 37.52 -50.03 61.32
C GLY H 102 38.57 -49.89 60.23
N ILE H 103 38.81 -48.66 59.78
CA ILE H 103 39.82 -48.45 58.76
C ILE H 103 41.18 -48.65 59.40
N PRO H 104 42.08 -49.40 58.74
CA PRO H 104 43.44 -49.67 59.23
C PRO H 104 44.26 -48.43 59.59
N PHE H 105 44.80 -48.43 60.80
CA PHE H 105 45.60 -47.33 61.32
C PHE H 105 46.60 -46.80 60.28
N ASN H 106 46.53 -45.51 60.00
CA ASN H 106 47.41 -44.86 59.04
C ASN H 106 47.55 -43.38 59.37
N PRO H 107 48.64 -43.00 60.07
CA PRO H 107 48.89 -41.61 60.47
C PRO H 107 49.21 -40.68 59.31
N SER H 108 48.28 -40.59 58.37
CA SER H 108 48.42 -39.74 57.17
C SER H 108 49.74 -39.99 56.45
N LYS H 109 50.07 -41.28 56.28
CA LYS H 109 51.29 -41.67 55.60
C LYS H 109 50.96 -42.05 54.15
N ASN H 110 50.44 -43.26 53.95
CA ASN H 110 50.07 -43.72 52.61
C ASN H 110 48.83 -42.98 52.12
N PRO H 111 48.39 -43.28 50.88
CA PRO H 111 47.20 -42.62 50.33
C PRO H 111 45.95 -42.97 51.14
N GLY H 112 44.78 -42.69 50.59
CA GLY H 112 43.55 -42.99 51.32
C GLY H 112 42.88 -44.30 50.94
N THR H 113 42.56 -45.11 51.96
CA THR H 113 41.90 -46.39 51.75
C THR H 113 40.40 -46.19 51.51
N ALA H 114 39.98 -46.29 50.25
CA ALA H 114 38.58 -46.09 49.86
C ALA H 114 37.59 -46.88 50.71
N HIS H 115 36.52 -46.21 51.12
CA HIS H 115 35.48 -46.83 51.95
C HIS H 115 34.17 -46.11 51.66
N PRO H 116 33.11 -46.88 51.37
CA PRO H 116 31.77 -46.37 51.06
C PRO H 116 31.17 -45.33 52.00
N TYR H 117 31.50 -45.41 53.28
CA TYR H 117 30.93 -44.49 54.26
C TYR H 117 31.91 -43.70 55.11
N ASP H 118 33.17 -43.64 54.68
CA ASP H 118 34.15 -42.90 55.44
C ASP H 118 34.30 -41.48 54.93
N SER H 119 34.08 -40.52 55.82
CA SER H 119 34.21 -39.11 55.47
C SER H 119 34.41 -38.31 56.75
N GLY H 120 34.77 -37.04 56.61
CA GLY H 120 35.00 -36.22 57.77
C GLY H 120 33.75 -35.64 58.41
N HIS H 121 33.93 -35.05 59.58
CA HIS H 121 32.85 -34.43 60.33
C HIS H 121 33.37 -33.04 60.67
N ILE H 122 32.67 -32.02 60.22
CA ILE H 122 33.09 -30.63 60.44
C ILE H 122 33.59 -30.28 61.84
N ALA H 123 32.91 -30.76 62.89
CA ALA H 123 33.35 -30.46 64.24
C ALA H 123 34.65 -31.19 64.57
N MET H 124 34.89 -32.30 63.88
CA MET H 124 36.11 -33.07 64.13
C MET H 124 37.27 -32.44 63.36
N THR H 125 36.99 -31.95 62.15
CA THR H 125 38.01 -31.31 61.35
C THR H 125 38.49 -30.09 62.14
N TYR H 126 37.53 -29.39 62.76
CA TYR H 126 37.86 -28.22 63.55
C TYR H 126 38.68 -28.57 64.79
N THR H 127 38.15 -29.45 65.65
CA THR H 127 38.89 -29.82 66.86
C THR H 127 40.19 -30.56 66.52
N GLY H 128 40.21 -31.24 65.39
CA GLY H 128 41.40 -31.97 64.97
C GLY H 128 42.53 -31.01 64.67
N LEU H 129 42.30 -30.09 63.74
CA LEU H 129 43.31 -29.09 63.38
C LEU H 129 43.69 -28.34 64.63
N SER H 130 42.69 -27.98 65.41
CA SER H 130 42.89 -27.25 66.64
C SER H 130 43.84 -28.00 67.57
N CYS H 131 43.66 -29.31 67.70
CA CYS H 131 44.52 -30.13 68.56
C CYS H 131 45.97 -30.18 68.05
N LEU H 132 46.13 -30.34 66.74
CA LEU H 132 47.46 -30.39 66.15
C LEU H 132 48.25 -29.14 66.48
N ILE H 133 47.62 -27.97 66.35
CA ILE H 133 48.27 -26.71 66.66
C ILE H 133 48.67 -26.64 68.12
N ILE H 134 47.75 -27.03 69.01
CA ILE H 134 48.03 -27.02 70.45
C ILE H 134 49.22 -27.90 70.80
N LEU H 135 49.35 -29.03 70.09
CA LEU H 135 50.43 -29.98 70.35
C LEU H 135 51.77 -29.60 69.73
N GLY H 136 51.79 -28.55 68.91
CA GLY H 136 53.03 -28.12 68.30
C GLY H 136 53.23 -28.52 66.86
N ASP H 137 52.38 -29.39 66.34
CA ASP H 137 52.52 -29.82 64.95
C ASP H 137 52.41 -28.61 64.04
N ASP H 138 52.97 -28.70 62.83
CA ASP H 138 52.95 -27.59 61.89
C ASP H 138 51.94 -27.76 60.75
N LEU H 139 51.09 -28.79 60.85
CA LEU H 139 50.05 -29.05 59.85
C LEU H 139 50.57 -29.38 58.45
N SER H 140 51.82 -29.82 58.36
CA SER H 140 52.40 -30.16 57.06
C SER H 140 51.76 -31.42 56.48
N ARG H 141 51.32 -32.32 57.35
CA ARG H 141 50.69 -33.56 56.91
C ARG H 141 49.19 -33.40 56.64
N VAL H 142 48.68 -32.20 56.86
CA VAL H 142 47.27 -31.91 56.61
C VAL H 142 47.08 -31.53 55.14
N ASP H 143 46.23 -32.26 54.44
CA ASP H 143 45.98 -31.93 53.04
C ASP H 143 45.01 -30.75 53.06
N LYS H 144 45.56 -29.56 53.20
CA LYS H 144 44.76 -28.35 53.28
C LYS H 144 43.72 -28.21 52.18
N GLU H 145 44.11 -28.42 50.93
CA GLU H 145 43.16 -28.28 49.82
C GLU H 145 42.00 -29.27 49.91
N ALA H 146 42.29 -30.47 50.40
CA ALA H 146 41.26 -31.49 50.52
C ALA H 146 40.25 -31.09 51.60
N CYS H 147 40.74 -30.63 52.74
CA CYS H 147 39.87 -30.21 53.83
C CYS H 147 38.95 -29.10 53.38
N LEU H 148 39.51 -28.12 52.68
CA LEU H 148 38.73 -26.98 52.19
C LEU H 148 37.68 -27.44 51.18
N ALA H 149 38.04 -28.42 50.35
CA ALA H 149 37.10 -28.93 49.36
C ALA H 149 35.95 -29.61 50.12
N GLY H 150 36.31 -30.32 51.18
CA GLY H 150 35.32 -31.00 51.99
C GLY H 150 34.40 -29.99 52.64
N LEU H 151 35.00 -28.91 53.14
CA LEU H 151 34.24 -27.85 53.80
C LEU H 151 33.22 -27.25 52.84
N ARG H 152 33.67 -26.83 51.66
CA ARG H 152 32.77 -26.25 50.67
C ARG H 152 31.54 -27.11 50.42
N ALA H 153 31.76 -28.42 50.33
CA ALA H 153 30.68 -29.36 50.07
C ALA H 153 29.62 -29.39 51.18
N LEU H 154 29.98 -28.94 52.37
CA LEU H 154 29.06 -28.94 53.49
C LEU H 154 28.11 -27.74 53.56
N GLN H 155 28.44 -26.66 52.85
CA GLN H 155 27.61 -25.46 52.91
C GLN H 155 26.34 -25.57 52.08
N LEU H 156 25.21 -25.14 52.67
CA LEU H 156 23.93 -25.20 52.00
C LEU H 156 23.62 -23.88 51.29
N GLU H 157 22.55 -23.90 50.51
CA GLU H 157 22.13 -22.72 49.76
C GLU H 157 21.92 -21.51 50.68
N ASP H 158 21.36 -21.73 51.87
CA ASP H 158 21.10 -20.63 52.79
C ASP H 158 22.34 -20.11 53.52
N GLY H 159 23.49 -20.70 53.22
CA GLY H 159 24.71 -20.23 53.85
C GLY H 159 25.19 -20.97 55.08
N SER H 160 24.32 -21.78 55.69
CA SER H 160 24.74 -22.55 56.88
C SER H 160 25.49 -23.81 56.44
N PHE H 161 25.92 -24.61 57.40
CA PHE H 161 26.66 -25.84 57.12
C PHE H 161 26.10 -27.10 57.77
N CYS H 162 26.39 -28.24 57.14
CA CYS H 162 26.02 -29.55 57.65
C CYS H 162 27.32 -30.06 58.28
N ALA H 163 27.25 -31.14 59.04
CA ALA H 163 28.46 -31.67 59.67
C ALA H 163 29.16 -32.71 58.80
N VAL H 164 28.37 -33.45 58.01
CA VAL H 164 28.92 -34.49 57.14
C VAL H 164 28.28 -34.45 55.77
N PRO H 165 29.04 -34.84 54.74
CA PRO H 165 28.52 -34.85 53.36
C PRO H 165 27.29 -35.71 53.12
N GLU H 166 27.11 -36.76 53.93
CA GLU H 166 25.94 -37.63 53.76
C GLU H 166 24.68 -36.91 54.22
N GLY H 167 24.85 -35.78 54.91
CA GLY H 167 23.70 -35.03 55.39
C GLY H 167 23.53 -35.09 56.89
N SER H 168 22.99 -34.01 57.45
CA SER H 168 22.77 -33.90 58.89
C SER H 168 21.99 -32.63 59.11
N GLU H 169 21.81 -32.26 60.37
CA GLU H 169 21.11 -31.03 60.68
C GLU H 169 22.09 -29.92 60.29
N ASN H 170 21.59 -28.72 60.05
CA ASN H 170 22.45 -27.60 59.69
C ASN H 170 22.08 -26.40 60.56
N ASP H 171 23.08 -25.75 61.13
CA ASP H 171 22.83 -24.60 61.97
C ASP H 171 24.07 -23.79 62.26
N MET H 172 23.91 -22.79 63.12
CA MET H 172 24.99 -21.89 63.49
C MET H 172 26.23 -22.60 64.02
N ARG H 173 26.03 -23.68 64.79
CA ARG H 173 27.16 -24.43 65.34
C ARG H 173 28.18 -24.79 64.27
N PHE H 174 27.71 -25.24 63.12
CA PHE H 174 28.62 -25.64 62.06
C PHE H 174 29.16 -24.47 61.25
N VAL H 175 28.49 -23.33 61.32
CA VAL H 175 28.96 -22.13 60.63
C VAL H 175 30.23 -21.71 61.40
N TYR H 176 30.17 -21.85 62.72
CA TYR H 176 31.30 -21.52 63.57
C TYR H 176 32.48 -22.44 63.30
N CYS H 177 32.20 -23.73 63.14
CA CYS H 177 33.25 -24.71 62.86
C CYS H 177 33.90 -24.38 61.52
N ALA H 178 33.07 -24.09 60.53
CA ALA H 178 33.59 -23.75 59.20
C ALA H 178 34.50 -22.53 59.30
N SER H 179 34.05 -21.52 60.05
CA SER H 179 34.81 -20.30 60.23
C SER H 179 36.16 -20.59 60.87
N CYS H 180 36.17 -21.39 61.94
CA CYS H 180 37.42 -21.73 62.62
C CYS H 180 38.38 -22.46 61.70
N ILE H 181 37.86 -23.38 60.90
CA ILE H 181 38.68 -24.14 59.97
C ILE H 181 39.33 -23.20 58.96
N CYS H 182 38.52 -22.35 58.33
CA CYS H 182 39.06 -21.41 57.35
C CYS H 182 40.10 -20.50 57.96
N TYR H 183 39.87 -20.11 59.21
CA TYR H 183 40.80 -19.24 59.91
C TYR H 183 42.13 -19.94 60.20
N MET H 184 42.06 -21.18 60.70
CA MET H 184 43.27 -21.93 61.01
C MET H 184 44.06 -22.28 59.77
N LEU H 185 43.38 -22.63 58.68
CA LEU H 185 44.08 -22.96 57.45
C LEU H 185 44.37 -21.68 56.70
N ASN H 186 44.07 -20.56 57.35
CA ASN H 186 44.30 -19.23 56.77
C ASN H 186 43.92 -19.17 55.30
N ASN H 187 42.74 -19.68 54.97
CA ASN H 187 42.24 -19.70 53.61
C ASN H 187 40.72 -19.77 53.67
N TRP H 188 40.03 -18.75 53.16
CA TRP H 188 38.57 -18.74 53.23
C TRP H 188 37.87 -19.29 52.00
N SER H 189 38.59 -20.04 51.16
CA SER H 189 37.97 -20.61 49.98
C SER H 189 37.08 -21.77 50.43
N GLY H 190 37.18 -22.10 51.72
CA GLY H 190 36.38 -23.17 52.26
C GLY H 190 34.90 -22.83 52.37
N MET H 191 34.54 -21.58 52.15
CA MET H 191 33.13 -21.18 52.25
C MET H 191 32.79 -19.98 51.41
N ASP H 192 31.50 -19.82 51.15
CA ASP H 192 30.98 -18.68 50.41
C ASP H 192 30.61 -17.72 51.55
N MET H 193 31.60 -16.92 51.96
CA MET H 193 31.44 -15.99 53.07
C MET H 193 30.21 -15.10 53.00
N LYS H 194 29.86 -14.63 51.81
CA LYS H 194 28.70 -13.77 51.67
C LYS H 194 27.44 -14.48 52.13
N LYS H 195 27.29 -15.74 51.73
CA LYS H 195 26.10 -16.51 52.12
C LYS H 195 26.10 -16.85 53.61
N ALA H 196 27.28 -17.11 54.17
CA ALA H 196 27.37 -17.41 55.59
C ALA H 196 26.93 -16.20 56.40
N ILE H 197 27.41 -15.04 56.00
CA ILE H 197 27.07 -13.79 56.68
C ILE H 197 25.56 -13.57 56.62
N SER H 198 24.99 -13.85 55.47
CA SER H 198 23.56 -13.71 55.29
C SER H 198 22.80 -14.60 56.27
N TYR H 199 23.29 -15.82 56.45
CA TYR H 199 22.67 -16.76 57.38
C TYR H 199 22.75 -16.21 58.80
N ILE H 200 23.91 -15.70 59.18
CA ILE H 200 24.09 -15.15 60.51
C ILE H 200 23.15 -13.98 60.76
N ARG H 201 22.99 -13.10 59.78
CA ARG H 201 22.10 -11.96 59.95
C ARG H 201 20.67 -12.42 60.14
N ARG H 202 20.23 -13.34 59.29
CA ARG H 202 18.87 -13.85 59.33
C ARG H 202 18.53 -14.58 60.61
N SER H 203 19.55 -14.92 61.40
CA SER H 203 19.31 -15.64 62.64
C SER H 203 18.98 -14.70 63.80
N MET H 204 19.15 -13.40 63.59
CA MET H 204 18.88 -12.46 64.67
C MET H 204 17.39 -12.46 64.97
N SER H 205 17.08 -12.61 66.25
CA SER H 205 15.70 -12.65 66.72
C SER H 205 15.13 -11.26 67.04
N TYR H 206 13.82 -11.23 67.28
CA TYR H 206 13.14 -9.98 67.62
C TYR H 206 13.67 -9.48 68.97
N ASP H 207 14.20 -10.37 69.81
CA ASP H 207 14.72 -9.95 71.11
C ASP H 207 16.21 -9.58 71.01
N ASN H 208 16.71 -9.59 69.78
CA ASN H 208 18.09 -9.19 69.48
C ASN H 208 19.22 -10.17 69.69
N GLY H 209 18.92 -11.35 70.24
CA GLY H 209 19.97 -12.34 70.38
C GLY H 209 20.05 -13.07 69.04
N LEU H 210 21.01 -13.97 68.89
CA LEU H 210 21.14 -14.74 67.67
C LEU H 210 20.66 -16.16 67.95
N ALA H 211 19.91 -16.76 67.03
CA ALA H 211 19.40 -18.11 67.22
C ALA H 211 20.18 -19.08 66.34
N GLN H 212 19.87 -20.36 66.45
CA GLN H 212 20.56 -21.36 65.64
C GLN H 212 20.22 -21.19 64.17
N GLY H 213 19.06 -20.60 63.91
CA GLY H 213 18.61 -20.36 62.55
C GLY H 213 17.45 -19.39 62.60
N ALA H 214 17.05 -18.89 61.44
CA ALA H 214 15.95 -17.92 61.35
C ALA H 214 14.67 -18.38 62.04
N GLY H 215 14.08 -17.49 62.82
CA GLY H 215 12.83 -17.81 63.52
C GLY H 215 12.93 -18.55 64.84
N LEU H 216 14.07 -19.19 65.09
CA LEU H 216 14.25 -19.94 66.32
C LEU H 216 14.56 -19.03 67.51
N GLU H 217 14.40 -19.55 68.73
CA GLU H 217 14.66 -18.81 69.96
C GLU H 217 16.14 -18.46 70.06
N SER H 218 16.45 -17.18 70.26
CA SER H 218 17.85 -16.77 70.36
C SER H 218 18.46 -17.50 71.54
N HIS H 219 19.75 -17.81 71.44
CA HIS H 219 20.42 -18.59 72.46
C HIS H 219 21.89 -18.15 72.66
N GLY H 220 22.39 -18.32 73.88
CA GLY H 220 23.76 -17.92 74.16
C GLY H 220 24.80 -18.62 73.31
N GLY H 221 24.56 -19.90 73.01
CA GLY H 221 25.50 -20.64 72.19
C GLY H 221 25.53 -20.19 70.75
N SER H 222 24.36 -20.02 70.14
CA SER H 222 24.30 -19.59 68.75
C SER H 222 24.75 -18.14 68.61
N THR H 223 24.50 -17.32 69.63
CA THR H 223 24.94 -15.93 69.58
C THR H 223 26.47 -15.92 69.56
N PHE H 224 27.08 -16.77 70.39
CA PHE H 224 28.53 -16.85 70.39
C PHE H 224 29.02 -17.29 69.02
N CYS H 225 28.42 -18.36 68.50
CA CYS H 225 28.82 -18.87 67.20
C CYS H 225 28.74 -17.83 66.11
N GLY H 226 27.64 -17.09 66.08
CA GLY H 226 27.47 -16.06 65.08
C GLY H 226 28.49 -14.93 65.21
N ILE H 227 28.59 -14.38 66.42
CA ILE H 227 29.52 -13.29 66.66
C ILE H 227 30.99 -13.70 66.43
N ALA H 228 31.38 -14.84 67.00
CA ALA H 228 32.75 -15.32 66.85
C ALA H 228 33.07 -15.55 65.38
N SER H 229 32.13 -16.09 64.62
CA SER H 229 32.38 -16.32 63.21
C SER H 229 32.66 -15.01 62.50
N LEU H 230 31.86 -13.99 62.78
CA LEU H 230 32.06 -12.69 62.15
C LEU H 230 33.42 -12.11 62.53
N CYS H 231 33.79 -12.22 63.80
CA CYS H 231 35.09 -11.71 64.26
C CYS H 231 36.22 -12.44 63.52
N LEU H 232 36.11 -13.75 63.40
CA LEU H 232 37.12 -14.55 62.72
C LEU H 232 37.23 -14.10 61.27
N MET H 233 36.11 -13.67 60.68
CA MET H 233 36.11 -13.21 59.28
C MET H 233 36.55 -11.75 59.24
N GLY H 234 36.59 -11.11 60.40
CA GLY H 234 36.96 -9.71 60.47
C GLY H 234 35.90 -8.83 59.84
N LYS H 235 34.63 -9.18 60.06
CA LYS H 235 33.54 -8.41 59.47
C LYS H 235 32.42 -8.06 60.44
N LEU H 236 32.72 -8.09 61.74
CA LEU H 236 31.73 -7.78 62.75
C LEU H 236 31.09 -6.41 62.49
N GLU H 237 31.94 -5.39 62.46
CA GLU H 237 31.53 -3.99 62.24
C GLU H 237 30.80 -3.78 60.92
N GLU H 238 31.23 -4.50 59.90
CA GLU H 238 30.64 -4.41 58.57
C GLU H 238 29.24 -5.00 58.47
N VAL H 239 29.00 -6.09 59.21
CA VAL H 239 27.72 -6.77 59.16
C VAL H 239 26.62 -6.20 60.06
N PHE H 240 27.00 -5.79 61.26
CA PHE H 240 26.03 -5.22 62.19
C PHE H 240 26.29 -3.73 62.43
N SER H 241 25.22 -2.94 62.42
CA SER H 241 25.31 -1.51 62.66
C SER H 241 25.60 -1.30 64.14
N GLU H 242 25.98 -0.08 64.49
CA GLU H 242 26.27 0.22 65.87
C GLU H 242 25.03 -0.02 66.71
N LYS H 243 23.88 0.38 66.19
CA LYS H 243 22.61 0.21 66.90
C LYS H 243 22.34 -1.27 67.13
N GLU H 244 22.58 -2.07 66.10
CA GLU H 244 22.39 -3.51 66.18
C GLU H 244 23.32 -4.13 67.22
N LEU H 245 24.60 -3.78 67.17
CA LEU H 245 25.56 -4.31 68.13
C LEU H 245 25.17 -3.91 69.56
N ASN H 246 24.58 -2.73 69.72
CA ASN H 246 24.15 -2.28 71.06
C ASN H 246 23.04 -3.17 71.56
N ARG H 247 22.15 -3.57 70.65
CA ARG H 247 21.04 -4.44 71.01
C ARG H 247 21.53 -5.84 71.38
N ILE H 248 22.48 -6.35 70.60
CA ILE H 248 23.06 -7.67 70.86
C ILE H 248 23.77 -7.64 72.20
N LYS H 249 24.54 -6.58 72.46
CA LYS H 249 25.25 -6.45 73.74
C LYS H 249 24.26 -6.49 74.91
N ARG H 250 23.15 -5.78 74.75
CA ARG H 250 22.12 -5.75 75.78
C ARG H 250 21.59 -7.14 76.03
N TRP H 251 21.29 -7.86 74.95
CA TRP H 251 20.76 -9.21 75.09
C TRP H 251 21.74 -10.10 75.83
N CYS H 252 23.01 -10.03 75.44
CA CYS H 252 24.06 -10.85 76.06
C CYS H 252 24.29 -10.54 77.54
N ILE H 253 24.51 -9.27 77.87
CA ILE H 253 24.76 -8.93 79.25
C ILE H 253 23.57 -9.21 80.17
N MET H 254 22.38 -9.36 79.58
CA MET H 254 21.20 -9.66 80.38
C MET H 254 21.20 -11.14 80.78
N ARG H 255 22.12 -11.91 80.20
CA ARG H 255 22.21 -13.34 80.51
C ARG H 255 22.80 -13.64 81.88
N GLN H 256 23.51 -12.69 82.47
CA GLN H 256 24.10 -12.94 83.78
C GLN H 256 23.10 -12.84 84.93
N GLN H 257 23.03 -13.90 85.73
CA GLN H 257 22.15 -13.97 86.90
C GLN H 257 23.07 -13.94 88.12
N ASN H 258 24.15 -14.69 88.01
CA ASN H 258 25.24 -14.83 88.98
C ASN H 258 26.24 -15.47 88.02
N GLY H 259 25.89 -16.65 87.54
CA GLY H 259 26.68 -17.31 86.53
C GLY H 259 25.87 -16.86 85.30
N TYR H 260 25.95 -17.58 84.20
CA TYR H 260 25.18 -17.20 83.03
C TYR H 260 24.26 -18.31 82.55
N HIS H 261 23.09 -17.94 82.02
CA HIS H 261 22.18 -18.94 81.46
C HIS H 261 22.22 -18.78 79.94
N GLY H 262 21.69 -19.74 79.20
CA GLY H 262 21.71 -19.68 77.75
C GLY H 262 20.59 -18.89 77.08
N ARG H 263 19.50 -18.70 77.82
CA ARG H 263 18.35 -17.98 77.31
C ARG H 263 17.46 -17.51 78.45
N PRO H 264 16.69 -16.43 78.22
CA PRO H 264 15.79 -15.87 79.23
C PRO H 264 15.01 -16.93 79.99
N ASN H 265 14.87 -16.73 81.31
CA ASN H 265 14.12 -17.64 82.18
C ASN H 265 14.57 -19.10 82.27
N LYS H 266 15.84 -19.36 81.99
CA LYS H 266 16.41 -20.70 82.09
C LYS H 266 17.48 -20.66 83.19
N PRO H 267 17.69 -21.78 83.91
CA PRO H 267 18.71 -21.79 84.96
C PRO H 267 20.13 -21.66 84.39
N VAL H 268 21.04 -21.07 85.18
CA VAL H 268 22.41 -20.89 84.71
C VAL H 268 23.13 -22.22 84.55
N ASP H 269 24.15 -22.21 83.71
CA ASP H 269 24.96 -23.38 83.43
C ASP H 269 26.39 -22.84 83.22
N THR H 270 27.33 -23.43 83.94
CA THR H 270 28.71 -23.03 83.87
C THR H 270 29.24 -22.70 82.48
N CYS H 271 28.97 -23.54 81.48
CA CYS H 271 29.52 -23.29 80.15
C CYS H 271 29.15 -21.95 79.53
N TYR H 272 28.04 -21.35 79.96
CA TYR H 272 27.65 -20.06 79.39
C TYR H 272 28.56 -18.93 79.84
N SER H 273 29.32 -19.18 80.91
CA SER H 273 30.28 -18.19 81.38
C SER H 273 31.26 -17.98 80.25
N PHE H 274 31.40 -18.98 79.39
CA PHE H 274 32.28 -18.81 78.25
C PHE H 274 31.49 -18.40 77.00
N TRP H 275 30.44 -19.15 76.66
CA TRP H 275 29.64 -18.84 75.47
C TRP H 275 29.24 -17.36 75.47
N VAL H 276 28.59 -16.91 76.53
CA VAL H 276 28.16 -15.54 76.64
C VAL H 276 29.32 -14.60 77.00
N GLY H 277 30.10 -14.99 78.00
CA GLY H 277 31.23 -14.18 78.42
C GLY H 277 32.17 -13.87 77.26
N ALA H 278 32.47 -14.88 76.45
CA ALA H 278 33.37 -14.67 75.32
C ALA H 278 32.74 -13.73 74.29
N THR H 279 31.41 -13.79 74.16
CA THR H 279 30.72 -12.91 73.21
C THR H 279 30.87 -11.48 73.73
N LEU H 280 30.63 -11.31 75.03
CA LEU H 280 30.74 -10.00 75.64
C LEU H 280 32.16 -9.47 75.48
N LYS H 281 33.15 -10.35 75.60
CA LYS H 281 34.54 -9.94 75.44
C LYS H 281 34.77 -9.49 74.00
N LEU H 282 34.21 -10.22 73.03
CA LEU H 282 34.38 -9.85 71.62
C LEU H 282 33.69 -8.53 71.34
N LEU H 283 32.63 -8.23 72.09
CA LEU H 283 31.89 -7.00 71.90
C LEU H 283 32.43 -5.89 72.80
N LYS H 284 33.55 -6.20 73.45
CA LYS H 284 34.27 -5.27 74.33
C LYS H 284 33.54 -4.72 75.55
N ILE H 285 32.61 -5.48 76.11
CA ILE H 285 31.91 -5.01 77.29
C ILE H 285 31.88 -6.04 78.39
N PHE H 286 32.71 -7.08 78.27
CA PHE H 286 32.75 -8.11 79.32
C PHE H 286 33.25 -7.45 80.59
N GLN H 287 34.10 -6.44 80.41
CA GLN H 287 34.67 -5.68 81.52
C GLN H 287 33.61 -5.04 82.42
N TYR H 288 32.39 -4.86 81.90
CA TYR H 288 31.32 -4.26 82.68
C TYR H 288 30.41 -5.24 83.39
N THR H 289 30.74 -6.53 83.30
CA THR H 289 29.94 -7.55 83.98
C THR H 289 30.42 -7.70 85.42
N ASN H 290 29.67 -8.44 86.23
CA ASN H 290 30.06 -8.66 87.61
C ASN H 290 30.97 -9.89 87.69
N PHE H 291 32.27 -9.68 87.91
CA PHE H 291 33.23 -10.77 87.98
C PHE H 291 33.08 -11.72 89.17
N GLU H 292 32.92 -11.15 90.36
CA GLU H 292 32.82 -11.97 91.56
C GLU H 292 31.70 -13.00 91.56
N LYS H 293 30.48 -12.59 91.24
CA LYS H 293 29.36 -13.53 91.24
C LYS H 293 29.51 -14.62 90.18
N ASN H 294 30.16 -14.29 89.06
CA ASN H 294 30.38 -15.26 88.00
C ASN H 294 31.42 -16.27 88.47
N ARG H 295 32.53 -15.77 88.99
CA ARG H 295 33.60 -16.62 89.50
C ARG H 295 33.07 -17.53 90.61
N ASN H 296 32.30 -16.95 91.53
CA ASN H 296 31.73 -17.73 92.61
C ASN H 296 30.88 -18.88 92.09
N TYR H 297 30.04 -18.59 91.09
CA TYR H 297 29.18 -19.64 90.54
C TYR H 297 30.00 -20.74 89.87
N ILE H 298 30.90 -20.37 88.97
CA ILE H 298 31.74 -21.34 88.28
C ILE H 298 32.42 -22.28 89.27
N LEU H 299 33.11 -21.71 90.25
CA LEU H 299 33.81 -22.52 91.24
C LEU H 299 32.86 -23.41 92.04
N SER H 300 31.60 -22.99 92.20
CA SER H 300 30.65 -23.80 92.96
C SER H 300 30.22 -25.07 92.21
N THR H 301 30.58 -25.17 90.94
CA THR H 301 30.22 -26.35 90.15
C THR H 301 31.43 -27.25 90.00
N GLN H 302 32.48 -26.91 90.73
CA GLN H 302 33.73 -27.66 90.71
C GLN H 302 33.53 -28.96 91.48
N ASP H 303 34.07 -30.06 90.97
CA ASP H 303 33.97 -31.34 91.65
C ASP H 303 35.27 -31.47 92.45
N ARG H 304 35.19 -31.20 93.76
CA ARG H 304 36.36 -31.24 94.62
C ARG H 304 37.02 -32.60 94.80
N LEU H 305 36.29 -33.66 94.44
CA LEU H 305 36.80 -35.01 94.57
C LEU H 305 37.48 -35.53 93.29
N VAL H 306 36.76 -35.51 92.17
CA VAL H 306 37.30 -36.01 90.92
C VAL H 306 37.90 -34.93 90.01
N GLY H 307 37.61 -33.67 90.32
CA GLY H 307 38.11 -32.59 89.49
C GLY H 307 37.12 -32.27 88.40
N GLY H 308 37.46 -31.30 87.54
CA GLY H 308 36.57 -30.91 86.47
C GLY H 308 35.41 -30.07 86.99
N PHE H 309 34.58 -29.58 86.08
CA PHE H 309 33.42 -28.78 86.44
C PHE H 309 32.14 -29.38 85.87
N ALA H 310 31.02 -29.14 86.55
CA ALA H 310 29.73 -29.62 86.11
C ALA H 310 28.98 -28.38 85.63
N LYS H 311 27.76 -28.54 85.15
CA LYS H 311 27.02 -27.37 84.71
C LYS H 311 26.36 -26.71 85.92
N TRP H 312 26.03 -27.51 86.92
CA TRP H 312 25.42 -27.02 88.14
C TRP H 312 26.16 -27.58 89.34
N PRO H 313 26.03 -26.92 90.51
CA PRO H 313 26.73 -27.42 91.70
C PRO H 313 26.19 -28.79 92.13
N ASP H 314 27.08 -29.61 92.68
CA ASP H 314 26.72 -30.96 93.15
C ASP H 314 26.18 -31.81 92.01
N SER H 315 26.73 -31.61 90.82
CA SER H 315 26.31 -32.35 89.64
C SER H 315 27.54 -33.04 89.07
N HIS H 316 27.35 -34.02 88.20
CA HIS H 316 28.49 -34.73 87.64
C HIS H 316 29.25 -33.92 86.61
N PRO H 317 30.58 -33.87 86.74
CA PRO H 317 31.45 -33.13 85.84
C PRO H 317 31.71 -33.85 84.52
N ASP H 318 32.08 -33.10 83.49
CA ASP H 318 32.41 -33.68 82.21
C ASP H 318 33.47 -32.83 81.55
N ALA H 319 34.10 -33.35 80.51
CA ALA H 319 35.16 -32.65 79.81
C ALA H 319 34.75 -31.28 79.27
N LEU H 320 33.58 -31.21 78.65
CA LEU H 320 33.09 -29.96 78.09
C LEU H 320 32.94 -28.84 79.12
N HIS H 321 32.24 -29.12 80.22
CA HIS H 321 32.05 -28.11 81.24
C HIS H 321 33.32 -27.79 82.03
N ALA H 322 34.23 -28.76 82.09
CA ALA H 322 35.50 -28.54 82.78
C ALA H 322 36.29 -27.54 81.94
N TYR H 323 36.34 -27.78 80.64
CA TYR H 323 37.07 -26.90 79.75
C TYR H 323 36.46 -25.50 79.66
N PHE H 324 35.14 -25.43 79.46
CA PHE H 324 34.50 -24.13 79.36
C PHE H 324 34.50 -23.40 80.69
N GLY H 325 34.43 -24.14 81.79
CA GLY H 325 34.46 -23.49 83.09
C GLY H 325 35.82 -22.81 83.25
N ILE H 326 36.87 -23.50 82.83
CA ILE H 326 38.21 -22.97 82.93
C ILE H 326 38.36 -21.77 82.00
N CYS H 327 37.82 -21.87 80.79
CA CYS H 327 37.90 -20.75 79.87
C CYS H 327 37.10 -19.55 80.39
N GLY H 328 36.04 -19.85 81.13
CA GLY H 328 35.20 -18.80 81.69
C GLY H 328 36.02 -18.04 82.71
N LEU H 329 36.72 -18.80 83.55
CA LEU H 329 37.58 -18.23 84.59
C LEU H 329 38.68 -17.39 83.90
N SER H 330 39.21 -17.92 82.81
CA SER H 330 40.25 -17.24 82.06
C SER H 330 39.86 -15.86 81.53
N LEU H 331 38.60 -15.67 81.13
CA LEU H 331 38.16 -14.36 80.62
C LEU H 331 38.34 -13.26 81.68
N MET H 332 38.19 -13.63 82.94
CA MET H 332 38.34 -12.71 84.07
C MET H 332 39.78 -12.74 84.60
N GLU H 333 40.59 -13.63 84.01
CA GLU H 333 41.98 -13.81 84.42
C GLU H 333 42.02 -14.37 85.83
N GLU H 334 42.20 -15.68 85.91
CA GLU H 334 42.26 -16.37 87.18
C GLU H 334 43.68 -16.83 87.42
N SER H 335 44.05 -16.92 88.68
CA SER H 335 45.39 -17.35 89.07
C SER H 335 45.83 -18.65 88.39
N GLY H 336 46.85 -18.54 87.54
CA GLY H 336 47.38 -19.71 86.86
C GLY H 336 46.62 -20.28 85.67
N ILE H 337 45.94 -19.42 84.92
CA ILE H 337 45.20 -19.88 83.74
C ILE H 337 45.52 -18.95 82.59
N CYS H 338 46.17 -19.48 81.56
CA CYS H 338 46.54 -18.70 80.40
C CYS H 338 45.33 -17.93 79.82
N LYS H 339 45.60 -16.82 79.16
CA LYS H 339 44.55 -16.02 78.56
C LYS H 339 44.02 -16.80 77.37
N VAL H 340 42.71 -16.73 77.14
CA VAL H 340 42.10 -17.45 76.04
C VAL H 340 41.68 -16.51 74.91
N HIS H 341 41.92 -16.93 73.68
CA HIS H 341 41.54 -16.18 72.49
C HIS H 341 40.04 -16.46 72.33
N PRO H 342 39.18 -15.53 72.80
CA PRO H 342 37.71 -15.65 72.75
C PRO H 342 37.01 -16.10 71.48
N ALA H 343 37.56 -15.79 70.31
CA ALA H 343 36.92 -16.18 69.07
C ALA H 343 37.31 -17.56 68.54
N LEU H 344 38.57 -17.92 68.69
CA LEU H 344 39.09 -19.20 68.22
C LEU H 344 38.91 -20.32 69.24
N ASN H 345 38.65 -19.92 70.48
CA ASN H 345 38.44 -20.86 71.57
C ASN H 345 39.65 -21.71 71.95
N VAL H 346 40.83 -21.12 71.87
CA VAL H 346 42.06 -21.81 72.23
C VAL H 346 42.91 -20.80 72.98
N SER H 347 43.89 -21.27 73.75
CA SER H 347 44.76 -20.37 74.49
C SER H 347 45.47 -19.40 73.54
N THR H 348 45.80 -18.22 74.04
CA THR H 348 46.50 -17.21 73.25
C THR H 348 47.82 -17.78 72.73
N ARG H 349 48.47 -18.60 73.54
CA ARG H 349 49.73 -19.23 73.17
C ARG H 349 49.53 -19.99 71.86
N THR H 350 48.40 -20.70 71.77
CA THR H 350 48.07 -21.47 70.58
C THR H 350 47.87 -20.55 69.38
N SER H 351 47.07 -19.51 69.57
CA SER H 351 46.83 -18.56 68.49
C SER H 351 48.15 -17.93 68.08
N GLU H 352 49.07 -17.79 69.04
CA GLU H 352 50.38 -17.22 68.78
C GLU H 352 51.07 -18.05 67.70
N ARG H 353 51.21 -19.35 67.98
CA ARG H 353 51.84 -20.28 67.06
C ARG H 353 51.14 -20.24 65.71
N LEU H 354 49.81 -20.24 65.73
CA LEU H 354 49.07 -20.21 64.48
C LEU H 354 49.48 -18.95 63.73
N ARG H 355 49.80 -17.90 64.47
CA ARG H 355 50.23 -16.65 63.86
C ARG H 355 51.54 -16.90 63.15
N ASP H 356 52.56 -17.31 63.91
CA ASP H 356 53.88 -17.59 63.36
C ASP H 356 53.73 -18.53 62.17
N LEU H 357 52.97 -19.60 62.40
CA LEU H 357 52.71 -20.63 61.41
C LEU H 357 52.17 -20.05 60.10
N HIS H 358 51.21 -19.14 60.20
CA HIS H 358 50.62 -18.52 59.01
C HIS H 358 51.67 -17.71 58.26
N GLN H 359 52.46 -16.95 59.00
CA GLN H 359 53.51 -16.12 58.42
C GLN H 359 54.52 -16.95 57.64
N SER H 360 54.87 -18.10 58.20
CA SER H 360 55.83 -19.00 57.57
C SER H 360 55.30 -19.62 56.27
N TRP H 361 53.99 -19.84 56.19
CA TRP H 361 53.41 -20.41 54.98
C TRP H 361 53.61 -19.44 53.82
N LYS H 362 53.87 -18.19 54.15
CA LYS H 362 54.09 -17.15 53.13
C LYS H 362 55.56 -17.07 52.73
N THR H 363 55.91 -17.69 51.61
CA THR H 363 57.28 -17.69 51.10
C THR H 363 57.28 -17.74 49.57
N PHE I 55 15.68 -0.58 -35.44
CA PHE I 55 14.58 0.41 -35.19
C PHE I 55 14.24 0.62 -33.71
N LEU I 56 13.27 -0.14 -33.20
CA LEU I 56 12.86 0.00 -31.81
C LEU I 56 13.77 -0.71 -30.81
N SER I 57 14.57 0.07 -30.10
CA SER I 57 15.52 -0.45 -29.11
C SER I 57 14.85 -1.25 -28.00
N LEU I 58 15.55 -2.26 -27.49
CA LEU I 58 15.02 -3.12 -26.43
C LEU I 58 14.91 -2.43 -25.08
N ASP I 59 15.61 -1.31 -24.91
CA ASP I 59 15.53 -0.58 -23.65
C ASP I 59 14.87 0.78 -23.84
N SER I 60 14.19 0.95 -24.97
CA SER I 60 13.51 2.19 -25.27
C SER I 60 12.25 2.28 -24.41
N PRO I 61 11.88 3.50 -23.97
CA PRO I 61 10.70 3.68 -23.14
C PRO I 61 9.43 3.23 -23.88
N THR I 62 9.43 3.37 -25.20
CA THR I 62 8.30 2.96 -26.01
C THR I 62 8.42 1.57 -26.63
N TYR I 63 9.30 0.74 -26.08
CA TYR I 63 9.45 -0.61 -26.61
C TYR I 63 8.15 -1.37 -26.41
N VAL I 64 7.82 -2.24 -27.36
CA VAL I 64 6.60 -3.02 -27.29
C VAL I 64 6.90 -4.47 -27.59
N LEU I 65 6.46 -5.37 -26.72
CA LEU I 65 6.67 -6.79 -26.93
C LEU I 65 6.17 -7.14 -28.32
N TYR I 66 6.71 -8.19 -28.91
CA TYR I 66 6.31 -8.61 -30.24
C TYR I 66 4.87 -9.14 -30.22
N ARG I 67 4.44 -9.64 -29.07
CA ARG I 67 3.08 -10.17 -28.98
C ARG I 67 2.03 -9.06 -29.07
N ASP I 68 2.44 -7.82 -28.83
CA ASP I 68 1.52 -6.68 -28.89
C ASP I 68 1.74 -5.82 -30.11
N ARG I 69 2.52 -6.32 -31.07
CA ARG I 69 2.78 -5.55 -32.28
C ARG I 69 1.84 -6.01 -33.37
N ALA I 70 1.20 -5.05 -34.02
CA ALA I 70 0.25 -5.35 -35.09
C ALA I 70 0.88 -6.10 -36.25
N GLU I 71 2.06 -5.67 -36.70
CA GLU I 71 2.74 -6.32 -37.82
C GLU I 71 3.05 -7.78 -37.58
N TRP I 72 2.99 -8.23 -36.32
CA TRP I 72 3.29 -9.62 -36.01
C TRP I 72 2.04 -10.38 -35.62
N ALA I 73 0.90 -9.74 -35.79
CA ALA I 73 -0.39 -10.33 -35.43
C ALA I 73 -0.68 -11.68 -36.10
N ASP I 74 -0.28 -11.82 -37.36
CA ASP I 74 -0.51 -13.06 -38.10
C ASP I 74 0.37 -14.23 -37.71
N ILE I 75 1.42 -13.98 -36.94
CA ILE I 75 2.34 -15.03 -36.53
C ILE I 75 2.01 -15.64 -35.16
N ASP I 76 2.05 -16.97 -35.09
CA ASP I 76 1.80 -17.68 -33.84
C ASP I 76 3.15 -18.01 -33.20
N PRO I 77 3.51 -17.33 -32.10
CA PRO I 77 4.79 -17.60 -31.45
C PRO I 77 4.98 -19.06 -31.09
N VAL I 78 6.22 -19.53 -31.17
CA VAL I 78 6.56 -20.91 -30.85
C VAL I 78 7.42 -20.90 -29.60
N PRO I 79 6.95 -21.55 -28.53
CA PRO I 79 7.67 -21.61 -27.27
C PRO I 79 8.70 -22.74 -27.20
N GLN I 80 9.62 -22.60 -26.25
CA GLN I 80 10.66 -23.59 -26.02
C GLN I 80 10.16 -24.53 -24.94
N ASN I 81 10.31 -25.84 -25.16
CA ASN I 81 9.87 -26.83 -24.18
C ASN I 81 10.95 -27.87 -23.90
N ASP I 82 11.49 -27.83 -22.68
CA ASP I 82 12.55 -28.75 -22.28
C ASP I 82 12.01 -30.06 -21.70
N GLY I 83 10.72 -30.31 -21.88
CA GLY I 83 10.14 -31.53 -21.37
C GLY I 83 9.84 -31.53 -19.88
N PRO I 84 9.51 -32.69 -19.31
CA PRO I 84 9.19 -32.90 -17.89
C PRO I 84 10.24 -32.44 -16.89
N SER I 85 11.45 -32.95 -17.03
CA SER I 85 12.54 -32.60 -16.12
C SER I 85 13.68 -31.92 -16.85
N PRO I 86 13.64 -30.59 -16.98
CA PRO I 86 14.68 -29.84 -17.68
C PRO I 86 16.01 -29.84 -16.92
N VAL I 87 17.11 -29.81 -17.67
CA VAL I 87 18.46 -29.78 -17.11
C VAL I 87 19.15 -28.49 -17.52
N VAL I 88 19.98 -27.95 -16.61
CA VAL I 88 20.70 -26.70 -16.86
C VAL I 88 19.77 -25.69 -17.52
N GLN I 89 18.57 -25.57 -16.96
CA GLN I 89 17.58 -24.66 -17.50
C GLN I 89 17.82 -23.22 -17.08
N ILE I 90 17.74 -22.34 -18.06
CA ILE I 90 17.95 -20.91 -17.85
C ILE I 90 16.59 -20.21 -17.84
N ILE I 91 16.35 -19.38 -16.83
CA ILE I 91 15.09 -18.66 -16.74
C ILE I 91 15.19 -17.37 -17.55
N TYR I 92 14.16 -17.10 -18.34
CA TYR I 92 14.17 -15.92 -19.18
C TYR I 92 13.12 -14.89 -18.81
N SER I 93 13.47 -13.61 -18.99
CA SER I 93 12.56 -12.52 -18.69
C SER I 93 11.48 -12.52 -19.77
N GLU I 94 10.38 -11.82 -19.50
CA GLU I 94 9.27 -11.73 -20.43
C GLU I 94 9.77 -11.24 -21.79
N LYS I 95 10.55 -10.17 -21.76
CA LYS I 95 11.10 -9.55 -22.97
C LYS I 95 11.96 -10.53 -23.78
N PHE I 96 12.83 -11.26 -23.10
CA PHE I 96 13.72 -12.22 -23.74
C PHE I 96 12.92 -13.35 -24.38
N ARG I 97 12.08 -13.99 -23.59
CA ARG I 97 11.27 -15.10 -24.07
C ARG I 97 10.37 -14.67 -25.22
N ASP I 98 9.94 -13.42 -25.19
CA ASP I 98 9.06 -12.90 -26.25
C ASP I 98 9.81 -12.84 -27.58
N VAL I 99 11.00 -12.25 -27.58
CA VAL I 99 11.79 -12.15 -28.80
C VAL I 99 12.08 -13.51 -29.39
N TYR I 100 12.51 -14.45 -28.56
CA TYR I 100 12.83 -15.78 -29.06
C TYR I 100 11.64 -16.64 -29.42
N ASP I 101 10.47 -16.37 -28.83
CA ASP I 101 9.29 -17.15 -29.15
C ASP I 101 8.89 -16.81 -30.60
N TYR I 102 9.15 -15.57 -31.00
CA TYR I 102 8.83 -15.18 -32.36
C TYR I 102 9.96 -15.57 -33.29
N PHE I 103 11.18 -15.59 -32.78
CA PHE I 103 12.32 -15.99 -33.59
C PHE I 103 12.09 -17.42 -34.03
N ARG I 104 11.68 -18.28 -33.09
CA ARG I 104 11.42 -19.68 -33.42
C ARG I 104 10.35 -19.80 -34.48
N ALA I 105 9.32 -18.96 -34.38
CA ALA I 105 8.24 -18.98 -35.33
C ALA I 105 8.75 -18.68 -36.73
N VAL I 106 9.50 -17.58 -36.85
CA VAL I 106 10.06 -17.18 -38.13
C VAL I 106 11.00 -18.24 -38.71
N LEU I 107 11.83 -18.85 -37.85
CA LEU I 107 12.76 -19.88 -38.28
C LEU I 107 12.03 -21.10 -38.80
N GLN I 108 11.12 -21.61 -37.97
CA GLN I 108 10.34 -22.80 -38.30
C GLN I 108 9.68 -22.68 -39.66
N ARG I 109 9.31 -21.47 -40.06
CA ARG I 109 8.65 -21.26 -41.34
C ARG I 109 9.62 -20.76 -42.40
N ASP I 110 10.88 -20.61 -42.02
CA ASP I 110 11.89 -20.12 -42.95
C ASP I 110 11.38 -18.89 -43.70
N GLU I 111 10.80 -17.95 -42.95
CA GLU I 111 10.28 -16.73 -43.53
C GLU I 111 11.38 -15.74 -43.87
N ARG I 112 11.62 -15.53 -45.16
CA ARG I 112 12.67 -14.59 -45.59
C ARG I 112 12.09 -13.20 -45.70
N SER I 113 11.65 -12.64 -44.59
CA SER I 113 11.06 -11.30 -44.62
C SER I 113 11.92 -10.20 -44.01
N GLU I 114 11.51 -8.96 -44.22
CA GLU I 114 12.22 -7.82 -43.66
C GLU I 114 11.98 -7.74 -42.17
N ARG I 115 10.78 -8.13 -41.73
CA ARG I 115 10.50 -8.06 -40.30
C ARG I 115 11.34 -9.11 -39.56
N ALA I 116 11.59 -10.24 -40.21
CA ALA I 116 12.42 -11.29 -39.61
C ALA I 116 13.85 -10.77 -39.49
N PHE I 117 14.32 -10.10 -40.53
CA PHE I 117 15.67 -9.56 -40.49
C PHE I 117 15.84 -8.65 -39.29
N LYS I 118 14.85 -7.79 -39.04
CA LYS I 118 14.92 -6.87 -37.91
C LYS I 118 14.83 -7.64 -36.60
N LEU I 119 14.09 -8.74 -36.60
CA LEU I 119 13.97 -9.54 -35.40
C LEU I 119 15.32 -10.13 -35.01
N THR I 120 16.14 -10.51 -35.98
CA THR I 120 17.44 -11.10 -35.67
C THR I 120 18.33 -10.12 -34.93
N ARG I 121 18.18 -8.83 -35.23
CA ARG I 121 18.98 -7.81 -34.56
C ARG I 121 18.70 -7.87 -33.05
N ASP I 122 17.44 -8.06 -32.68
CA ASP I 122 17.06 -8.14 -31.27
C ASP I 122 17.54 -9.43 -30.64
N ALA I 123 17.40 -10.54 -31.38
CA ALA I 123 17.83 -11.83 -30.88
C ALA I 123 19.33 -11.80 -30.63
N ILE I 124 20.06 -11.14 -31.51
CA ILE I 124 21.51 -11.05 -31.36
C ILE I 124 21.88 -10.18 -30.17
N GLU I 125 21.13 -9.12 -29.93
CA GLU I 125 21.43 -8.28 -28.78
C GLU I 125 21.21 -9.05 -27.49
N LEU I 126 20.22 -9.94 -27.49
CA LEU I 126 19.91 -10.75 -26.32
C LEU I 126 20.93 -11.87 -26.12
N ASN I 127 21.43 -12.42 -27.22
CA ASN I 127 22.41 -13.50 -27.14
C ASN I 127 23.19 -13.63 -28.44
N ALA I 128 24.35 -12.98 -28.48
CA ALA I 128 25.21 -13.01 -29.67
C ALA I 128 25.93 -14.34 -29.87
N ALA I 129 25.75 -15.28 -28.97
CA ALA I 129 26.43 -16.57 -29.08
C ALA I 129 25.58 -17.62 -29.75
N ASN I 130 24.37 -17.25 -30.15
CA ASN I 130 23.47 -18.19 -30.82
C ASN I 130 23.83 -18.26 -32.31
N TYR I 131 24.62 -19.26 -32.69
CA TYR I 131 25.05 -19.42 -34.08
C TYR I 131 23.91 -19.58 -35.10
N THR I 132 22.81 -20.20 -34.68
CA THR I 132 21.67 -20.36 -35.59
C THR I 132 21.13 -18.98 -35.99
N VAL I 133 21.07 -18.05 -35.04
CA VAL I 133 20.58 -16.72 -35.33
C VAL I 133 21.45 -16.06 -36.39
N TRP I 134 22.77 -16.15 -36.23
CA TRP I 134 23.69 -15.56 -37.19
C TRP I 134 23.55 -16.19 -38.57
N HIS I 135 23.35 -17.50 -38.61
CA HIS I 135 23.20 -18.19 -39.89
C HIS I 135 21.97 -17.66 -40.60
N PHE I 136 20.85 -17.63 -39.87
CA PHE I 136 19.60 -17.15 -40.43
C PHE I 136 19.76 -15.73 -40.91
N ARG I 137 20.46 -14.91 -40.13
CA ARG I 137 20.66 -13.53 -40.54
C ARG I 137 21.40 -13.49 -41.88
N ARG I 138 22.37 -14.41 -42.07
CA ARG I 138 23.12 -14.44 -43.31
C ARG I 138 22.20 -14.87 -44.46
N VAL I 139 21.32 -15.83 -44.18
CA VAL I 139 20.36 -16.30 -45.19
C VAL I 139 19.51 -15.11 -45.63
N LEU I 140 19.05 -14.32 -44.66
CA LEU I 140 18.24 -13.15 -44.96
C LEU I 140 19.04 -12.08 -45.70
N LEU I 141 20.30 -11.86 -45.31
CA LEU I 141 21.12 -10.86 -45.98
C LEU I 141 21.16 -11.14 -47.48
N ARG I 142 21.20 -12.42 -47.84
CA ARG I 142 21.23 -12.82 -49.24
C ARG I 142 19.85 -12.68 -49.86
N SER I 143 18.86 -13.36 -49.28
CA SER I 143 17.50 -13.31 -49.78
C SER I 143 16.98 -11.90 -50.05
N LEU I 144 17.17 -11.01 -49.08
CA LEU I 144 16.71 -9.63 -49.22
C LEU I 144 17.73 -8.74 -49.90
N GLN I 145 18.86 -9.33 -50.31
CA GLN I 145 19.91 -8.56 -50.95
C GLN I 145 20.18 -7.25 -50.21
N LYS I 146 20.46 -7.35 -48.92
CA LYS I 146 20.73 -6.18 -48.08
C LYS I 146 22.10 -5.57 -48.39
N ASP I 147 22.28 -4.31 -48.05
CA ASP I 147 23.54 -3.63 -48.28
C ASP I 147 24.58 -4.24 -47.35
N LEU I 148 25.55 -4.95 -47.93
CA LEU I 148 26.60 -5.60 -47.14
C LEU I 148 27.58 -4.63 -46.51
N GLN I 149 27.71 -3.44 -47.08
CA GLN I 149 28.62 -2.46 -46.52
C GLN I 149 28.05 -1.99 -45.18
N GLU I 150 26.73 -2.00 -45.08
CA GLU I 150 26.07 -1.58 -43.85
C GLU I 150 26.23 -2.67 -42.80
N GLU I 151 26.18 -3.93 -43.23
CA GLU I 151 26.34 -5.05 -42.32
C GLU I 151 27.78 -5.06 -41.76
N MET I 152 28.73 -4.56 -42.55
CA MET I 152 30.11 -4.50 -42.09
C MET I 152 30.20 -3.53 -40.91
N ASN I 153 29.47 -2.43 -40.97
CA ASN I 153 29.51 -1.46 -39.88
C ASN I 153 28.90 -2.11 -38.64
N TYR I 154 27.81 -2.85 -38.85
CA TYR I 154 27.12 -3.53 -37.77
C TYR I 154 28.04 -4.52 -37.04
N ILE I 155 28.60 -5.46 -37.79
CA ILE I 155 29.48 -6.46 -37.22
C ILE I 155 30.75 -5.83 -36.63
N ILE I 156 31.17 -4.70 -37.18
CA ILE I 156 32.36 -4.05 -36.66
C ILE I 156 32.11 -3.58 -35.23
N ALA I 157 30.91 -3.07 -34.97
CA ALA I 157 30.58 -2.59 -33.62
C ALA I 157 30.38 -3.76 -32.67
N ILE I 158 29.71 -4.81 -33.14
CA ILE I 158 29.46 -6.00 -32.33
C ILE I 158 30.77 -6.63 -31.86
N ILE I 159 31.73 -6.78 -32.77
CA ILE I 159 32.99 -7.39 -32.43
C ILE I 159 33.76 -6.59 -31.38
N GLU I 160 33.73 -5.28 -31.50
CA GLU I 160 34.43 -4.44 -30.52
C GLU I 160 33.89 -4.67 -29.12
N GLU I 161 32.61 -4.97 -29.01
CA GLU I 161 31.97 -5.20 -27.72
C GLU I 161 32.19 -6.64 -27.25
N GLN I 162 32.34 -7.57 -28.20
CA GLN I 162 32.53 -8.98 -27.87
C GLN I 162 33.65 -9.59 -28.70
N PRO I 163 34.88 -9.08 -28.53
CA PRO I 163 36.05 -9.56 -29.27
C PRO I 163 36.45 -11.02 -29.13
N LYS I 164 35.89 -11.74 -28.15
CA LYS I 164 36.24 -13.14 -27.95
C LYS I 164 35.13 -14.11 -28.37
N ASN I 165 34.12 -13.59 -29.04
CA ASN I 165 32.99 -14.40 -29.51
C ASN I 165 33.30 -15.02 -30.88
N TYR I 166 33.26 -16.34 -30.98
CA TYR I 166 33.55 -17.03 -32.23
C TYR I 166 32.58 -16.68 -33.36
N GLN I 167 31.29 -16.63 -33.06
CA GLN I 167 30.28 -16.33 -34.07
C GLN I 167 30.45 -14.99 -34.78
N VAL I 168 30.81 -13.95 -34.05
CA VAL I 168 30.94 -12.67 -34.70
C VAL I 168 32.14 -12.60 -35.64
N TRP I 169 33.24 -13.28 -35.30
CA TRP I 169 34.40 -13.27 -36.17
C TRP I 169 34.11 -14.10 -37.43
N HIS I 170 33.34 -15.17 -37.26
CA HIS I 170 32.99 -16.01 -38.40
C HIS I 170 32.10 -15.21 -39.35
N HIS I 171 31.15 -14.48 -38.78
CA HIS I 171 30.24 -13.66 -39.56
C HIS I 171 31.03 -12.65 -40.38
N ARG I 172 31.97 -11.96 -39.75
CA ARG I 172 32.76 -10.98 -40.47
C ARG I 172 33.53 -11.62 -41.63
N ARG I 173 34.09 -12.79 -41.40
CA ARG I 173 34.84 -13.44 -42.45
C ARG I 173 33.96 -13.79 -43.65
N VAL I 174 32.75 -14.26 -43.39
CA VAL I 174 31.85 -14.59 -44.47
C VAL I 174 31.56 -13.32 -45.29
N LEU I 175 31.34 -12.20 -44.59
CA LEU I 175 31.06 -10.95 -45.26
C LEU I 175 32.19 -10.50 -46.16
N VAL I 176 33.43 -10.56 -45.65
CA VAL I 176 34.58 -10.16 -46.43
C VAL I 176 34.71 -11.05 -47.66
N GLU I 177 34.40 -12.33 -47.51
CA GLU I 177 34.47 -13.26 -48.63
C GLU I 177 33.44 -12.85 -49.67
N TRP I 178 32.23 -12.53 -49.22
CA TRP I 178 31.16 -12.11 -50.14
C TRP I 178 31.50 -10.84 -50.90
N LEU I 179 32.02 -9.85 -50.18
CA LEU I 179 32.39 -8.59 -50.79
C LEU I 179 33.71 -8.62 -51.56
N LYS I 180 34.53 -9.63 -51.32
CA LYS I 180 35.83 -9.73 -51.97
C LYS I 180 36.56 -8.41 -51.70
N ASP I 181 36.25 -7.77 -50.57
CA ASP I 181 36.84 -6.49 -50.22
C ASP I 181 37.54 -6.53 -48.85
N PRO I 182 38.88 -6.52 -48.85
CA PRO I 182 39.62 -6.58 -47.57
C PRO I 182 40.15 -5.21 -47.13
N SER I 183 39.79 -4.17 -47.86
CA SER I 183 40.28 -2.81 -47.59
C SER I 183 40.14 -2.28 -46.15
N GLN I 184 39.16 -2.76 -45.40
CA GLN I 184 38.95 -2.31 -44.02
C GLN I 184 39.64 -3.19 -42.96
N GLU I 185 39.86 -4.45 -43.31
CA GLU I 185 40.42 -5.44 -42.40
C GLU I 185 41.67 -5.14 -41.57
N LEU I 186 42.80 -4.85 -42.21
CA LEU I 186 44.01 -4.60 -41.45
C LEU I 186 43.90 -3.51 -40.41
N GLU I 187 43.15 -2.45 -40.71
CA GLU I 187 42.99 -1.34 -39.78
C GLU I 187 42.05 -1.73 -38.65
N PHE I 188 40.98 -2.44 -38.98
CA PHE I 188 40.01 -2.87 -37.98
C PHE I 188 40.69 -3.80 -36.97
N ILE I 189 41.46 -4.75 -37.48
CA ILE I 189 42.16 -5.71 -36.62
C ILE I 189 43.20 -5.01 -35.76
N ALA I 190 43.87 -4.02 -36.31
CA ALA I 190 44.88 -3.29 -35.57
C ALA I 190 44.21 -2.58 -34.38
N ASP I 191 42.95 -2.19 -34.54
CA ASP I 191 42.22 -1.52 -33.47
C ASP I 191 41.87 -2.51 -32.36
N ILE I 192 41.43 -3.69 -32.75
CA ILE I 192 41.09 -4.72 -31.78
C ILE I 192 42.37 -5.13 -31.04
N LEU I 193 43.46 -5.29 -31.79
CA LEU I 193 44.72 -5.68 -31.19
C LEU I 193 45.25 -4.60 -30.27
N ASN I 194 44.71 -3.40 -30.43
CA ASN I 194 45.12 -2.28 -29.60
C ASN I 194 44.52 -2.41 -28.21
N GLN I 195 43.38 -3.09 -28.10
CA GLN I 195 42.76 -3.28 -26.80
C GLN I 195 43.20 -4.60 -26.18
N ASP I 196 43.69 -5.52 -27.02
CA ASP I 196 44.18 -6.82 -26.56
C ASP I 196 45.13 -7.36 -27.62
N ALA I 197 46.42 -7.10 -27.45
CA ALA I 197 47.43 -7.51 -28.41
C ALA I 197 47.60 -9.02 -28.56
N LYS I 198 46.89 -9.80 -27.75
CA LYS I 198 47.03 -11.25 -27.85
C LYS I 198 45.76 -11.99 -28.22
N ASN I 199 44.72 -11.25 -28.60
CA ASN I 199 43.45 -11.84 -28.99
C ASN I 199 43.68 -12.84 -30.11
N TYR I 200 43.52 -14.14 -29.81
CA TYR I 200 43.74 -15.18 -30.79
C TYR I 200 42.83 -15.06 -32.02
N HIS I 201 41.59 -14.63 -31.80
CA HIS I 201 40.63 -14.49 -32.90
C HIS I 201 41.10 -13.43 -33.89
N ALA I 202 41.59 -12.32 -33.36
CA ALA I 202 42.07 -11.23 -34.20
C ALA I 202 43.27 -11.66 -35.06
N TRP I 203 44.25 -12.32 -34.44
CA TRP I 203 45.41 -12.75 -35.18
C TRP I 203 45.03 -13.76 -36.25
N GLN I 204 44.09 -14.63 -35.94
CA GLN I 204 43.67 -15.64 -36.90
C GLN I 204 43.02 -14.96 -38.11
N HIS I 205 42.13 -14.01 -37.83
CA HIS I 205 41.45 -13.30 -38.89
C HIS I 205 42.48 -12.52 -39.72
N ARG I 206 43.45 -11.92 -39.04
CA ARG I 206 44.49 -11.15 -39.73
C ARG I 206 45.31 -12.03 -40.67
N GLN I 207 45.65 -13.23 -40.23
CA GLN I 207 46.43 -14.11 -41.10
C GLN I 207 45.58 -14.58 -42.26
N TRP I 208 44.28 -14.77 -42.03
CA TRP I 208 43.39 -15.21 -43.09
C TRP I 208 43.32 -14.12 -44.17
N VAL I 209 43.05 -12.89 -43.76
CA VAL I 209 42.95 -11.80 -44.71
C VAL I 209 44.23 -11.65 -45.51
N ILE I 210 45.36 -11.55 -44.82
CA ILE I 210 46.64 -11.38 -45.50
C ILE I 210 46.90 -12.47 -46.53
N GLN I 211 46.66 -13.72 -46.16
CA GLN I 211 46.89 -14.83 -47.05
C GLN I 211 45.90 -14.85 -48.22
N GLU I 212 44.61 -14.69 -47.91
CA GLU I 212 43.56 -14.72 -48.92
C GLU I 212 43.63 -13.61 -49.95
N PHE I 213 44.04 -12.41 -49.55
CA PHE I 213 44.12 -11.29 -50.48
C PHE I 213 45.54 -10.82 -50.74
N ARG I 214 46.51 -11.66 -50.40
CA ARG I 214 47.92 -11.36 -50.58
C ARG I 214 48.30 -9.94 -50.17
N LEU I 215 48.11 -9.62 -48.89
CA LEU I 215 48.43 -8.30 -48.36
C LEU I 215 49.67 -8.36 -47.46
N TRP I 216 50.76 -8.91 -47.99
CA TRP I 216 51.99 -9.07 -47.23
C TRP I 216 52.87 -7.83 -47.12
N ASP I 217 52.75 -6.95 -48.10
CA ASP I 217 53.54 -5.73 -48.17
C ASP I 217 53.95 -4.99 -46.89
N ASN I 218 53.02 -4.79 -45.98
CA ASN I 218 53.34 -4.04 -44.77
C ASN I 218 53.29 -4.76 -43.44
N GLU I 219 53.04 -6.06 -43.46
CA GLU I 219 52.95 -6.79 -42.21
C GLU I 219 54.25 -6.85 -41.41
N LEU I 220 55.39 -7.05 -42.07
CA LEU I 220 56.65 -7.12 -41.34
C LEU I 220 56.95 -5.82 -40.60
N GLN I 221 56.46 -4.71 -41.15
CA GLN I 221 56.66 -3.42 -40.54
C GLN I 221 55.74 -3.31 -39.32
N TYR I 222 54.52 -3.84 -39.46
CA TYR I 222 53.54 -3.84 -38.39
C TYR I 222 54.09 -4.68 -37.22
N VAL I 223 54.69 -5.81 -37.57
CA VAL I 223 55.27 -6.72 -36.59
C VAL I 223 56.39 -6.01 -35.83
N ASP I 224 57.25 -5.29 -36.55
CA ASP I 224 58.35 -4.57 -35.92
C ASP I 224 57.84 -3.52 -34.96
N GLN I 225 56.74 -2.87 -35.33
CA GLN I 225 56.15 -1.84 -34.50
C GLN I 225 55.63 -2.43 -33.19
N LEU I 226 54.97 -3.57 -33.28
CA LEU I 226 54.41 -4.21 -32.09
C LEU I 226 55.46 -4.84 -31.20
N LEU I 227 56.57 -5.29 -31.77
CA LEU I 227 57.62 -5.88 -30.95
C LEU I 227 58.32 -4.78 -30.14
N LYS I 228 58.20 -3.54 -30.59
CA LYS I 228 58.80 -2.44 -29.87
C LYS I 228 57.88 -2.11 -28.70
N GLU I 229 56.58 -2.25 -28.90
CA GLU I 229 55.60 -1.98 -27.85
C GLU I 229 55.66 -3.02 -26.72
N ASP I 230 55.93 -4.27 -27.09
CA ASP I 230 56.01 -5.37 -26.13
C ASP I 230 56.75 -6.55 -26.75
N VAL I 231 58.07 -6.58 -26.55
CA VAL I 231 58.90 -7.64 -27.11
C VAL I 231 58.57 -9.03 -26.56
N ARG I 232 57.70 -9.08 -25.55
CA ARG I 232 57.32 -10.36 -24.96
C ARG I 232 56.03 -10.94 -25.55
N ASN I 233 55.38 -10.21 -26.45
CA ASN I 233 54.14 -10.69 -27.06
C ASN I 233 54.41 -11.89 -27.98
N ASN I 234 54.13 -13.09 -27.51
CA ASN I 234 54.37 -14.31 -28.27
C ASN I 234 53.62 -14.33 -29.60
N SER I 235 52.45 -13.68 -29.64
CA SER I 235 51.63 -13.64 -30.84
C SER I 235 52.33 -12.90 -31.97
N VAL I 236 53.04 -11.83 -31.62
CA VAL I 236 53.74 -11.03 -32.62
C VAL I 236 54.96 -11.77 -33.18
N TRP I 237 55.65 -12.51 -32.33
CA TRP I 237 56.79 -13.28 -32.83
C TRP I 237 56.27 -14.33 -33.80
N ASN I 238 55.09 -14.87 -33.51
CA ASN I 238 54.52 -15.88 -34.39
C ASN I 238 54.19 -15.22 -35.73
N GLN I 239 53.68 -13.99 -35.68
CA GLN I 239 53.31 -13.28 -36.89
C GLN I 239 54.56 -13.03 -37.73
N ARG I 240 55.65 -12.67 -37.06
CA ARG I 240 56.90 -12.43 -37.77
C ARG I 240 57.29 -13.63 -38.60
N HIS I 241 57.25 -14.82 -38.00
CA HIS I 241 57.62 -16.02 -38.73
C HIS I 241 56.62 -16.31 -39.85
N PHE I 242 55.37 -15.94 -39.61
CA PHE I 242 54.30 -16.15 -40.58
C PHE I 242 54.61 -15.33 -41.84
N VAL I 243 54.88 -14.05 -41.65
CA VAL I 243 55.17 -13.15 -42.75
C VAL I 243 56.38 -13.60 -43.56
N ILE I 244 57.49 -13.79 -42.87
CA ILE I 244 58.72 -14.20 -43.54
C ILE I 244 58.66 -15.53 -44.25
N SER I 245 58.19 -16.58 -43.58
CA SER I 245 58.16 -17.88 -44.26
C SER I 245 57.20 -17.90 -45.44
N ASN I 246 56.30 -16.93 -45.51
CA ASN I 246 55.34 -16.87 -46.60
C ASN I 246 55.72 -15.88 -47.69
N THR I 247 56.83 -15.18 -47.50
CA THR I 247 57.27 -14.23 -48.51
C THR I 247 58.64 -14.69 -49.01
N THR I 248 59.70 -14.20 -48.39
CA THR I 248 61.06 -14.57 -48.78
C THR I 248 61.48 -15.97 -48.35
N GLY I 249 61.00 -16.42 -47.20
CA GLY I 249 61.41 -17.72 -46.71
C GLY I 249 62.72 -17.51 -45.96
N TYR I 250 63.28 -18.57 -45.38
CA TYR I 250 64.52 -18.44 -44.63
C TYR I 250 65.73 -19.08 -45.32
N SER I 251 65.51 -19.66 -46.49
CA SER I 251 66.59 -20.31 -47.23
C SER I 251 67.60 -19.30 -47.75
N ASP I 252 67.21 -18.04 -47.82
CA ASP I 252 68.12 -17.00 -48.27
C ASP I 252 69.03 -16.63 -47.09
N ARG I 253 70.30 -17.02 -47.18
CA ARG I 253 71.26 -16.75 -46.11
C ARG I 253 71.28 -15.31 -45.62
N ALA I 254 70.99 -14.36 -46.49
CA ALA I 254 70.98 -12.97 -46.08
C ALA I 254 69.80 -12.71 -45.15
N VAL I 255 68.67 -13.38 -45.43
CA VAL I 255 67.48 -13.21 -44.61
C VAL I 255 67.71 -13.88 -43.26
N LEU I 256 68.17 -15.13 -43.30
CA LEU I 256 68.44 -15.88 -42.08
C LEU I 256 69.36 -15.09 -41.16
N GLU I 257 70.42 -14.54 -41.72
CA GLU I 257 71.35 -13.76 -40.93
C GLU I 257 70.70 -12.52 -40.34
N ARG I 258 69.91 -11.81 -41.15
CA ARG I 258 69.23 -10.61 -40.65
C ARG I 258 68.33 -10.96 -39.47
N GLU I 259 67.62 -12.08 -39.60
CA GLU I 259 66.70 -12.52 -38.57
C GLU I 259 67.40 -12.98 -37.30
N VAL I 260 68.43 -13.81 -37.45
CA VAL I 260 69.17 -14.28 -36.28
C VAL I 260 69.78 -13.09 -35.55
N GLN I 261 70.25 -12.11 -36.32
CA GLN I 261 70.85 -10.93 -35.73
C GLN I 261 69.81 -10.11 -35.00
N TYR I 262 68.65 -9.94 -35.63
CA TYR I 262 67.55 -9.18 -35.06
C TYR I 262 67.13 -9.76 -33.70
N THR I 263 67.00 -11.09 -33.67
CA THR I 263 66.57 -11.78 -32.48
C THR I 263 67.59 -11.62 -31.35
N LEU I 264 68.87 -11.83 -31.66
CA LEU I 264 69.90 -11.67 -30.65
C LEU I 264 69.86 -10.25 -30.08
N GLU I 265 69.55 -9.26 -30.90
CA GLU I 265 69.45 -7.90 -30.40
C GLU I 265 68.28 -7.80 -29.42
N MET I 266 67.15 -8.43 -29.74
CA MET I 266 65.98 -8.41 -28.87
C MET I 266 66.26 -9.18 -27.58
N ILE I 267 67.00 -10.28 -27.70
CA ILE I 267 67.35 -11.07 -26.54
C ILE I 267 68.25 -10.25 -25.61
N LYS I 268 69.17 -9.47 -26.17
CA LYS I 268 70.07 -8.65 -25.37
C LYS I 268 69.27 -7.62 -24.59
N LEU I 269 68.20 -7.09 -25.18
CA LEU I 269 67.37 -6.09 -24.51
C LEU I 269 66.56 -6.68 -23.36
N VAL I 270 66.07 -7.90 -23.54
CA VAL I 270 65.29 -8.58 -22.52
C VAL I 270 65.64 -10.06 -22.62
N PRO I 271 66.74 -10.46 -21.97
CA PRO I 271 67.22 -11.84 -21.96
C PRO I 271 66.25 -12.92 -21.49
N HIS I 272 65.35 -12.58 -20.58
CA HIS I 272 64.41 -13.56 -20.09
C HIS I 272 63.10 -13.45 -20.89
N ASN I 273 63.11 -13.96 -22.10
CA ASN I 273 61.95 -13.90 -22.99
C ASN I 273 61.88 -15.17 -23.81
N GLU I 274 61.02 -16.10 -23.40
CA GLU I 274 60.88 -17.37 -24.09
C GLU I 274 60.55 -17.20 -25.58
N SER I 275 59.70 -16.22 -25.90
CA SER I 275 59.30 -16.01 -27.28
C SER I 275 60.46 -15.75 -28.23
N ALA I 276 61.37 -14.86 -27.82
CA ALA I 276 62.52 -14.55 -28.63
C ALA I 276 63.40 -15.78 -28.82
N TRP I 277 63.65 -16.51 -27.73
CA TRP I 277 64.47 -17.69 -27.82
C TRP I 277 63.82 -18.77 -28.67
N ASN I 278 62.51 -18.91 -28.59
CA ASN I 278 61.81 -19.92 -29.36
C ASN I 278 61.91 -19.63 -30.85
N TYR I 279 61.88 -18.33 -31.20
CA TYR I 279 61.98 -17.91 -32.59
C TYR I 279 63.36 -18.27 -33.11
N LEU I 280 64.39 -17.88 -32.35
CA LEU I 280 65.77 -18.16 -32.72
C LEU I 280 65.98 -19.66 -32.96
N LYS I 281 65.56 -20.47 -32.01
CA LYS I 281 65.72 -21.90 -32.17
C LYS I 281 64.84 -22.42 -33.31
N GLY I 282 63.67 -21.80 -33.45
CA GLY I 282 62.73 -22.22 -34.47
C GLY I 282 63.23 -22.10 -35.90
N ILE I 283 63.89 -20.99 -36.21
CA ILE I 283 64.39 -20.78 -37.55
C ILE I 283 65.73 -21.47 -37.84
N LEU I 284 66.32 -22.10 -36.83
CA LEU I 284 67.60 -22.77 -37.04
C LEU I 284 67.56 -24.28 -36.79
N GLN I 285 66.64 -24.73 -35.96
CA GLN I 285 66.60 -26.15 -35.61
C GLN I 285 66.55 -27.15 -36.77
N ASP I 286 65.85 -26.83 -37.84
CA ASP I 286 65.78 -27.77 -38.94
C ASP I 286 67.00 -27.73 -39.84
N ARG I 287 67.72 -26.61 -39.84
CA ARG I 287 68.92 -26.50 -40.65
C ARG I 287 70.04 -27.23 -39.91
N GLY I 288 69.91 -27.33 -38.59
CA GLY I 288 70.90 -27.99 -37.77
C GLY I 288 71.65 -27.00 -36.91
N LEU I 289 71.33 -26.95 -35.62
CA LEU I 289 71.99 -26.02 -34.71
C LEU I 289 73.51 -26.13 -34.63
N SER I 290 74.04 -27.34 -34.81
CA SER I 290 75.48 -27.54 -34.76
C SER I 290 76.22 -27.00 -35.98
N ARG I 291 75.48 -26.63 -37.02
CA ARG I 291 76.12 -26.09 -38.22
C ARG I 291 76.48 -24.62 -38.06
N TYR I 292 76.22 -24.05 -36.88
CA TYR I 292 76.50 -22.63 -36.64
C TYR I 292 77.46 -22.36 -35.49
N PRO I 293 78.76 -22.65 -35.71
CA PRO I 293 79.85 -22.49 -34.72
C PRO I 293 79.92 -21.13 -34.03
N ASN I 294 79.75 -20.04 -34.77
CA ASN I 294 79.82 -18.73 -34.13
C ASN I 294 78.65 -18.49 -33.18
N LEU I 295 77.53 -19.15 -33.43
CA LEU I 295 76.38 -18.99 -32.56
C LEU I 295 76.71 -19.60 -31.20
N LEU I 296 77.23 -20.82 -31.21
CA LEU I 296 77.61 -21.50 -29.98
C LEU I 296 78.54 -20.64 -29.13
N ASN I 297 79.54 -20.05 -29.76
CA ASN I 297 80.48 -19.21 -29.02
C ASN I 297 79.81 -17.92 -28.58
N GLN I 298 79.01 -17.33 -29.45
CA GLN I 298 78.35 -16.09 -29.09
C GLN I 298 77.40 -16.27 -27.90
N LEU I 299 76.83 -17.46 -27.77
CA LEU I 299 75.92 -17.73 -26.66
C LEU I 299 76.71 -17.98 -25.39
N LEU I 300 77.82 -18.72 -25.51
CA LEU I 300 78.66 -18.99 -24.36
C LEU I 300 79.20 -17.68 -23.77
N ASP I 301 79.34 -16.65 -24.62
CA ASP I 301 79.83 -15.35 -24.16
C ASP I 301 78.74 -14.56 -23.46
N LEU I 302 77.49 -14.96 -23.63
CA LEU I 302 76.37 -14.27 -22.99
C LEU I 302 76.09 -14.87 -21.62
N GLN I 303 76.44 -16.14 -21.45
CA GLN I 303 76.22 -16.86 -20.20
C GLN I 303 76.62 -16.03 -18.98
N PRO I 304 77.79 -15.37 -19.03
CA PRO I 304 78.23 -14.57 -17.89
C PRO I 304 77.13 -13.64 -17.34
N SER I 305 76.70 -12.67 -18.15
CA SER I 305 75.67 -11.72 -17.70
C SER I 305 74.25 -12.07 -18.14
N HIS I 306 73.98 -12.01 -19.44
CA HIS I 306 72.65 -12.28 -19.98
C HIS I 306 72.21 -13.75 -19.91
N SER I 307 72.53 -14.44 -18.82
CA SER I 307 72.13 -15.84 -18.68
C SER I 307 70.63 -15.98 -18.37
N SER I 308 70.11 -17.20 -18.60
CA SER I 308 68.71 -17.51 -18.35
C SER I 308 68.52 -18.98 -18.65
N PRO I 309 67.45 -19.59 -18.14
CA PRO I 309 67.24 -21.01 -18.41
C PRO I 309 67.04 -21.30 -19.90
N TYR I 310 66.60 -20.29 -20.64
CA TYR I 310 66.34 -20.44 -22.07
C TYR I 310 67.68 -20.58 -22.80
N LEU I 311 68.67 -19.83 -22.36
CA LEU I 311 70.00 -19.87 -22.95
C LEU I 311 70.68 -21.20 -22.67
N ILE I 312 70.62 -21.66 -21.43
CA ILE I 312 71.24 -22.94 -21.07
C ILE I 312 70.61 -24.05 -21.89
N ALA I 313 69.29 -24.00 -22.01
CA ALA I 313 68.54 -25.01 -22.77
C ALA I 313 68.96 -25.01 -24.23
N PHE I 314 69.23 -23.84 -24.77
CA PHE I 314 69.66 -23.72 -26.17
C PHE I 314 71.03 -24.41 -26.30
N LEU I 315 71.93 -24.16 -25.35
CA LEU I 315 73.25 -24.79 -25.40
C LEU I 315 73.09 -26.32 -25.35
N VAL I 316 72.22 -26.80 -24.46
CA VAL I 316 72.00 -28.24 -24.38
C VAL I 316 71.55 -28.81 -25.73
N ASP I 317 70.66 -28.09 -26.40
CA ASP I 317 70.13 -28.51 -27.69
C ASP I 317 71.21 -28.47 -28.77
N ILE I 318 72.09 -27.48 -28.69
CA ILE I 318 73.18 -27.37 -29.65
C ILE I 318 74.06 -28.61 -29.48
N TYR I 319 74.45 -28.90 -28.23
CA TYR I 319 75.28 -30.06 -27.94
C TYR I 319 74.63 -31.33 -28.41
N GLU I 320 73.33 -31.45 -28.19
CA GLU I 320 72.65 -32.67 -28.62
C GLU I 320 72.67 -32.82 -30.13
N ASP I 321 72.59 -31.71 -30.85
CA ASP I 321 72.61 -31.78 -32.30
C ASP I 321 73.99 -32.28 -32.75
N MET I 322 75.03 -31.88 -32.00
CA MET I 322 76.39 -32.31 -32.30
C MET I 322 76.49 -33.82 -32.14
N LEU I 323 76.07 -34.32 -30.98
CA LEU I 323 76.11 -35.74 -30.69
C LEU I 323 75.33 -36.50 -31.75
N GLU I 324 74.29 -35.85 -32.26
CA GLU I 324 73.42 -36.43 -33.28
C GLU I 324 74.17 -36.61 -34.59
N ASN I 325 75.14 -35.74 -34.85
CA ASN I 325 75.91 -35.79 -36.08
C ASN I 325 77.35 -36.24 -35.91
N GLN I 326 77.54 -37.33 -35.16
CA GLN I 326 78.85 -37.89 -34.92
C GLN I 326 79.96 -36.83 -34.95
N CYS I 327 80.01 -35.99 -33.93
CA CYS I 327 81.02 -34.94 -33.85
C CYS I 327 82.30 -35.49 -33.23
N ASP I 328 83.33 -34.65 -33.14
CA ASP I 328 84.59 -35.08 -32.53
C ASP I 328 84.52 -34.83 -31.04
N ASN I 329 85.11 -35.74 -30.25
CA ASN I 329 85.11 -35.64 -28.79
C ASN I 329 83.70 -35.92 -28.26
N LYS I 330 83.04 -36.90 -28.85
CA LYS I 330 81.69 -37.27 -28.48
C LYS I 330 81.50 -37.34 -26.97
N GLU I 331 82.44 -37.97 -26.27
CA GLU I 331 82.32 -38.09 -24.83
C GLU I 331 82.47 -36.74 -24.12
N ASP I 332 83.34 -35.88 -24.62
CA ASP I 332 83.53 -34.57 -24.01
C ASP I 332 82.31 -33.68 -24.18
N ILE I 333 81.66 -33.78 -25.34
CA ILE I 333 80.48 -33.00 -25.65
C ILE I 333 79.33 -33.47 -24.75
N LEU I 334 79.13 -34.78 -24.72
CA LEU I 334 78.08 -35.36 -23.89
C LEU I 334 78.16 -34.86 -22.46
N ASN I 335 79.38 -34.73 -21.95
CA ASN I 335 79.55 -34.26 -20.58
C ASN I 335 79.27 -32.77 -20.45
N LYS I 336 79.48 -32.01 -21.52
CA LYS I 336 79.20 -30.58 -21.47
C LYS I 336 77.69 -30.42 -21.33
N ALA I 337 76.96 -31.28 -22.04
CA ALA I 337 75.51 -31.27 -22.03
C ALA I 337 74.99 -31.67 -20.65
N LEU I 338 75.40 -32.85 -20.19
CA LEU I 338 74.98 -33.35 -18.89
C LEU I 338 75.27 -32.34 -17.79
N GLU I 339 76.35 -31.59 -17.93
CA GLU I 339 76.69 -30.61 -16.91
C GLU I 339 75.67 -29.48 -16.88
N LEU I 340 75.18 -29.11 -18.06
CA LEU I 340 74.18 -28.06 -18.16
C LEU I 340 72.82 -28.57 -17.67
N CYS I 341 72.46 -29.80 -18.04
CA CYS I 341 71.21 -30.37 -17.56
C CYS I 341 71.15 -30.30 -16.06
N GLU I 342 72.24 -30.68 -15.39
CA GLU I 342 72.26 -30.67 -13.94
C GLU I 342 72.22 -29.24 -13.40
N ILE I 343 72.80 -28.29 -14.12
CA ILE I 343 72.77 -26.90 -13.67
C ILE I 343 71.32 -26.41 -13.74
N LEU I 344 70.60 -26.82 -14.79
CA LEU I 344 69.19 -26.44 -14.94
C LEU I 344 68.40 -27.02 -13.78
N ALA I 345 68.53 -28.32 -13.57
CA ALA I 345 67.82 -29.04 -12.53
C ALA I 345 68.13 -28.57 -11.12
N LYS I 346 69.39 -28.24 -10.85
CA LYS I 346 69.78 -27.80 -9.52
C LYS I 346 69.55 -26.33 -9.20
N GLU I 347 69.73 -25.44 -10.18
CA GLU I 347 69.54 -24.03 -9.84
C GLU I 347 68.93 -23.06 -10.84
N LYS I 348 69.01 -23.34 -12.14
CA LYS I 348 68.49 -22.40 -13.13
C LYS I 348 67.03 -22.57 -13.57
N ASP I 349 66.53 -23.80 -13.55
CA ASP I 349 65.15 -24.08 -13.94
C ASP I 349 64.65 -25.19 -13.03
N THR I 350 64.77 -24.96 -11.73
CA THR I 350 64.38 -25.95 -10.73
C THR I 350 62.98 -26.54 -10.84
N ILE I 351 62.02 -25.77 -11.31
CA ILE I 351 60.65 -26.28 -11.43
C ILE I 351 60.57 -27.47 -12.38
N ARG I 352 61.56 -27.59 -13.27
CA ARG I 352 61.58 -28.69 -14.22
C ARG I 352 62.72 -29.66 -13.92
N LYS I 353 63.20 -29.61 -12.68
CA LYS I 353 64.31 -30.45 -12.22
C LYS I 353 64.21 -31.91 -12.60
N GLU I 354 63.05 -32.53 -12.38
CA GLU I 354 62.93 -33.93 -12.73
C GLU I 354 62.96 -34.12 -14.23
N TYR I 355 62.49 -33.11 -14.97
CA TYR I 355 62.49 -33.20 -16.43
C TYR I 355 63.91 -33.16 -16.97
N TRP I 356 64.68 -32.17 -16.51
CA TRP I 356 66.06 -32.01 -16.93
C TRP I 356 66.94 -33.20 -16.58
N ARG I 357 66.70 -33.81 -15.42
CA ARG I 357 67.46 -34.97 -15.02
C ARG I 357 67.05 -36.15 -15.91
N TYR I 358 65.80 -36.12 -16.37
CA TYR I 358 65.27 -37.14 -17.26
C TYR I 358 65.94 -36.96 -18.62
N ILE I 359 66.15 -35.70 -19.03
CA ILE I 359 66.79 -35.41 -20.30
C ILE I 359 68.25 -35.88 -20.18
N GLY I 360 68.86 -35.57 -19.05
CA GLY I 360 70.23 -35.95 -18.79
C GLY I 360 70.41 -37.45 -18.96
N ARG I 361 69.58 -38.23 -18.26
CA ARG I 361 69.66 -39.68 -18.36
C ARG I 361 69.51 -40.14 -19.81
N SER I 362 68.56 -39.55 -20.53
CA SER I 362 68.30 -39.93 -21.93
C SER I 362 69.50 -39.71 -22.84
N LEU I 363 70.27 -38.65 -22.57
CA LEU I 363 71.44 -38.35 -23.38
C LEU I 363 72.51 -39.40 -23.12
N GLN I 364 72.70 -39.74 -21.84
CA GLN I 364 73.69 -40.74 -21.44
C GLN I 364 73.44 -42.09 -22.11
N SER I 365 72.25 -42.63 -21.93
CA SER I 365 71.92 -43.92 -22.52
C SER I 365 71.85 -43.91 -24.04
N LYS I 366 72.05 -42.75 -24.65
CA LYS I 366 71.99 -42.68 -26.10
C LYS I 366 73.35 -42.40 -26.72
N HIS I 367 74.26 -41.83 -25.94
CA HIS I 367 75.60 -41.51 -26.46
C HIS I 367 76.75 -41.94 -25.54
N SER I 368 76.95 -43.25 -25.39
CA SER I 368 78.03 -43.77 -24.54
C SER I 368 78.58 -45.11 -25.03
N LEU J 18 45.60 -24.90 -0.17
CA LEU J 18 45.08 -25.49 1.09
C LEU J 18 44.60 -26.94 0.92
N ASP J 19 43.30 -27.15 1.12
CA ASP J 19 42.71 -28.48 1.00
C ASP J 19 41.58 -28.51 -0.02
N PHE J 20 41.33 -29.69 -0.56
CA PHE J 20 40.29 -29.90 -1.58
C PHE J 20 38.87 -30.03 -0.99
N LEU J 21 38.07 -28.99 -1.16
CA LEU J 21 36.69 -28.96 -0.66
C LEU J 21 35.73 -29.82 -1.46
N ARG J 22 35.96 -31.13 -1.48
CA ARG J 22 35.12 -32.05 -2.24
C ARG J 22 33.60 -31.89 -2.14
N ASP J 23 33.06 -31.84 -0.93
CA ASP J 23 31.61 -31.72 -0.78
C ASP J 23 31.09 -30.44 -1.42
N ARG J 24 31.83 -29.36 -1.25
CA ARG J 24 31.45 -28.08 -1.81
C ARG J 24 31.33 -28.20 -3.33
N HIS J 25 32.33 -28.82 -3.96
CA HIS J 25 32.31 -28.98 -5.42
C HIS J 25 31.16 -29.85 -5.88
N VAL J 26 30.73 -30.78 -5.04
CA VAL J 26 29.61 -31.64 -5.39
C VAL J 26 28.36 -30.78 -5.44
N ARG J 27 28.23 -29.88 -4.46
CA ARG J 27 27.09 -28.98 -4.41
C ARG J 27 27.11 -28.06 -5.61
N PHE J 28 28.31 -27.56 -5.94
CA PHE J 28 28.50 -26.67 -7.08
C PHE J 28 28.00 -27.34 -8.37
N PHE J 29 28.44 -28.56 -8.63
CA PHE J 29 28.01 -29.26 -9.83
C PHE J 29 26.51 -29.54 -9.83
N GLN J 30 25.94 -29.74 -8.64
CA GLN J 30 24.49 -29.98 -8.53
C GLN J 30 23.78 -28.74 -9.00
N ARG J 31 24.25 -27.60 -8.50
CA ARG J 31 23.66 -26.33 -8.86
C ARG J 31 23.68 -26.12 -10.35
N CYS J 32 24.76 -26.54 -11.01
CA CYS J 32 24.88 -26.38 -12.46
C CYS J 32 23.81 -27.12 -13.24
N LEU J 33 23.35 -28.25 -12.71
CA LEU J 33 22.32 -29.02 -13.39
C LEU J 33 20.90 -28.50 -13.17
N GLN J 34 20.75 -27.60 -12.20
CA GLN J 34 19.43 -27.06 -11.87
C GLN J 34 18.98 -25.84 -12.67
N VAL J 35 18.79 -24.71 -12.00
CA VAL J 35 18.33 -23.52 -12.70
C VAL J 35 19.35 -22.40 -12.65
N LEU J 36 19.46 -21.65 -13.74
CA LEU J 36 20.42 -20.55 -13.81
C LEU J 36 19.74 -19.22 -14.11
N PRO J 37 20.24 -18.13 -13.52
CA PRO J 37 19.71 -16.78 -13.73
C PRO J 37 19.91 -16.36 -15.19
N GLU J 38 19.11 -15.40 -15.66
CA GLU J 38 19.21 -14.94 -17.05
C GLU J 38 20.60 -14.44 -17.45
N ARG J 39 21.46 -14.16 -16.47
CA ARG J 39 22.82 -13.70 -16.75
C ARG J 39 23.55 -14.72 -17.60
N TYR J 40 23.12 -15.98 -17.53
CA TYR J 40 23.79 -17.04 -18.28
C TYR J 40 23.15 -17.42 -19.61
N SER J 41 22.34 -16.52 -20.15
CA SER J 41 21.66 -16.76 -21.40
C SER J 41 22.57 -17.19 -22.56
N SER J 42 23.81 -16.72 -22.58
CA SER J 42 24.72 -17.07 -23.66
C SER J 42 25.09 -18.56 -23.68
N LEU J 43 24.77 -19.29 -22.60
CA LEU J 43 25.05 -20.72 -22.51
C LEU J 43 23.92 -21.55 -23.11
N GLU J 44 22.83 -20.90 -23.48
CA GLU J 44 21.68 -21.59 -24.02
C GLU J 44 22.00 -22.65 -25.10
N THR J 45 22.67 -22.25 -26.18
CA THR J 45 22.96 -23.22 -27.23
C THR J 45 24.01 -24.25 -26.89
N SER J 46 24.54 -24.21 -25.67
CA SER J 46 25.52 -25.20 -25.29
C SER J 46 25.29 -25.71 -23.87
N ARG J 47 24.01 -25.82 -23.51
CA ARG J 47 23.61 -26.31 -22.19
C ARG J 47 24.09 -27.75 -22.00
N LEU J 48 24.13 -28.50 -23.10
CA LEU J 48 24.56 -29.88 -23.04
C LEU J 48 26.01 -30.02 -22.58
N THR J 49 26.88 -29.07 -22.94
CA THR J 49 28.26 -29.16 -22.49
C THR J 49 28.38 -28.73 -21.03
N ILE J 50 27.43 -27.93 -20.56
CA ILE J 50 27.46 -27.52 -19.15
C ILE J 50 27.02 -28.75 -18.34
N ALA J 51 26.07 -29.50 -18.89
CA ALA J 51 25.59 -30.71 -18.25
C ALA J 51 26.76 -31.68 -18.17
N PHE J 52 27.53 -31.77 -19.25
CA PHE J 52 28.68 -32.65 -19.30
C PHE J 52 29.69 -32.33 -18.20
N PHE J 53 30.03 -31.05 -18.05
CA PHE J 53 30.99 -30.65 -17.02
C PHE J 53 30.48 -31.02 -15.63
N ALA J 54 29.18 -30.89 -15.42
CA ALA J 54 28.62 -31.21 -14.12
C ALA J 54 28.54 -32.72 -13.89
N LEU J 55 27.99 -33.46 -14.87
CA LEU J 55 27.86 -34.90 -14.74
C LEU J 55 29.21 -35.60 -14.67
N SER J 56 30.10 -35.28 -15.60
CA SER J 56 31.43 -35.88 -15.60
C SER J 56 32.17 -35.43 -14.35
N GLY J 57 31.85 -34.24 -13.87
CA GLY J 57 32.49 -33.75 -12.66
C GLY J 57 32.02 -34.54 -11.45
N LEU J 58 30.70 -34.75 -11.37
CA LEU J 58 30.13 -35.51 -10.27
C LEU J 58 30.70 -36.93 -10.34
N ASP J 59 30.78 -37.47 -11.55
CA ASP J 59 31.32 -38.81 -11.75
C ASP J 59 32.75 -38.86 -11.24
N MET J 60 33.54 -37.85 -11.59
CA MET J 60 34.92 -37.79 -11.15
C MET J 60 35.01 -37.78 -9.63
N LEU J 61 33.98 -37.25 -8.98
CA LEU J 61 33.94 -37.17 -7.52
C LEU J 61 33.10 -38.30 -6.94
N ASP J 62 32.67 -39.19 -7.82
CA ASP J 62 31.84 -40.33 -7.47
C ASP J 62 30.63 -39.88 -6.65
N SER J 63 29.79 -39.06 -7.27
CA SER J 63 28.60 -38.54 -6.62
C SER J 63 27.43 -38.50 -7.58
N LEU J 64 27.44 -39.37 -8.59
CA LEU J 64 26.36 -39.39 -9.55
C LEU J 64 25.01 -39.73 -8.92
N ASP J 65 25.05 -40.35 -7.75
CA ASP J 65 23.82 -40.73 -7.05
C ASP J 65 22.94 -39.53 -6.69
N VAL J 66 23.54 -38.34 -6.63
CA VAL J 66 22.77 -37.15 -6.26
C VAL J 66 21.90 -36.61 -7.39
N VAL J 67 21.87 -37.31 -8.51
CA VAL J 67 21.06 -36.87 -9.65
C VAL J 67 20.20 -38.01 -10.18
N ASN J 68 19.10 -37.66 -10.82
CA ASN J 68 18.19 -38.66 -11.39
C ASN J 68 18.69 -39.05 -12.79
N LYS J 69 19.57 -40.05 -12.84
CA LYS J 69 20.14 -40.51 -14.10
C LYS J 69 19.12 -40.73 -15.21
N ASP J 70 18.00 -41.35 -14.86
CA ASP J 70 16.95 -41.66 -15.82
C ASP J 70 16.34 -40.42 -16.47
N ASP J 71 16.05 -39.41 -15.65
CA ASP J 71 15.46 -38.19 -16.19
C ASP J 71 16.43 -37.50 -17.15
N ILE J 72 17.69 -37.41 -16.73
CA ILE J 72 18.72 -36.77 -17.54
C ILE J 72 18.95 -37.50 -18.86
N ILE J 73 18.94 -38.83 -18.82
CA ILE J 73 19.14 -39.60 -20.04
C ILE J 73 18.04 -39.28 -21.05
N GLU J 74 16.81 -39.09 -20.58
CA GLU J 74 15.71 -38.76 -21.48
C GLU J 74 15.89 -37.37 -22.07
N TRP J 75 16.35 -36.44 -21.23
CA TRP J 75 16.56 -35.07 -21.67
C TRP J 75 17.61 -35.07 -22.78
N ILE J 76 18.70 -35.79 -22.56
CA ILE J 76 19.77 -35.87 -23.53
C ILE J 76 19.24 -36.43 -24.85
N TYR J 77 18.48 -37.52 -24.78
CA TYR J 77 17.94 -38.12 -25.99
C TYR J 77 16.96 -37.20 -26.72
N SER J 78 16.40 -36.23 -26.00
CA SER J 78 15.46 -35.31 -26.64
C SER J 78 16.25 -34.32 -27.48
N LEU J 79 17.58 -34.32 -27.31
CA LEU J 79 18.44 -33.41 -28.03
C LEU J 79 19.04 -34.03 -29.30
N GLN J 80 18.78 -35.31 -29.53
CA GLN J 80 19.32 -35.95 -30.73
C GLN J 80 18.52 -35.60 -31.97
N VAL J 81 19.24 -35.19 -33.01
CA VAL J 81 18.62 -34.86 -34.29
C VAL J 81 18.59 -36.17 -35.05
N LEU J 82 17.40 -36.77 -35.12
CA LEU J 82 17.22 -38.05 -35.81
C LEU J 82 16.85 -37.86 -37.26
N PRO J 83 17.17 -38.85 -38.11
CA PRO J 83 16.82 -38.72 -39.52
C PRO J 83 15.32 -38.78 -39.73
N THR J 84 14.82 -37.98 -40.67
CA THR J 84 13.39 -37.94 -40.97
C THR J 84 12.98 -39.22 -41.70
N GLU J 85 11.66 -39.41 -41.84
CA GLU J 85 11.12 -40.59 -42.51
C GLU J 85 11.83 -40.86 -43.84
N ASP J 86 11.94 -39.84 -44.68
CA ASP J 86 12.59 -39.96 -45.98
C ASP J 86 14.11 -39.90 -45.91
N ARG J 87 14.66 -39.91 -44.70
CA ARG J 87 16.11 -39.86 -44.48
C ARG J 87 16.84 -38.84 -45.36
N SER J 88 16.25 -37.68 -45.55
CA SER J 88 16.85 -36.65 -46.39
C SER J 88 17.67 -35.63 -45.59
N ASN J 89 17.90 -35.89 -44.32
CA ASN J 89 18.64 -34.96 -43.48
C ASN J 89 19.77 -35.65 -42.73
N LEU J 90 20.29 -36.74 -43.30
CA LEU J 90 21.38 -37.47 -42.66
C LEU J 90 22.60 -36.59 -42.38
N ASP J 91 22.95 -35.75 -43.34
CA ASP J 91 24.09 -34.85 -43.20
C ASP J 91 23.94 -33.85 -42.07
N ARG J 92 22.81 -33.86 -41.38
CA ARG J 92 22.59 -32.92 -40.30
C ARG J 92 22.29 -33.57 -38.96
N CYS J 93 22.50 -34.86 -38.86
CA CYS J 93 22.23 -35.56 -37.62
C CYS J 93 23.35 -35.46 -36.59
N GLY J 94 22.98 -35.67 -35.34
CA GLY J 94 23.91 -35.59 -34.23
C GLY J 94 23.10 -35.10 -33.03
N PHE J 95 23.66 -34.21 -32.22
CA PHE J 95 22.94 -33.70 -31.06
C PHE J 95 22.89 -32.18 -31.01
N ARG J 96 21.81 -31.64 -30.46
CA ARG J 96 21.63 -30.21 -30.32
C ARG J 96 22.18 -29.84 -28.94
N GLY J 97 22.50 -28.56 -28.75
CA GLY J 97 23.02 -28.13 -27.48
C GLY J 97 21.89 -27.95 -26.47
N SER J 98 20.69 -27.73 -26.99
CA SER J 98 19.50 -27.54 -26.17
C SER J 98 18.28 -27.52 -27.09
N SER J 99 17.13 -27.22 -26.51
CA SER J 99 15.88 -27.16 -27.28
C SER J 99 15.50 -25.75 -27.72
N TYR J 100 16.47 -24.87 -27.84
CA TYR J 100 16.16 -23.49 -28.22
C TYR J 100 15.39 -23.32 -29.54
N LEU J 101 15.30 -24.33 -30.38
CA LEU J 101 14.58 -24.18 -31.64
C LEU J 101 13.08 -24.35 -31.50
N GLY J 102 12.65 -24.90 -30.38
CA GLY J 102 11.23 -25.08 -30.16
C GLY J 102 10.65 -26.36 -30.70
N ILE J 103 11.50 -27.32 -31.04
CA ILE J 103 11.01 -28.59 -31.54
C ILE J 103 10.39 -29.34 -30.37
N PRO J 104 9.19 -29.92 -30.58
CA PRO J 104 8.47 -30.68 -29.54
C PRO J 104 9.26 -31.81 -28.90
N PHE J 105 9.28 -31.81 -27.56
CA PHE J 105 10.01 -32.81 -26.79
C PHE J 105 9.80 -34.23 -27.31
N ASN J 106 10.90 -34.91 -27.62
CA ASN J 106 10.85 -36.27 -28.13
C ASN J 106 12.15 -37.00 -27.81
N PRO J 107 12.16 -37.80 -26.72
CA PRO J 107 13.35 -38.55 -26.29
C PRO J 107 13.75 -39.69 -27.23
N SER J 108 14.03 -39.32 -28.49
CA SER J 108 14.43 -40.27 -29.52
C SER J 108 13.46 -41.46 -29.60
N LYS J 109 12.16 -41.14 -29.61
CA LYS J 109 11.13 -42.16 -29.70
C LYS J 109 10.62 -42.23 -31.15
N ASN J 110 9.75 -41.29 -31.52
CA ASN J 110 9.21 -41.24 -32.87
C ASN J 110 10.30 -40.80 -33.86
N PRO J 111 9.96 -40.74 -35.16
CA PRO J 111 10.93 -40.32 -36.17
C PRO J 111 11.35 -38.87 -35.95
N GLY J 112 12.01 -38.27 -36.95
CA GLY J 112 12.45 -36.90 -36.80
C GLY J 112 11.51 -35.84 -37.39
N THR J 113 11.19 -34.83 -36.60
CA THR J 113 10.31 -33.75 -37.05
C THR J 113 11.11 -32.76 -37.90
N ALA J 114 10.91 -32.83 -39.22
CA ALA J 114 11.61 -31.95 -40.17
C ALA J 114 11.56 -30.47 -39.79
N HIS J 115 12.70 -29.81 -39.88
CA HIS J 115 12.81 -28.39 -39.56
C HIS J 115 13.94 -27.81 -40.39
N PRO J 116 13.68 -26.70 -41.09
CA PRO J 116 14.64 -26.00 -41.95
C PRO J 116 16.03 -25.70 -41.38
N TYR J 117 16.11 -25.47 -40.07
CA TYR J 117 17.38 -25.13 -39.45
C TYR J 117 17.82 -25.98 -38.28
N ASP J 118 17.23 -27.16 -38.15
CA ASP J 118 17.60 -28.04 -37.05
C ASP J 118 18.66 -29.03 -37.47
N SER J 119 19.79 -29.01 -36.78
CA SER J 119 20.88 -29.92 -37.08
C SER J 119 21.76 -30.04 -35.84
N GLY J 120 22.68 -31.00 -35.86
CA GLY J 120 23.56 -31.19 -34.72
C GLY J 120 24.72 -30.23 -34.67
N HIS J 121 25.45 -30.27 -33.56
CA HIS J 121 26.62 -29.45 -33.35
C HIS J 121 27.68 -30.43 -32.85
N ILE J 122 28.80 -30.52 -33.57
CA ILE J 122 29.84 -31.48 -33.23
C ILE J 122 30.24 -31.54 -31.75
N ALA J 123 30.35 -30.40 -31.09
CA ALA J 123 30.73 -30.42 -29.67
C ALA J 123 29.60 -30.97 -28.81
N MET J 124 28.37 -30.85 -29.30
CA MET J 124 27.21 -31.34 -28.57
C MET J 124 27.08 -32.85 -28.79
N THR J 125 27.36 -33.29 -30.00
CA THR J 125 27.29 -34.71 -30.30
C THR J 125 28.31 -35.41 -29.41
N TYR J 126 29.48 -34.78 -29.26
CA TYR J 126 30.54 -35.34 -28.44
C TYR J 126 30.15 -35.37 -26.96
N THR J 127 29.81 -34.22 -26.39
CA THR J 127 29.43 -34.19 -24.98
C THR J 127 28.15 -34.98 -24.73
N GLY J 128 27.27 -35.04 -25.72
CA GLY J 128 26.03 -35.78 -25.58
C GLY J 128 26.29 -37.27 -25.39
N LEU J 129 26.99 -37.88 -26.35
CA LEU J 129 27.32 -39.30 -26.28
C LEU J 129 28.11 -39.54 -25.00
N SER J 130 29.03 -38.63 -24.72
CA SER J 130 29.85 -38.72 -23.54
C SER J 130 28.99 -38.76 -22.26
N CYS J 131 27.95 -37.93 -22.21
CA CYS J 131 27.06 -37.89 -21.04
C CYS J 131 26.28 -39.19 -20.90
N LEU J 132 25.77 -39.70 -22.01
CA LEU J 132 25.00 -40.94 -21.99
C LEU J 132 25.82 -42.08 -21.38
N ILE J 133 27.09 -42.19 -21.79
CA ILE J 133 27.95 -43.24 -21.28
C ILE J 133 28.16 -43.06 -19.78
N ILE J 134 28.41 -41.83 -19.35
CA ILE J 134 28.63 -41.54 -17.94
C ILE J 134 27.42 -41.93 -17.10
N LEU J 135 26.23 -41.69 -17.64
CA LEU J 135 24.99 -41.99 -16.93
C LEU J 135 24.59 -43.48 -16.94
N GLY J 136 25.33 -44.30 -17.69
CA GLY J 136 25.03 -45.71 -17.73
C GLY J 136 24.25 -46.21 -18.94
N ASP J 137 23.74 -45.28 -19.75
CA ASP J 137 22.99 -45.67 -20.94
C ASP J 137 23.89 -46.50 -21.86
N ASP J 138 23.29 -47.32 -22.71
CA ASP J 138 24.06 -48.19 -23.61
C ASP J 138 24.11 -47.70 -25.06
N LEU J 139 23.59 -46.50 -25.29
CA LEU J 139 23.59 -45.89 -26.62
C LEU J 139 22.75 -46.63 -27.67
N SER J 140 21.82 -47.45 -27.21
CA SER J 140 20.97 -48.21 -28.13
C SER J 140 20.03 -47.28 -28.89
N ARG J 141 19.64 -46.17 -28.29
CA ARG J 141 18.74 -45.23 -28.95
C ARG J 141 19.48 -44.22 -29.81
N VAL J 142 20.80 -44.34 -29.87
CA VAL J 142 21.62 -43.45 -30.68
C VAL J 142 21.70 -44.01 -32.10
N ASP J 143 21.25 -43.23 -33.08
CA ASP J 143 21.33 -43.67 -34.47
C ASP J 143 22.80 -43.49 -34.86
N LYS J 144 23.61 -44.48 -34.54
CA LYS J 144 25.04 -44.39 -34.83
C LYS J 144 25.40 -44.04 -36.27
N GLU J 145 24.75 -44.67 -37.24
CA GLU J 145 25.06 -44.38 -38.63
C GLU J 145 24.73 -42.96 -39.04
N ALA J 146 23.66 -42.41 -38.45
CA ALA J 146 23.25 -41.05 -38.76
C ALA J 146 24.28 -40.07 -38.20
N CYS J 147 24.73 -40.30 -36.97
CA CYS J 147 25.72 -39.44 -36.35
C CYS J 147 27.00 -39.41 -37.18
N LEU J 148 27.45 -40.59 -37.60
CA LEU J 148 28.66 -40.71 -38.41
C LEU J 148 28.50 -40.01 -39.75
N ALA J 149 27.31 -40.09 -40.32
CA ALA J 149 27.05 -39.43 -41.60
C ALA J 149 27.14 -37.93 -41.39
N GLY J 150 26.59 -37.47 -40.27
CA GLY J 150 26.63 -36.06 -39.95
C GLY J 150 28.06 -35.60 -39.74
N LEU J 151 28.85 -36.45 -39.06
CA LEU J 151 30.24 -36.14 -38.80
C LEU J 151 31.01 -35.95 -40.10
N ARG J 152 30.91 -36.92 -41.00
CA ARG J 152 31.60 -36.86 -42.28
C ARG J 152 31.32 -35.56 -43.02
N ALA J 153 30.07 -35.13 -42.98
CA ALA J 153 29.68 -33.91 -43.66
C ALA J 153 30.35 -32.65 -43.11
N LEU J 154 30.88 -32.74 -41.90
CA LEU J 154 31.52 -31.59 -41.27
C LEU J 154 33.01 -31.42 -41.62
N GLN J 155 33.64 -32.47 -42.15
CA GLN J 155 35.05 -32.39 -42.46
C GLN J 155 35.33 -31.62 -43.75
N LEU J 156 36.35 -30.75 -43.71
CA LEU J 156 36.72 -29.93 -44.84
C LEU J 156 37.83 -30.56 -45.67
N GLU J 157 38.11 -29.97 -46.82
CA GLU J 157 39.16 -30.49 -47.69
C GLU J 157 40.50 -30.60 -46.96
N ASP J 158 40.80 -29.62 -46.12
CA ASP J 158 42.07 -29.64 -45.40
C ASP J 158 42.16 -30.63 -44.24
N GLY J 159 41.08 -31.36 -44.00
CA GLY J 159 41.12 -32.33 -42.92
C GLY J 159 40.50 -31.89 -41.60
N SER J 160 40.35 -30.59 -41.39
CA SER J 160 39.74 -30.12 -40.13
C SER J 160 38.22 -30.24 -40.20
N PHE J 161 37.55 -29.85 -39.13
CA PHE J 161 36.09 -29.93 -39.05
C PHE J 161 35.41 -28.63 -38.68
N CYS J 162 34.15 -28.51 -39.09
CA CYS J 162 33.29 -27.39 -38.75
C CYS J 162 32.43 -27.96 -37.62
N ALA J 163 31.66 -27.10 -36.95
CA ALA J 163 30.81 -27.58 -35.86
C ALA J 163 29.41 -27.94 -36.34
N VAL J 164 28.93 -27.21 -37.35
CA VAL J 164 27.58 -27.44 -37.88
C VAL J 164 27.58 -27.44 -39.40
N PRO J 165 26.68 -28.22 -40.02
CA PRO J 165 26.60 -28.30 -41.48
C PRO J 165 26.34 -26.97 -42.20
N GLU J 166 25.68 -26.04 -41.52
CA GLU J 166 25.41 -24.74 -42.15
C GLU J 166 26.69 -23.92 -42.27
N GLY J 167 27.75 -24.38 -41.62
CA GLY J 167 29.01 -23.67 -41.68
C GLY J 167 29.38 -22.97 -40.38
N SER J 168 30.68 -22.88 -40.13
CA SER J 168 31.21 -22.24 -38.92
C SER J 168 32.71 -22.16 -39.08
N GLU J 169 33.40 -21.77 -38.02
CA GLU J 169 34.84 -21.71 -38.05
C GLU J 169 35.28 -23.17 -38.02
N ASN J 170 36.51 -23.44 -38.47
CA ASN J 170 37.01 -24.81 -38.46
C ASN J 170 38.41 -24.80 -37.87
N ASP J 171 38.68 -25.73 -36.95
CA ASP J 171 39.97 -25.80 -36.32
C ASP J 171 40.19 -27.08 -35.54
N MET J 172 41.32 -27.14 -34.84
CA MET J 172 41.70 -28.30 -34.07
C MET J 172 40.67 -28.73 -33.04
N ARG J 173 39.98 -27.77 -32.44
CA ARG J 173 38.96 -28.10 -31.43
C ARG J 173 37.95 -29.11 -31.95
N PHE J 174 37.52 -28.93 -33.19
CA PHE J 174 36.52 -29.82 -33.77
C PHE J 174 37.11 -31.13 -34.28
N VAL J 175 38.41 -31.15 -34.54
CA VAL J 175 39.09 -32.36 -34.97
C VAL J 175 39.07 -33.28 -33.74
N TYR J 176 39.26 -32.69 -32.56
CA TYR J 176 39.25 -33.45 -31.32
C TYR J 176 37.86 -34.03 -31.06
N CYS J 177 36.83 -33.21 -31.29
CA CYS J 177 35.45 -33.65 -31.09
C CYS J 177 35.15 -34.81 -32.02
N ALA J 178 35.55 -34.66 -33.28
CA ALA J 178 35.32 -35.71 -34.28
C ALA J 178 36.01 -37.01 -33.82
N SER J 179 37.25 -36.89 -33.37
CA SER J 179 38.01 -38.05 -32.91
C SER J 179 37.32 -38.74 -31.75
N CYS J 180 36.85 -37.97 -30.77
CA CYS J 180 36.15 -38.54 -29.61
C CYS J 180 34.88 -39.27 -30.02
N ILE J 181 34.14 -38.68 -30.95
CA ILE J 181 32.90 -39.29 -31.42
C ILE J 181 33.20 -40.63 -32.08
N CYS J 182 34.15 -40.65 -33.02
CA CYS J 182 34.51 -41.89 -33.70
C CYS J 182 34.99 -42.94 -32.69
N TYR J 183 35.72 -42.50 -31.69
CA TYR J 183 36.23 -43.42 -30.69
C TYR J 183 35.10 -44.01 -29.86
N MET J 184 34.17 -43.18 -29.41
CA MET J 184 33.06 -43.65 -28.60
C MET J 184 32.10 -44.54 -29.39
N LEU J 185 31.85 -44.22 -30.64
CA LEU J 185 30.97 -45.04 -31.46
C LEU J 185 31.79 -46.18 -32.04
N ASN J 186 33.04 -46.26 -31.61
CA ASN J 186 33.96 -47.30 -32.06
C ASN J 186 33.87 -47.59 -33.57
N ASN J 187 33.87 -46.52 -34.36
CA ASN J 187 33.76 -46.61 -35.81
C ASN J 187 34.38 -45.33 -36.38
N TRP J 188 35.46 -45.47 -37.15
CA TRP J 188 36.12 -44.29 -37.70
C TRP J 188 35.68 -43.88 -39.09
N SER J 189 34.53 -44.38 -39.52
CA SER J 189 34.02 -44.03 -40.85
C SER J 189 33.51 -42.60 -40.79
N GLY J 190 33.50 -42.05 -39.58
CA GLY J 190 33.04 -40.69 -39.39
C GLY J 190 34.00 -39.64 -39.92
N MET J 191 35.22 -40.05 -40.27
CA MET J 191 36.20 -39.11 -40.80
C MET J 191 37.22 -39.74 -41.74
N ASP J 192 37.84 -38.89 -42.56
CA ASP J 192 38.90 -39.30 -43.45
C ASP J 192 40.13 -39.06 -42.58
N MET J 193 40.50 -40.09 -41.83
CA MET J 193 41.63 -40.03 -40.91
C MET J 193 42.93 -39.53 -41.50
N LYS J 194 43.21 -39.90 -42.74
CA LYS J 194 44.43 -39.47 -43.41
C LYS J 194 44.49 -37.95 -43.49
N LYS J 195 43.37 -37.34 -43.88
CA LYS J 195 43.32 -35.90 -44.01
C LYS J 195 43.36 -35.19 -42.65
N ALA J 196 42.74 -35.81 -41.64
CA ALA J 196 42.75 -35.22 -40.31
C ALA J 196 44.19 -35.19 -39.79
N ILE J 197 44.90 -36.30 -39.97
CA ILE J 197 46.28 -36.40 -39.53
C ILE J 197 47.13 -35.35 -40.23
N SER J 198 46.85 -35.12 -41.50
CA SER J 198 47.59 -34.13 -42.27
C SER J 198 47.37 -32.75 -41.66
N TYR J 199 46.12 -32.46 -41.27
CA TYR J 199 45.79 -31.18 -40.68
C TYR J 199 46.54 -30.99 -39.36
N ILE J 200 46.58 -32.05 -38.55
CA ILE J 200 47.27 -32.00 -37.27
C ILE J 200 48.78 -31.74 -37.48
N ARG J 201 49.39 -32.39 -38.47
CA ARG J 201 50.81 -32.18 -38.70
C ARG J 201 51.08 -30.75 -39.14
N ARG J 202 50.27 -30.26 -40.06
CA ARG J 202 50.45 -28.90 -40.57
C ARG J 202 50.23 -27.81 -39.53
N SER J 203 49.67 -28.18 -38.38
CA SER J 203 49.44 -27.18 -37.35
C SER J 203 50.65 -26.98 -36.47
N MET J 204 51.66 -27.84 -36.61
CA MET J 204 52.85 -27.69 -35.78
C MET J 204 53.57 -26.40 -36.11
N SER J 205 53.88 -25.64 -35.08
CA SER J 205 54.56 -24.36 -35.23
C SER J 205 56.08 -24.48 -35.21
N TYR J 206 56.74 -23.39 -35.56
CA TYR J 206 58.19 -23.34 -35.56
C TYR J 206 58.71 -23.51 -34.12
N ASP J 207 57.88 -23.20 -33.12
CA ASP J 207 58.31 -23.37 -31.73
C ASP J 207 57.95 -24.75 -31.20
N ASN J 208 57.46 -25.60 -32.09
CA ASN J 208 57.13 -26.98 -31.80
C ASN J 208 55.81 -27.31 -31.12
N GLY J 209 55.06 -26.30 -30.70
CA GLY J 209 53.77 -26.59 -30.11
C GLY J 209 52.79 -26.77 -31.28
N LEU J 210 51.56 -27.14 -30.99
CA LEU J 210 50.55 -27.30 -32.04
C LEU J 210 49.60 -26.10 -31.95
N ALA J 211 49.21 -25.56 -33.10
CA ALA J 211 48.30 -24.42 -33.12
C ALA J 211 46.91 -24.87 -33.54
N GLN J 212 45.96 -23.93 -33.58
CA GLN J 212 44.60 -24.26 -33.99
C GLN J 212 44.55 -24.58 -35.47
N GLY J 213 45.53 -24.06 -36.20
CA GLY J 213 45.64 -24.29 -37.62
C GLY J 213 47.01 -23.85 -38.10
N ALA J 214 47.35 -24.21 -39.34
CA ALA J 214 48.64 -23.87 -39.90
C ALA J 214 48.96 -22.37 -39.80
N GLY J 215 50.18 -22.06 -39.37
CA GLY J 215 50.61 -20.68 -39.26
C GLY J 215 50.24 -19.92 -38.00
N LEU J 216 49.23 -20.40 -37.29
CA LEU J 216 48.79 -19.72 -36.06
C LEU J 216 49.71 -20.01 -34.87
N GLU J 217 49.59 -19.19 -33.83
CA GLU J 217 50.39 -19.33 -32.62
C GLU J 217 50.07 -20.65 -31.91
N SER J 218 51.09 -21.46 -31.63
CA SER J 218 50.85 -22.73 -30.94
C SER J 218 50.22 -22.43 -29.58
N HIS J 219 49.35 -23.34 -29.14
CA HIS J 219 48.59 -23.12 -27.91
C HIS J 219 48.38 -24.43 -27.15
N GLY J 220 48.29 -24.32 -25.82
CA GLY J 220 48.10 -25.50 -24.99
C GLY J 220 46.84 -26.28 -25.32
N GLY J 221 45.76 -25.56 -25.64
CA GLY J 221 44.52 -26.21 -25.98
C GLY J 221 44.58 -26.98 -27.29
N SER J 222 45.09 -26.34 -28.34
CA SER J 222 45.18 -27.01 -29.63
C SER J 222 46.22 -28.14 -29.62
N THR J 223 47.26 -28.00 -28.82
CA THR J 223 48.27 -29.05 -28.71
C THR J 223 47.61 -30.27 -28.07
N PHE J 224 46.78 -30.04 -27.04
CA PHE J 224 46.07 -31.15 -26.42
C PHE J 224 45.16 -31.81 -27.46
N CYS J 225 44.37 -30.99 -28.15
CA CYS J 225 43.45 -31.52 -29.14
C CYS J 225 44.15 -32.35 -30.20
N GLY J 226 45.31 -31.87 -30.65
CA GLY J 226 46.05 -32.60 -31.67
C GLY J 226 46.62 -33.91 -31.17
N ILE J 227 47.30 -33.85 -30.03
CA ILE J 227 47.90 -35.04 -29.45
C ILE J 227 46.84 -36.07 -29.00
N ALA J 228 45.81 -35.61 -28.31
CA ALA J 228 44.76 -36.50 -27.87
C ALA J 228 44.07 -37.17 -29.06
N SER J 229 43.86 -36.42 -30.13
CA SER J 229 43.22 -36.99 -31.31
C SER J 229 44.06 -38.13 -31.85
N LEU J 230 45.37 -37.90 -31.97
CA LEU J 230 46.26 -38.94 -32.49
C LEU J 230 46.25 -40.16 -31.57
N CYS J 231 46.27 -39.94 -30.27
CA CYS J 231 46.23 -41.06 -29.33
C CYS J 231 44.94 -41.85 -29.48
N LEU J 232 43.82 -41.14 -29.64
CA LEU J 232 42.54 -41.81 -29.80
C LEU J 232 42.56 -42.65 -31.08
N MET J 233 43.28 -42.18 -32.10
CA MET J 233 43.38 -42.90 -33.37
C MET J 233 44.44 -43.99 -33.25
N GLY J 234 45.26 -43.91 -32.20
CA GLY J 234 46.32 -44.88 -32.00
C GLY J 234 47.41 -44.70 -33.05
N LYS J 235 47.71 -43.45 -33.38
CA LYS J 235 48.73 -43.18 -34.38
C LYS J 235 49.75 -42.12 -33.99
N LEU J 236 49.88 -41.87 -32.70
CA LEU J 236 50.83 -40.89 -32.20
C LEU J 236 52.24 -41.17 -32.72
N GLU J 237 52.74 -42.36 -32.42
CA GLU J 237 54.08 -42.80 -32.81
C GLU J 237 54.28 -42.80 -34.32
N GLU J 238 53.24 -43.14 -35.05
CA GLU J 238 53.30 -43.19 -36.51
C GLU J 238 53.38 -41.81 -37.17
N VAL J 239 52.68 -40.83 -36.60
CA VAL J 239 52.65 -39.50 -37.16
C VAL J 239 53.83 -38.60 -36.82
N PHE J 240 54.30 -38.67 -35.58
CA PHE J 240 55.43 -37.84 -35.16
C PHE J 240 56.66 -38.69 -34.87
N SER J 241 57.82 -38.23 -35.34
CA SER J 241 59.06 -38.95 -35.10
C SER J 241 59.44 -38.76 -33.64
N GLU J 242 60.43 -39.53 -33.19
CA GLU J 242 60.88 -39.42 -31.81
C GLU J 242 61.40 -38.01 -31.56
N LYS J 243 62.14 -37.49 -32.53
CA LYS J 243 62.72 -36.15 -32.41
C LYS J 243 61.59 -35.13 -32.29
N GLU J 244 60.55 -35.31 -33.11
CA GLU J 244 59.40 -34.40 -33.10
C GLU J 244 58.69 -34.46 -31.75
N LEU J 245 58.41 -35.65 -31.26
CA LEU J 245 57.75 -35.80 -29.98
C LEU J 245 58.60 -35.18 -28.86
N ASN J 246 59.91 -35.26 -28.98
CA ASN J 246 60.77 -34.66 -27.95
C ASN J 246 60.60 -33.16 -27.95
N ARG J 247 60.46 -32.59 -29.14
CA ARG J 247 60.30 -31.15 -29.27
C ARG J 247 58.95 -30.70 -28.72
N ILE J 248 57.90 -31.49 -28.97
CA ILE J 248 56.56 -31.18 -28.48
C ILE J 248 56.56 -31.28 -26.95
N LYS J 249 57.21 -32.32 -26.42
CA LYS J 249 57.29 -32.49 -24.97
C LYS J 249 57.97 -31.27 -24.36
N ARG J 250 59.04 -30.82 -24.99
CA ARG J 250 59.75 -29.66 -24.47
C ARG J 250 58.84 -28.45 -24.44
N TRP J 251 58.09 -28.23 -25.53
CA TRP J 251 57.18 -27.09 -25.60
C TRP J 251 56.13 -27.18 -24.49
N CYS J 252 55.56 -28.36 -24.29
CA CYS J 252 54.55 -28.55 -23.28
C CYS J 252 55.05 -28.37 -21.85
N ILE J 253 56.14 -29.03 -21.50
CA ILE J 253 56.62 -28.91 -20.14
C ILE J 253 57.11 -27.50 -19.81
N MET J 254 57.38 -26.70 -20.84
CA MET J 254 57.82 -25.32 -20.59
C MET J 254 56.63 -24.45 -20.22
N ARG J 255 55.41 -24.98 -20.34
CA ARG J 255 54.20 -24.24 -20.00
C ARG J 255 53.98 -24.07 -18.49
N GLN J 256 54.62 -24.91 -17.67
CA GLN J 256 54.45 -24.80 -16.22
C GLN J 256 55.22 -23.63 -15.61
N GLN J 257 54.51 -22.77 -14.89
CA GLN J 257 55.10 -21.61 -14.22
C GLN J 257 55.00 -21.91 -12.73
N ASN J 258 53.85 -22.45 -12.35
CA ASN J 258 53.48 -22.88 -11.01
C ASN J 258 52.28 -23.72 -11.44
N GLY J 259 51.28 -23.03 -11.98
CA GLY J 259 50.15 -23.70 -12.55
C GLY J 259 50.60 -23.68 -14.01
N TYR J 260 49.69 -23.84 -14.96
CA TYR J 260 50.11 -23.80 -16.37
C TYR J 260 49.44 -22.69 -17.15
N HIS J 261 50.15 -22.15 -18.15
CA HIS J 261 49.57 -21.12 -19.02
C HIS J 261 49.36 -21.78 -20.38
N GLY J 262 48.58 -21.16 -21.26
CA GLY J 262 48.30 -21.76 -22.55
C GLY J 262 49.32 -21.46 -23.64
N ARG J 263 50.12 -20.42 -23.44
CA ARG J 263 51.13 -20.04 -24.42
C ARG J 263 52.20 -19.18 -23.77
N PRO J 264 53.41 -19.16 -24.32
CA PRO J 264 54.52 -18.37 -23.79
C PRO J 264 54.13 -16.95 -23.41
N ASN J 265 54.63 -16.49 -22.27
CA ASN J 265 54.39 -15.14 -21.78
C ASN J 265 52.94 -14.74 -21.48
N LYS J 266 52.09 -15.72 -21.20
CA LYS J 266 50.70 -15.44 -20.83
C LYS J 266 50.50 -15.93 -19.40
N PRO J 267 49.59 -15.29 -18.65
CA PRO J 267 49.37 -15.72 -17.26
C PRO J 267 48.74 -17.10 -17.18
N VAL J 268 49.02 -17.83 -16.09
CA VAL J 268 48.48 -19.17 -15.94
C VAL J 268 46.96 -19.14 -15.74
N ASP J 269 46.34 -20.26 -16.07
CA ASP J 269 44.90 -20.44 -15.97
C ASP J 269 44.70 -21.89 -15.57
N THR J 270 43.93 -22.09 -14.50
CA THR J 270 43.65 -23.42 -13.98
C THR J 270 43.40 -24.50 -15.03
N CYS J 271 42.55 -24.23 -16.02
CA CYS J 271 42.23 -25.26 -17.01
C CYS J 271 43.43 -25.84 -17.76
N TYR J 272 44.53 -25.10 -17.87
CA TYR J 272 45.69 -25.63 -18.57
C TYR J 272 46.37 -26.75 -17.79
N SER J 273 46.08 -26.86 -16.50
CA SER J 273 46.62 -27.94 -15.69
C SER J 273 46.11 -29.22 -16.31
N PHE J 274 44.98 -29.15 -17.01
CA PHE J 274 44.48 -30.33 -17.68
C PHE J 274 44.90 -30.35 -19.15
N TRP J 275 44.64 -29.27 -19.88
CA TRP J 275 45.00 -29.22 -21.31
C TRP J 275 46.45 -29.64 -21.51
N VAL J 276 47.36 -28.96 -20.81
CA VAL J 276 48.78 -29.27 -20.94
C VAL J 276 49.17 -30.51 -20.16
N GLY J 277 48.71 -30.59 -18.90
CA GLY J 277 49.01 -31.74 -18.07
C GLY J 277 48.60 -33.04 -18.74
N ALA J 278 47.40 -33.07 -19.32
CA ALA J 278 46.93 -34.29 -19.96
C ALA J 278 47.80 -34.61 -21.17
N THR J 279 48.31 -33.58 -21.84
CA THR J 279 49.16 -33.80 -23.01
C THR J 279 50.44 -34.44 -22.52
N LEU J 280 51.01 -33.86 -21.47
CA LEU J 280 52.24 -34.40 -20.88
C LEU J 280 52.02 -35.86 -20.44
N LYS J 281 50.83 -36.16 -19.92
CA LYS J 281 50.53 -37.51 -19.49
C LYS J 281 50.50 -38.44 -20.69
N LEU J 282 49.91 -38.00 -21.78
CA LEU J 282 49.85 -38.81 -22.99
C LEU J 282 51.25 -39.02 -23.57
N LEU J 283 52.12 -38.04 -23.35
CA LEU J 283 53.50 -38.13 -23.86
C LEU J 283 54.40 -38.80 -22.82
N LYS J 284 53.79 -39.33 -21.77
CA LYS J 284 54.49 -40.03 -20.70
C LYS J 284 55.54 -39.27 -19.90
N ILE J 285 55.41 -37.95 -19.77
CA ILE J 285 56.39 -37.22 -18.98
C ILE J 285 55.76 -36.29 -17.96
N PHE J 286 54.48 -36.48 -17.70
CA PHE J 286 53.80 -35.63 -16.72
C PHE J 286 54.45 -35.89 -15.37
N GLN J 287 54.92 -37.12 -15.21
CA GLN J 287 55.58 -37.56 -13.99
C GLN J 287 56.80 -36.70 -13.63
N TYR J 288 57.38 -36.03 -14.62
CA TYR J 288 58.55 -35.20 -14.38
C TYR J 288 58.25 -33.74 -14.08
N THR J 289 56.97 -33.40 -14.00
CA THR J 289 56.57 -32.03 -13.70
C THR J 289 56.56 -31.81 -12.19
N ASN J 290 56.44 -30.56 -11.76
CA ASN J 290 56.39 -30.25 -10.34
C ASN J 290 54.93 -30.33 -9.86
N PHE J 291 54.57 -31.40 -9.14
CA PHE J 291 53.21 -31.59 -8.64
C PHE J 291 52.73 -30.58 -7.60
N GLU J 292 53.56 -30.31 -6.60
CA GLU J 292 53.19 -29.41 -5.52
C GLU J 292 52.78 -28.01 -5.98
N LYS J 293 53.62 -27.37 -6.79
CA LYS J 293 53.31 -26.03 -7.25
C LYS J 293 52.03 -25.98 -8.12
N ASN J 294 51.80 -27.04 -8.87
CA ASN J 294 50.62 -27.11 -9.72
C ASN J 294 49.39 -27.25 -8.84
N ARG J 295 49.44 -28.19 -7.89
CA ARG J 295 48.35 -28.42 -6.96
C ARG J 295 48.06 -27.17 -6.15
N ASN J 296 49.10 -26.51 -5.67
CA ASN J 296 48.90 -25.29 -4.89
C ASN J 296 48.15 -24.26 -5.71
N TYR J 297 48.55 -24.10 -6.98
CA TYR J 297 47.89 -23.11 -7.82
C TYR J 297 46.42 -23.43 -8.07
N ILE J 298 46.15 -24.65 -8.50
CA ILE J 298 44.78 -25.07 -8.75
C ILE J 298 43.89 -24.79 -7.54
N LEU J 299 44.32 -25.26 -6.37
CA LEU J 299 43.54 -25.06 -5.16
C LEU J 299 43.37 -23.60 -4.81
N SER J 300 44.31 -22.76 -5.21
CA SER J 300 44.20 -21.33 -4.90
C SER J 300 43.11 -20.65 -5.73
N THR J 301 42.59 -21.33 -6.74
CA THR J 301 41.54 -20.75 -7.58
C THR J 301 40.19 -21.32 -7.18
N GLN J 302 40.19 -22.05 -6.08
CA GLN J 302 38.98 -22.68 -5.55
C GLN J 302 38.10 -21.62 -4.91
N ASP J 303 36.79 -21.69 -5.14
CA ASP J 303 35.90 -20.72 -4.50
C ASP J 303 35.40 -21.41 -3.23
N ARG J 304 35.95 -21.02 -2.09
CA ARG J 304 35.59 -21.62 -0.82
C ARG J 304 34.15 -21.39 -0.36
N LEU J 305 33.47 -20.44 -0.97
CA LEU J 305 32.10 -20.14 -0.62
C LEU J 305 31.09 -20.85 -1.51
N VAL J 306 31.18 -20.65 -2.82
CA VAL J 306 30.22 -21.29 -3.71
C VAL J 306 30.70 -22.61 -4.29
N GLY J 307 31.98 -22.91 -4.14
CA GLY J 307 32.49 -24.14 -4.70
C GLY J 307 32.96 -23.91 -6.13
N GLY J 308 33.46 -24.97 -6.78
CA GLY J 308 33.97 -24.85 -8.13
C GLY J 308 35.33 -24.17 -8.16
N PHE J 309 35.90 -24.04 -9.36
CA PHE J 309 37.19 -23.38 -9.53
C PHE J 309 37.09 -22.29 -10.56
N ALA J 310 37.96 -21.28 -10.44
CA ALA J 310 38.00 -20.18 -11.39
C ALA J 310 39.30 -20.35 -12.15
N LYS J 311 39.58 -19.47 -13.10
CA LYS J 311 40.82 -19.61 -13.85
C LYS J 311 41.97 -19.00 -13.04
N TRP J 312 41.64 -18.00 -12.24
CA TRP J 312 42.63 -17.31 -11.40
C TRP J 312 42.09 -17.20 -9.99
N PRO J 313 42.98 -16.97 -9.02
CA PRO J 313 42.51 -16.85 -7.64
C PRO J 313 41.62 -15.62 -7.45
N ASP J 314 40.64 -15.72 -6.56
CA ASP J 314 39.74 -14.63 -6.26
C ASP J 314 39.00 -14.17 -7.50
N SER J 315 38.65 -15.12 -8.34
CA SER J 315 37.94 -14.84 -9.58
C SER J 315 36.66 -15.69 -9.56
N HIS J 316 35.69 -15.36 -10.39
CA HIS J 316 34.44 -16.12 -10.40
C HIS J 316 34.58 -17.50 -11.02
N PRO J 317 34.05 -18.53 -10.35
CA PRO J 317 34.12 -19.90 -10.82
C PRO J 317 33.07 -20.23 -11.86
N ASP J 318 33.34 -21.22 -12.69
CA ASP J 318 32.40 -21.66 -13.71
C ASP J 318 32.54 -23.16 -13.88
N ALA J 319 31.56 -23.77 -14.53
CA ALA J 319 31.55 -25.21 -14.73
C ALA J 319 32.80 -25.73 -15.42
N LEU J 320 33.23 -25.07 -16.48
CA LEU J 320 34.40 -25.50 -17.23
C LEU J 320 35.66 -25.56 -16.37
N HIS J 321 35.98 -24.49 -15.67
CA HIS J 321 37.18 -24.49 -14.86
C HIS J 321 37.06 -25.37 -13.61
N ALA J 322 35.85 -25.59 -13.15
CA ALA J 322 35.64 -26.45 -12.00
C ALA J 322 35.97 -27.86 -12.45
N TYR J 323 35.45 -28.25 -13.61
CA TYR J 323 35.69 -29.59 -14.14
C TYR J 323 37.16 -29.83 -14.49
N PHE J 324 37.76 -28.90 -15.24
CA PHE J 324 39.14 -29.08 -15.63
C PHE J 324 40.08 -28.95 -14.43
N GLY J 325 39.71 -28.14 -13.44
CA GLY J 325 40.55 -28.02 -12.26
C GLY J 325 40.58 -29.38 -11.55
N ILE J 326 39.42 -30.01 -11.47
CA ILE J 326 39.33 -31.30 -10.83
C ILE J 326 40.09 -32.36 -11.63
N CYS J 327 39.97 -32.31 -12.96
CA CYS J 327 40.70 -33.27 -13.79
C CYS J 327 42.20 -33.04 -13.68
N GLY J 328 42.59 -31.78 -13.49
CA GLY J 328 43.99 -31.46 -13.35
C GLY J 328 44.51 -32.09 -12.07
N LEU J 329 43.73 -31.98 -11.00
CA LEU J 329 44.08 -32.56 -9.71
C LEU J 329 44.16 -34.08 -9.87
N SER J 330 43.23 -34.64 -10.62
CA SER J 330 43.19 -36.08 -10.86
C SER J 330 44.45 -36.64 -11.51
N LEU J 331 45.07 -35.84 -12.37
CA LEU J 331 46.27 -36.26 -13.08
C LEU J 331 47.41 -36.52 -12.10
N MET J 332 47.41 -35.80 -10.98
CA MET J 332 48.44 -35.98 -9.97
C MET J 332 47.92 -36.90 -8.88
N GLU J 333 46.83 -37.59 -9.16
CA GLU J 333 46.19 -38.50 -8.20
C GLU J 333 45.89 -37.82 -6.87
N GLU J 334 44.78 -37.08 -6.85
CA GLU J 334 44.35 -36.36 -5.65
C GLU J 334 43.39 -37.25 -4.89
N SER J 335 43.53 -37.23 -3.58
CA SER J 335 42.70 -38.02 -2.69
C SER J 335 41.20 -37.72 -2.88
N GLY J 336 40.45 -38.70 -3.36
CA GLY J 336 39.02 -38.50 -3.53
C GLY J 336 38.52 -38.17 -4.92
N ILE J 337 39.41 -38.25 -5.91
CA ILE J 337 39.03 -37.97 -7.29
C ILE J 337 39.44 -39.15 -8.16
N CYS J 338 38.50 -39.72 -8.90
CA CYS J 338 38.79 -40.85 -9.77
C CYS J 338 39.88 -40.52 -10.76
N LYS J 339 40.52 -41.55 -11.30
CA LYS J 339 41.57 -41.35 -12.29
C LYS J 339 40.87 -40.95 -13.57
N VAL J 340 41.48 -40.04 -14.33
CA VAL J 340 40.87 -39.59 -15.57
C VAL J 340 41.56 -40.18 -16.80
N HIS J 341 40.77 -40.41 -17.84
CA HIS J 341 41.30 -40.92 -19.10
C HIS J 341 41.71 -39.65 -19.85
N PRO J 342 43.01 -39.33 -19.85
CA PRO J 342 43.53 -38.13 -20.51
C PRO J 342 43.14 -37.82 -21.96
N ALA J 343 42.93 -38.84 -22.78
CA ALA J 343 42.59 -38.55 -24.17
C ALA J 343 41.09 -38.38 -24.39
N LEU J 344 40.28 -39.10 -23.63
CA LEU J 344 38.84 -39.01 -23.79
C LEU J 344 38.18 -37.97 -22.88
N ASN J 345 38.93 -37.52 -21.88
CA ASN J 345 38.44 -36.52 -20.95
C ASN J 345 37.24 -36.98 -20.14
N VAL J 346 37.32 -38.19 -19.61
CA VAL J 346 36.27 -38.78 -18.78
C VAL J 346 36.97 -39.65 -17.75
N SER J 347 36.24 -40.13 -16.73
CA SER J 347 36.84 -40.97 -15.70
C SER J 347 37.17 -42.35 -16.28
N THR J 348 38.19 -43.00 -15.72
CA THR J 348 38.59 -44.33 -16.19
C THR J 348 37.38 -45.26 -16.08
N ARG J 349 36.57 -45.03 -15.05
CA ARG J 349 35.37 -45.80 -14.83
C ARG J 349 34.49 -45.73 -16.09
N THR J 350 34.27 -44.52 -16.57
CA THR J 350 33.46 -44.29 -17.74
C THR J 350 34.10 -44.87 -19.00
N SER J 351 35.42 -44.78 -19.12
CA SER J 351 36.10 -45.30 -20.30
C SER J 351 36.00 -46.83 -20.28
N GLU J 352 36.21 -47.41 -19.11
CA GLU J 352 36.13 -48.86 -18.98
C GLU J 352 34.72 -49.34 -19.25
N ARG J 353 33.75 -48.54 -18.83
CA ARG J 353 32.35 -48.88 -19.07
C ARG J 353 32.10 -48.80 -20.58
N LEU J 354 32.84 -47.92 -21.25
CA LEU J 354 32.72 -47.75 -22.69
C LEU J 354 33.38 -48.92 -23.40
N ARG J 355 34.44 -49.45 -22.78
CA ARG J 355 35.16 -50.59 -23.33
C ARG J 355 34.19 -51.78 -23.36
N ASP J 356 33.52 -52.02 -22.22
CA ASP J 356 32.56 -53.11 -22.10
C ASP J 356 31.46 -52.94 -23.15
N LEU J 357 30.97 -51.72 -23.27
CA LEU J 357 29.91 -51.41 -24.22
C LEU J 357 30.35 -51.73 -25.64
N HIS J 358 31.66 -51.75 -25.87
CA HIS J 358 32.19 -52.05 -27.19
C HIS J 358 32.22 -53.56 -27.41
N GLN J 359 32.51 -54.30 -26.34
CA GLN J 359 32.53 -55.76 -26.40
C GLN J 359 31.16 -56.23 -26.85
N SER J 360 30.16 -55.92 -26.04
CA SER J 360 28.79 -56.33 -26.32
C SER J 360 28.31 -55.92 -27.72
N TRP J 361 29.06 -55.06 -28.39
CA TRP J 361 28.68 -54.66 -29.74
C TRP J 361 29.33 -55.61 -30.74
N LYS J 362 30.53 -56.10 -30.38
CA LYS J 362 31.28 -57.03 -31.23
C LYS J 362 30.71 -58.45 -31.15
N THR J 363 29.48 -58.61 -31.62
CA THR J 363 28.80 -59.91 -31.62
C THR J 363 27.78 -59.96 -32.75
N PHE K 55 -73.59 13.79 44.58
CA PHE K 55 -75.02 13.35 44.73
C PHE K 55 -75.88 13.43 43.46
N LEU K 56 -76.52 14.58 43.24
CA LEU K 56 -77.39 14.79 42.09
C LEU K 56 -76.67 15.11 40.80
N SER K 57 -76.56 14.11 39.93
CA SER K 57 -75.86 14.24 38.65
C SER K 57 -76.37 15.35 37.74
N LEU K 58 -75.45 16.01 37.04
CA LEU K 58 -75.82 17.09 36.12
C LEU K 58 -76.65 16.60 34.94
N ASP K 59 -76.53 15.31 34.63
CA ASP K 59 -77.26 14.71 33.51
C ASP K 59 -78.43 13.85 33.97
N SER K 60 -78.74 13.93 35.26
CA SER K 60 -79.84 13.14 35.83
C SER K 60 -81.22 13.66 35.42
N PRO K 61 -82.18 12.74 35.19
CA PRO K 61 -83.52 13.16 34.80
C PRO K 61 -84.17 14.08 35.83
N THR K 62 -83.84 13.86 37.10
CA THR K 62 -84.42 14.69 38.14
C THR K 62 -83.52 15.82 38.58
N TYR K 63 -82.51 16.17 37.77
CA TYR K 63 -81.62 17.27 38.14
C TYR K 63 -82.44 18.54 38.34
N VAL K 64 -82.01 19.36 39.30
CA VAL K 64 -82.70 20.60 39.60
C VAL K 64 -81.71 21.75 39.68
N LEU K 65 -82.02 22.85 39.01
CA LEU K 65 -81.14 24.00 39.04
C LEU K 65 -80.97 24.41 40.50
N TYR K 66 -79.83 25.02 40.81
CA TYR K 66 -79.57 25.45 42.18
C TYR K 66 -80.55 26.53 42.57
N ARG K 67 -80.98 27.34 41.60
CA ARG K 67 -81.91 28.41 41.91
C ARG K 67 -83.29 27.87 42.34
N ASP K 68 -83.55 26.59 42.08
CA ASP K 68 -84.82 25.98 42.47
C ASP K 68 -84.65 25.00 43.63
N ARG K 69 -83.48 24.98 44.24
CA ARG K 69 -83.26 24.08 45.36
C ARG K 69 -83.53 24.82 46.66
N ALA K 70 -84.28 24.17 47.55
CA ALA K 70 -84.64 24.75 48.83
C ALA K 70 -83.43 25.02 49.73
N GLU K 71 -82.51 24.05 49.81
CA GLU K 71 -81.32 24.21 50.64
C GLU K 71 -80.47 25.41 50.22
N TRP K 72 -80.66 25.92 49.00
CA TRP K 72 -79.89 27.07 48.55
C TRP K 72 -80.70 28.36 48.52
N ALA K 73 -81.94 28.29 48.98
CA ALA K 73 -82.84 29.45 49.00
C ALA K 73 -82.26 30.68 49.71
N ASP K 74 -81.47 30.46 50.76
CA ASP K 74 -80.91 31.57 51.52
C ASP K 74 -79.77 32.31 50.81
N ILE K 75 -79.24 31.71 49.76
CA ILE K 75 -78.14 32.32 49.03
C ILE K 75 -78.55 33.10 47.79
N ASP K 76 -77.97 34.29 47.63
CA ASP K 76 -78.24 35.11 46.46
C ASP K 76 -77.13 34.85 45.45
N PRO K 77 -77.48 34.26 44.29
CA PRO K 77 -76.48 33.96 43.26
C PRO K 77 -75.77 35.22 42.79
N VAL K 78 -74.51 35.09 42.41
CA VAL K 78 -73.72 36.21 41.92
C VAL K 78 -73.37 35.97 40.45
N PRO K 79 -73.86 36.85 39.56
CA PRO K 79 -73.61 36.71 38.12
C PRO K 79 -72.26 37.28 37.73
N GLN K 80 -71.83 36.93 36.53
CA GLN K 80 -70.57 37.40 35.99
C GLN K 80 -70.91 38.53 35.02
N ASN K 81 -70.19 39.65 35.12
CA ASN K 81 -70.44 40.78 34.22
C ASN K 81 -69.16 41.27 33.56
N ASP K 82 -69.12 41.12 32.23
CA ASP K 82 -67.96 41.51 31.44
C ASP K 82 -68.01 42.98 31.04
N GLY K 83 -68.99 43.71 31.55
CA GLY K 83 -69.09 45.12 31.22
C GLY K 83 -69.78 45.38 29.89
N PRO K 84 -69.78 46.64 29.44
CA PRO K 84 -70.39 47.10 28.19
C PRO K 84 -70.03 46.32 26.92
N SER K 85 -68.74 46.20 26.63
CA SER K 85 -68.29 45.48 25.44
C SER K 85 -67.37 44.31 25.80
N PRO K 86 -67.95 43.12 26.01
CA PRO K 86 -67.18 41.93 26.37
C PRO K 86 -66.28 41.40 25.25
N VAL K 87 -65.10 40.93 25.63
CA VAL K 87 -64.11 40.39 24.71
C VAL K 87 -63.94 38.88 24.93
N VAL K 88 -63.83 38.13 23.84
CA VAL K 88 -63.68 36.67 23.90
C VAL K 88 -64.71 36.11 24.88
N GLN K 89 -65.95 36.55 24.72
CA GLN K 89 -67.01 36.11 25.59
C GLN K 89 -67.54 34.74 25.24
N ILE K 90 -67.66 33.89 26.25
CA ILE K 90 -68.16 32.55 26.06
C ILE K 90 -69.61 32.47 26.50
N ILE K 91 -70.48 31.94 25.65
CA ILE K 91 -71.89 31.83 26.01
C ILE K 91 -72.10 30.55 26.82
N TYR K 92 -72.87 30.65 27.89
CA TYR K 92 -73.11 29.51 28.74
C TYR K 92 -74.56 29.07 28.76
N SER K 93 -74.76 27.76 28.90
CA SER K 93 -76.10 27.19 28.96
C SER K 93 -76.67 27.53 30.33
N GLU K 94 -77.98 27.40 30.47
CA GLU K 94 -78.66 27.68 31.72
C GLU K 94 -78.04 26.90 32.88
N LYS K 95 -77.84 25.61 32.65
CA LYS K 95 -77.29 24.72 33.65
C LYS K 95 -75.89 25.15 34.10
N PHE K 96 -75.05 25.51 33.14
CA PHE K 96 -73.68 25.94 33.39
C PHE K 96 -73.66 27.25 34.19
N ARG K 97 -74.37 28.25 33.69
CA ARG K 97 -74.41 29.55 34.35
C ARG K 97 -75.00 29.43 35.75
N ASP K 98 -75.94 28.52 35.93
CA ASP K 98 -76.57 28.32 37.24
C ASP K 98 -75.55 27.80 38.26
N VAL K 99 -74.80 26.76 37.90
CA VAL K 99 -73.80 26.21 38.80
C VAL K 99 -72.78 27.28 39.19
N TYR K 100 -72.26 28.00 38.21
CA TYR K 100 -71.27 29.01 38.52
C TYR K 100 -71.79 30.26 39.21
N ASP K 101 -73.07 30.58 39.04
CA ASP K 101 -73.63 31.76 39.70
C ASP K 101 -73.67 31.49 41.20
N TYR K 102 -73.89 30.23 41.56
CA TYR K 102 -73.91 29.86 42.98
C TYR K 102 -72.48 29.65 43.48
N PHE K 103 -71.60 29.18 42.60
CA PHE K 103 -70.21 29.00 42.98
C PHE K 103 -69.65 30.36 43.39
N ARG K 104 -69.91 31.39 42.59
CA ARG K 104 -69.44 32.72 42.92
C ARG K 104 -69.97 33.20 44.26
N ALA K 105 -71.24 32.88 44.53
CA ALA K 105 -71.88 33.28 45.79
C ALA K 105 -71.13 32.66 46.97
N VAL K 106 -70.94 31.34 46.92
CA VAL K 106 -70.24 30.62 47.96
C VAL K 106 -68.79 31.10 48.12
N LEU K 107 -68.11 31.38 47.01
CA LEU K 107 -66.72 31.86 47.07
C LEU K 107 -66.64 33.23 47.73
N GLN K 108 -67.46 34.15 47.23
CA GLN K 108 -67.50 35.51 47.74
C GLN K 108 -67.68 35.56 49.25
N ARG K 109 -68.43 34.62 49.79
CA ARG K 109 -68.68 34.58 51.22
C ARG K 109 -67.75 33.62 51.94
N ASP K 110 -66.86 32.99 51.19
CA ASP K 110 -65.91 32.04 51.77
C ASP K 110 -66.63 31.06 52.70
N GLU K 111 -67.76 30.55 52.23
CA GLU K 111 -68.57 29.61 53.01
C GLU K 111 -67.95 28.22 53.02
N ARG K 112 -67.44 27.80 54.18
CA ARG K 112 -66.83 26.49 54.31
C ARG K 112 -67.90 25.44 54.68
N SER K 113 -68.86 25.22 53.79
CA SER K 113 -69.92 24.26 54.08
C SER K 113 -69.85 22.99 53.27
N GLU K 114 -70.66 22.01 53.66
CA GLU K 114 -70.70 20.73 52.96
C GLU K 114 -71.41 20.91 51.62
N ARG K 115 -72.39 21.80 51.56
CA ARG K 115 -73.11 22.02 50.31
C ARG K 115 -72.18 22.66 49.29
N ALA K 116 -71.28 23.51 49.77
CA ALA K 116 -70.30 24.18 48.91
C ALA K 116 -69.35 23.12 48.37
N PHE K 117 -68.94 22.19 49.23
CA PHE K 117 -68.03 21.14 48.80
C PHE K 117 -68.67 20.37 47.64
N LYS K 118 -69.94 20.02 47.78
CA LYS K 118 -70.63 19.28 46.73
C LYS K 118 -70.77 20.13 45.47
N LEU K 119 -70.93 21.43 45.65
CA LEU K 119 -71.06 22.33 44.51
C LEU K 119 -69.77 22.34 43.67
N THR K 120 -68.60 22.23 44.31
CA THR K 120 -67.34 22.24 43.57
C THR K 120 -67.25 21.04 42.65
N ARG K 121 -67.87 19.93 43.04
CA ARG K 121 -67.83 18.73 42.21
C ARG K 121 -68.49 19.03 40.86
N ASP K 122 -69.59 19.78 40.91
CA ASP K 122 -70.32 20.16 39.70
C ASP K 122 -69.53 21.18 38.88
N ALA K 123 -68.95 22.16 39.58
CA ALA K 123 -68.17 23.18 38.91
C ALA K 123 -66.99 22.54 38.18
N ILE K 124 -66.39 21.54 38.81
CA ILE K 124 -65.26 20.86 38.22
C ILE K 124 -65.68 20.05 37.00
N GLU K 125 -66.85 19.42 37.08
CA GLU K 125 -67.34 18.64 35.96
C GLU K 125 -67.59 19.55 34.74
N LEU K 126 -68.04 20.77 35.00
CA LEU K 126 -68.28 21.73 33.94
C LEU K 126 -67.00 22.33 33.38
N ASN K 127 -66.00 22.54 34.24
CA ASN K 127 -64.72 23.12 33.82
C ASN K 127 -63.59 22.76 34.78
N ALA K 128 -62.88 21.68 34.50
CA ALA K 128 -61.78 21.24 35.35
C ALA K 128 -60.53 22.09 35.23
N ALA K 129 -60.55 23.11 34.37
CA ALA K 129 -59.39 23.96 34.20
C ALA K 129 -59.44 25.21 35.06
N ASN K 130 -60.50 25.35 35.84
CA ASN K 130 -60.66 26.51 36.70
C ASN K 130 -59.85 26.31 38.00
N TYR K 131 -58.63 26.84 38.04
CA TYR K 131 -57.77 26.69 39.21
C TYR K 131 -58.36 27.20 40.52
N THR K 132 -59.18 28.25 40.46
CA THR K 132 -59.78 28.79 41.67
C THR K 132 -60.71 27.74 42.31
N VAL K 133 -61.44 27.02 41.47
CA VAL K 133 -62.33 26.00 41.98
C VAL K 133 -61.56 24.94 42.74
N TRP K 134 -60.44 24.50 42.17
CA TRP K 134 -59.62 23.48 42.82
C TRP K 134 -59.04 23.98 44.14
N HIS K 135 -58.65 25.24 44.15
CA HIS K 135 -58.09 25.79 45.38
C HIS K 135 -59.16 25.79 46.46
N PHE K 136 -60.34 26.30 46.13
CA PHE K 136 -61.43 26.34 47.08
C PHE K 136 -61.78 24.95 47.56
N ARG K 137 -61.79 23.98 46.64
CA ARG K 137 -62.08 22.62 47.03
C ARG K 137 -61.05 22.15 48.06
N ARG K 138 -59.78 22.54 47.89
CA ARG K 138 -58.74 22.14 48.83
C ARG K 138 -58.98 22.80 50.19
N VAL K 139 -59.38 24.08 50.16
CA VAL K 139 -59.68 24.79 51.39
C VAL K 139 -60.76 24.01 52.14
N LEU K 140 -61.80 23.61 51.41
CA LEU K 140 -62.91 22.86 51.99
C LEU K 140 -62.47 21.50 52.49
N LEU K 141 -61.62 20.81 51.74
CA LEU K 141 -61.16 19.49 52.16
C LEU K 141 -60.52 19.60 53.56
N ARG K 142 -59.83 20.71 53.82
CA ARG K 142 -59.20 20.90 55.10
C ARG K 142 -60.24 21.31 56.15
N SER K 143 -60.96 22.40 55.88
CA SER K 143 -62.00 22.87 56.80
C SER K 143 -62.96 21.78 57.28
N LEU K 144 -63.49 21.00 56.35
CA LEU K 144 -64.43 19.95 56.69
C LEU K 144 -63.73 18.65 57.05
N GLN K 145 -62.41 18.66 57.06
CA GLN K 145 -61.65 17.46 57.39
C GLN K 145 -62.20 16.24 56.66
N LYS K 146 -62.31 16.32 55.34
CA LYS K 146 -62.83 15.24 54.52
C LYS K 146 -61.84 14.09 54.40
N ASP K 147 -62.34 12.90 54.11
CA ASP K 147 -61.48 11.74 53.94
C ASP K 147 -60.62 11.93 52.68
N LEU K 148 -59.32 12.10 52.89
CA LEU K 148 -58.41 12.32 51.78
C LEU K 148 -58.19 11.10 50.93
N GLN K 149 -58.43 9.93 51.48
CA GLN K 149 -58.24 8.71 50.72
C GLN K 149 -59.32 8.64 49.65
N GLU K 150 -60.47 9.23 49.96
CA GLU K 150 -61.58 9.25 49.04
C GLU K 150 -61.30 10.26 47.93
N GLU K 151 -60.68 11.38 48.29
CA GLU K 151 -60.34 12.41 47.33
C GLU K 151 -59.29 11.84 46.35
N MET K 152 -58.46 10.92 46.83
CA MET K 152 -57.46 10.32 45.96
C MET K 152 -58.16 9.51 44.87
N ASN K 153 -59.24 8.83 45.21
CA ASN K 153 -59.96 8.05 44.21
C ASN K 153 -60.56 9.01 43.19
N TYR K 154 -61.12 10.11 43.69
CA TYR K 154 -61.74 11.12 42.86
C TYR K 154 -60.75 11.68 41.83
N ILE K 155 -59.64 12.23 42.32
CA ILE K 155 -58.63 12.82 41.44
C ILE K 155 -58.01 11.78 40.50
N ILE K 156 -57.95 10.52 40.94
CA ILE K 156 -57.38 9.47 40.11
C ILE K 156 -58.24 9.29 38.85
N ALA K 157 -59.56 9.36 39.00
CA ALA K 157 -60.46 9.20 37.87
C ALA K 157 -60.43 10.44 36.98
N ILE K 158 -60.42 11.61 37.58
CA ILE K 158 -60.36 12.86 36.84
C ILE K 158 -59.12 12.92 35.94
N ILE K 159 -57.96 12.57 36.48
CA ILE K 159 -56.73 12.63 35.73
C ILE K 159 -56.74 11.69 34.55
N GLU K 160 -57.30 10.49 34.72
CA GLU K 160 -57.36 9.53 33.63
C GLU K 160 -58.16 10.10 32.46
N GLU K 161 -59.16 10.92 32.75
CA GLU K 161 -59.98 11.52 31.71
C GLU K 161 -59.33 12.77 31.12
N GLN K 162 -58.50 13.46 31.91
CA GLN K 162 -57.84 14.68 31.46
C GLN K 162 -56.38 14.67 31.88
N PRO K 163 -55.59 13.75 31.32
CA PRO K 163 -54.17 13.60 31.63
C PRO K 163 -53.23 14.75 31.30
N LYS K 164 -53.71 15.73 30.54
CA LYS K 164 -52.86 16.87 30.17
C LYS K 164 -53.26 18.16 30.88
N ASN K 165 -54.14 18.06 31.87
CA ASN K 165 -54.62 19.23 32.61
C ASN K 165 -53.67 19.52 33.79
N TYR K 166 -53.10 20.73 33.82
CA TYR K 166 -52.17 21.11 34.88
C TYR K 166 -52.78 21.11 36.28
N GLN K 167 -54.01 21.62 36.40
CA GLN K 167 -54.69 21.69 37.68
C GLN K 167 -54.90 20.34 38.39
N VAL K 168 -55.27 19.32 37.64
CA VAL K 168 -55.50 18.03 38.27
C VAL K 168 -54.23 17.39 38.77
N TRP K 169 -53.11 17.58 38.06
CA TRP K 169 -51.85 16.99 38.53
C TRP K 169 -51.36 17.73 39.77
N HIS K 170 -51.60 19.04 39.81
CA HIS K 170 -51.19 19.83 40.96
C HIS K 170 -52.01 19.41 42.17
N HIS K 171 -53.30 19.17 41.97
CA HIS K 171 -54.19 18.75 43.04
C HIS K 171 -53.71 17.43 43.63
N ARG K 172 -53.39 16.46 42.77
CA ARG K 172 -52.92 15.18 43.25
C ARG K 172 -51.63 15.33 44.03
N ARG K 173 -50.74 16.19 43.57
CA ARG K 173 -49.48 16.38 44.28
C ARG K 173 -49.70 16.93 45.68
N VAL K 174 -50.60 17.90 45.81
CA VAL K 174 -50.90 18.46 47.12
C VAL K 174 -51.45 17.37 48.05
N LEU K 175 -52.32 16.52 47.52
CA LEU K 175 -52.89 15.45 48.32
C LEU K 175 -51.84 14.49 48.81
N VAL K 176 -50.93 14.08 47.94
CA VAL K 176 -49.88 13.16 48.32
C VAL K 176 -48.98 13.79 49.38
N GLU K 177 -48.74 15.09 49.27
CA GLU K 177 -47.95 15.80 50.27
C GLU K 177 -48.67 15.77 51.63
N TRP K 178 -49.98 16.02 51.62
CA TRP K 178 -50.78 16.00 52.83
C TRP K 178 -50.77 14.63 53.50
N LEU K 179 -50.99 13.59 52.70
CA LEU K 179 -51.02 12.24 53.22
C LEU K 179 -49.66 11.64 53.51
N LYS K 180 -48.61 12.25 52.97
CA LYS K 180 -47.25 11.72 53.12
C LYS K 180 -47.29 10.23 52.75
N ASP K 181 -48.19 9.88 51.84
CA ASP K 181 -48.35 8.49 51.39
C ASP K 181 -48.16 8.36 49.87
N PRO K 182 -47.03 7.79 49.45
CA PRO K 182 -46.78 7.64 48.01
C PRO K 182 -47.05 6.23 47.48
N SER K 183 -47.60 5.38 48.33
CA SER K 183 -47.84 3.98 47.99
C SER K 183 -48.62 3.69 46.70
N GLN K 184 -49.49 4.61 46.29
CA GLN K 184 -50.29 4.41 45.07
C GLN K 184 -49.64 5.01 43.82
N GLU K 185 -48.80 6.01 44.02
CA GLU K 185 -48.18 6.75 42.93
C GLU K 185 -47.49 6.03 41.77
N LEU K 186 -46.47 5.24 42.03
CA LEU K 186 -45.78 4.59 40.92
C LEU K 186 -46.68 3.76 40.00
N GLU K 187 -47.65 3.08 40.59
CA GLU K 187 -48.55 2.26 39.80
C GLU K 187 -49.54 3.12 39.01
N PHE K 188 -50.05 4.17 39.65
CA PHE K 188 -50.99 5.05 38.98
C PHE K 188 -50.32 5.69 37.77
N ILE K 189 -49.11 6.18 37.97
CA ILE K 189 -48.38 6.84 36.89
C ILE K 189 -48.07 5.85 35.77
N ALA K 190 -47.73 4.61 36.14
CA ALA K 190 -47.44 3.61 35.13
C ALA K 190 -48.67 3.39 34.25
N ASP K 191 -49.86 3.52 34.84
CA ASP K 191 -51.09 3.33 34.06
C ASP K 191 -51.28 4.47 33.08
N ILE K 192 -51.06 5.70 33.54
CA ILE K 192 -51.20 6.86 32.67
C ILE K 192 -50.16 6.75 31.54
N LEU K 193 -48.92 6.38 31.89
CA LEU K 193 -47.86 6.25 30.92
C LEU K 193 -48.16 5.12 29.94
N ASN K 194 -49.11 4.28 30.31
CA ASN K 194 -49.48 3.18 29.45
C ASN K 194 -50.37 3.68 28.32
N GLN K 195 -51.09 4.78 28.56
CA GLN K 195 -51.95 5.34 27.53
C GLN K 195 -51.17 6.40 26.72
N ASP K 196 -50.11 6.94 27.31
CA ASP K 196 -49.27 7.95 26.66
C ASP K 196 -47.90 7.94 27.35
N ALA K 197 -46.97 7.18 26.78
CA ALA K 197 -45.64 7.03 27.35
C ALA K 197 -44.78 8.29 27.36
N LYS K 198 -45.30 9.38 26.81
CA LYS K 198 -44.51 10.61 26.78
C LYS K 198 -45.18 11.78 27.47
N ASN K 199 -46.24 11.49 28.24
CA ASN K 199 -46.97 12.54 28.94
C ASN K 199 -46.01 13.26 29.88
N TYR K 200 -45.69 14.51 29.57
CA TYR K 200 -44.76 15.28 30.38
C TYR K 200 -45.21 15.43 31.84
N HIS K 201 -46.52 15.58 32.06
CA HIS K 201 -47.06 15.75 33.41
C HIS K 201 -46.81 14.51 34.25
N ALA K 202 -47.00 13.34 33.64
CA ALA K 202 -46.81 12.08 34.34
C ALA K 202 -45.36 11.88 34.74
N TRP K 203 -44.43 12.15 33.82
CA TRP K 203 -43.04 11.97 34.13
C TRP K 203 -42.60 12.94 35.21
N GLN K 204 -43.13 14.16 35.18
CA GLN K 204 -42.78 15.16 36.16
C GLN K 204 -43.23 14.70 37.54
N HIS K 205 -44.47 14.23 37.62
CA HIS K 205 -45.02 13.76 38.86
C HIS K 205 -44.22 12.55 39.36
N ARG K 206 -43.85 11.68 38.44
CA ARG K 206 -43.11 10.48 38.79
C ARG K 206 -41.76 10.83 39.41
N GLN K 207 -41.08 11.82 38.82
CA GLN K 207 -39.78 12.23 39.35
C GLN K 207 -39.94 12.88 40.70
N TRP K 208 -41.03 13.63 40.89
CA TRP K 208 -41.27 14.29 42.16
C TRP K 208 -41.47 13.24 43.27
N VAL K 209 -42.33 12.27 43.01
CA VAL K 209 -42.61 11.23 43.99
C VAL K 209 -41.35 10.47 44.36
N ILE K 210 -40.63 9.99 43.35
CA ILE K 210 -39.42 9.24 43.58
C ILE K 210 -38.40 10.01 44.41
N GLN K 211 -38.20 11.27 44.10
CA GLN K 211 -37.25 12.09 44.82
C GLN K 211 -37.72 12.41 46.25
N GLU K 212 -38.98 12.83 46.37
CA GLU K 212 -39.56 13.21 47.65
C GLU K 212 -39.65 12.07 48.67
N PHE K 213 -39.92 10.86 48.21
CA PHE K 213 -40.05 9.74 49.13
C PHE K 213 -38.94 8.70 48.96
N ARG K 214 -37.89 9.08 48.25
CA ARG K 214 -36.75 8.20 48.01
C ARG K 214 -37.17 6.80 47.53
N LEU K 215 -37.86 6.72 46.41
CA LEU K 215 -38.29 5.44 45.85
C LEU K 215 -37.49 5.08 44.60
N TRP K 216 -36.18 5.05 44.72
CA TRP K 216 -35.31 4.74 43.60
C TRP K 216 -35.14 3.26 43.28
N ASP K 217 -35.30 2.43 44.30
CA ASP K 217 -35.13 0.98 44.19
C ASP K 217 -35.50 0.26 42.89
N ASN K 218 -36.66 0.55 42.33
CA ASN K 218 -37.08 -0.16 41.12
C ASN K 218 -37.19 0.64 39.84
N GLU K 219 -36.86 1.92 39.87
CA GLU K 219 -37.02 2.73 38.68
C GLU K 219 -36.13 2.31 37.51
N LEU K 220 -34.88 1.96 37.76
CA LEU K 220 -34.00 1.55 36.67
C LEU K 220 -34.55 0.33 35.93
N GLN K 221 -35.25 -0.52 36.67
CA GLN K 221 -35.84 -1.71 36.08
C GLN K 221 -37.05 -1.31 35.24
N TYR K 222 -37.79 -0.30 35.72
CA TYR K 222 -38.96 0.19 35.02
C TYR K 222 -38.48 0.81 33.70
N VAL K 223 -37.39 1.54 33.78
CA VAL K 223 -36.80 2.20 32.64
C VAL K 223 -36.38 1.16 31.60
N ASP K 224 -35.74 0.08 32.05
CA ASP K 224 -35.31 -0.98 31.13
C ASP K 224 -36.52 -1.60 30.43
N GLN K 225 -37.61 -1.76 31.18
CA GLN K 225 -38.83 -2.34 30.62
C GLN K 225 -39.39 -1.46 29.52
N LEU K 226 -39.46 -0.15 29.76
CA LEU K 226 -40.01 0.77 28.77
C LEU K 226 -39.11 0.97 27.56
N LEU K 227 -37.81 0.86 27.73
CA LEU K 227 -36.91 1.02 26.59
C LEU K 227 -37.04 -0.18 25.66
N LYS K 228 -37.52 -1.30 26.19
CA LYS K 228 -37.72 -2.48 25.36
C LYS K 228 -38.99 -2.27 24.54
N GLU K 229 -40.00 -1.66 25.16
CA GLU K 229 -41.26 -1.37 24.48
C GLU K 229 -41.10 -0.36 23.34
N ASP K 230 -40.22 0.62 23.54
CA ASP K 230 -39.95 1.66 22.55
C ASP K 230 -38.63 2.35 22.85
N VAL K 231 -37.58 1.86 22.23
CA VAL K 231 -36.25 2.40 22.45
C VAL K 231 -36.10 3.86 22.00
N ARG K 232 -37.10 4.37 21.30
CA ARG K 232 -37.05 5.74 20.82
C ARG K 232 -37.73 6.75 21.75
N ASN K 233 -38.31 6.28 22.86
CA ASN K 233 -38.97 7.19 23.78
C ASN K 233 -37.94 8.07 24.51
N ASN K 234 -37.82 9.32 24.09
CA ASN K 234 -36.87 10.24 24.68
C ASN K 234 -37.10 10.45 26.19
N SER K 235 -38.35 10.34 26.61
CA SER K 235 -38.73 10.53 28.01
C SER K 235 -38.10 9.47 28.91
N VAL K 236 -38.04 8.24 28.40
CA VAL K 236 -37.49 7.13 29.16
C VAL K 236 -35.97 7.22 29.28
N TRP K 237 -35.30 7.67 28.21
CA TRP K 237 -33.86 7.83 28.28
C TRP K 237 -33.57 8.92 29.31
N ASN K 238 -34.43 9.94 29.36
CA ASN K 238 -34.20 11.00 30.33
C ASN K 238 -34.34 10.42 31.74
N GLN K 239 -35.33 9.55 31.94
CA GLN K 239 -35.58 8.95 33.24
C GLN K 239 -34.37 8.12 33.66
N ARG K 240 -33.79 7.40 32.72
CA ARG K 240 -32.64 6.58 33.00
C ARG K 240 -31.51 7.43 33.58
N HIS K 241 -31.25 8.59 32.98
CA HIS K 241 -30.19 9.44 33.48
C HIS K 241 -30.58 10.03 34.83
N PHE K 242 -31.87 10.24 35.03
CA PHE K 242 -32.40 10.79 36.26
C PHE K 242 -32.12 9.82 37.42
N VAL K 243 -32.44 8.55 37.21
CA VAL K 243 -32.23 7.52 38.22
C VAL K 243 -30.76 7.34 38.56
N ILE K 244 -29.95 7.11 37.53
CA ILE K 244 -28.54 6.88 37.74
C ILE K 244 -27.79 8.05 38.36
N SER K 245 -27.98 9.24 37.84
CA SER K 245 -27.23 10.35 38.42
C SER K 245 -27.68 10.70 39.83
N ASN K 246 -28.83 10.18 40.26
CA ASN K 246 -29.32 10.45 41.61
C ASN K 246 -29.10 9.29 42.56
N THR K 247 -28.53 8.20 42.07
CA THR K 247 -28.24 7.08 42.93
C THR K 247 -26.71 6.88 42.94
N THR K 248 -26.22 6.03 42.05
CA THR K 248 -24.78 5.78 41.98
C THR K 248 -23.97 6.92 41.37
N GLY K 249 -24.53 7.60 40.39
CA GLY K 249 -23.78 8.67 39.74
C GLY K 249 -23.00 7.98 38.62
N TYR K 250 -22.24 8.73 37.83
CA TYR K 250 -21.48 8.13 36.73
C TYR K 250 -19.96 8.13 36.98
N SER K 251 -19.53 8.66 38.13
CA SER K 251 -18.10 8.71 38.44
C SER K 251 -17.52 7.32 38.68
N ASP K 252 -18.37 6.34 38.93
CA ASP K 252 -17.89 4.97 39.14
C ASP K 252 -17.66 4.36 37.75
N ARG K 253 -16.39 4.19 37.40
CA ARG K 253 -16.04 3.63 36.11
C ARG K 253 -16.78 2.37 35.71
N ALA K 254 -17.19 1.57 36.68
CA ALA K 254 -17.90 0.35 36.36
C ALA K 254 -19.30 0.71 35.87
N VAL K 255 -19.88 1.76 36.46
CA VAL K 255 -21.21 2.20 36.06
C VAL K 255 -21.15 2.84 34.67
N LEU K 256 -20.18 3.74 34.51
CA LEU K 256 -20.01 4.42 33.24
C LEU K 256 -19.86 3.41 32.10
N GLU K 257 -19.04 2.40 32.34
CA GLU K 257 -18.83 1.38 31.34
C GLU K 257 -20.08 0.58 31.06
N ARG K 258 -20.82 0.25 32.10
CA ARG K 258 -22.05 -0.51 31.92
C ARG K 258 -23.02 0.29 31.05
N GLU K 259 -23.11 1.58 31.34
CA GLU K 259 -24.02 2.47 30.62
C GLU K 259 -23.61 2.70 29.18
N VAL K 260 -22.34 2.98 28.95
CA VAL K 260 -21.86 3.19 27.60
C VAL K 260 -22.11 1.93 26.77
N GLN K 261 -21.86 0.78 27.38
CA GLN K 261 -22.05 -0.47 26.69
C GLN K 261 -23.51 -0.71 26.39
N TYR K 262 -24.36 -0.41 27.36
CA TYR K 262 -25.80 -0.60 27.21
C TYR K 262 -26.34 0.23 26.05
N THR K 263 -25.89 1.48 25.97
CA THR K 263 -26.32 2.40 24.94
C THR K 263 -25.87 1.93 23.56
N LEU K 264 -24.59 1.56 23.44
CA LEU K 264 -24.08 1.08 22.16
C LEU K 264 -24.91 -0.13 21.68
N GLU K 265 -25.36 -0.97 22.61
CA GLU K 265 -26.19 -2.11 22.23
C GLU K 265 -27.52 -1.62 21.69
N MET K 266 -28.08 -0.59 22.31
CA MET K 266 -29.36 -0.04 21.88
C MET K 266 -29.19 0.65 20.52
N ILE K 267 -28.05 1.30 20.34
CA ILE K 267 -27.77 1.98 19.10
C ILE K 267 -27.64 0.95 17.97
N LYS K 268 -26.99 -0.18 18.24
CA LYS K 268 -26.86 -1.22 17.23
C LYS K 268 -28.23 -1.76 16.82
N LEU K 269 -29.18 -1.81 17.75
CA LEU K 269 -30.52 -2.30 17.43
C LEU K 269 -31.30 -1.33 16.56
N VAL K 270 -31.15 -0.04 16.83
CA VAL K 270 -31.84 0.99 16.06
C VAL K 270 -30.86 2.16 15.97
N PRO K 271 -29.96 2.12 14.98
CA PRO K 271 -28.95 3.16 14.76
C PRO K 271 -29.45 4.59 14.56
N HIS K 272 -30.63 4.75 13.99
CA HIS K 272 -31.17 6.09 13.78
C HIS K 272 -32.08 6.46 14.96
N ASN K 273 -31.48 6.81 16.08
CA ASN K 273 -32.22 7.16 17.27
C ASN K 273 -31.49 8.26 18.05
N GLU K 274 -31.92 9.49 17.84
CA GLU K 274 -31.28 10.62 18.51
C GLU K 274 -31.17 10.48 20.04
N SER K 275 -32.22 9.94 20.67
CA SER K 275 -32.25 9.79 22.11
C SER K 275 -31.08 8.96 22.66
N ALA K 276 -30.82 7.81 22.05
CA ALA K 276 -29.73 6.96 22.46
C ALA K 276 -28.40 7.71 22.30
N TRP K 277 -28.20 8.33 21.13
CA TRP K 277 -26.96 9.05 20.90
C TRP K 277 -26.80 10.22 21.85
N ASN K 278 -27.89 10.90 22.18
CA ASN K 278 -27.81 12.04 23.09
C ASN K 278 -27.41 11.61 24.49
N TYR K 279 -27.85 10.42 24.90
CA TYR K 279 -27.53 9.87 26.21
C TYR K 279 -26.04 9.52 26.22
N LEU K 280 -25.58 8.83 25.19
CA LEU K 280 -24.18 8.46 25.11
C LEU K 280 -23.28 9.69 25.20
N LYS K 281 -23.58 10.71 24.40
CA LYS K 281 -22.76 11.90 24.43
C LYS K 281 -22.94 12.63 25.75
N GLY K 282 -24.16 12.59 26.27
CA GLY K 282 -24.47 13.27 27.51
C GLY K 282 -23.66 12.80 28.71
N ILE K 283 -23.48 11.49 28.85
CA ILE K 283 -22.72 10.97 29.99
C ILE K 283 -21.22 10.99 29.80
N LEU K 284 -20.75 11.39 28.62
CA LEU K 284 -19.30 11.44 28.38
C LEU K 284 -18.76 12.83 28.08
N GLN K 285 -19.59 13.72 27.55
CA GLN K 285 -19.14 15.05 27.16
C GLN K 285 -18.40 15.85 28.22
N ASP K 286 -18.81 15.76 29.48
CA ASP K 286 -18.12 16.55 30.48
C ASP K 286 -16.84 15.91 30.99
N ARG K 287 -16.70 14.60 30.78
CA ARG K 287 -15.47 13.93 31.19
C ARG K 287 -14.44 14.20 30.10
N GLY K 288 -14.92 14.45 28.87
CA GLY K 288 -14.03 14.72 27.75
C GLY K 288 -14.06 13.57 26.74
N LEU K 289 -14.78 13.77 25.63
CA LEU K 289 -14.89 12.72 24.62
C LEU K 289 -13.57 12.20 24.09
N SER K 290 -12.56 13.07 24.03
CA SER K 290 -11.26 12.64 23.52
C SER K 290 -10.49 11.74 24.48
N ARG K 291 -10.98 11.58 25.69
CA ARG K 291 -10.31 10.72 26.66
C ARG K 291 -10.67 9.24 26.53
N TYR K 292 -11.48 8.90 25.53
CA TYR K 292 -11.89 7.50 25.34
C TYR K 292 -11.51 6.98 23.96
N PRO K 293 -10.23 6.68 23.76
CA PRO K 293 -9.69 6.16 22.50
C PRO K 293 -10.39 4.96 21.87
N ASN K 294 -10.88 4.05 22.69
CA ASN K 294 -11.55 2.88 22.14
C ASN K 294 -12.93 3.24 21.59
N LEU K 295 -13.52 4.30 22.13
CA LEU K 295 -14.84 4.73 21.68
C LEU K 295 -14.73 5.26 20.25
N LEU K 296 -13.69 6.04 20.01
CA LEU K 296 -13.47 6.59 18.68
C LEU K 296 -13.37 5.47 17.64
N ASN K 297 -12.52 4.48 17.91
CA ASN K 297 -12.36 3.39 16.96
C ASN K 297 -13.59 2.50 16.87
N GLN K 298 -14.27 2.31 17.99
CA GLN K 298 -15.48 1.49 17.99
C GLN K 298 -16.54 2.16 17.09
N LEU K 299 -16.61 3.49 17.13
CA LEU K 299 -17.57 4.24 16.32
C LEU K 299 -17.17 4.23 14.86
N LEU K 300 -15.87 4.43 14.59
CA LEU K 300 -15.41 4.41 13.21
C LEU K 300 -15.72 3.06 12.56
N ASP K 301 -15.85 2.03 13.40
CA ASP K 301 -16.15 0.68 12.90
C ASP K 301 -17.64 0.46 12.63
N LEU K 302 -18.50 1.31 13.18
CA LEU K 302 -19.94 1.20 12.95
C LEU K 302 -20.33 1.98 11.71
N GLN K 303 -19.50 2.97 11.36
CA GLN K 303 -19.76 3.83 10.22
C GLN K 303 -20.10 3.08 8.91
N PRO K 304 -19.40 1.97 8.64
CA PRO K 304 -19.70 1.23 7.42
C PRO K 304 -21.18 0.83 7.30
N SER K 305 -21.70 0.12 8.29
CA SER K 305 -23.10 -0.31 8.26
C SER K 305 -24.05 0.57 9.06
N HIS K 306 -23.90 0.56 10.39
CA HIS K 306 -24.77 1.34 11.30
C HIS K 306 -24.57 2.85 11.26
N SER K 307 -24.28 3.42 10.09
CA SER K 307 -24.07 4.86 10.00
C SER K 307 -25.36 5.65 10.17
N SER K 308 -25.21 6.93 10.47
CA SER K 308 -26.33 7.85 10.66
C SER K 308 -25.74 9.21 10.91
N PRO K 309 -26.53 10.27 10.75
CA PRO K 309 -26.01 11.62 10.98
C PRO K 309 -25.61 11.82 12.45
N TYR K 310 -26.25 11.09 13.35
CA TYR K 310 -25.93 11.19 14.77
C TYR K 310 -24.52 10.64 15.02
N LEU K 311 -24.17 9.54 14.34
CA LEU K 311 -22.84 8.97 14.51
C LEU K 311 -21.79 9.92 13.96
N ILE K 312 -22.03 10.48 12.78
CA ILE K 312 -21.05 11.39 12.16
C ILE K 312 -20.83 12.60 13.05
N ALA K 313 -21.92 13.15 13.59
CA ALA K 313 -21.84 14.33 14.47
C ALA K 313 -21.07 13.98 15.74
N PHE K 314 -21.22 12.75 16.21
CA PHE K 314 -20.51 12.34 17.42
C PHE K 314 -19.01 12.36 17.12
N LEU K 315 -18.63 11.87 15.94
CA LEU K 315 -17.21 11.86 15.54
C LEU K 315 -16.68 13.29 15.47
N VAL K 316 -17.45 14.20 14.89
CA VAL K 316 -17.03 15.59 14.81
C VAL K 316 -16.79 16.14 16.21
N ASP K 317 -17.66 15.79 17.14
CA ASP K 317 -17.52 16.26 18.51
C ASP K 317 -16.29 15.66 19.20
N ILE K 318 -15.97 14.41 18.88
CA ILE K 318 -14.79 13.79 19.45
C ILE K 318 -13.57 14.57 18.92
N TYR K 319 -13.50 14.76 17.59
CA TYR K 319 -12.39 15.49 17.00
C TYR K 319 -12.30 16.89 17.57
N GLU K 320 -13.44 17.56 17.73
CA GLU K 320 -13.37 18.90 18.28
C GLU K 320 -12.78 18.86 19.70
N ASP K 321 -13.18 17.88 20.50
CA ASP K 321 -12.64 17.81 21.85
C ASP K 321 -11.13 17.58 21.79
N MET K 322 -10.66 16.83 20.80
CA MET K 322 -9.23 16.58 20.66
C MET K 322 -8.51 17.90 20.38
N LEU K 323 -9.05 18.66 19.43
CA LEU K 323 -8.48 19.95 19.06
C LEU K 323 -8.46 20.88 20.26
N GLU K 324 -9.45 20.72 21.13
CA GLU K 324 -9.58 21.56 22.32
C GLU K 324 -8.46 21.26 23.31
N ASN K 325 -8.02 20.01 23.33
CA ASN K 325 -6.99 19.59 24.25
C ASN K 325 -5.60 19.42 23.63
N GLN K 326 -5.20 20.39 22.81
CA GLN K 326 -3.89 20.38 22.14
C GLN K 326 -3.40 18.96 21.81
N CYS K 327 -4.12 18.28 20.91
CA CYS K 327 -3.76 16.92 20.52
C CYS K 327 -2.59 16.90 19.56
N ASP K 328 -2.16 15.70 19.19
CA ASP K 328 -1.07 15.54 18.24
C ASP K 328 -1.67 15.49 16.83
N ASN K 329 -0.99 16.14 15.88
CA ASN K 329 -1.45 16.19 14.50
C ASN K 329 -2.68 17.09 14.40
N LYS K 330 -2.60 18.24 15.07
CA LYS K 330 -3.69 19.18 15.10
C LYS K 330 -4.33 19.42 13.74
N GLU K 331 -3.53 19.76 12.73
CA GLU K 331 -4.08 20.02 11.42
C GLU K 331 -4.69 18.80 10.76
N ASP K 332 -4.20 17.61 11.09
CA ASP K 332 -4.75 16.41 10.50
C ASP K 332 -6.12 16.06 11.11
N ILE K 333 -6.28 16.36 12.40
CA ILE K 333 -7.52 16.12 13.10
C ILE K 333 -8.57 17.10 12.58
N LEU K 334 -8.17 18.37 12.46
CA LEU K 334 -9.05 19.39 11.95
C LEU K 334 -9.61 18.99 10.59
N ASN K 335 -8.75 18.46 9.72
CA ASN K 335 -9.21 18.06 8.40
C ASN K 335 -10.18 16.91 8.46
N LYS K 336 -10.01 15.99 9.41
CA LYS K 336 -10.92 14.87 9.55
C LYS K 336 -12.31 15.41 9.94
N ALA K 337 -12.31 16.42 10.80
CA ALA K 337 -13.53 17.03 11.26
C ALA K 337 -14.23 17.75 10.11
N LEU K 338 -13.47 18.60 9.42
CA LEU K 338 -13.98 19.36 8.29
C LEU K 338 -14.57 18.45 7.23
N GLU K 339 -13.91 17.32 6.99
CA GLU K 339 -14.39 16.36 6.01
C GLU K 339 -15.78 15.86 6.42
N LEU K 340 -15.97 15.62 7.71
CA LEU K 340 -17.24 15.13 8.22
C LEU K 340 -18.33 16.18 8.14
N CYS K 341 -17.95 17.43 8.40
CA CYS K 341 -18.92 18.52 8.31
C CYS K 341 -19.46 18.59 6.90
N GLU K 342 -18.56 18.52 5.93
CA GLU K 342 -18.96 18.59 4.52
C GLU K 342 -19.82 17.38 4.15
N ILE K 343 -19.52 16.21 4.70
CA ILE K 343 -20.33 15.02 4.40
C ILE K 343 -21.74 15.22 4.98
N LEU K 344 -21.82 15.73 6.20
CA LEU K 344 -23.11 15.98 6.83
C LEU K 344 -23.92 16.97 5.99
N ALA K 345 -23.30 18.10 5.69
CA ALA K 345 -23.93 19.16 4.92
C ALA K 345 -24.35 18.77 3.51
N LYS K 346 -23.51 18.00 2.85
CA LYS K 346 -23.75 17.59 1.46
C LYS K 346 -24.59 16.33 1.27
N GLU K 347 -24.52 15.39 2.21
CA GLU K 347 -25.24 14.13 2.05
C GLU K 347 -26.02 13.53 3.21
N LYS K 348 -25.40 13.52 4.38
CA LYS K 348 -26.00 12.86 5.54
C LYS K 348 -27.02 13.57 6.42
N ASP K 349 -27.01 14.90 6.43
CA ASP K 349 -27.93 15.67 7.26
C ASP K 349 -28.19 16.98 6.51
N THR K 350 -28.62 16.87 5.26
CA THR K 350 -28.83 18.03 4.39
C THR K 350 -29.72 19.15 4.88
N ILE K 351 -30.72 18.82 5.70
CA ILE K 351 -31.62 19.86 6.19
C ILE K 351 -30.87 20.87 7.06
N ARG K 352 -29.75 20.44 7.61
CA ARG K 352 -28.93 21.32 8.46
C ARG K 352 -27.65 21.72 7.73
N LYS K 353 -27.70 21.61 6.41
CA LYS K 353 -26.60 21.93 5.50
C LYS K 353 -25.88 23.22 5.85
N GLU K 354 -26.61 24.32 5.96
CA GLU K 354 -25.96 25.58 6.29
C GLU K 354 -25.34 25.55 7.69
N TYR K 355 -26.00 24.87 8.63
CA TYR K 355 -25.49 24.79 10.00
C TYR K 355 -24.16 24.04 10.05
N TRP K 356 -24.08 22.90 9.38
CA TRP K 356 -22.85 22.13 9.38
C TRP K 356 -21.72 22.91 8.69
N ARG K 357 -22.05 23.64 7.63
CA ARG K 357 -21.07 24.44 6.91
C ARG K 357 -20.55 25.48 7.92
N TYR K 358 -21.47 26.04 8.69
CA TYR K 358 -21.13 27.04 9.71
C TYR K 358 -20.22 26.45 10.80
N ILE K 359 -20.48 25.22 11.21
CA ILE K 359 -19.67 24.56 12.22
C ILE K 359 -18.28 24.38 11.62
N GLY K 360 -18.25 23.96 10.35
CA GLY K 360 -16.99 23.77 9.66
C GLY K 360 -16.15 25.04 9.65
N ARG K 361 -16.75 26.15 9.28
CA ARG K 361 -16.02 27.41 9.24
C ARG K 361 -15.56 27.81 10.63
N SER K 362 -16.35 27.45 11.65
CA SER K 362 -16.01 27.78 13.04
C SER K 362 -14.77 27.03 13.51
N LEU K 363 -14.65 25.78 13.09
CA LEU K 363 -13.50 24.99 13.48
C LEU K 363 -12.24 25.52 12.81
N GLN K 364 -12.34 25.91 11.54
CA GLN K 364 -11.19 26.41 10.83
C GLN K 364 -10.63 27.65 11.49
N SER K 365 -11.47 28.65 11.67
CA SER K 365 -11.01 29.89 12.27
C SER K 365 -10.56 29.74 13.71
N LYS K 366 -10.83 28.60 14.31
CA LYS K 366 -10.44 28.39 15.70
C LYS K 366 -9.17 27.55 15.84
N HIS K 367 -8.87 26.72 14.84
CA HIS K 367 -7.69 25.87 14.89
C HIS K 367 -6.87 25.85 13.59
N SER K 368 -6.10 26.90 13.32
CA SER K 368 -5.27 26.93 12.11
C SER K 368 -4.02 27.80 12.23
N LEU L 18 -48.41 26.09 0.46
CA LEU L 18 -48.93 26.91 -0.67
C LEU L 18 -48.68 28.40 -0.44
N ASP L 19 -49.75 29.16 -0.27
CA ASP L 19 -49.70 30.59 -0.05
C ASP L 19 -50.28 30.99 1.31
N PHE L 20 -49.89 32.16 1.78
CA PHE L 20 -50.33 32.67 3.06
C PHE L 20 -51.67 33.39 2.93
N LEU L 21 -52.70 32.81 3.53
CA LEU L 21 -54.05 33.36 3.49
C LEU L 21 -54.27 34.50 4.48
N ARG L 22 -53.49 35.57 4.33
CA ARG L 22 -53.58 36.71 5.23
C ARG L 22 -54.98 37.21 5.58
N ASP L 23 -55.80 37.49 4.57
CA ASP L 23 -57.15 37.98 4.85
C ASP L 23 -57.95 37.02 5.73
N ARG L 24 -57.86 35.73 5.44
CA ARG L 24 -58.60 34.75 6.22
C ARG L 24 -58.14 34.68 7.68
N HIS L 25 -56.85 34.87 7.91
CA HIS L 25 -56.35 34.85 9.28
C HIS L 25 -56.83 36.08 10.02
N VAL L 26 -57.01 37.17 9.29
CA VAL L 26 -57.51 38.40 9.92
C VAL L 26 -58.91 38.12 10.42
N ARG L 27 -59.70 37.45 9.58
CA ARG L 27 -61.07 37.12 9.95
C ARG L 27 -61.09 36.14 11.13
N PHE L 28 -60.18 35.19 11.11
CA PHE L 28 -60.07 34.19 12.17
C PHE L 28 -59.80 34.87 13.52
N PHE L 29 -58.83 35.78 13.56
CA PHE L 29 -58.50 36.47 14.80
C PHE L 29 -59.65 37.35 15.25
N GLN L 30 -60.32 38.00 14.30
CA GLN L 30 -61.46 38.85 14.61
C GLN L 30 -62.54 38.02 15.29
N ARG L 31 -62.77 36.83 14.73
CA ARG L 31 -63.74 35.90 15.27
C ARG L 31 -63.37 35.45 16.70
N CYS L 32 -62.07 35.35 17.00
CA CYS L 32 -61.61 34.95 18.34
C CYS L 32 -61.96 35.98 19.39
N LEU L 33 -62.00 37.26 19.02
CA LEU L 33 -62.32 38.31 19.97
C LEU L 33 -63.80 38.44 20.22
N GLN L 34 -64.61 37.76 19.43
CA GLN L 34 -66.05 37.88 19.58
C GLN L 34 -66.71 36.93 20.56
N VAL L 35 -67.58 36.05 20.07
CA VAL L 35 -68.27 35.14 20.96
C VAL L 35 -67.95 33.71 20.60
N LEU L 36 -67.79 32.87 21.63
CA LEU L 36 -67.47 31.48 21.42
C LEU L 36 -68.53 30.55 21.99
N PRO L 37 -68.73 29.39 21.37
CA PRO L 37 -69.71 28.38 21.79
C PRO L 37 -69.29 27.82 23.16
N GLU L 38 -70.22 27.19 23.85
CA GLU L 38 -69.92 26.65 25.17
C GLU L 38 -68.86 25.56 25.16
N ARG L 39 -68.51 25.05 23.99
CA ARG L 39 -67.51 23.99 23.94
C ARG L 39 -66.12 24.52 24.26
N TYR L 40 -66.00 25.84 24.39
CA TYR L 40 -64.71 26.46 24.70
C TYR L 40 -64.70 26.99 26.13
N SER L 41 -65.60 26.47 26.95
CA SER L 41 -65.72 26.90 28.34
C SER L 41 -64.42 26.78 29.15
N SER L 42 -63.58 25.80 28.83
CA SER L 42 -62.34 25.63 29.58
C SER L 42 -61.37 26.79 29.36
N LEU L 43 -61.69 27.68 28.43
CA LEU L 43 -60.83 28.84 28.17
C LEU L 43 -61.20 30.02 29.06
N GLU L 44 -62.33 29.92 29.76
CA GLU L 44 -62.82 31.00 30.62
C GLU L 44 -61.75 31.71 31.47
N THR L 45 -61.03 30.97 32.31
CA THR L 45 -60.04 31.61 33.17
C THR L 45 -58.79 32.12 32.47
N SER L 46 -58.73 31.99 31.15
CA SER L 46 -57.59 32.51 30.41
C SER L 46 -58.02 33.18 29.11
N ARG L 47 -59.16 33.86 29.16
CA ARG L 47 -59.70 34.59 28.03
C ARG L 47 -58.73 35.71 27.62
N LEU L 48 -58.04 36.27 28.61
CA LEU L 48 -57.11 37.34 28.34
C LEU L 48 -55.96 36.89 27.43
N THR L 49 -55.51 35.64 27.56
CA THR L 49 -54.44 35.19 26.70
C THR L 49 -54.97 34.90 25.29
N ILE L 50 -56.25 34.57 25.19
CA ILE L 50 -56.85 34.35 23.87
C ILE L 50 -56.94 35.71 23.18
N ALA L 51 -57.26 36.74 23.97
CA ALA L 51 -57.34 38.10 23.44
C ALA L 51 -55.97 38.50 22.93
N PHE L 52 -54.94 38.14 23.69
CA PHE L 52 -53.55 38.43 23.33
C PHE L 52 -53.17 37.79 21.97
N PHE L 53 -53.49 36.52 21.79
CA PHE L 53 -53.16 35.84 20.54
C PHE L 53 -53.84 36.54 19.38
N ALA L 54 -55.08 36.96 19.60
CA ALA L 54 -55.86 37.62 18.55
C ALA L 54 -55.39 39.04 18.26
N LEU L 55 -55.19 39.83 19.31
CA LEU L 55 -54.73 41.22 19.13
C LEU L 55 -53.30 41.27 18.64
N SER L 56 -52.39 40.54 19.26
CA SER L 56 -51.01 40.55 18.83
C SER L 56 -50.99 39.94 17.42
N GLY L 57 -51.92 39.02 17.18
CA GLY L 57 -52.00 38.41 15.87
C GLY L 57 -52.41 39.44 14.82
N LEU L 58 -53.46 40.20 15.12
CA LEU L 58 -53.93 41.23 14.20
C LEU L 58 -52.85 42.28 14.01
N ASP L 59 -52.13 42.59 15.07
CA ASP L 59 -51.06 43.58 15.03
C ASP L 59 -49.96 43.09 14.09
N MET L 60 -49.61 41.82 14.23
CA MET L 60 -48.58 41.22 13.41
C MET L 60 -48.97 41.28 11.92
N LEU L 61 -50.29 41.31 11.66
CA LEU L 61 -50.78 41.37 10.28
C LEU L 61 -51.20 42.80 9.92
N ASP L 62 -50.86 43.73 10.82
CA ASP L 62 -51.17 45.13 10.63
C ASP L 62 -52.65 45.34 10.32
N SER L 63 -53.53 44.83 11.19
CA SER L 63 -54.97 44.93 11.01
C SER L 63 -55.71 45.21 12.30
N LEU L 64 -55.06 45.90 13.22
CA LEU L 64 -55.70 46.24 14.49
C LEU L 64 -56.89 47.16 14.26
N ASP L 65 -56.91 47.85 13.13
CA ASP L 65 -57.99 48.76 12.80
C ASP L 65 -59.37 48.11 12.80
N VAL L 66 -59.45 46.79 12.63
CA VAL L 66 -60.75 46.12 12.61
C VAL L 66 -61.36 45.91 13.98
N VAL L 67 -60.72 46.41 15.03
CA VAL L 67 -61.27 46.26 16.39
C VAL L 67 -61.37 47.60 17.08
N ASN L 68 -62.22 47.68 18.08
CA ASN L 68 -62.39 48.93 18.83
C ASN L 68 -61.35 48.96 19.95
N LYS L 69 -60.18 49.53 19.66
CA LYS L 69 -59.11 49.57 20.66
C LYS L 69 -59.53 50.11 22.02
N ASP L 70 -60.27 51.21 22.02
CA ASP L 70 -60.72 51.83 23.27
C ASP L 70 -61.55 50.91 24.14
N ASP L 71 -62.48 50.18 23.52
CA ASP L 71 -63.34 49.27 24.27
C ASP L 71 -62.53 48.16 24.91
N ILE L 72 -61.63 47.58 24.14
CA ILE L 72 -60.79 46.50 24.62
C ILE L 72 -59.87 46.96 25.75
N ILE L 73 -59.35 48.18 25.65
CA ILE L 73 -58.47 48.69 26.68
C ILE L 73 -59.21 48.75 28.01
N GLU L 74 -60.48 49.14 27.97
CA GLU L 74 -61.28 49.23 29.19
C GLU L 74 -61.55 47.85 29.76
N TRP L 75 -61.83 46.88 28.88
CA TRP L 75 -62.08 45.52 29.29
C TRP L 75 -60.85 44.95 29.99
N ILE L 76 -59.68 45.20 29.42
CA ILE L 76 -58.44 44.71 30.01
C ILE L 76 -58.25 45.33 31.38
N TYR L 77 -58.45 46.64 31.50
CA TYR L 77 -58.29 47.31 32.79
C TYR L 77 -59.29 46.84 33.83
N SER L 78 -60.39 46.26 33.39
CA SER L 78 -61.38 45.76 34.34
C SER L 78 -60.87 44.46 34.93
N LEU L 79 -59.81 43.93 34.35
CA LEU L 79 -59.22 42.66 34.81
C LEU L 79 -58.08 42.84 35.79
N GLN L 80 -57.67 44.09 36.02
CA GLN L 80 -56.57 44.34 36.94
C GLN L 80 -57.01 44.23 38.40
N VAL L 81 -56.25 43.48 39.19
CA VAL L 81 -56.53 43.33 40.60
C VAL L 81 -55.78 44.47 41.25
N LEU L 82 -56.51 45.49 41.67
CA LEU L 82 -55.91 46.66 42.31
C LEU L 82 -55.85 46.52 43.81
N PRO L 83 -54.90 47.21 44.46
CA PRO L 83 -54.81 47.10 45.91
C PRO L 83 -56.02 47.76 46.58
N THR L 84 -56.48 47.18 47.68
CA THR L 84 -57.62 47.71 48.42
C THR L 84 -57.20 48.98 49.17
N GLU L 85 -58.20 49.69 49.72
CA GLU L 85 -57.95 50.92 50.46
C GLU L 85 -56.82 50.74 51.48
N ASP L 86 -56.92 49.70 52.29
CA ASP L 86 -55.91 49.42 53.32
C ASP L 86 -54.65 48.74 52.77
N ARG L 87 -54.56 48.60 51.45
CA ARG L 87 -53.43 47.97 50.78
C ARG L 87 -52.96 46.67 51.45
N SER L 88 -53.91 45.85 51.87
CA SER L 88 -53.56 44.61 52.54
C SER L 88 -53.57 43.42 51.58
N ASN L 89 -53.66 43.68 50.28
CA ASN L 89 -53.68 42.62 49.29
C ASN L 89 -52.65 42.82 48.20
N LEU L 90 -51.57 43.52 48.51
CA LEU L 90 -50.52 43.78 47.53
C LEU L 90 -49.94 42.50 46.93
N ASP L 91 -49.73 41.50 47.78
CA ASP L 91 -49.18 40.23 47.34
C ASP L 91 -50.07 39.48 46.36
N ARG L 92 -51.26 40.02 46.09
CA ARG L 92 -52.18 39.36 45.18
C ARG L 92 -52.56 40.19 43.95
N CYS L 93 -51.86 41.28 43.73
CA CYS L 93 -52.16 42.14 42.59
C CYS L 93 -51.56 41.67 41.27
N GLY L 94 -52.19 42.11 40.19
CA GLY L 94 -51.77 41.76 38.85
C GLY L 94 -53.03 41.77 37.99
N PHE L 95 -53.19 40.80 37.10
CA PHE L 95 -54.39 40.75 36.26
C PHE L 95 -55.06 39.39 36.30
N ARG L 96 -56.39 39.40 36.16
CA ARG L 96 -57.21 38.19 36.15
C ARG L 96 -57.30 37.75 34.70
N GLY L 97 -57.66 36.50 34.47
CA GLY L 97 -57.78 36.00 33.11
C GLY L 97 -59.12 36.42 32.52
N SER L 98 -60.09 36.66 33.40
CA SER L 98 -61.44 37.07 33.02
C SER L 98 -62.19 37.48 34.28
N SER L 99 -63.48 37.76 34.12
CA SER L 99 -64.31 38.18 35.25
C SER L 99 -65.12 37.04 35.85
N TYR L 100 -64.64 35.81 35.72
CA TYR L 100 -65.37 34.66 36.25
C TYR L 100 -65.67 34.71 37.75
N LEU L 101 -65.04 35.59 38.50
CA LEU L 101 -65.35 35.65 39.93
C LEU L 101 -66.60 36.44 40.27
N GLY L 102 -67.08 37.24 39.32
CA GLY L 102 -68.28 38.00 39.58
C GLY L 102 -68.05 39.36 40.20
N ILE L 103 -66.81 39.83 40.19
CA ILE L 103 -66.52 41.15 40.73
C ILE L 103 -67.09 42.19 39.79
N PRO L 104 -67.79 43.20 40.33
CA PRO L 104 -68.41 44.27 39.54
C PRO L 104 -67.44 45.01 38.61
N PHE L 105 -67.82 45.13 37.35
CA PHE L 105 -67.02 45.79 36.33
C PHE L 105 -66.44 47.12 36.81
N ASN L 106 -65.13 47.25 36.71
CA ASN L 106 -64.43 48.45 37.15
C ASN L 106 -63.11 48.57 36.39
N PRO L 107 -63.08 49.39 35.32
CA PRO L 107 -61.89 49.61 34.49
C PRO L 107 -60.76 50.36 35.20
N SER L 108 -60.32 49.82 36.33
CA SER L 108 -59.26 50.41 37.12
C SER L 108 -59.55 51.87 37.45
N LYS L 109 -60.79 52.14 37.87
CA LYS L 109 -61.19 53.50 38.23
C LYS L 109 -61.16 53.64 39.76
N ASN L 110 -62.18 53.12 40.44
CA ASN L 110 -62.22 53.19 41.90
C ASN L 110 -61.19 52.25 42.52
N PRO L 111 -61.12 52.22 43.86
CA PRO L 111 -60.16 51.33 44.54
C PRO L 111 -60.50 49.87 44.28
N GLY L 112 -59.89 48.96 45.03
CA GLY L 112 -60.16 47.55 44.82
C GLY L 112 -61.22 46.96 45.73
N THR L 113 -62.18 46.24 45.14
CA THR L 113 -63.25 45.60 45.89
C THR L 113 -62.74 44.29 46.51
N ALA L 114 -62.45 44.30 47.82
CA ALA L 114 -61.94 43.13 48.53
C ALA L 114 -62.74 41.85 48.29
N HIS L 115 -62.03 40.76 48.05
CA HIS L 115 -62.64 39.47 47.78
C HIS L 115 -61.66 38.40 48.25
N PRO L 116 -62.15 37.45 49.06
CA PRO L 116 -61.35 36.34 49.62
C PRO L 116 -60.48 35.56 48.64
N TYR L 117 -60.92 35.41 47.39
CA TYR L 117 -60.17 34.63 46.42
C TYR L 117 -59.79 35.32 45.12
N ASP L 118 -59.86 36.65 45.10
CA ASP L 118 -59.51 37.38 43.90
C ASP L 118 -58.04 37.79 43.92
N SER L 119 -57.30 37.35 42.91
CA SER L 119 -55.90 37.69 42.80
C SER L 119 -55.48 37.53 41.34
N GLY L 120 -54.27 37.98 41.02
CA GLY L 120 -53.82 37.88 39.65
C GLY L 120 -53.24 36.53 39.29
N HIS L 121 -52.96 36.35 38.00
CA HIS L 121 -52.37 35.13 37.47
C HIS L 121 -51.21 35.62 36.61
N ILE L 122 -49.99 35.18 36.94
CA ILE L 122 -48.80 35.63 36.24
C ILE L 122 -48.88 35.66 34.71
N ALA L 123 -49.47 34.64 34.10
CA ALA L 123 -49.58 34.62 32.65
C ALA L 123 -50.58 35.68 32.15
N MET L 124 -51.52 36.04 33.01
CA MET L 124 -52.50 37.04 32.64
C MET L 124 -51.91 38.43 32.82
N THR L 125 -51.11 38.61 33.87
CA THR L 125 -50.47 39.89 34.10
C THR L 125 -49.58 40.16 32.88
N TYR L 126 -48.89 39.13 32.43
CA TYR L 126 -48.01 39.25 31.28
C TYR L 126 -48.77 39.58 30.00
N THR L 127 -49.74 38.74 29.63
CA THR L 127 -50.51 39.00 28.41
C THR L 127 -51.35 40.26 28.54
N GLY L 128 -51.75 40.60 29.76
CA GLY L 128 -52.53 41.80 29.96
C GLY L 128 -51.74 43.06 29.64
N LEU L 129 -50.57 43.22 30.28
CA LEU L 129 -49.71 44.37 30.04
C LEU L 129 -49.34 44.39 28.57
N SER L 130 -49.03 43.20 28.07
CA SER L 130 -48.65 43.05 26.68
C SER L 130 -49.76 43.55 25.74
N CYS L 131 -51.01 43.23 26.04
CA CYS L 131 -52.13 43.69 25.22
C CYS L 131 -52.29 45.20 25.26
N LEU L 132 -52.16 45.79 26.45
CA LEU L 132 -52.30 47.22 26.60
C LEU L 132 -51.29 47.95 25.71
N ILE L 133 -50.04 47.49 25.70
CA ILE L 133 -49.02 48.12 24.88
C ILE L 133 -49.37 48.00 23.41
N ILE L 134 -49.83 46.83 22.99
CA ILE L 134 -50.20 46.59 21.60
C ILE L 134 -51.31 47.53 21.17
N LEU L 135 -52.27 47.77 22.07
CA LEU L 135 -53.41 48.63 21.77
C LEU L 135 -53.12 50.14 21.84
N GLY L 136 -51.92 50.50 22.28
CA GLY L 136 -51.58 51.91 22.33
C GLY L 136 -51.66 52.58 23.69
N ASP L 137 -52.22 51.89 24.68
CA ASP L 137 -52.31 52.46 26.01
C ASP L 137 -50.90 52.74 26.55
N ASP L 138 -50.79 53.66 27.50
CA ASP L 138 -49.49 54.03 28.07
C ASP L 138 -49.21 53.44 29.44
N LEU L 139 -50.09 52.54 29.89
CA LEU L 139 -49.94 51.88 31.19
C LEU L 139 -50.01 52.81 32.40
N SER L 140 -50.61 53.98 32.21
CA SER L 140 -50.73 54.93 33.32
C SER L 140 -51.69 54.41 34.39
N ARG L 141 -52.70 53.64 33.99
CA ARG L 141 -53.66 53.08 34.96
C ARG L 141 -53.19 51.78 35.59
N VAL L 142 -51.98 51.34 35.22
CA VAL L 142 -51.42 50.12 35.78
C VAL L 142 -50.70 50.48 37.07
N ASP L 143 -51.08 49.85 38.17
CA ASP L 143 -50.41 50.11 39.44
C ASP L 143 -49.13 49.28 39.37
N LYS L 144 -48.10 49.85 38.75
CA LYS L 144 -46.83 49.15 38.60
C LYS L 144 -46.24 48.57 39.87
N GLU L 145 -46.22 49.33 40.95
CA GLU L 145 -45.65 48.81 42.19
C GLU L 145 -46.44 47.64 42.75
N ALA L 146 -47.75 47.65 42.55
CA ALA L 146 -48.59 46.57 43.04
C ALA L 146 -48.31 45.30 42.25
N CYS L 147 -48.22 45.42 40.93
CA CYS L 147 -47.92 44.27 40.08
C CYS L 147 -46.60 43.64 40.45
N LEU L 148 -45.59 44.48 40.64
CA LEU L 148 -44.26 44.01 41.02
C LEU L 148 -44.28 43.32 42.39
N ALA L 149 -45.07 43.84 43.31
CA ALA L 149 -45.17 43.23 44.63
C ALA L 149 -45.82 41.86 44.45
N GLY L 150 -46.83 41.80 43.59
CA GLY L 150 -47.51 40.54 43.32
C GLY L 150 -46.55 39.53 42.71
N LEU L 151 -45.72 40.00 41.80
CA LEU L 151 -44.74 39.16 41.14
C LEU L 151 -43.76 38.56 42.15
N ARG L 152 -43.15 39.41 42.98
CA ARG L 152 -42.20 38.94 43.99
C ARG L 152 -42.77 37.81 44.84
N ALA L 153 -44.04 37.96 45.21
CA ALA L 153 -44.70 36.97 46.05
C ALA L 153 -44.81 35.60 45.38
N LEU L 154 -44.73 35.56 44.06
CA LEU L 154 -44.85 34.32 43.32
C LEU L 154 -43.55 33.50 43.20
N GLN L 155 -42.42 34.12 43.49
CA GLN L 155 -41.15 33.41 43.35
C GLN L 155 -40.84 32.47 44.50
N LEU L 156 -40.38 31.27 44.16
CA LEU L 156 -40.06 30.26 45.17
C LEU L 156 -38.59 30.31 45.55
N GLU L 157 -38.25 29.57 46.60
CA GLU L 157 -36.87 29.52 47.08
C GLU L 157 -35.89 29.11 45.98
N ASP L 158 -36.31 28.18 45.11
CA ASP L 158 -35.42 27.70 44.04
C ASP L 158 -35.29 28.67 42.87
N GLY L 159 -35.98 29.81 42.94
CA GLY L 159 -35.88 30.78 41.86
C GLY L 159 -36.99 30.77 40.82
N SER L 160 -37.76 29.68 40.75
CA SER L 160 -38.85 29.62 39.76
C SER L 160 -40.06 30.35 40.30
N PHE L 161 -41.14 30.38 39.52
CA PHE L 161 -42.35 31.07 39.92
C PHE L 161 -43.60 30.22 39.83
N CYS L 162 -44.61 30.61 40.60
CA CYS L 162 -45.92 29.99 40.60
C CYS L 162 -46.75 30.96 39.78
N ALA L 163 -47.97 30.59 39.43
CA ALA L 163 -48.82 31.47 38.65
C ALA L 163 -49.71 32.33 39.53
N VAL L 164 -50.11 31.79 40.67
CA VAL L 164 -50.99 32.51 41.59
C VAL L 164 -50.52 32.38 43.03
N PRO L 165 -50.78 33.41 43.86
CA PRO L 165 -50.37 33.38 45.26
C PRO L 165 -50.95 32.23 46.08
N GLU L 166 -52.12 31.73 45.69
CA GLU L 166 -52.72 30.62 46.44
C GLU L 166 -51.94 29.34 46.21
N GLY L 167 -51.04 29.35 45.23
CA GLY L 167 -50.24 28.17 44.93
C GLY L 167 -50.64 27.50 43.63
N SER L 168 -49.65 26.91 42.97
CA SER L 168 -49.86 26.21 41.70
C SER L 168 -48.56 25.49 41.38
N GLU L 169 -48.48 24.94 40.17
CA GLU L 169 -47.26 24.28 39.75
C GLU L 169 -46.27 25.42 39.51
N ASN L 170 -44.97 25.11 39.54
CA ASN L 170 -43.96 26.13 39.30
C ASN L 170 -42.97 25.58 38.30
N ASP L 171 -42.64 26.38 37.29
CA ASP L 171 -41.68 25.95 36.28
C ASP L 171 -41.20 27.09 35.40
N MET L 172 -40.42 26.73 34.38
CA MET L 172 -39.83 27.68 33.47
C MET L 172 -40.84 28.61 32.80
N ARG L 173 -42.02 28.10 32.50
CA ARG L 173 -43.05 28.89 31.85
C ARG L 173 -43.30 30.19 32.61
N PHE L 174 -43.40 30.10 33.93
CA PHE L 174 -43.68 31.27 34.73
C PHE L 174 -42.46 32.15 34.96
N VAL L 175 -41.26 31.57 34.81
CA VAL L 175 -40.03 32.34 34.94
C VAL L 175 -40.01 33.30 33.73
N TYR L 176 -40.46 32.81 32.59
CA TYR L 176 -40.52 33.62 31.38
C TYR L 176 -41.54 34.74 31.54
N CYS L 177 -42.70 34.42 32.12
CA CYS L 177 -43.75 35.42 32.34
C CYS L 177 -43.22 36.51 33.27
N ALA L 178 -42.55 36.09 34.34
CA ALA L 178 -42.00 37.04 35.30
C ALA L 178 -41.00 37.94 34.59
N SER L 179 -40.15 37.36 33.75
CA SER L 179 -39.14 38.13 33.02
C SER L 179 -39.79 39.15 32.10
N CYS L 180 -40.82 38.74 31.38
CA CYS L 180 -41.51 39.65 30.47
C CYS L 180 -42.15 40.81 31.23
N ILE L 181 -42.75 40.50 32.37
CA ILE L 181 -43.40 41.54 33.15
C ILE L 181 -42.38 42.57 33.62
N CYS L 182 -41.27 42.10 34.19
CA CYS L 182 -40.22 43.01 34.66
C CYS L 182 -39.69 43.84 33.50
N TYR L 183 -39.53 43.21 32.34
CA TYR L 183 -39.02 43.93 31.19
C TYR L 183 -39.98 45.01 30.74
N MET L 184 -41.27 44.68 30.65
CA MET L 184 -42.26 45.65 30.22
C MET L 184 -42.44 46.80 31.20
N LEU L 185 -42.39 46.51 32.50
CA LEU L 185 -42.54 47.55 33.49
C LEU L 185 -41.18 48.18 33.73
N ASN L 186 -40.20 47.77 32.93
CA ASN L 186 -38.83 48.28 33.02
C ASN L 186 -38.34 48.41 34.45
N ASN L 187 -38.57 47.38 35.25
CA ASN L 187 -38.19 47.38 36.65
C ASN L 187 -38.02 45.91 37.07
N TRP L 188 -36.82 45.51 37.44
CA TRP L 188 -36.59 44.12 37.83
C TRP L 188 -36.71 43.82 39.31
N SER L 189 -37.33 44.72 40.07
CA SER L 189 -37.50 44.49 41.49
C SER L 189 -38.57 43.42 41.65
N GLY L 190 -39.18 43.03 40.54
CA GLY L 190 -40.22 42.03 40.56
C GLY L 190 -39.68 40.64 40.83
N MET L 191 -38.37 40.47 40.79
CA MET L 191 -37.79 39.16 41.03
C MET L 191 -36.38 39.19 41.58
N ASP L 192 -35.98 38.09 42.18
CA ASP L 192 -34.63 37.91 42.68
C ASP L 192 -33.93 37.27 41.47
N MET L 193 -33.41 38.11 40.58
CA MET L 193 -32.76 37.67 39.36
C MET L 193 -31.68 36.60 39.54
N LYS L 194 -30.88 36.73 40.59
CA LYS L 194 -29.82 35.77 40.84
C LYS L 194 -30.40 34.37 41.01
N LYS L 195 -31.49 34.25 41.75
CA LYS L 195 -32.12 32.96 41.97
C LYS L 195 -32.81 32.42 40.73
N ALA L 196 -33.39 33.31 39.93
CA ALA L 196 -34.04 32.89 38.70
C ALA L 196 -32.99 32.31 37.75
N ILE L 197 -31.85 33.00 37.64
CA ILE L 197 -30.77 32.55 36.78
C ILE L 197 -30.31 31.17 37.25
N SER L 198 -30.22 30.99 38.55
CA SER L 198 -29.82 29.71 39.11
C SER L 198 -30.78 28.59 38.69
N TYR L 199 -32.08 28.89 38.71
CA TYR L 199 -33.08 27.92 38.31
C TYR L 199 -32.93 27.56 36.83
N ILE L 200 -32.67 28.56 36.00
CA ILE L 200 -32.50 28.36 34.57
C ILE L 200 -31.28 27.49 34.30
N ARG L 201 -30.18 27.72 35.01
CA ARG L 201 -28.99 26.90 34.80
C ARG L 201 -29.25 25.47 35.20
N ARG L 202 -29.86 25.27 36.37
CA ARG L 202 -30.14 23.94 36.86
C ARG L 202 -31.11 23.14 36.00
N SER L 203 -31.77 23.80 35.06
CA SER L 203 -32.71 23.10 34.22
C SER L 203 -32.03 22.49 32.99
N MET L 204 -30.76 22.82 32.78
CA MET L 204 -30.07 22.27 31.62
C MET L 204 -29.91 20.77 31.77
N SER L 205 -30.30 20.03 30.74
CA SER L 205 -30.22 18.58 30.74
C SER L 205 -28.89 18.06 30.22
N TYR L 206 -28.68 16.75 30.39
CA TYR L 206 -27.48 16.09 29.93
C TYR L 206 -27.42 16.15 28.42
N ASP L 207 -28.56 16.32 27.75
CA ASP L 207 -28.55 16.41 26.29
C ASP L 207 -28.42 17.86 25.83
N ASN L 208 -28.21 18.75 26.80
CA ASN L 208 -27.98 20.17 26.55
C ASN L 208 -29.15 21.10 26.26
N GLY L 209 -30.36 20.56 26.18
CA GLY L 209 -31.50 21.43 26.01
C GLY L 209 -31.89 21.88 27.41
N LEU L 210 -32.87 22.76 27.53
CA LEU L 210 -33.34 23.22 28.82
C LEU L 210 -34.70 22.56 29.11
N ALA L 211 -34.90 22.12 30.34
CA ALA L 211 -36.17 21.49 30.71
C ALA L 211 -37.02 22.43 31.55
N GLN L 212 -38.24 21.99 31.88
CA GLN L 212 -39.12 22.83 32.69
C GLN L 212 -38.54 23.01 34.09
N GLY L 213 -37.72 22.06 34.51
CA GLY L 213 -37.10 22.09 35.82
C GLY L 213 -35.99 21.06 35.88
N ALA L 214 -35.16 21.13 36.91
CA ALA L 214 -34.04 20.20 37.06
C ALA L 214 -34.44 18.74 36.94
N GLY L 215 -33.68 17.99 36.14
CA GLY L 215 -33.93 16.56 35.98
C GLY L 215 -34.97 16.14 34.96
N LEU L 216 -35.85 17.06 34.57
CA LEU L 216 -36.88 16.75 33.59
C LEU L 216 -36.33 16.73 32.16
N GLU L 217 -37.11 16.14 31.25
CA GLU L 217 -36.74 16.05 29.84
C GLU L 217 -36.65 17.43 29.19
N SER L 218 -35.53 17.75 28.55
CA SER L 218 -35.39 19.07 27.92
C SER L 218 -36.48 19.18 26.85
N HIS L 219 -36.97 20.39 26.65
CA HIS L 219 -38.07 20.64 25.74
C HIS L 219 -37.93 21.98 25.02
N GLY L 220 -38.45 22.06 23.80
CA GLY L 220 -38.36 23.28 23.02
C GLY L 220 -39.01 24.49 23.67
N GLY L 221 -40.12 24.26 24.36
CA GLY L 221 -40.80 25.35 25.03
C GLY L 221 -40.00 25.89 26.22
N SER L 222 -39.53 25.00 27.07
CA SER L 222 -38.77 25.43 28.24
C SER L 222 -37.42 26.02 27.85
N THR L 223 -36.86 25.52 26.74
CA THR L 223 -35.57 26.06 26.28
C THR L 223 -35.79 27.50 25.81
N PHE L 224 -36.91 27.74 25.12
CA PHE L 224 -37.23 29.08 24.70
C PHE L 224 -37.41 29.96 25.94
N CYS L 225 -38.20 29.49 26.89
CA CYS L 225 -38.46 30.27 28.09
C CYS L 225 -37.17 30.63 28.81
N GLY L 226 -36.27 29.65 28.93
CA GLY L 226 -35.02 29.90 29.61
C GLY L 226 -34.14 30.90 28.89
N ILE L 227 -33.92 30.67 27.60
CA ILE L 227 -33.08 31.55 26.80
C ILE L 227 -33.67 32.97 26.67
N ALA L 228 -34.96 33.05 26.36
CA ALA L 228 -35.61 34.34 26.22
C ALA L 228 -35.55 35.13 27.52
N SER L 229 -35.73 34.47 28.65
CA SER L 229 -35.65 35.15 29.94
C SER L 229 -34.27 35.76 30.11
N LEU L 230 -33.23 34.98 29.86
CA LEU L 230 -31.87 35.47 29.99
C LEU L 230 -31.61 36.67 29.07
N CYS L 231 -32.13 36.60 27.84
CA CYS L 231 -31.95 37.70 26.90
C CYS L 231 -32.66 38.93 27.40
N LEU L 232 -33.85 38.76 27.93
CA LEU L 232 -34.61 39.89 28.46
C LEU L 232 -33.84 40.53 29.62
N MET L 233 -33.13 39.71 30.39
CA MET L 233 -32.34 40.20 31.51
C MET L 233 -31.01 40.75 31.01
N GLY L 234 -30.68 40.42 29.77
CA GLY L 234 -29.43 40.86 29.19
C GLY L 234 -28.26 40.13 29.84
N LYS L 235 -28.45 38.85 30.15
CA LYS L 235 -27.40 38.09 30.80
C LYS L 235 -27.08 36.75 30.14
N LEU L 236 -27.47 36.59 28.89
CA LEU L 236 -27.23 35.33 28.19
C LEU L 236 -25.75 34.95 28.21
N GLU L 237 -24.91 35.85 27.71
CA GLU L 237 -23.46 35.65 27.63
C GLU L 237 -22.83 35.42 29.00
N GLU L 238 -23.35 36.09 30.01
CA GLU L 238 -22.83 35.97 31.36
C GLU L 238 -23.16 34.64 32.03
N VAL L 239 -24.34 34.10 31.75
CA VAL L 239 -24.77 32.86 32.36
C VAL L 239 -24.26 31.59 31.71
N PHE L 240 -24.19 31.56 30.38
CA PHE L 240 -23.71 30.38 29.67
C PHE L 240 -22.39 30.64 28.96
N SER L 241 -21.47 29.69 29.08
CA SER L 241 -20.18 29.83 28.43
C SER L 241 -20.37 29.62 26.93
N GLU L 242 -19.35 29.96 26.15
CA GLU L 242 -19.42 29.80 24.71
C GLU L 242 -19.65 28.33 24.38
N LYS L 243 -18.96 27.44 25.12
CA LYS L 243 -19.10 26.01 24.89
C LYS L 243 -20.54 25.59 25.18
N GLU L 244 -21.09 26.09 26.28
CA GLU L 244 -22.44 25.77 26.66
C GLU L 244 -23.44 26.24 25.62
N LEU L 245 -23.30 27.48 25.16
CA LEU L 245 -24.20 28.02 24.15
C LEU L 245 -24.10 27.21 22.86
N ASN L 246 -22.90 26.69 22.57
CA ASN L 246 -22.75 25.88 21.36
C ASN L 246 -23.53 24.60 21.47
N ARG L 247 -23.57 24.05 22.69
CA ARG L 247 -24.28 22.80 22.93
C ARG L 247 -25.78 23.03 22.85
N ILE L 248 -26.24 24.16 23.38
CA ILE L 248 -27.66 24.49 23.34
C ILE L 248 -28.08 24.73 21.88
N LYS L 249 -27.26 25.46 21.13
CA LYS L 249 -27.56 25.69 19.72
C LYS L 249 -27.69 24.36 18.99
N ARG L 250 -26.78 23.43 19.27
CA ARG L 250 -26.84 22.13 18.62
C ARG L 250 -28.15 21.43 18.94
N TRP L 251 -28.53 21.44 20.22
CA TRP L 251 -29.77 20.80 20.62
C TRP L 251 -30.98 21.40 19.90
N CYS L 252 -31.02 22.73 19.84
CA CYS L 252 -32.12 23.43 19.19
C CYS L 252 -32.20 23.19 17.69
N ILE L 253 -31.09 23.34 16.98
CA ILE L 253 -31.15 23.17 15.54
C ILE L 253 -31.45 21.73 15.15
N MET L 254 -31.26 20.80 16.09
CA MET L 254 -31.54 19.40 15.80
C MET L 254 -33.05 19.15 15.87
N ARG L 255 -33.80 20.14 16.36
CA ARG L 255 -35.26 20.00 16.44
C ARG L 255 -35.95 20.09 15.08
N GLN L 256 -35.28 20.62 14.05
CA GLN L 256 -35.93 20.72 12.75
C GLN L 256 -35.96 19.40 11.96
N GLN L 257 -37.15 18.99 11.58
CA GLN L 257 -37.36 17.77 10.80
C GLN L 257 -37.79 18.21 9.39
N ASN L 258 -38.66 19.22 9.37
CA ASN L 258 -39.20 19.91 8.18
C ASN L 258 -39.72 21.14 8.92
N GLY L 259 -40.71 20.89 9.78
CA GLY L 259 -41.21 21.92 10.66
C GLY L 259 -40.39 21.58 11.90
N TYR L 260 -40.81 22.00 13.09
CA TYR L 260 -40.04 21.67 14.28
C TYR L 260 -40.85 20.87 15.31
N HIS L 261 -40.17 19.99 16.04
CA HIS L 261 -40.83 19.25 17.10
C HIS L 261 -40.32 19.81 18.42
N GLY L 262 -41.00 19.48 19.53
CA GLY L 262 -40.59 19.99 20.83
C GLY L 262 -39.50 19.22 21.56
N ARG L 263 -39.31 17.97 21.17
CA ARG L 263 -38.29 17.12 21.78
C ARG L 263 -37.97 15.93 20.86
N PRO L 264 -36.77 15.38 21.02
CA PRO L 264 -36.34 14.24 20.20
C PRO L 264 -37.40 13.17 20.06
N ASN L 265 -37.50 12.63 18.85
CA ASN L 265 -38.44 11.56 18.52
C ASN L 265 -39.94 11.82 18.70
N LYS L 266 -40.33 13.10 18.67
CA LYS L 266 -41.75 13.47 18.77
C LYS L 266 -42.14 14.11 17.44
N PRO L 267 -43.42 13.99 17.05
CA PRO L 267 -43.84 14.61 15.79
C PRO L 267 -43.81 16.14 15.84
N VAL L 268 -43.59 16.76 14.68
CA VAL L 268 -43.53 18.23 14.63
C VAL L 268 -44.88 18.85 14.92
N ASP L 269 -44.83 20.09 15.37
CA ASP L 269 -46.01 20.87 15.72
C ASP L 269 -45.69 22.31 15.33
N THR L 270 -46.57 22.90 14.53
CA THR L 270 -46.39 24.27 14.08
C THR L 270 -45.83 25.27 15.09
N CYS L 271 -46.36 25.27 16.33
CA CYS L 271 -45.89 26.25 17.31
C CYS L 271 -44.39 26.21 17.61
N TYR L 272 -43.75 25.07 17.40
CA TYR L 272 -42.31 24.99 17.67
C TYR L 272 -41.50 25.77 16.65
N SER L 273 -42.13 26.13 15.53
CA SER L 273 -41.44 26.93 14.53
C SER L 273 -41.13 28.26 15.22
N PHE L 274 -41.91 28.61 16.23
CA PHE L 274 -41.61 29.83 16.96
C PHE L 274 -40.79 29.53 18.23
N TRP L 275 -41.25 28.60 19.06
CA TRP L 275 -40.53 28.27 20.29
C TRP L 275 -39.06 28.01 20.00
N VAL L 276 -38.79 27.08 19.09
CA VAL L 276 -37.42 26.74 18.76
C VAL L 276 -36.79 27.78 17.81
N GLY L 277 -37.53 28.15 16.77
CA GLY L 277 -37.05 29.13 15.83
C GLY L 277 -36.62 30.42 16.51
N ALA L 278 -37.44 30.92 17.44
CA ALA L 278 -37.11 32.15 18.15
C ALA L 278 -35.87 31.96 19.02
N THR L 279 -35.68 30.74 19.54
CA THR L 279 -34.52 30.47 20.38
C THR L 279 -33.29 30.55 19.48
N LEU L 280 -33.37 29.90 18.31
CA LEU L 280 -32.28 29.93 17.36
C LEU L 280 -31.98 31.36 16.93
N LYS L 281 -33.02 32.19 16.77
CA LYS L 281 -32.82 33.57 16.39
C LYS L 281 -32.07 34.32 17.49
N LEU L 282 -32.44 34.06 18.75
CA LEU L 282 -31.78 34.72 19.87
C LEU L 282 -30.32 34.26 19.98
N LEU L 283 -30.06 33.04 19.53
CA LEU L 283 -28.71 32.49 19.58
C LEU L 283 -27.96 32.81 18.28
N LYS L 284 -28.58 33.62 17.44
CA LYS L 284 -28.00 34.05 16.16
C LYS L 284 -27.67 32.98 15.14
N ILE L 285 -28.40 31.88 15.10
CA ILE L 285 -28.12 30.86 14.09
C ILE L 285 -29.37 30.39 13.39
N PHE L 286 -30.47 31.11 13.55
CA PHE L 286 -31.70 30.73 12.87
C PHE L 286 -31.45 30.82 11.36
N GLN L 287 -30.57 31.75 10.99
CA GLN L 287 -30.19 31.97 9.59
C GLN L 287 -29.62 30.72 8.92
N TYR L 288 -29.16 29.76 9.72
CA TYR L 288 -28.59 28.55 9.17
C TYR L 288 -29.54 27.38 9.08
N THR L 289 -30.82 27.63 9.38
CA THR L 289 -31.82 26.57 9.31
C THR L 289 -32.37 26.52 7.88
N ASN L 290 -33.16 25.51 7.58
CA ASN L 290 -33.75 25.39 6.28
C ASN L 290 -35.10 26.11 6.28
N PHE L 291 -35.18 27.27 5.63
CA PHE L 291 -36.41 28.07 5.57
C PHE L 291 -37.56 27.45 4.80
N GLU L 292 -37.27 26.97 3.60
CA GLU L 292 -38.31 26.40 2.75
C GLU L 292 -39.11 25.28 3.37
N LYS L 293 -38.44 24.29 3.94
CA LYS L 293 -39.15 23.17 4.53
C LYS L 293 -39.98 23.57 5.77
N ASN L 294 -39.49 24.55 6.52
CA ASN L 294 -40.21 25.04 7.69
C ASN L 294 -41.47 25.78 7.21
N ARG L 295 -41.29 26.67 6.23
CA ARG L 295 -42.41 27.42 5.69
C ARG L 295 -43.46 26.49 5.09
N ASN L 296 -43.02 25.50 4.33
CA ASN L 296 -43.97 24.57 3.73
C ASN L 296 -44.77 23.86 4.81
N TYR L 297 -44.10 23.45 5.89
CA TYR L 297 -44.82 22.76 6.93
C TYR L 297 -45.86 23.64 7.61
N ILE L 298 -45.44 24.83 8.03
CA ILE L 298 -46.34 25.77 8.69
C ILE L 298 -47.57 25.99 7.84
N LEU L 299 -47.36 26.34 6.57
CA LEU L 299 -48.47 26.60 5.67
C LEU L 299 -49.37 25.39 5.47
N SER L 300 -48.81 24.17 5.59
CA SER L 300 -49.62 22.97 5.41
C SER L 300 -50.59 22.75 6.58
N THR L 301 -50.40 23.49 7.67
CA THR L 301 -51.28 23.34 8.84
C THR L 301 -52.31 24.47 8.86
N GLN L 302 -52.33 25.23 7.78
CA GLN L 302 -53.26 26.35 7.61
C GLN L 302 -54.67 25.79 7.35
N ASP L 303 -55.69 26.38 7.96
CA ASP L 303 -57.05 25.92 7.70
C ASP L 303 -57.58 26.88 6.63
N ARG L 304 -57.63 26.39 5.39
CA ARG L 304 -58.07 27.18 4.26
C ARG L 304 -59.54 27.63 4.28
N LEU L 305 -60.33 27.01 5.15
CA LEU L 305 -61.73 27.34 5.26
C LEU L 305 -62.01 28.35 6.39
N VAL L 306 -61.59 28.02 7.61
CA VAL L 306 -61.87 28.93 8.72
C VAL L 306 -60.72 29.85 9.07
N GLY L 307 -59.55 29.60 8.48
CA GLY L 307 -58.40 30.44 8.77
C GLY L 307 -57.68 29.94 10.01
N GLY L 308 -56.60 30.60 10.40
CA GLY L 308 -55.83 30.16 11.54
C GLY L 308 -54.95 28.98 11.18
N PHE L 309 -54.16 28.51 12.13
CA PHE L 309 -53.28 27.37 11.92
C PHE L 309 -53.50 26.33 13.00
N ALA L 310 -53.26 25.06 12.66
CA ALA L 310 -53.39 23.96 13.59
C ALA L 310 -51.97 23.49 13.89
N LYS L 311 -51.82 22.51 14.76
CA LYS L 311 -50.48 22.04 15.05
C LYS L 311 -50.02 21.07 13.97
N TRP L 312 -50.97 20.37 13.36
CA TRP L 312 -50.68 19.41 12.30
C TRP L 312 -51.63 19.67 11.14
N PRO L 313 -51.27 19.22 9.93
CA PRO L 313 -52.15 19.44 8.78
C PRO L 313 -53.49 18.69 8.92
N ASP L 314 -54.55 19.29 8.38
CA ASP L 314 -55.88 18.69 8.44
C ASP L 314 -56.33 18.50 9.88
N SER L 315 -55.93 19.43 10.74
CA SER L 315 -56.28 19.36 12.15
C SER L 315 -57.02 20.65 12.50
N HIS L 316 -57.72 20.69 13.62
CA HIS L 316 -58.45 21.90 13.98
C HIS L 316 -57.55 23.03 14.44
N PRO L 317 -57.78 24.24 13.91
CA PRO L 317 -56.98 25.41 14.26
C PRO L 317 -57.42 26.04 15.57
N ASP L 318 -56.50 26.76 16.21
CA ASP L 318 -56.79 27.45 17.45
C ASP L 318 -55.98 28.75 17.49
N ALA L 319 -56.35 29.64 18.39
CA ALA L 319 -55.68 30.93 18.51
C ALA L 319 -54.19 30.82 18.75
N LEU L 320 -53.78 29.93 19.65
CA LEU L 320 -52.37 29.77 19.95
C LEU L 320 -51.53 29.37 18.75
N HIS L 321 -51.95 28.34 18.04
CA HIS L 321 -51.18 27.90 16.89
C HIS L 321 -51.27 28.85 15.71
N ALA L 322 -52.36 29.61 15.64
CA ALA L 322 -52.52 30.57 14.58
C ALA L 322 -51.49 31.67 14.82
N TYR L 323 -51.42 32.13 16.06
CA TYR L 323 -50.47 33.18 16.41
C TYR L 323 -49.02 32.75 16.28
N PHE L 324 -48.67 31.59 16.84
CA PHE L 324 -47.31 31.12 16.76
C PHE L 324 -46.93 30.73 15.34
N GLY L 325 -47.88 30.25 14.56
CA GLY L 325 -47.58 29.90 13.19
C GLY L 325 -47.19 31.17 12.45
N ILE L 326 -47.94 32.23 12.69
CA ILE L 326 -47.68 33.51 12.05
C ILE L 326 -46.33 34.06 12.51
N CYS L 327 -46.04 33.95 13.80
CA CYS L 327 -44.75 34.43 14.30
C CYS L 327 -43.62 33.58 13.74
N GLY L 328 -43.90 32.30 13.50
CA GLY L 328 -42.87 31.43 12.96
C GLY L 328 -42.53 31.89 11.56
N LEU L 329 -43.57 32.23 10.79
CA LEU L 329 -43.42 32.71 9.43
C LEU L 329 -42.66 34.05 9.47
N SER L 330 -42.97 34.86 10.46
CA SER L 330 -42.33 36.16 10.60
C SER L 330 -40.81 36.06 10.81
N LEU L 331 -40.37 35.04 11.52
CA LEU L 331 -38.95 34.84 11.79
C LEU L 331 -38.17 34.67 10.48
N MET L 332 -38.86 34.21 9.43
CA MET L 332 -38.24 34.02 8.13
C MET L 332 -38.59 35.18 7.21
N GLU L 333 -39.18 36.22 7.78
CA GLU L 333 -39.58 37.40 7.02
C GLU L 333 -40.57 37.09 5.90
N GLU L 334 -41.77 36.67 6.28
CA GLU L 334 -42.82 36.36 5.34
C GLU L 334 -43.37 37.71 4.88
N SER L 335 -43.77 37.77 3.62
CA SER L 335 -44.31 38.99 3.07
C SER L 335 -45.70 39.27 3.64
N GLY L 336 -45.90 40.46 4.18
CA GLY L 336 -47.19 40.79 4.74
C GLY L 336 -47.33 40.59 6.24
N ILE L 337 -46.26 40.13 6.88
CA ILE L 337 -46.27 39.90 8.32
C ILE L 337 -45.17 40.77 8.92
N CYS L 338 -45.50 41.53 9.97
CA CYS L 338 -44.52 42.39 10.60
C CYS L 338 -43.43 41.58 11.26
N LYS L 339 -42.27 42.19 11.44
CA LYS L 339 -41.14 41.52 12.06
C LYS L 339 -41.46 41.31 13.54
N VAL L 340 -41.01 40.19 14.09
CA VAL L 340 -41.28 39.88 15.49
C VAL L 340 -40.06 40.05 16.41
N HIS L 341 -40.33 40.44 17.65
CA HIS L 341 -39.29 40.60 18.67
C HIS L 341 -39.28 39.20 19.27
N PRO L 342 -38.25 38.40 18.97
CA PRO L 342 -38.20 37.04 19.50
C PRO L 342 -38.27 36.80 21.01
N ALA L 343 -37.58 37.59 21.82
CA ALA L 343 -37.62 37.35 23.25
C ALA L 343 -38.93 37.77 23.91
N LEU L 344 -39.50 38.87 23.45
CA LEU L 344 -40.72 39.40 24.04
C LEU L 344 -42.01 38.84 23.43
N ASN L 345 -41.88 38.23 22.26
CA ASN L 345 -43.00 37.61 21.58
C ASN L 345 -44.13 38.57 21.16
N VAL L 346 -43.74 39.74 20.66
CA VAL L 346 -44.67 40.75 20.16
C VAL L 346 -44.02 41.33 18.91
N SER L 347 -44.76 42.12 18.13
CA SER L 347 -44.19 42.69 16.91
C SER L 347 -43.16 43.75 17.30
N THR L 348 -42.22 44.02 16.40
CA THR L 348 -41.22 45.03 16.69
C THR L 348 -41.88 46.41 16.83
N ARG L 349 -42.99 46.63 16.14
CA ARG L 349 -43.72 47.88 16.27
C ARG L 349 -44.07 48.05 17.76
N THR L 350 -44.61 46.98 18.35
CA THR L 350 -44.97 46.98 19.76
C THR L 350 -43.77 47.14 20.67
N SER L 351 -42.67 46.44 20.38
CA SER L 351 -41.49 46.55 21.23
C SER L 351 -40.92 47.96 21.15
N GLU L 352 -41.04 48.57 19.98
CA GLU L 352 -40.55 49.93 19.79
C GLU L 352 -41.43 50.92 20.54
N ARG L 353 -42.74 50.68 20.52
CA ARG L 353 -43.66 51.56 21.22
C ARG L 353 -43.32 51.46 22.71
N LEU L 354 -42.96 50.26 23.15
CA LEU L 354 -42.62 50.04 24.56
C LEU L 354 -41.32 50.75 24.90
N ARG L 355 -40.39 50.77 23.95
CA ARG L 355 -39.10 51.42 24.14
C ARG L 355 -39.38 52.91 24.35
N ASP L 356 -40.34 53.45 23.61
CA ASP L 356 -40.71 54.86 23.74
C ASP L 356 -41.32 55.13 25.11
N LEU L 357 -42.32 54.34 25.48
CA LEU L 357 -42.95 54.50 26.78
C LEU L 357 -41.91 54.49 27.89
N HIS L 358 -40.91 53.63 27.75
CA HIS L 358 -39.86 53.54 28.76
C HIS L 358 -39.08 54.83 28.87
N GLN L 359 -38.68 55.38 27.73
CA GLN L 359 -37.92 56.62 27.70
C GLN L 359 -38.72 57.77 28.27
N SER L 360 -40.02 57.81 27.98
CA SER L 360 -40.85 58.88 28.49
C SER L 360 -40.98 58.79 30.01
N TRP L 361 -40.93 57.57 30.54
CA TRP L 361 -41.02 57.40 31.98
C TRP L 361 -39.74 57.94 32.63
N LYS L 362 -38.66 57.96 31.86
CA LYS L 362 -37.38 58.46 32.35
C LYS L 362 -37.40 59.99 32.39
N THR L 363 -37.89 60.55 33.50
CA THR L 363 -37.98 61.99 33.69
C THR L 363 -37.89 62.36 35.17
ZN ZN M . 11.73 -25.17 15.18
S SO4 N . 8.75 -30.08 19.23
O1 SO4 N . 8.15 -30.79 18.09
O2 SO4 N . 9.60 -31.00 20.00
O3 SO4 N . 9.56 -28.96 18.73
O4 SO4 N . 7.67 -29.55 20.10
N1 778 O . 12.61 -22.97 21.02
C2 778 O . 13.69 -22.37 20.21
C3 778 O . 11.25 -23.05 20.50
C4 778 O . 12.45 -22.36 22.36
C5 778 O . 14.94 -22.76 21.02
C7 778 O . 11.15 -23.88 19.21
C8 778 O . 13.80 -22.19 23.13
N9 778 O . 15.05 -22.38 22.44
N11 778 O . 11.06 -25.26 19.22
C12 778 O . 11.15 -23.40 17.94
O13 778 O . 13.77 -21.83 24.30
C14 778 O . 16.35 -22.31 23.00
C16 778 O . 11.03 -26.19 20.40
C17 778 O . 10.98 -25.69 17.95
N18 778 O . 11.03 -24.58 17.11
C20 778 O . 16.63 -21.21 23.89
C21 778 O . 17.40 -23.28 22.75
C25 778 O . 12.40 -26.30 21.13
C26 778 O . 17.91 -21.06 24.51
C27 778 O . 18.69 -23.12 23.36
C28 778 O . 12.48 -26.22 22.57
C29 778 O . 13.64 -26.47 20.40
C30 778 O . 18.94 -22.02 24.23
CL31 778 O . 18.18 -19.73 25.54
C32 778 O . 13.74 -26.32 23.25
C33 778 O . 14.88 -26.56 21.08
C34 778 O . 14.93 -26.49 22.51
C35 778 O . 16.08 -26.57 23.14
N36 778 O . 17.10 -26.64 23.70
O1 MES P . 20.77 -19.95 20.16
C2 MES P . 19.65 -20.78 20.60
C3 MES P . 18.49 -20.05 20.40
N4 MES P . 18.51 -18.86 21.18
C5 MES P . 19.58 -18.03 20.79
C6 MES P . 20.81 -18.69 20.92
C7 MES P . 17.33 -18.11 20.99
C8 MES P . 16.14 -18.70 21.30
S MES P . 14.92 -17.99 21.54
O1S MES P . 14.93 -17.12 23.14
O2S MES P . 14.65 -16.69 20.29
O3S MES P . 13.41 -19.00 21.54
CL CL Q . 3.07 1.26 -31.24
ZN ZN R . -14.17 34.77 -15.83
CL CL S . -23.09 15.69 -9.28
S SO4 T . -8.47 32.09 -19.02
O1 SO4 T . -7.68 32.01 -17.77
O2 SO4 T . -8.55 30.76 -19.64
O3 SO4 T . -9.82 32.60 -18.71
O4 SO4 T . -7.80 33.02 -19.95
N1 778 U . -15.68 35.19 -21.90
C2 778 U . -16.99 35.16 -21.20
C3 778 U . -14.58 36.00 -21.38
C4 778 U . -15.77 35.59 -23.34
C5 778 U . -17.71 34.01 -21.94
C7 778 U . -14.12 35.54 -20.00
C8 778 U . -16.88 34.81 -24.12
N9 778 U . -17.86 34.04 -23.39
N11 778 U . -13.23 34.51 -19.82
C12 778 U . -14.49 36.06 -18.82
O13 778 U . -16.93 34.95 -25.33
C14 778 U . -18.88 33.25 -23.97
C16 778 U . -12.58 33.67 -20.87
C17 778 U . -13.01 34.34 -18.52
N18 778 U . -13.77 35.27 -17.83
C20 778 U . -19.69 33.85 -25.00
C21 778 U . -19.16 31.88 -23.58
C25 778 U . -13.53 32.67 -21.55
C26 778 U . -20.73 33.11 -25.63
C27 778 U . -20.22 31.15 -24.21
C28 778 U . -13.45 32.42 -22.97
C29 778 U . -14.52 31.93 -20.80
C30 778 U . -21.00 31.76 -25.22
CL31 778 U . -21.65 33.87 -26.84
C32 778 U . -14.34 31.50 -23.61
C33 778 U . -15.39 31.01 -21.43
C34 778 U . -15.29 30.79 -22.85
C35 778 U . -16.09 29.94 -23.44
N36 778 U . -16.80 29.17 -23.96
O1 MES V . -24.06 32.74 -21.54
C2 MES V . -22.64 32.67 -21.89
C3 MES V . -22.13 33.97 -21.75
N4 MES V . -22.79 34.85 -22.65
C5 MES V . -24.17 34.93 -22.35
C6 MES V . -24.77 33.67 -22.43
C7 MES V . -22.29 36.15 -22.55
C8 MES V . -20.96 36.36 -22.77
S MES V . -20.39 37.61 -23.10
O1S MES V . -20.71 38.06 -24.83
O2S MES V . -21.12 38.95 -22.10
O3S MES V . -18.60 37.75 -22.85
ZN ZN W . -19.56 16.15 -79.17
CL CL X . -39.75 25.49 -79.91
S SO4 Y . -15.90 21.89 -77.67
O1 SO4 Y . -15.84 22.21 -79.11
O2 SO4 Y . -16.45 23.05 -76.96
O3 SO4 Y . -16.72 20.69 -77.49
O4 SO4 Y . -14.55 21.59 -77.18
N1 778 Z . -18.36 15.46 -72.98
C2 778 Z . -19.60 14.69 -73.22
C3 778 Z . -17.24 15.40 -73.94
C4 778 Z . -17.73 15.19 -71.67
C5 778 Z . -20.56 15.27 -72.15
C7 778 Z . -17.66 15.91 -75.32
C8 778 Z . -18.76 15.26 -70.47
N9 778 Z . -20.17 15.29 -70.73
N11 778 Z . -17.69 17.25 -75.65
C12 778 Z . -18.05 15.15 -76.36
O13 778 Z . -18.31 15.23 -69.33
C14 778 Z . -21.21 15.40 -69.77
C16 778 Z . -17.35 18.42 -74.79
C17 778 Z . -18.10 17.37 -76.92
N18 778 Z . -18.34 16.10 -77.42
C20 778 Z . -21.11 14.56 -68.61
C21 778 Z . -22.35 16.31 -69.87
C25 778 Z . -18.42 18.75 -73.72
C26 778 Z . -22.10 14.59 -67.60
C27 778 Z . -23.35 16.34 -68.84
C28 778 Z . -18.02 19.10 -72.39
C29 778 Z . -19.82 18.71 -74.02
C30 778 Z . -23.22 15.48 -67.70
CL31 778 Z . -21.92 13.55 -66.24
C32 778 Z . -19.01 19.39 -71.38
C33 778 Z . -20.79 19.00 -73.03
C34 778 Z . -20.39 19.34 -71.70
C35 778 Z . -21.29 19.61 -70.79
N36 778 Z . -22.09 19.84 -69.98
O1 MES AA . -26.06 12.39 -70.46
C2 MES AA . -24.93 13.30 -70.70
C3 MES AA . -23.83 12.52 -71.02
N4 MES AA . -23.51 11.65 -69.93
C5 MES AA . -24.59 10.77 -69.66
C6 MES AA . -25.76 11.48 -69.36
C7 MES AA . -22.39 10.85 -70.22
C8 MES AA . -21.21 11.48 -70.52
S MES AA . -19.91 10.86 -70.56
O1S MES AA . -19.19 10.59 -68.91
O2S MES AA . -19.97 9.21 -71.33
O3S MES AA . -18.66 11.79 -71.49
CL CL BA . 2.36 1.48 63.12
ZN ZN CA . 26.54 -26.31 79.52
CL CL DA . 35.74 -6.46 77.64
S SO4 EA . 19.93 -24.62 77.84
O1 SO4 EA . 19.51 -24.19 79.18
O2 SO4 EA . 19.70 -23.53 76.87
O3 SO4 EA . 21.37 -24.95 77.85
O4 SO4 EA . 19.15 -25.81 77.47
N1 778 FA . 25.98 -28.48 73.65
C2 778 FA . 27.43 -28.27 73.86
C3 778 FA . 25.17 -29.11 74.70
C4 778 FA . 25.63 -29.25 72.43
C5 778 FA . 27.77 -27.36 72.67
C7 778 FA . 25.15 -28.30 75.99
C8 778 FA . 26.39 -28.73 71.16
N9 778 FA . 27.47 -27.79 71.30
N11 778 FA . 24.30 -27.23 76.18
C12 778 FA . 25.92 -28.49 77.06
O13 778 FA . 26.09 -29.20 70.07
C14 778 FA . 28.21 -27.20 70.26
C16 778 FA . 23.27 -26.67 75.24
C17 778 FA . 24.50 -26.73 77.40
N18 778 FA . 25.52 -27.47 78.01
C20 778 FA . 28.67 -28.06 69.20
C21 778 FA . 28.52 -25.79 70.18
C25 778 FA . 23.90 -25.89 74.06
C26 778 FA . 29.43 -27.53 68.09
C27 778 FA . 29.27 -25.27 69.08
C28 778 FA . 23.41 -26.08 72.74
C29 778 FA . 24.99 -24.97 74.25
C30 778 FA . 29.72 -26.14 68.05
CL31 778 FA . 29.95 -28.59 66.86
C32 778 FA . 23.99 -25.37 71.63
C33 778 FA . 25.57 -24.27 73.15
C34 778 FA . 25.06 -24.47 71.84
C35 778 FA . 25.58 -23.82 70.81
N36 778 FA . 26.04 -23.26 69.90
O1 MES GA . 33.82 -26.28 70.65
C2 MES GA . 32.37 -26.29 70.94
C3 MES GA . 32.07 -27.54 71.45
N4 MES GA . 32.38 -28.57 70.50
C5 MES GA . 33.76 -28.56 70.20
C6 MES GA . 34.17 -27.32 69.69
C7 MES GA . 32.06 -29.82 70.99
C8 MES GA . 30.77 -30.06 71.35
S MES GA . 30.22 -31.34 71.60
O1S MES GA . 29.90 -32.25 70.07
O2S MES GA . 31.38 -32.36 72.56
O3S MES GA . 28.66 -31.36 72.54
CL CL HA . 72.81 -22.64 -44.13
ZN ZN IA . 40.70 -21.60 -18.76
CL CL JA . 53.54 -39.42 -17.03
S SO4 KA . 44.80 -17.82 -23.15
O1 SO4 KA . 45.57 -17.18 -22.07
O2 SO4 KA . 45.70 -18.47 -24.11
O3 SO4 KA . 43.92 -18.83 -22.55
O4 SO4 KA . 44.02 -16.77 -23.82
N1 778 LA . 37.80 -22.24 -24.32
C2 778 LA . 37.41 -23.42 -23.54
C3 778 LA . 37.86 -20.91 -23.70
C4 778 LA . 37.01 -22.02 -25.56
C5 778 LA . 37.77 -24.57 -24.49
C7 778 LA . 38.84 -20.86 -22.53
C8 778 LA . 36.86 -23.32 -26.41
N9 778 LA . 37.23 -24.59 -25.87
N11 778 LA . 40.19 -20.66 -22.71
C12 778 LA . 38.56 -21.00 -21.22
O13 778 LA . 36.36 -23.21 -27.51
C14 778 LA . 37.20 -25.84 -26.54
C16 778 LA . 40.93 -20.45 -24.00
C17 778 LA . 40.79 -20.67 -21.52
N18 778 LA . 39.83 -20.87 -20.55
C20 778 LA . 36.02 -26.18 -27.27
C21 778 LA . 38.29 -26.81 -26.52
C25 778 LA . 41.05 -21.74 -24.85
C26 778 LA . 35.90 -27.41 -27.97
C27 778 LA . 38.17 -28.06 -27.22
C28 778 LA . 40.83 -21.70 -26.26
C29 778 LA . 41.38 -23.00 -24.25
C30 778 LA . 36.99 -28.36 -27.94
CL31 778 LA . 34.46 -27.76 -28.81
C32 778 LA . 40.95 -22.88 -27.06
C33 778 LA . 41.50 -24.18 -25.04
C34 778 LA . 41.28 -24.11 -26.46
C35 778 LA . 41.38 -25.20 -27.21
N36 778 LA . 41.47 -26.15 -27.87
O1 MES MA . 35.60 -30.56 -23.71
C2 MES MA . 36.29 -29.33 -24.12
C3 MES MA . 35.47 -28.26 -23.75
N4 MES MA . 34.23 -28.34 -24.42
C5 MES MA . 33.54 -29.53 -24.06
C6 MES MA . 34.30 -30.67 -24.36
C7 MES MA . 33.39 -27.28 -24.08
C8 MES MA . 33.82 -26.00 -24.30
S MES MA . 32.96 -24.87 -24.34
O1S MES MA . 31.98 -24.81 -25.87
O2S MES MA . 31.76 -24.88 -22.97
O3S MES MA . 33.79 -23.26 -24.22
CL CL NA . -13.30 8.37 33.52
ZN ZN OA . -48.22 23.46 19.64
CL CL PA . -30.14 34.38 13.10
S SO4 QA . -45.06 17.97 22.68
O1 SO4 QA . -44.95 17.18 21.44
O2 SO4 QA . -43.72 18.14 23.27
O3 SO4 QA . -45.61 19.30 22.33
O4 SO4 QA . -45.96 17.30 23.63
N1 778 RA . -48.71 24.72 25.75
C2 778 RA . -48.78 26.04 25.08
C3 778 RA . -49.45 23.58 25.21
C4 778 RA . -49.10 24.75 27.19
C5 778 RA . -47.69 26.84 25.83
C7 778 RA . -48.98 23.20 23.80
C8 778 RA . -48.40 25.91 27.99
N9 778 RA . -47.73 26.96 27.29
N11 778 RA . -47.85 22.41 23.58
C12 778 RA . -49.54 23.54 22.65
O13 778 RA . -48.53 25.94 29.20
C14 778 RA . -47.01 28.03 27.89
C16 778 RA . -46.93 21.81 24.59
C17 778 RA . -47.70 22.25 22.27
N18 778 RA . -48.73 22.93 21.62
C20 778 RA . -47.65 28.76 28.93
C21 778 RA . -45.67 28.45 27.49
C25 778 RA . -45.99 22.85 25.28
C26 778 RA . -47.01 29.86 29.58
C27 778 RA . -45.02 29.55 28.13
C28 778 RA . -45.79 22.81 26.71
C29 778 RA . -45.34 23.88 24.53
C30 778 RA . -45.68 30.25 29.16
CL31 778 RA . -47.82 30.69 30.82
C32 778 RA . -44.95 23.75 27.35
C33 778 RA . -44.50 24.82 25.17
C34 778 RA . -44.30 24.76 26.59
C35 778 RA . -43.52 25.64 27.19
N36 778 RA . -42.83 26.42 27.72
O1 MES SA . -47.21 33.23 25.55
C2 MES SA . -47.05 31.79 25.67
C3 MES SA . -48.31 31.22 25.68
N4 MES SA . -49.05 31.71 26.79
C5 MES SA . -49.22 33.10 26.69
C6 MES SA . -47.99 33.75 26.66
C7 MES SA . -50.33 31.18 26.82
C8 MES SA . -50.46 29.82 26.90
S MES SA . -51.70 29.19 27.14
O1S MES SA . -52.19 29.30 28.87
O2S MES SA . -53.03 29.99 26.19
O3S MES SA . -51.80 27.42 26.71
#